data_8QRD
#
_entry.id   8QRD
#
_cell.length_a   248.195
_cell.length_b   109.738
_cell.length_c   160.130
_cell.angle_alpha   90.00
_cell.angle_beta   129.41
_cell.angle_gamma   90.00
#
_symmetry.space_group_name_H-M   'C 1 2 1'
#
loop_
_entity.id
_entity.type
_entity.pdbx_description
1 polymer 'Cytochrome P-450'
2 non-polymer 'PROTOPORPHYRIN IX CONTAINING FE'
3 non-polymer TESTOSTERONE
4 non-polymer 'FORMIC ACID'
5 non-polymer 'SODIUM ION'
6 water water
#
_entity_poly.entity_id   1
_entity_poly.type   'polypeptide(L)'
_entity_poly.pdbx_seq_one_letter_code
;GSHMTDTHTGPTPADAVPAYPFSLPHALDLDPHYAELRRDEPVSRVRLPYGEGTAWLVTRMSDARIVLGDSRFSTAAATD
PATPRMFPTPPEPDGVLAQDPPDHTRLRRLVGKAFTARRVEEMRPRVRSLVDSLLDDMVAHGSPADLVEFLAVPFPVAVI
CELLGVPLEDRDLFRTFSDAMLSSTRLTAAEIQRVQQDFMVYMDGLVAQRRDAPTEDLLGALALATDNDDHLTKGEIVNM
GVSLLIAGHETSVNQITNLVHLLLTERKRYESLVADPALVPAAVEEMLRYTPLVSAGSFVRVATEDVELSTVTVRAGEPC
VVHFASANRDEEVFDHADELDFHRERNPHIAFGHGAHHCIGAQLGRLELQEALSALVRRFPTLDLAEPVAGLKWKQGMLI
RGLERQIVSW
;
_entity_poly.pdbx_strand_id   A,B,C,D,E,F
#
loop_
_chem_comp.id
_chem_comp.type
_chem_comp.name
_chem_comp.formula
FMT non-polymer 'FORMIC ACID' 'C H2 O2'
HEM non-polymer 'PROTOPORPHYRIN IX CONTAINING FE' 'C34 H32 Fe N4 O4'
NA non-polymer 'SODIUM ION' 'Na 1'
TES non-polymer TESTOSTERONE 'C19 H28 O2'
#
# COMPACT_ATOMS: atom_id res chain seq x y z
N PRO A 13 -80.64 -40.51 -1.84
CA PRO A 13 -81.63 -41.49 -1.45
C PRO A 13 -80.98 -42.51 -0.57
N ALA A 14 -81.51 -43.75 -0.54
CA ALA A 14 -80.76 -44.84 0.13
C ALA A 14 -79.42 -44.63 -0.52
N ASP A 15 -78.35 -44.56 0.26
CA ASP A 15 -77.16 -44.02 -0.39
C ASP A 15 -76.54 -44.95 -1.43
N ALA A 16 -75.86 -44.33 -2.38
CA ALA A 16 -74.99 -45.03 -3.32
C ALA A 16 -73.55 -44.88 -2.88
N VAL A 17 -73.38 -44.72 -1.57
CA VAL A 17 -72.05 -44.78 -0.98
C VAL A 17 -71.59 -46.24 -0.93
N PRO A 18 -70.38 -46.54 -1.44
CA PRO A 18 -69.90 -47.92 -1.51
C PRO A 18 -69.68 -48.55 -0.14
N ALA A 19 -69.94 -49.85 -0.08
CA ALA A 19 -69.62 -50.63 1.10
C ALA A 19 -68.10 -50.68 1.26
N TYR A 20 -67.64 -50.53 2.51
CA TYR A 20 -66.23 -50.68 2.83
C TYR A 20 -66.08 -51.69 3.97
N PRO A 21 -65.23 -52.73 3.89
CA PRO A 21 -64.27 -52.93 2.81
C PRO A 21 -64.91 -53.20 1.45
N PHE A 22 -64.13 -52.91 0.42
CA PHE A 22 -64.61 -52.95 -0.95
C PHE A 22 -64.71 -54.41 -1.36
N SER A 23 -63.80 -55.25 -0.87
CA SER A 23 -63.78 -56.66 -1.24
C SER A 23 -63.17 -57.48 -0.11
N LEU A 24 -63.49 -58.79 -0.09
CA LEU A 24 -62.76 -59.78 0.67
C LEU A 24 -61.28 -59.74 0.28
N PRO A 25 -60.33 -59.77 1.23
CA PRO A 25 -58.92 -59.56 0.94
C PRO A 25 -58.29 -60.79 0.28
N HIS A 26 -57.25 -60.56 -0.51
CA HIS A 26 -56.51 -61.65 -1.13
C HIS A 26 -55.05 -61.61 -0.68
N ALA A 27 -54.64 -62.62 0.08
CA ALA A 27 -53.30 -62.70 0.61
C ALA A 27 -52.94 -61.33 1.17
N LEU A 28 -51.87 -60.70 0.67
CA LEU A 28 -51.46 -59.41 1.19
C LEU A 28 -51.57 -58.35 0.10
N ASP A 29 -52.35 -58.61 -0.94
CA ASP A 29 -52.60 -57.64 -1.98
C ASP A 29 -53.45 -56.50 -1.44
N LEU A 30 -53.14 -55.27 -1.85
CA LEU A 30 -54.07 -54.18 -1.63
C LEU A 30 -55.09 -54.20 -2.75
N ASP A 31 -56.37 -53.99 -2.42
CA ASP A 31 -57.38 -53.77 -3.43
C ASP A 31 -56.89 -52.69 -4.38
N PRO A 32 -57.06 -52.83 -5.71
CA PRO A 32 -56.56 -51.81 -6.65
C PRO A 32 -57.30 -50.48 -6.55
N HIS A 33 -58.47 -50.46 -5.90
CA HIS A 33 -59.21 -49.21 -5.74
C HIS A 33 -58.45 -48.15 -4.94
N TYR A 34 -57.53 -48.51 -4.05
CA TYR A 34 -56.90 -47.50 -3.22
C TYR A 34 -56.00 -46.56 -4.01
N ALA A 35 -55.26 -47.09 -5.00
CA ALA A 35 -54.40 -46.27 -5.82
C ALA A 35 -55.24 -45.30 -6.67
N GLU A 36 -56.41 -45.78 -7.13
CA GLU A 36 -57.38 -44.94 -7.81
C GLU A 36 -57.84 -43.80 -6.90
N LEU A 37 -58.09 -44.11 -5.61
CA LEU A 37 -58.63 -43.13 -4.69
C LEU A 37 -57.54 -42.13 -4.36
N ARG A 38 -56.32 -42.61 -4.10
CA ARG A 38 -55.22 -41.71 -3.75
C ARG A 38 -55.06 -40.68 -4.87
N ARG A 39 -55.06 -41.12 -6.12
CA ARG A 39 -54.75 -40.19 -7.20
C ARG A 39 -55.94 -39.27 -7.54
N ASP A 40 -57.20 -39.71 -7.34
CA ASP A 40 -58.35 -39.03 -7.90
C ASP A 40 -59.48 -38.69 -6.91
N GLU A 41 -59.55 -39.34 -5.74
N GLU A 41 -59.54 -39.35 -5.75
CA GLU A 41 -60.57 -39.02 -4.76
CA GLU A 41 -60.59 -39.08 -4.77
C GLU A 41 -60.05 -39.47 -3.40
C GLU A 41 -60.06 -39.48 -3.39
N PRO A 42 -59.04 -38.78 -2.85
CA PRO A 42 -58.32 -39.25 -1.67
C PRO A 42 -59.10 -39.31 -0.36
N VAL A 43 -60.13 -38.46 -0.24
CA VAL A 43 -61.10 -38.55 0.83
C VAL A 43 -62.49 -38.78 0.21
N SER A 44 -63.16 -39.92 0.54
CA SER A 44 -64.40 -40.34 -0.11
C SER A 44 -65.33 -41.03 0.87
N ARG A 45 -66.64 -40.90 0.64
CA ARG A 45 -67.66 -41.37 1.57
C ARG A 45 -67.76 -42.88 1.40
N VAL A 46 -67.95 -43.61 2.51
CA VAL A 46 -68.08 -45.06 2.50
C VAL A 46 -69.07 -45.43 3.58
N ARG A 47 -69.63 -46.64 3.46
CA ARG A 47 -70.48 -47.25 4.48
C ARG A 47 -69.72 -48.42 5.12
N LEU A 48 -69.52 -48.30 6.42
CA LEU A 48 -68.83 -49.30 7.21
C LEU A 48 -69.79 -50.45 7.55
N PRO A 49 -69.27 -51.65 7.82
CA PRO A 49 -70.13 -52.83 8.03
C PRO A 49 -71.00 -52.76 9.27
N TYR A 50 -70.62 -51.97 10.27
CA TYR A 50 -71.47 -51.85 11.44
C TYR A 50 -71.62 -50.37 11.78
N GLY A 51 -72.55 -50.05 12.67
CA GLY A 51 -72.90 -48.68 12.98
C GLY A 51 -73.89 -48.15 11.94
N GLU A 52 -74.18 -46.84 12.01
CA GLU A 52 -75.11 -46.19 11.10
C GLU A 52 -74.46 -45.00 10.38
N GLY A 53 -74.87 -44.82 9.11
CA GLY A 53 -74.51 -43.65 8.33
C GLY A 53 -73.23 -43.90 7.55
N THR A 54 -72.48 -42.83 7.26
CA THR A 54 -71.34 -42.96 6.39
C THR A 54 -70.14 -42.36 7.10
N ALA A 55 -68.96 -42.62 6.54
CA ALA A 55 -67.70 -42.13 7.07
C ALA A 55 -66.84 -41.74 5.89
N TRP A 56 -65.89 -40.85 6.13
CA TRP A 56 -64.88 -40.50 5.14
C TRP A 56 -63.71 -41.49 5.23
N LEU A 57 -63.34 -42.12 4.12
CA LEU A 57 -62.16 -42.95 4.05
C LEU A 57 -60.99 -42.11 3.57
N VAL A 58 -59.90 -42.17 4.32
CA VAL A 58 -58.73 -41.36 4.07
C VAL A 58 -57.61 -42.31 3.62
N THR A 59 -57.09 -42.08 2.41
CA THR A 59 -56.20 -43.02 1.74
C THR A 59 -54.79 -42.44 1.54
N ARG A 60 -54.58 -41.16 1.87
CA ARG A 60 -53.31 -40.46 1.62
C ARG A 60 -52.64 -40.09 2.93
N MET A 61 -51.30 -40.01 2.90
CA MET A 61 -50.51 -39.87 4.13
C MET A 61 -50.76 -38.52 4.82
N SER A 62 -50.80 -37.40 4.10
CA SER A 62 -50.94 -36.13 4.79
C SER A 62 -52.31 -36.06 5.49
N ASP A 63 -53.35 -36.57 4.83
CA ASP A 63 -54.66 -36.56 5.44
C ASP A 63 -54.66 -37.50 6.65
N ALA A 64 -54.05 -38.67 6.49
CA ALA A 64 -53.96 -39.62 7.57
C ALA A 64 -53.29 -38.99 8.80
N ARG A 65 -52.28 -38.14 8.61
CA ARG A 65 -51.59 -37.56 9.76
C ARG A 65 -52.48 -36.55 10.47
N ILE A 66 -53.41 -35.92 9.76
CA ILE A 66 -54.28 -34.94 10.41
C ILE A 66 -55.35 -35.69 11.21
N VAL A 67 -55.99 -36.68 10.59
CA VAL A 67 -57.04 -37.43 11.24
C VAL A 67 -56.50 -38.09 12.51
N LEU A 68 -55.32 -38.72 12.40
CA LEU A 68 -54.70 -39.42 13.51
C LEU A 68 -54.02 -38.45 14.48
N GLY A 69 -53.78 -37.21 14.09
CA GLY A 69 -52.84 -36.38 14.85
C GLY A 69 -53.37 -35.05 15.36
N ASP A 70 -54.67 -34.88 15.60
CA ASP A 70 -55.25 -33.58 15.85
C ASP A 70 -56.36 -33.71 16.88
N SER A 71 -56.36 -32.85 17.91
CA SER A 71 -57.39 -32.87 18.96
C SER A 71 -58.79 -32.67 18.38
N ARG A 72 -58.90 -32.09 17.20
CA ARG A 72 -60.21 -31.87 16.59
C ARG A 72 -60.82 -33.18 16.10
N PHE A 73 -60.06 -34.28 16.12
CA PHE A 73 -60.64 -35.61 15.95
C PHE A 73 -60.62 -36.38 17.27
N SER A 74 -61.77 -36.96 17.63
CA SER A 74 -61.99 -37.66 18.89
C SER A 74 -62.34 -39.12 18.62
N THR A 75 -61.67 -40.04 19.31
CA THR A 75 -62.04 -41.45 19.30
C THR A 75 -63.11 -41.73 20.36
N ALA A 76 -63.15 -40.94 21.44
CA ALA A 76 -64.15 -41.08 22.50
C ALA A 76 -65.57 -40.91 21.96
N ALA A 77 -65.73 -39.99 21.00
CA ALA A 77 -67.00 -39.74 20.36
C ALA A 77 -67.47 -40.98 19.60
N ALA A 78 -66.53 -41.83 19.18
CA ALA A 78 -66.89 -42.95 18.34
C ALA A 78 -67.42 -44.13 19.15
N THR A 79 -67.55 -43.98 20.48
CA THR A 79 -68.03 -45.09 21.28
C THR A 79 -69.53 -45.27 21.20
N ASP A 80 -70.22 -44.27 20.62
CA ASP A 80 -71.65 -44.33 20.41
C ASP A 80 -71.98 -45.49 19.46
N PRO A 81 -72.92 -46.39 19.84
CA PRO A 81 -73.27 -47.56 19.02
C PRO A 81 -73.69 -47.26 17.59
N ALA A 82 -74.20 -46.04 17.37
CA ALA A 82 -74.62 -45.58 16.05
C ALA A 82 -73.45 -45.13 15.17
N THR A 83 -72.25 -44.92 15.73
CA THR A 83 -71.12 -44.46 14.94
C THR A 83 -70.68 -45.62 14.08
N PRO A 84 -70.40 -45.40 12.77
CA PRO A 84 -69.83 -46.42 11.90
C PRO A 84 -68.63 -47.09 12.58
N ARG A 85 -68.37 -48.36 12.29
CA ARG A 85 -67.19 -49.01 12.82
C ARG A 85 -66.90 -50.28 12.03
N MET A 86 -65.67 -50.81 12.15
CA MET A 86 -65.21 -51.93 11.34
C MET A 86 -65.52 -53.26 11.99
N PHE A 87 -66.02 -53.25 13.22
CA PHE A 87 -66.17 -54.47 14.01
C PHE A 87 -67.56 -54.51 14.62
N PRO A 88 -68.07 -55.72 14.98
CA PRO A 88 -69.48 -55.88 15.29
C PRO A 88 -69.92 -55.21 16.58
N THR A 89 -69.07 -55.20 17.60
CA THR A 89 -69.54 -54.70 18.89
C THR A 89 -69.16 -53.24 19.01
N PRO A 90 -69.96 -52.40 19.69
CA PRO A 90 -69.59 -51.00 19.90
C PRO A 90 -68.32 -50.93 20.74
N PRO A 91 -67.44 -49.93 20.53
CA PRO A 91 -66.19 -49.84 21.26
C PRO A 91 -66.44 -49.68 22.76
N GLU A 92 -65.63 -50.37 23.55
CA GLU A 92 -65.66 -50.22 24.98
C GLU A 92 -65.15 -48.81 25.32
N PRO A 93 -65.95 -47.96 25.97
CA PRO A 93 -65.49 -46.65 26.42
C PRO A 93 -64.29 -46.52 27.39
N ASP A 94 -63.95 -47.60 28.10
CA ASP A 94 -62.79 -47.60 28.98
C ASP A 94 -61.55 -48.15 28.28
N GLY A 95 -61.69 -48.57 27.01
CA GLY A 95 -60.56 -48.97 26.19
C GLY A 95 -59.67 -47.78 25.86
N VAL A 96 -58.36 -48.03 25.81
CA VAL A 96 -57.37 -46.99 25.59
C VAL A 96 -57.60 -46.26 24.26
N LEU A 97 -57.98 -46.99 23.20
CA LEU A 97 -58.20 -46.37 21.90
C LEU A 97 -59.33 -45.35 21.94
N ALA A 98 -60.29 -45.52 22.85
CA ALA A 98 -61.48 -44.70 22.92
C ALA A 98 -61.31 -43.53 23.88
N GLN A 99 -60.07 -43.30 24.33
CA GLN A 99 -59.76 -42.16 25.16
C GLN A 99 -59.16 -41.03 24.33
N ASP A 100 -59.51 -39.79 24.69
CA ASP A 100 -58.91 -38.62 24.09
C ASP A 100 -57.98 -38.01 25.12
N PRO A 101 -56.89 -37.31 24.68
CA PRO A 101 -56.07 -36.49 25.57
C PRO A 101 -56.87 -35.39 26.22
N PRO A 102 -56.58 -34.96 27.45
CA PRO A 102 -55.47 -35.51 28.22
C PRO A 102 -55.72 -36.77 29.04
N ASP A 103 -56.97 -37.28 29.03
CA ASP A 103 -57.33 -38.48 29.78
C ASP A 103 -56.53 -39.68 29.28
N HIS A 104 -56.39 -39.74 27.96
CA HIS A 104 -55.60 -40.74 27.29
C HIS A 104 -54.14 -40.72 27.75
N THR A 105 -53.62 -39.53 28.03
CA THR A 105 -52.21 -39.37 28.36
C THR A 105 -51.92 -39.96 29.74
N ARG A 106 -52.79 -39.62 30.71
CA ARG A 106 -52.77 -40.18 32.06
C ARG A 106 -52.87 -41.72 32.01
N LEU A 107 -53.80 -42.25 31.20
CA LEU A 107 -53.96 -43.70 31.09
C LEU A 107 -52.68 -44.33 30.55
N ARG A 108 -52.03 -43.71 29.56
CA ARG A 108 -50.86 -44.36 28.95
C ARG A 108 -49.67 -44.36 29.93
N ARG A 109 -49.62 -43.39 30.85
CA ARG A 109 -48.56 -43.37 31.85
C ARG A 109 -48.68 -44.54 32.85
N LEU A 110 -49.80 -45.25 32.86
CA LEU A 110 -49.93 -46.46 33.66
C LEU A 110 -48.84 -47.47 33.28
N VAL A 111 -48.58 -47.63 31.98
CA VAL A 111 -47.79 -48.74 31.48
C VAL A 111 -46.58 -48.26 30.70
N GLY A 112 -46.61 -47.00 30.22
CA GLY A 112 -45.74 -46.47 29.19
C GLY A 112 -44.24 -46.70 29.43
N LYS A 113 -43.76 -46.53 30.68
CA LYS A 113 -42.36 -46.74 31.02
C LYS A 113 -41.79 -48.05 30.45
N ALA A 114 -42.53 -49.15 30.62
CA ALA A 114 -42.10 -50.48 30.21
C ALA A 114 -41.97 -50.62 28.69
N PHE A 115 -42.52 -49.69 27.93
CA PHE A 115 -42.52 -49.79 26.48
C PHE A 115 -41.63 -48.76 25.81
N THR A 116 -40.84 -47.99 26.57
CA THR A 116 -39.93 -47.06 25.92
C THR A 116 -38.86 -47.85 25.14
N ALA A 117 -38.34 -47.20 24.09
CA ALA A 117 -37.33 -47.81 23.24
C ALA A 117 -36.17 -48.28 24.09
N ARG A 118 -35.90 -47.55 25.18
CA ARG A 118 -34.77 -47.88 26.07
C ARG A 118 -35.06 -49.18 26.84
N ARG A 119 -36.23 -49.28 27.48
CA ARG A 119 -36.52 -50.47 28.26
C ARG A 119 -36.72 -51.67 27.34
N VAL A 120 -37.30 -51.46 26.18
CA VAL A 120 -37.50 -52.58 25.27
C VAL A 120 -36.14 -53.10 24.80
N GLU A 121 -35.22 -52.20 24.46
CA GLU A 121 -33.91 -52.62 23.98
C GLU A 121 -33.23 -53.53 25.01
N GLU A 122 -33.46 -53.30 26.31
CA GLU A 122 -32.87 -54.10 27.35
C GLU A 122 -33.41 -55.54 27.35
N MET A 123 -34.51 -55.81 26.63
CA MET A 123 -35.11 -57.13 26.56
C MET A 123 -34.47 -57.99 25.48
N ARG A 124 -33.68 -57.37 24.59
CA ARG A 124 -33.12 -58.09 23.46
C ARG A 124 -32.43 -59.37 23.90
N PRO A 125 -31.53 -59.39 24.90
CA PRO A 125 -30.91 -60.65 25.30
C PRO A 125 -31.93 -61.75 25.63
N ARG A 126 -32.89 -61.43 26.50
CA ARG A 126 -33.95 -62.36 26.88
C ARG A 126 -34.69 -62.80 25.61
N VAL A 127 -34.99 -61.86 24.71
CA VAL A 127 -35.81 -62.19 23.55
C VAL A 127 -35.07 -63.09 22.57
N ARG A 128 -33.79 -62.81 22.33
CA ARG A 128 -32.97 -63.62 21.43
C ARG A 128 -32.80 -65.04 21.96
N SER A 129 -32.72 -65.15 23.27
CA SER A 129 -32.55 -66.42 23.94
C SER A 129 -33.78 -67.30 23.71
N LEU A 130 -34.96 -66.68 23.72
N LEU A 130 -34.97 -66.67 23.79
CA LEU A 130 -36.22 -67.37 23.52
CA LEU A 130 -36.29 -67.26 23.53
C LEU A 130 -36.38 -67.79 22.06
C LEU A 130 -36.37 -67.76 22.09
N VAL A 131 -36.02 -66.89 21.14
CA VAL A 131 -36.05 -67.23 19.73
C VAL A 131 -35.19 -68.47 19.46
N ASP A 132 -33.91 -68.41 19.84
CA ASP A 132 -32.98 -69.49 19.58
C ASP A 132 -33.52 -70.82 20.14
N SER A 133 -34.18 -70.72 21.28
CA SER A 133 -34.77 -71.86 21.99
C SER A 133 -35.85 -72.56 21.14
N LEU A 134 -36.74 -71.76 20.54
CA LEU A 134 -37.82 -72.27 19.72
C LEU A 134 -37.27 -72.82 18.41
N LEU A 135 -36.24 -72.17 17.84
CA LEU A 135 -35.67 -72.69 16.61
C LEU A 135 -34.88 -73.97 16.90
N ASP A 136 -34.40 -74.15 18.14
CA ASP A 136 -33.80 -75.41 18.56
C ASP A 136 -34.85 -76.52 18.46
N ASP A 137 -36.06 -76.23 18.96
CA ASP A 137 -37.15 -77.20 18.99
C ASP A 137 -37.60 -77.53 17.56
N MET A 138 -37.47 -76.57 16.65
CA MET A 138 -37.87 -76.76 15.27
CA MET A 138 -37.88 -76.77 15.26
C MET A 138 -36.84 -77.65 14.56
N VAL A 139 -35.56 -77.43 14.87
CA VAL A 139 -34.53 -78.21 14.24
C VAL A 139 -34.66 -79.66 14.73
N ALA A 140 -34.93 -79.84 16.04
CA ALA A 140 -35.25 -81.15 16.58
C ALA A 140 -36.35 -81.83 15.77
N HIS A 141 -37.50 -81.16 15.57
CA HIS A 141 -38.60 -81.76 14.83
C HIS A 141 -38.12 -82.21 13.45
N GLY A 142 -37.35 -81.36 12.77
CA GLY A 142 -36.84 -81.66 11.45
C GLY A 142 -37.71 -81.01 10.36
N SER A 143 -37.09 -80.83 9.20
CA SER A 143 -37.71 -80.23 8.01
C SER A 143 -38.56 -81.29 7.31
N PRO A 144 -39.77 -80.99 6.76
CA PRO A 144 -40.40 -79.68 6.87
C PRO A 144 -41.18 -79.47 8.16
N ALA A 145 -41.52 -78.22 8.46
CA ALA A 145 -42.19 -77.91 9.70
C ALA A 145 -43.03 -76.65 9.52
N ASP A 146 -44.01 -76.51 10.40
CA ASP A 146 -44.94 -75.40 10.34
C ASP A 146 -44.31 -74.27 11.13
N LEU A 147 -43.98 -73.17 10.45
CA LEU A 147 -43.32 -72.04 11.09
C LEU A 147 -44.24 -71.35 12.10
N VAL A 148 -45.56 -71.39 11.87
CA VAL A 148 -46.52 -70.78 12.78
C VAL A 148 -46.46 -71.48 14.13
N GLU A 149 -46.40 -72.81 14.10
CA GLU A 149 -46.49 -73.58 15.31
C GLU A 149 -45.19 -73.51 16.12
N PHE A 150 -44.03 -73.50 15.44
CA PHE A 150 -42.73 -73.53 16.10
C PHE A 150 -42.16 -72.15 16.38
N LEU A 151 -42.67 -71.08 15.73
CA LEU A 151 -42.06 -69.76 15.88
C LEU A 151 -43.13 -68.68 16.07
N ALA A 152 -43.94 -68.44 15.04
CA ALA A 152 -44.78 -67.24 14.94
C ALA A 152 -45.71 -67.11 16.14
N VAL A 153 -46.23 -68.23 16.66
CA VAL A 153 -47.15 -68.22 17.79
C VAL A 153 -46.38 -68.25 19.11
N PRO A 154 -45.55 -69.28 19.40
CA PRO A 154 -44.98 -69.41 20.74
C PRO A 154 -44.06 -68.24 21.14
N PHE A 155 -43.38 -67.64 20.16
CA PHE A 155 -42.38 -66.62 20.46
C PHE A 155 -43.01 -65.35 21.05
N PRO A 156 -43.93 -64.63 20.34
CA PRO A 156 -44.64 -63.48 20.91
C PRO A 156 -45.37 -63.72 22.23
N VAL A 157 -45.96 -64.91 22.32
CA VAL A 157 -46.74 -65.30 23.47
C VAL A 157 -45.83 -65.27 24.67
N ALA A 158 -44.66 -65.88 24.52
CA ALA A 158 -43.70 -65.94 25.60
C ALA A 158 -43.20 -64.53 25.95
N VAL A 159 -42.94 -63.70 24.96
CA VAL A 159 -42.51 -62.35 25.26
C VAL A 159 -43.56 -61.59 26.06
N ILE A 160 -44.84 -61.66 25.65
CA ILE A 160 -45.85 -60.85 26.29
C ILE A 160 -46.19 -61.44 27.66
N CYS A 161 -46.18 -62.78 27.80
CA CYS A 161 -46.45 -63.39 29.09
C CYS A 161 -45.37 -63.03 30.12
N GLU A 162 -44.10 -62.90 29.70
CA GLU A 162 -43.04 -62.54 30.63
C GLU A 162 -43.26 -61.10 31.06
N LEU A 163 -43.46 -60.22 30.08
CA LEU A 163 -43.59 -58.80 30.32
C LEU A 163 -44.79 -58.48 31.20
N LEU A 164 -45.97 -59.05 30.85
CA LEU A 164 -47.20 -58.85 31.61
C LEU A 164 -47.14 -59.60 32.92
N GLY A 165 -46.73 -60.86 32.84
CA GLY A 165 -46.80 -61.80 33.96
C GLY A 165 -48.01 -62.72 33.84
N VAL A 166 -48.53 -62.94 32.63
CA VAL A 166 -49.53 -63.96 32.38
C VAL A 166 -48.86 -65.34 32.38
N PRO A 167 -49.46 -66.41 32.97
CA PRO A 167 -48.90 -67.77 32.88
C PRO A 167 -48.91 -68.28 31.43
N LEU A 168 -47.79 -68.90 31.05
CA LEU A 168 -47.67 -69.47 29.72
C LEU A 168 -48.65 -70.64 29.54
N GLU A 169 -49.08 -71.23 30.67
N GLU A 169 -49.05 -71.28 30.65
CA GLU A 169 -50.00 -72.36 30.67
CA GLU A 169 -50.04 -72.35 30.63
C GLU A 169 -51.40 -71.93 30.20
C GLU A 169 -51.32 -71.89 29.93
N ASP A 170 -51.64 -70.60 30.09
CA ASP A 170 -52.93 -70.04 29.69
C ASP A 170 -52.96 -69.63 28.19
N ARG A 171 -51.88 -69.83 27.44
CA ARG A 171 -51.83 -69.52 26.01
C ARG A 171 -53.12 -69.88 25.28
N ASP A 172 -53.55 -71.16 25.38
CA ASP A 172 -54.68 -71.67 24.63
C ASP A 172 -55.95 -70.89 24.99
N LEU A 173 -56.14 -70.68 26.31
CA LEU A 173 -57.21 -69.89 26.88
C LEU A 173 -57.23 -68.47 26.30
N PHE A 174 -56.16 -67.69 26.43
CA PHE A 174 -56.28 -66.30 26.01
C PHE A 174 -56.11 -66.09 24.50
N ARG A 175 -55.55 -67.05 23.76
CA ARG A 175 -55.58 -67.02 22.30
C ARG A 175 -56.97 -67.31 21.71
N THR A 176 -57.76 -68.20 22.30
CA THR A 176 -59.16 -68.30 21.91
C THR A 176 -59.81 -66.93 22.05
N PHE A 177 -59.59 -66.29 23.21
CA PHE A 177 -60.24 -65.03 23.51
C PHE A 177 -59.84 -63.98 22.49
N SER A 178 -58.55 -63.93 22.16
CA SER A 178 -58.00 -62.82 21.38
C SER A 178 -58.45 -62.94 19.93
N ASP A 179 -58.47 -64.18 19.43
CA ASP A 179 -58.92 -64.42 18.08
CA ASP A 179 -58.96 -64.48 18.10
C ASP A 179 -60.36 -63.87 17.90
N ALA A 180 -61.29 -64.24 18.78
CA ALA A 180 -62.67 -63.73 18.77
C ALA A 180 -62.73 -62.18 18.81
N MET A 181 -61.93 -61.54 19.68
CA MET A 181 -61.88 -60.08 19.82
C MET A 181 -61.35 -59.38 18.57
N LEU A 182 -60.63 -60.11 17.69
CA LEU A 182 -60.12 -59.57 16.45
C LEU A 182 -61.00 -59.93 15.25
N SER A 183 -62.19 -60.50 15.51
CA SER A 183 -63.18 -60.76 14.47
CA SER A 183 -63.19 -60.76 14.49
C SER A 183 -63.59 -59.46 13.77
N SER A 184 -63.71 -59.53 12.43
CA SER A 184 -64.34 -58.48 11.63
C SER A 184 -65.73 -58.95 11.25
N THR A 185 -65.78 -60.06 10.51
CA THR A 185 -67.03 -60.68 10.07
C THR A 185 -67.13 -62.12 10.56
N ARG A 186 -66.01 -62.68 11.07
CA ARG A 186 -65.96 -64.09 11.39
C ARG A 186 -66.97 -64.45 12.49
N LEU A 187 -67.09 -63.60 13.53
CA LEU A 187 -68.02 -63.85 14.62
C LEU A 187 -69.07 -62.74 14.65
N THR A 188 -70.23 -63.07 15.26
CA THR A 188 -71.32 -62.11 15.45
C THR A 188 -71.09 -61.31 16.73
N ALA A 189 -71.81 -60.18 16.86
CA ALA A 189 -71.70 -59.29 18.01
C ALA A 189 -71.94 -60.03 19.34
N ALA A 190 -72.94 -60.91 19.38
CA ALA A 190 -73.27 -61.62 20.59
C ALA A 190 -72.09 -62.48 21.08
N GLU A 191 -71.50 -63.25 20.15
CA GLU A 191 -70.43 -64.18 20.49
C GLU A 191 -69.25 -63.37 21.04
N ILE A 192 -68.96 -62.27 20.35
CA ILE A 192 -67.85 -61.41 20.71
C ILE A 192 -68.12 -60.73 22.05
N GLN A 193 -69.36 -60.34 22.30
CA GLN A 193 -69.68 -59.71 23.61
C GLN A 193 -69.49 -60.71 24.77
N ARG A 194 -69.73 -62.01 24.54
N ARG A 194 -69.68 -62.00 24.52
CA ARG A 194 -69.54 -63.04 25.56
CA ARG A 194 -69.54 -63.01 25.60
C ARG A 194 -68.05 -63.22 25.86
C ARG A 194 -68.04 -63.24 25.86
N VAL A 195 -67.24 -63.33 24.81
CA VAL A 195 -65.81 -63.48 24.97
C VAL A 195 -65.22 -62.26 25.68
N GLN A 196 -65.56 -61.05 25.19
CA GLN A 196 -65.26 -59.79 25.85
C GLN A 196 -65.50 -59.88 27.36
N GLN A 197 -66.69 -60.32 27.75
CA GLN A 197 -67.04 -60.42 29.16
C GLN A 197 -66.10 -61.38 29.90
N ASP A 198 -65.79 -62.52 29.27
CA ASP A 198 -64.97 -63.55 29.89
C ASP A 198 -63.52 -63.10 30.01
N PHE A 199 -62.98 -62.49 28.96
CA PHE A 199 -61.64 -61.93 28.99
C PHE A 199 -61.54 -60.89 30.12
N MET A 200 -62.52 -59.99 30.21
CA MET A 200 -62.56 -59.00 31.29
C MET A 200 -62.44 -59.68 32.65
N VAL A 201 -63.27 -60.70 32.92
CA VAL A 201 -63.27 -61.27 34.27
C VAL A 201 -61.96 -62.01 34.51
N TYR A 202 -61.43 -62.69 33.48
CA TYR A 202 -60.13 -63.33 33.51
C TYR A 202 -59.01 -62.33 33.85
N MET A 203 -58.89 -61.23 33.08
CA MET A 203 -57.85 -60.27 33.34
C MET A 203 -58.01 -59.69 34.76
N ASP A 204 -59.24 -59.43 35.15
CA ASP A 204 -59.48 -58.81 36.43
C ASP A 204 -59.02 -59.71 37.55
N GLY A 205 -59.10 -61.03 37.32
CA GLY A 205 -58.67 -62.01 38.30
C GLY A 205 -57.15 -62.17 38.32
N LEU A 206 -56.49 -61.94 37.18
CA LEU A 206 -55.03 -61.93 37.16
C LEU A 206 -54.54 -60.74 37.99
N VAL A 207 -55.02 -59.52 37.69
CA VAL A 207 -54.60 -58.36 38.45
C VAL A 207 -54.97 -58.52 39.93
N ALA A 208 -56.18 -59.01 40.24
CA ALA A 208 -56.61 -59.09 41.63
C ALA A 208 -55.73 -60.03 42.47
N GLN A 209 -54.85 -60.81 41.85
CA GLN A 209 -54.00 -61.70 42.63
C GLN A 209 -52.82 -60.93 43.22
N ARG A 210 -52.43 -59.82 42.58
CA ARG A 210 -51.31 -59.02 43.03
C ARG A 210 -51.63 -58.19 44.27
N ARG A 211 -52.87 -58.31 44.79
CA ARG A 211 -53.37 -57.43 45.81
C ARG A 211 -52.88 -57.85 47.21
N ASP A 212 -52.40 -59.10 47.33
CA ASP A 212 -51.73 -59.53 48.55
C ASP A 212 -50.29 -59.96 48.27
N ALA A 213 -49.83 -59.84 47.01
CA ALA A 213 -48.49 -60.30 46.64
C ALA A 213 -48.06 -59.66 45.32
N PRO A 214 -47.50 -58.41 45.33
CA PRO A 214 -47.20 -57.71 44.08
C PRO A 214 -46.04 -58.37 43.33
N THR A 215 -46.09 -58.31 41.99
CA THR A 215 -45.10 -58.94 41.13
C THR A 215 -44.39 -57.83 40.37
N GLU A 216 -43.10 -58.05 40.05
CA GLU A 216 -42.35 -57.15 39.19
C GLU A 216 -42.65 -57.54 37.73
N ASP A 217 -43.76 -57.00 37.23
CA ASP A 217 -44.27 -57.20 35.88
C ASP A 217 -45.34 -56.13 35.68
N LEU A 218 -45.85 -56.01 34.45
CA LEU A 218 -46.78 -54.93 34.15
CA LEU A 218 -46.78 -54.94 34.14
C LEU A 218 -48.06 -55.12 34.96
N LEU A 219 -48.52 -56.37 35.11
CA LEU A 219 -49.76 -56.68 35.83
C LEU A 219 -49.58 -56.21 37.26
N GLY A 220 -48.35 -56.34 37.78
CA GLY A 220 -47.94 -55.75 39.04
C GLY A 220 -48.26 -54.25 39.12
N ALA A 221 -47.91 -53.49 38.09
CA ALA A 221 -48.13 -52.05 38.11
C ALA A 221 -49.63 -51.72 38.01
N LEU A 222 -50.31 -52.46 37.14
CA LEU A 222 -51.76 -52.42 37.01
C LEU A 222 -52.44 -52.58 38.37
N ALA A 223 -51.96 -53.52 39.20
CA ALA A 223 -52.59 -53.77 40.49
C ALA A 223 -52.29 -52.63 41.51
N LEU A 224 -51.07 -52.05 41.44
CA LEU A 224 -50.71 -50.94 42.31
C LEU A 224 -51.60 -49.75 42.00
N ALA A 225 -51.94 -49.61 40.71
CA ALA A 225 -52.72 -48.49 40.23
C ALA A 225 -54.18 -48.58 40.66
N THR A 226 -54.74 -49.79 40.80
CA THR A 226 -56.13 -49.90 41.24
C THR A 226 -56.24 -49.43 42.69
N ASP A 227 -55.13 -49.41 43.43
CA ASP A 227 -55.12 -48.96 44.82
C ASP A 227 -54.77 -47.47 44.98
N ASN A 228 -53.93 -46.90 44.09
CA ASN A 228 -53.22 -45.66 44.41
C ASN A 228 -53.40 -44.56 43.37
N ASP A 229 -54.33 -44.74 42.41
CA ASP A 229 -54.59 -43.73 41.39
C ASP A 229 -56.06 -43.36 41.39
N ASP A 230 -56.42 -42.31 42.15
CA ASP A 230 -57.79 -41.84 42.23
C ASP A 230 -58.04 -40.92 41.03
N HIS A 231 -57.64 -41.34 39.84
CA HIS A 231 -58.01 -40.64 38.63
C HIS A 231 -58.18 -41.71 37.54
N LEU A 232 -57.76 -42.96 37.82
CA LEU A 232 -57.92 -44.08 36.91
C LEU A 232 -58.97 -45.06 37.44
N THR A 233 -59.82 -45.58 36.55
CA THR A 233 -60.84 -46.55 36.95
C THR A 233 -60.36 -47.99 36.71
N LYS A 234 -60.94 -48.90 37.50
CA LYS A 234 -60.55 -50.30 37.48
C LYS A 234 -60.88 -50.86 36.11
N GLY A 235 -61.99 -50.36 35.52
CA GLY A 235 -62.38 -50.73 34.16
C GLY A 235 -61.31 -50.40 33.12
N GLU A 236 -60.73 -49.18 33.22
CA GLU A 236 -59.66 -48.71 32.33
C GLU A 236 -58.40 -49.54 32.55
N ILE A 237 -58.08 -49.79 33.84
CA ILE A 237 -56.86 -50.51 34.17
C ILE A 237 -56.92 -51.94 33.63
N VAL A 238 -58.01 -52.65 33.95
CA VAL A 238 -58.20 -54.02 33.51
C VAL A 238 -58.25 -54.09 31.98
N ASN A 239 -58.93 -53.14 31.32
CA ASN A 239 -58.97 -53.12 29.86
C ASN A 239 -57.58 -52.88 29.26
N MET A 240 -56.72 -52.15 29.98
CA MET A 240 -55.36 -51.98 29.48
C MET A 240 -54.66 -53.35 29.48
N GLY A 241 -54.80 -54.11 30.57
CA GLY A 241 -54.26 -55.44 30.61
C GLY A 241 -54.74 -56.31 29.43
N VAL A 242 -56.04 -56.19 29.12
CA VAL A 242 -56.65 -57.00 28.08
C VAL A 242 -56.10 -56.57 26.73
N SER A 243 -56.02 -55.24 26.51
CA SER A 243 -55.55 -54.72 25.23
CA SER A 243 -55.56 -54.71 25.23
C SER A 243 -54.11 -55.14 24.96
N LEU A 244 -53.25 -55.03 25.99
CA LEU A 244 -51.85 -55.36 25.83
C LEU A 244 -51.70 -56.84 25.54
N LEU A 245 -52.45 -57.67 26.28
CA LEU A 245 -52.35 -59.10 26.05
C LEU A 245 -52.79 -59.45 24.61
N ILE A 246 -53.76 -58.73 24.00
CA ILE A 246 -54.24 -59.03 22.66
C ILE A 246 -53.23 -58.54 21.62
N ALA A 247 -53.08 -57.21 21.54
CA ALA A 247 -52.23 -56.60 20.55
C ALA A 247 -50.81 -57.14 20.69
N GLY A 248 -50.42 -57.38 21.95
CA GLY A 248 -49.07 -57.78 22.32
C GLY A 248 -48.62 -59.11 21.73
N HIS A 249 -49.55 -59.96 21.28
CA HIS A 249 -49.14 -61.15 20.55
C HIS A 249 -49.79 -61.23 19.15
N GLU A 250 -51.05 -60.78 18.98
CA GLU A 250 -51.79 -61.07 17.75
C GLU A 250 -51.19 -60.34 16.56
N THR A 251 -50.63 -59.14 16.79
CA THR A 251 -50.00 -58.38 15.73
C THR A 251 -48.72 -59.07 15.27
N SER A 252 -47.81 -59.40 16.21
N SER A 252 -47.87 -59.43 16.25
CA SER A 252 -46.50 -59.90 15.82
CA SER A 252 -46.54 -59.92 16.02
C SER A 252 -46.61 -61.34 15.29
C SER A 252 -46.61 -61.29 15.37
N VAL A 253 -47.61 -62.08 15.78
CA VAL A 253 -47.81 -63.44 15.31
C VAL A 253 -48.08 -63.39 13.81
N ASN A 254 -49.04 -62.57 13.44
CA ASN A 254 -49.40 -62.35 12.07
C ASN A 254 -48.22 -61.75 11.30
N GLN A 255 -47.52 -60.75 11.87
CA GLN A 255 -46.50 -60.04 11.10
C GLN A 255 -45.28 -60.91 10.88
N ILE A 256 -44.97 -61.81 11.80
CA ILE A 256 -43.89 -62.75 11.52
C ILE A 256 -44.22 -63.54 10.27
N THR A 257 -45.44 -64.10 10.20
CA THR A 257 -45.82 -64.93 9.06
C THR A 257 -45.86 -64.07 7.80
N ASN A 258 -46.28 -62.81 7.93
CA ASN A 258 -46.44 -61.95 6.77
C ASN A 258 -45.07 -61.61 6.16
N LEU A 259 -44.13 -61.22 7.02
CA LEU A 259 -42.79 -60.86 6.60
C LEU A 259 -42.15 -62.08 5.94
N VAL A 260 -42.30 -63.25 6.59
CA VAL A 260 -41.72 -64.47 6.05
C VAL A 260 -42.34 -64.79 4.68
N HIS A 261 -43.65 -64.58 4.50
CA HIS A 261 -44.29 -64.80 3.21
C HIS A 261 -43.70 -63.87 2.15
N LEU A 262 -43.53 -62.57 2.48
CA LEU A 262 -42.96 -61.63 1.52
C LEU A 262 -41.55 -62.06 1.14
N LEU A 263 -40.82 -62.63 2.11
CA LEU A 263 -39.41 -62.95 1.90
C LEU A 263 -39.26 -64.19 1.03
N LEU A 264 -40.15 -65.17 1.20
CA LEU A 264 -39.98 -66.46 0.55
C LEU A 264 -40.62 -66.50 -0.83
N THR A 265 -41.61 -65.64 -1.12
CA THR A 265 -42.29 -65.75 -2.40
C THR A 265 -41.56 -65.00 -3.52
N GLU A 266 -40.69 -64.04 -3.15
CA GLU A 266 -39.61 -63.60 -4.04
C GLU A 266 -38.29 -63.83 -3.29
N ARG A 267 -37.73 -65.04 -3.44
CA ARG A 267 -36.63 -65.51 -2.59
C ARG A 267 -35.46 -64.54 -2.61
N LYS A 268 -35.31 -63.79 -3.69
CA LYS A 268 -34.24 -62.80 -3.79
C LYS A 268 -34.21 -61.88 -2.56
N ARG A 269 -35.38 -61.54 -2.03
CA ARG A 269 -35.48 -60.70 -0.84
C ARG A 269 -34.80 -61.40 0.33
N TYR A 270 -35.15 -62.68 0.54
CA TYR A 270 -34.57 -63.46 1.62
C TYR A 270 -33.07 -63.60 1.42
N GLU A 271 -32.66 -63.97 0.21
CA GLU A 271 -31.25 -64.11 -0.14
C GLU A 271 -30.47 -62.83 0.18
N SER A 272 -31.06 -61.64 0.00
CA SER A 272 -30.31 -60.41 0.26
C SER A 272 -30.07 -60.24 1.77
N LEU A 273 -30.97 -60.78 2.60
CA LEU A 273 -30.80 -60.70 4.04
C LEU A 273 -29.85 -61.79 4.52
N VAL A 274 -29.90 -62.98 3.88
CA VAL A 274 -28.95 -64.03 4.19
C VAL A 274 -27.52 -63.53 3.92
N ALA A 275 -27.34 -62.76 2.83
CA ALA A 275 -26.03 -62.30 2.42
C ALA A 275 -25.55 -61.18 3.36
N ASP A 276 -26.48 -60.42 3.92
CA ASP A 276 -26.17 -59.28 4.77
C ASP A 276 -27.23 -59.16 5.89
N PRO A 277 -27.07 -59.86 7.02
CA PRO A 277 -28.07 -59.86 8.09
C PRO A 277 -28.27 -58.56 8.88
N ALA A 278 -27.36 -57.60 8.69
CA ALA A 278 -27.46 -56.30 9.33
C ALA A 278 -28.42 -55.40 8.57
N LEU A 279 -28.89 -55.87 7.40
CA LEU A 279 -29.93 -55.18 6.65
C LEU A 279 -31.32 -55.48 7.23
N VAL A 280 -31.39 -56.38 8.22
CA VAL A 280 -32.66 -56.86 8.75
C VAL A 280 -33.49 -55.72 9.34
N PRO A 281 -32.97 -54.83 10.23
CA PRO A 281 -33.80 -53.74 10.76
C PRO A 281 -34.50 -52.89 9.70
N ALA A 282 -33.77 -52.57 8.63
CA ALA A 282 -34.29 -51.75 7.54
C ALA A 282 -35.36 -52.50 6.77
N ALA A 283 -35.12 -53.79 6.56
CA ALA A 283 -36.06 -54.64 5.86
C ALA A 283 -37.37 -54.72 6.65
N VAL A 284 -37.25 -54.82 7.97
CA VAL A 284 -38.40 -54.90 8.84
C VAL A 284 -39.20 -53.63 8.68
N GLU A 285 -38.53 -52.47 8.63
CA GLU A 285 -39.22 -51.21 8.48
C GLU A 285 -39.96 -51.15 7.15
N GLU A 286 -39.31 -51.63 6.07
CA GLU A 286 -39.88 -51.58 4.73
C GLU A 286 -41.04 -52.58 4.58
N MET A 287 -40.96 -53.73 5.23
CA MET A 287 -42.04 -54.69 5.14
C MET A 287 -43.21 -54.29 6.03
N LEU A 288 -42.97 -53.57 7.13
CA LEU A 288 -44.04 -52.95 7.88
C LEU A 288 -44.82 -51.98 6.98
N ARG A 289 -44.08 -51.15 6.23
CA ARG A 289 -44.67 -50.19 5.32
C ARG A 289 -45.59 -50.92 4.34
N TYR A 290 -45.09 -52.03 3.77
CA TYR A 290 -45.66 -52.63 2.58
C TYR A 290 -46.82 -53.56 2.92
N THR A 291 -46.83 -54.14 4.13
CA THR A 291 -47.77 -55.18 4.51
C THR A 291 -49.07 -54.59 5.03
N PRO A 292 -50.23 -54.92 4.41
CA PRO A 292 -51.53 -54.52 4.92
C PRO A 292 -51.96 -55.47 6.04
N LEU A 293 -51.31 -55.30 7.21
CA LEU A 293 -51.60 -56.10 8.39
C LEU A 293 -53.00 -55.79 8.85
N VAL A 294 -53.34 -54.51 8.87
CA VAL A 294 -54.67 -54.11 9.23
C VAL A 294 -55.50 -54.33 7.95
N SER A 295 -56.52 -55.18 8.07
CA SER A 295 -57.16 -55.71 6.88
C SER A 295 -57.84 -54.55 6.15
N ALA A 296 -58.65 -53.79 6.88
CA ALA A 296 -59.24 -52.59 6.32
C ALA A 296 -59.63 -51.61 7.41
N GLY A 297 -59.49 -50.31 7.09
CA GLY A 297 -59.92 -49.24 8.00
C GLY A 297 -59.12 -49.16 9.29
N SER A 298 -59.76 -48.57 10.30
CA SER A 298 -59.11 -48.13 11.53
C SER A 298 -60.19 -47.82 12.55
N PHE A 299 -59.77 -47.53 13.80
CA PHE A 299 -60.68 -47.00 14.79
C PHE A 299 -61.12 -45.65 14.24
N VAL A 300 -62.41 -45.37 14.34
CA VAL A 300 -62.99 -44.18 13.75
C VAL A 300 -62.68 -42.99 14.64
N ARG A 301 -62.37 -41.87 14.01
CA ARG A 301 -62.28 -40.58 14.67
C ARG A 301 -63.40 -39.67 14.18
N VAL A 302 -64.09 -39.00 15.10
CA VAL A 302 -65.18 -38.11 14.78
C VAL A 302 -64.70 -36.67 14.97
N ALA A 303 -64.89 -35.84 13.96
CA ALA A 303 -64.50 -34.44 14.06
C ALA A 303 -65.36 -33.77 15.12
N THR A 304 -64.72 -33.02 16.01
CA THR A 304 -65.45 -32.20 16.97
C THR A 304 -65.54 -30.75 16.50
N GLU A 305 -64.78 -30.41 15.43
CA GLU A 305 -64.86 -29.12 14.76
C GLU A 305 -64.60 -29.34 13.28
N ASP A 306 -64.97 -28.38 12.45
CA ASP A 306 -64.64 -28.47 11.03
C ASP A 306 -63.12 -28.61 10.91
N VAL A 307 -62.65 -29.52 10.05
CA VAL A 307 -61.23 -29.72 9.82
C VAL A 307 -60.93 -29.81 8.33
N GLU A 308 -59.89 -29.11 7.86
CA GLU A 308 -59.54 -29.10 6.46
C GLU A 308 -58.63 -30.27 6.13
N LEU A 309 -59.05 -31.15 5.23
CA LEU A 309 -58.15 -32.17 4.70
C LEU A 309 -57.75 -31.76 3.28
N SER A 310 -57.05 -32.60 2.52
CA SER A 310 -56.52 -32.14 1.24
C SER A 310 -57.65 -31.63 0.34
N THR A 311 -58.73 -32.41 0.20
CA THR A 311 -59.77 -32.08 -0.78
C THR A 311 -61.08 -31.70 -0.12
N VAL A 312 -61.20 -31.78 1.19
CA VAL A 312 -62.51 -31.62 1.79
C VAL A 312 -62.38 -31.11 3.20
N THR A 313 -63.32 -30.25 3.57
CA THR A 313 -63.55 -29.88 4.96
C THR A 313 -64.53 -30.87 5.60
N VAL A 314 -64.03 -31.66 6.53
CA VAL A 314 -64.84 -32.54 7.34
C VAL A 314 -65.58 -31.67 8.34
N ARG A 315 -66.89 -31.88 8.43
CA ARG A 315 -67.72 -31.15 9.34
C ARG A 315 -67.70 -31.79 10.72
N ALA A 316 -67.88 -30.94 11.75
CA ALA A 316 -68.10 -31.41 13.11
C ALA A 316 -69.20 -32.45 13.12
N GLY A 317 -68.93 -33.61 13.72
CA GLY A 317 -69.91 -34.68 13.81
C GLY A 317 -69.61 -35.78 12.80
N GLU A 318 -68.79 -35.48 11.78
CA GLU A 318 -68.56 -36.44 10.71
C GLU A 318 -67.44 -37.40 11.11
N PRO A 319 -67.66 -38.73 10.97
CA PRO A 319 -66.65 -39.75 11.22
C PRO A 319 -65.69 -39.94 10.05
N CYS A 320 -64.47 -40.40 10.39
CA CYS A 320 -63.44 -40.71 9.42
C CYS A 320 -62.70 -41.98 9.84
N VAL A 321 -62.11 -42.62 8.82
N VAL A 321 -62.31 -42.77 8.83
CA VAL A 321 -61.42 -43.89 8.94
CA VAL A 321 -61.40 -43.89 8.99
C VAL A 321 -60.23 -43.84 7.99
C VAL A 321 -60.19 -43.59 8.12
N VAL A 322 -59.06 -44.17 8.51
CA VAL A 322 -57.83 -44.15 7.75
C VAL A 322 -57.52 -45.57 7.30
N HIS A 323 -57.08 -45.76 6.05
CA HIS A 323 -56.51 -47.04 5.68
C HIS A 323 -54.99 -46.93 5.79
N PHE A 324 -54.37 -47.57 6.78
CA PHE A 324 -52.94 -47.40 7.07
C PHE A 324 -52.09 -47.82 5.89
N ALA A 325 -52.41 -48.98 5.30
CA ALA A 325 -51.62 -49.52 4.20
C ALA A 325 -51.68 -48.63 2.96
N SER A 326 -52.80 -47.94 2.74
CA SER A 326 -52.90 -47.03 1.60
C SER A 326 -52.01 -45.81 1.79
N ALA A 327 -52.04 -45.18 2.96
CA ALA A 327 -51.14 -44.08 3.23
C ALA A 327 -49.68 -44.52 3.07
N ASN A 328 -49.38 -45.78 3.40
CA ASN A 328 -48.04 -46.29 3.28
C ASN A 328 -47.64 -46.60 1.83
N ARG A 329 -48.56 -46.42 0.88
CA ARG A 329 -48.23 -46.54 -0.53
C ARG A 329 -48.37 -45.20 -1.27
N ASP A 330 -48.43 -44.07 -0.55
CA ASP A 330 -48.64 -42.75 -1.12
C ASP A 330 -47.44 -42.39 -2.00
N GLU A 331 -47.67 -42.11 -3.28
CA GLU A 331 -46.59 -41.87 -4.24
C GLU A 331 -45.90 -40.52 -4.00
N GLU A 332 -46.58 -39.57 -3.34
CA GLU A 332 -45.99 -38.30 -2.98
C GLU A 332 -44.99 -38.42 -1.84
N VAL A 333 -45.01 -39.54 -1.12
CA VAL A 333 -44.19 -39.72 0.07
C VAL A 333 -43.07 -40.70 -0.21
N PHE A 334 -43.37 -41.81 -0.88
CA PHE A 334 -42.36 -42.83 -1.11
C PHE A 334 -42.18 -42.96 -2.61
N ASP A 335 -40.92 -43.01 -3.07
CA ASP A 335 -40.64 -43.33 -4.46
C ASP A 335 -40.91 -44.81 -4.70
N HIS A 336 -41.36 -45.13 -5.92
CA HIS A 336 -41.69 -46.51 -6.30
C HIS A 336 -42.37 -47.21 -5.11
N ALA A 337 -43.50 -46.64 -4.70
CA ALA A 337 -44.17 -47.02 -3.47
C ALA A 337 -44.73 -48.44 -3.54
N ASP A 338 -45.05 -48.91 -4.75
CA ASP A 338 -45.63 -50.24 -4.94
C ASP A 338 -44.53 -51.30 -4.98
N GLU A 339 -43.27 -50.91 -4.79
CA GLU A 339 -42.16 -51.85 -4.80
C GLU A 339 -41.52 -51.98 -3.42
N LEU A 340 -41.09 -53.21 -3.10
CA LEU A 340 -40.48 -53.52 -1.83
C LEU A 340 -38.98 -53.29 -1.96
N ASP A 341 -38.42 -52.40 -1.15
CA ASP A 341 -37.04 -51.94 -1.32
C ASP A 341 -36.37 -51.73 0.05
N PHE A 342 -35.41 -52.60 0.39
CA PHE A 342 -34.75 -52.58 1.68
C PHE A 342 -33.67 -51.49 1.77
N HIS A 343 -33.45 -50.73 0.70
CA HIS A 343 -32.42 -49.71 0.69
C HIS A 343 -33.00 -48.31 0.51
N ARG A 344 -34.25 -48.12 0.94
CA ARG A 344 -34.84 -46.76 0.90
C ARG A 344 -34.08 -45.90 1.90
N GLU A 345 -33.95 -44.61 1.60
CA GLU A 345 -33.26 -43.70 2.51
C GLU A 345 -34.24 -43.18 3.57
N ARG A 346 -35.49 -42.94 3.15
CA ARG A 346 -36.52 -42.42 4.02
C ARG A 346 -37.70 -43.37 4.07
N ASN A 347 -38.22 -43.60 5.27
CA ASN A 347 -39.34 -44.50 5.42
C ASN A 347 -40.25 -44.00 6.53
N PRO A 348 -40.91 -42.84 6.37
CA PRO A 348 -41.84 -42.35 7.38
C PRO A 348 -43.23 -42.99 7.28
N HIS A 349 -43.28 -44.32 7.39
CA HIS A 349 -44.53 -45.06 7.34
C HIS A 349 -45.33 -44.86 8.64
N ILE A 350 -46.63 -45.24 8.58
CA ILE A 350 -47.54 -45.25 9.73
C ILE A 350 -48.13 -46.64 9.97
N ALA A 351 -47.30 -47.66 9.81
CA ALA A 351 -47.72 -49.01 10.14
C ALA A 351 -48.09 -49.14 11.62
N PHE A 352 -47.56 -48.24 12.45
CA PHE A 352 -47.80 -48.23 13.88
C PHE A 352 -48.71 -47.05 14.24
N GLY A 353 -49.45 -46.52 13.26
CA GLY A 353 -50.29 -45.37 13.51
C GLY A 353 -49.48 -44.08 13.69
N HIS A 354 -50.07 -43.11 14.39
CA HIS A 354 -49.58 -41.75 14.43
C HIS A 354 -50.37 -40.96 15.47
N GLY A 355 -49.78 -39.91 16.02
CA GLY A 355 -50.46 -39.09 17.00
C GLY A 355 -50.67 -39.80 18.33
N ALA A 356 -51.71 -39.40 19.05
CA ALA A 356 -51.93 -39.84 20.42
C ALA A 356 -51.95 -41.36 20.54
N HIS A 357 -52.62 -42.05 19.61
CA HIS A 357 -52.76 -43.51 19.70
C HIS A 357 -51.63 -44.25 18.98
N HIS A 358 -50.53 -43.56 18.65
CA HIS A 358 -49.33 -44.24 18.13
C HIS A 358 -49.10 -45.49 18.97
N CYS A 359 -48.90 -46.61 18.29
CA CYS A 359 -48.82 -47.92 18.91
C CYS A 359 -47.90 -47.86 20.12
N ILE A 360 -48.39 -48.29 21.29
CA ILE A 360 -47.55 -48.30 22.47
C ILE A 360 -46.49 -49.42 22.39
N GLY A 361 -46.80 -50.49 21.66
CA GLY A 361 -45.91 -51.62 21.53
C GLY A 361 -44.95 -51.52 20.34
N ALA A 362 -44.79 -50.34 19.73
CA ALA A 362 -44.05 -50.21 18.48
C ALA A 362 -42.62 -50.72 18.63
N GLN A 363 -41.99 -50.44 19.76
CA GLN A 363 -40.57 -50.77 19.90
C GLN A 363 -40.46 -52.28 20.14
N LEU A 364 -41.42 -52.82 20.88
CA LEU A 364 -41.42 -54.24 21.15
C LEU A 364 -41.69 -55.08 19.89
N GLY A 365 -42.60 -54.62 19.02
CA GLY A 365 -42.90 -55.31 17.77
C GLY A 365 -41.72 -55.30 16.80
N ARG A 366 -41.06 -54.13 16.69
CA ARG A 366 -39.80 -53.98 16.01
C ARG A 366 -38.76 -54.98 16.56
N LEU A 367 -38.60 -55.04 17.88
CA LEU A 367 -37.60 -55.94 18.45
C LEU A 367 -37.91 -57.39 18.09
N GLU A 368 -39.17 -57.80 18.26
CA GLU A 368 -39.58 -59.15 17.97
C GLU A 368 -39.35 -59.51 16.50
N LEU A 369 -39.71 -58.61 15.60
CA LEU A 369 -39.55 -58.88 14.18
C LEU A 369 -38.08 -58.95 13.83
N GLN A 370 -37.26 -58.06 14.40
CA GLN A 370 -35.83 -58.08 14.09
C GLN A 370 -35.17 -59.37 14.56
N GLU A 371 -35.55 -59.83 15.76
CA GLU A 371 -34.88 -60.96 16.35
C GLU A 371 -35.33 -62.25 15.66
N ALA A 372 -36.57 -62.27 15.17
CA ALA A 372 -37.11 -63.44 14.51
C ALA A 372 -36.51 -63.57 13.12
N LEU A 373 -36.53 -62.51 12.32
CA LEU A 373 -35.93 -62.64 11.00
C LEU A 373 -34.42 -62.85 11.10
N SER A 374 -33.75 -62.10 11.99
CA SER A 374 -32.30 -62.15 12.06
C SER A 374 -31.89 -63.57 12.34
N ALA A 375 -32.55 -64.23 13.30
CA ALA A 375 -32.26 -65.62 13.61
C ALA A 375 -32.47 -66.54 12.42
N LEU A 376 -33.54 -66.32 11.64
CA LEU A 376 -33.88 -67.19 10.52
C LEU A 376 -32.82 -67.08 9.43
N VAL A 377 -32.50 -65.87 9.01
CA VAL A 377 -31.62 -65.66 7.88
C VAL A 377 -30.19 -66.11 8.22
N ARG A 378 -29.83 -66.16 9.51
CA ARG A 378 -28.49 -66.58 9.88
C ARG A 378 -28.41 -68.09 10.07
N ARG A 379 -29.50 -68.73 10.50
CA ARG A 379 -29.48 -70.13 10.84
C ARG A 379 -30.00 -71.00 9.68
N PHE A 380 -30.93 -70.48 8.87
CA PHE A 380 -31.61 -71.26 7.84
C PHE A 380 -31.40 -70.56 6.50
N PRO A 381 -30.18 -70.55 5.94
CA PRO A 381 -29.96 -69.94 4.62
C PRO A 381 -30.80 -70.59 3.52
N THR A 382 -31.21 -71.85 3.73
CA THR A 382 -31.84 -72.65 2.68
C THR A 382 -33.37 -72.69 2.83
N LEU A 383 -33.93 -71.88 3.75
CA LEU A 383 -35.34 -71.89 4.08
C LEU A 383 -36.15 -71.59 2.84
N ASP A 384 -37.27 -72.32 2.66
CA ASP A 384 -38.18 -72.03 1.57
C ASP A 384 -39.58 -72.46 1.98
N LEU A 385 -40.58 -71.98 1.24
CA LEU A 385 -41.95 -72.42 1.45
C LEU A 385 -42.12 -73.83 0.90
N ALA A 386 -42.70 -74.72 1.71
CA ALA A 386 -42.84 -76.12 1.35
C ALA A 386 -44.31 -76.52 1.28
N GLU A 387 -45.17 -75.55 0.95
CA GLU A 387 -46.55 -75.83 0.58
C GLU A 387 -46.91 -74.89 -0.58
N PRO A 388 -47.87 -75.25 -1.46
CA PRO A 388 -48.19 -74.42 -2.61
C PRO A 388 -48.76 -73.09 -2.16
N VAL A 389 -48.39 -72.01 -2.88
CA VAL A 389 -48.90 -70.68 -2.61
C VAL A 389 -50.42 -70.62 -2.79
N ALA A 390 -50.96 -71.44 -3.69
CA ALA A 390 -52.38 -71.48 -3.99
C ALA A 390 -53.19 -71.91 -2.76
N GLY A 391 -52.63 -72.80 -1.93
CA GLY A 391 -53.35 -73.37 -0.81
C GLY A 391 -53.07 -72.70 0.54
N LEU A 392 -52.23 -71.65 0.57
CA LEU A 392 -51.91 -71.01 1.84
C LEU A 392 -53.21 -70.63 2.53
N LYS A 393 -53.31 -70.93 3.82
CA LYS A 393 -54.54 -70.67 4.56
C LYS A 393 -54.52 -69.27 5.15
N TRP A 394 -54.95 -68.27 4.38
CA TRP A 394 -55.02 -66.93 4.93
C TRP A 394 -56.20 -66.86 5.89
N LYS A 395 -55.98 -66.21 7.04
CA LYS A 395 -57.04 -65.96 8.00
C LYS A 395 -58.09 -65.13 7.31
N GLN A 396 -59.36 -65.48 7.52
CA GLN A 396 -60.47 -64.81 6.88
C GLN A 396 -61.30 -64.22 7.99
N GLY A 397 -61.95 -63.09 7.73
CA GLY A 397 -62.95 -62.55 8.63
C GLY A 397 -62.35 -61.95 9.91
N MET A 398 -61.09 -61.53 9.85
CA MET A 398 -60.44 -60.90 10.99
C MET A 398 -59.98 -59.51 10.58
N LEU A 399 -59.79 -58.64 11.59
CA LEU A 399 -59.41 -57.24 11.39
C LEU A 399 -57.95 -57.14 10.96
N ILE A 400 -57.22 -58.25 11.07
CA ILE A 400 -55.85 -58.30 10.61
C ILE A 400 -55.66 -59.50 9.70
N ARG A 401 -54.57 -59.49 8.92
CA ARG A 401 -54.27 -60.55 7.98
C ARG A 401 -53.02 -61.28 8.41
N GLY A 402 -52.95 -62.55 8.00
CA GLY A 402 -51.86 -63.42 8.33
C GLY A 402 -52.28 -64.86 8.05
N LEU A 403 -51.34 -65.78 8.31
CA LEU A 403 -51.46 -67.16 7.89
C LEU A 403 -51.72 -68.05 9.09
N GLU A 404 -52.68 -68.97 8.94
CA GLU A 404 -52.97 -70.00 9.93
C GLU A 404 -51.87 -71.05 9.97
N ARG A 405 -51.11 -71.16 8.87
CA ARG A 405 -50.09 -72.18 8.76
C ARG A 405 -49.08 -71.75 7.69
N GLN A 406 -47.82 -72.12 7.89
CA GLN A 406 -46.79 -71.80 6.92
C GLN A 406 -45.70 -72.87 7.02
N ILE A 407 -45.87 -73.93 6.22
CA ILE A 407 -44.92 -75.02 6.24
C ILE A 407 -43.68 -74.62 5.45
N VAL A 408 -42.50 -74.84 6.06
CA VAL A 408 -41.24 -74.44 5.47
C VAL A 408 -40.25 -75.60 5.57
N SER A 409 -39.29 -75.57 4.65
CA SER A 409 -38.21 -76.52 4.67
C SER A 409 -36.89 -75.76 4.69
N TRP A 410 -35.84 -76.50 5.06
CA TRP A 410 -34.47 -76.01 5.03
C TRP A 410 -33.53 -77.22 4.92
N ALA B 14 -0.80 44.19 -9.79
CA ALA B 14 -1.83 43.87 -8.78
C ALA B 14 -1.45 42.58 -8.07
N ASP B 15 -0.33 42.64 -7.33
CA ASP B 15 0.07 41.54 -6.45
C ASP B 15 0.24 42.04 -5.02
N ALA B 16 -0.31 41.20 -4.12
CA ALA B 16 -0.25 41.36 -2.70
C ALA B 16 0.99 40.72 -2.10
N VAL B 17 1.84 40.13 -2.95
CA VAL B 17 3.11 39.62 -2.49
C VAL B 17 3.91 40.77 -1.89
N PRO B 18 4.35 40.69 -0.61
CA PRO B 18 5.09 41.78 0.01
C PRO B 18 6.48 41.97 -0.61
N ALA B 19 6.94 43.22 -0.56
CA ALA B 19 8.29 43.61 -0.92
C ALA B 19 9.26 43.09 0.14
N TYR B 20 10.40 42.59 -0.34
CA TYR B 20 11.44 42.08 0.54
C TYR B 20 12.74 42.75 0.10
N PRO B 21 13.52 43.40 0.99
CA PRO B 21 13.29 43.41 2.44
C PRO B 21 12.01 44.10 2.87
N PHE B 22 11.57 43.81 4.09
CA PHE B 22 10.30 44.25 4.62
C PHE B 22 10.41 45.65 5.20
N SER B 23 11.64 46.07 5.51
CA SER B 23 11.81 47.34 6.19
C SER B 23 13.28 47.71 6.18
N LEU B 24 13.56 48.97 6.49
CA LEU B 24 14.92 49.45 6.61
C LEU B 24 15.52 48.88 7.89
N PRO B 25 16.75 48.33 7.81
CA PRO B 25 17.39 47.77 8.99
C PRO B 25 17.65 48.85 10.04
N HIS B 26 17.45 48.52 11.32
CA HIS B 26 17.79 49.37 12.45
C HIS B 26 18.85 48.71 13.32
N ALA B 27 20.01 49.37 13.49
CA ALA B 27 21.18 48.85 14.20
C ALA B 27 21.42 47.39 13.82
N LEU B 28 21.32 46.47 14.80
CA LEU B 28 21.44 45.02 14.57
C LEU B 28 20.13 44.30 14.88
N ASP B 29 19.03 45.04 14.97
CA ASP B 29 17.73 44.46 15.23
C ASP B 29 17.30 43.61 14.03
N LEU B 30 16.58 42.52 14.31
CA LEU B 30 15.85 41.80 13.30
C LEU B 30 14.43 42.35 13.25
N ASP B 31 13.97 42.61 12.04
CA ASP B 31 12.56 42.87 11.80
C ASP B 31 11.74 41.87 12.60
N PRO B 32 10.75 42.33 13.39
CA PRO B 32 9.84 41.43 14.11
C PRO B 32 9.12 40.39 13.26
N HIS B 33 8.95 40.68 11.97
CA HIS B 33 8.13 39.86 11.09
C HIS B 33 8.74 38.47 10.89
N TYR B 34 10.07 38.33 11.04
CA TYR B 34 10.74 37.06 10.84
C TYR B 34 10.29 36.03 11.88
N ALA B 35 10.26 36.42 13.16
CA ALA B 35 9.65 35.58 14.18
C ALA B 35 8.23 35.15 13.80
N GLU B 36 7.42 36.06 13.25
CA GLU B 36 6.04 35.72 12.91
C GLU B 36 6.02 34.68 11.79
N LEU B 37 6.95 34.83 10.84
CA LEU B 37 6.98 33.96 9.68
C LEU B 37 7.44 32.57 10.09
N ARG B 38 8.48 32.49 10.93
CA ARG B 38 9.01 31.23 11.38
C ARG B 38 7.90 30.47 12.11
N ARG B 39 7.11 31.17 12.91
CA ARG B 39 6.08 30.52 13.71
C ARG B 39 4.86 30.16 12.84
N ASP B 40 4.51 30.99 11.85
CA ASP B 40 3.20 30.90 11.21
C ASP B 40 3.25 30.68 9.71
N GLU B 41 4.28 31.17 9.00
CA GLU B 41 4.32 31.04 7.55
C GLU B 41 5.77 30.90 7.09
N PRO B 42 6.43 29.77 7.41
CA PRO B 42 7.89 29.71 7.34
C PRO B 42 8.46 29.85 5.93
N VAL B 43 7.67 29.54 4.92
CA VAL B 43 8.04 29.74 3.53
C VAL B 43 6.93 30.59 2.87
N SER B 44 7.28 31.82 2.45
CA SER B 44 6.30 32.78 1.92
C SER B 44 6.82 33.41 0.64
N ARG B 45 5.92 33.79 -0.27
CA ARG B 45 6.30 34.45 -1.51
CA ARG B 45 6.35 34.43 -1.49
C ARG B 45 6.63 35.91 -1.18
N VAL B 46 7.65 36.46 -1.84
CA VAL B 46 8.08 37.84 -1.67
C VAL B 46 8.53 38.37 -3.02
N ARG B 47 8.59 39.69 -3.14
CA ARG B 47 9.07 40.35 -4.34
C ARG B 47 10.42 40.98 -3.99
N LEU B 48 11.48 40.53 -4.66
CA LEU B 48 12.82 41.02 -4.33
C LEU B 48 13.02 42.36 -5.06
N PRO B 49 14.03 43.14 -4.66
CA PRO B 49 14.21 44.47 -5.21
C PRO B 49 14.55 44.49 -6.69
N TYR B 50 15.19 43.46 -7.24
CA TYR B 50 15.58 43.49 -8.65
C TYR B 50 15.23 42.16 -9.29
N GLY B 51 15.34 42.12 -10.61
CA GLY B 51 14.80 41.02 -11.38
C GLY B 51 13.28 41.09 -11.42
N GLU B 52 12.68 40.00 -11.91
CA GLU B 52 11.26 39.94 -12.23
C GLU B 52 10.62 38.73 -11.58
N GLY B 53 9.38 38.89 -11.11
CA GLY B 53 8.61 37.80 -10.56
C GLY B 53 8.81 37.71 -9.05
N THR B 54 8.60 36.53 -8.49
CA THR B 54 8.59 36.39 -7.05
C THR B 54 9.53 35.25 -6.69
N ALA B 55 9.87 35.18 -5.40
CA ALA B 55 10.72 34.18 -4.79
C ALA B 55 10.08 33.66 -3.51
N TRP B 56 10.45 32.44 -3.10
CA TRP B 56 10.11 31.94 -1.79
C TRP B 56 11.16 32.39 -0.79
N LEU B 57 10.73 33.00 0.32
CA LEU B 57 11.61 33.42 1.39
C LEU B 57 11.57 32.32 2.45
N VAL B 58 12.77 31.82 2.80
CA VAL B 58 12.95 30.78 3.78
C VAL B 58 13.53 31.38 5.05
N THR B 59 12.88 31.08 6.18
CA THR B 59 13.13 31.73 7.45
C THR B 59 13.58 30.73 8.51
N ARG B 60 13.31 29.43 8.33
CA ARG B 60 13.66 28.44 9.33
C ARG B 60 14.97 27.71 9.00
N MET B 61 15.60 27.15 10.03
CA MET B 61 16.89 26.48 9.85
C MET B 61 16.71 25.23 8.99
N SER B 62 15.74 24.39 9.28
CA SER B 62 15.63 23.14 8.57
C SER B 62 15.49 23.40 7.08
N ASP B 63 14.65 24.37 6.73
CA ASP B 63 14.42 24.72 5.34
C ASP B 63 15.66 25.38 4.75
N ALA B 64 16.30 26.29 5.48
CA ALA B 64 17.53 26.90 4.99
C ALA B 64 18.57 25.85 4.59
N ARG B 65 18.66 24.76 5.35
CA ARG B 65 19.66 23.73 5.08
C ARG B 65 19.31 23.00 3.80
N ILE B 66 18.02 22.85 3.47
CA ILE B 66 17.67 22.20 2.21
C ILE B 66 18.01 23.13 1.03
N VAL B 67 17.61 24.39 1.09
CA VAL B 67 17.87 25.30 -0.03
C VAL B 67 19.37 25.42 -0.30
N LEU B 68 20.14 25.62 0.77
CA LEU B 68 21.59 25.79 0.68
C LEU B 68 22.32 24.47 0.45
N GLY B 69 21.71 23.31 0.75
CA GLY B 69 22.46 22.06 0.82
C GLY B 69 22.20 21.06 -0.32
N ASP B 70 21.11 21.22 -1.06
CA ASP B 70 20.65 20.19 -1.95
C ASP B 70 21.17 20.50 -3.36
N SER B 71 21.66 19.51 -4.11
CA SER B 71 21.96 19.74 -5.51
C SER B 71 20.69 19.95 -6.33
N ARG B 72 19.50 19.85 -5.72
CA ARG B 72 18.29 20.19 -6.48
C ARG B 72 18.10 21.70 -6.62
N PHE B 73 18.91 22.52 -5.94
CA PHE B 73 18.90 23.96 -6.15
C PHE B 73 20.15 24.39 -6.91
N SER B 74 19.99 25.27 -7.88
CA SER B 74 21.06 25.78 -8.72
C SER B 74 21.21 27.27 -8.52
N THR B 75 22.44 27.74 -8.31
CA THR B 75 22.75 29.16 -8.29
C THR B 75 23.09 29.64 -9.70
N ALA B 76 23.56 28.74 -10.55
CA ALA B 76 23.92 29.10 -11.90
C ALA B 76 22.69 29.51 -12.71
N ALA B 77 21.52 28.91 -12.38
CA ALA B 77 20.23 29.26 -12.95
C ALA B 77 19.78 30.68 -12.59
N ALA B 78 20.35 31.27 -11.54
CA ALA B 78 19.95 32.58 -11.07
C ALA B 78 20.72 33.69 -11.75
N THR B 79 21.57 33.38 -12.75
CA THR B 79 22.34 34.38 -13.47
C THR B 79 21.47 35.13 -14.48
N ASP B 80 20.38 34.49 -14.93
CA ASP B 80 19.41 35.14 -15.79
C ASP B 80 19.10 36.53 -15.22
N PRO B 81 19.24 37.62 -16.00
CA PRO B 81 18.86 38.97 -15.57
C PRO B 81 17.43 39.14 -15.06
N ALA B 82 16.50 38.31 -15.56
CA ALA B 82 15.11 38.27 -15.14
C ALA B 82 14.92 37.62 -13.75
N THR B 83 15.89 36.84 -13.27
CA THR B 83 15.76 36.18 -11.98
C THR B 83 15.75 37.22 -10.85
N PRO B 84 14.82 37.09 -9.88
CA PRO B 84 14.86 37.88 -8.65
C PRO B 84 16.25 37.88 -8.04
N ARG B 85 16.63 39.04 -7.48
CA ARG B 85 17.93 39.19 -6.80
C ARG B 85 17.83 40.32 -5.77
N MET B 86 18.77 40.38 -4.83
CA MET B 86 18.82 41.38 -3.78
C MET B 86 19.62 42.62 -4.18
N PHE B 87 20.30 42.54 -5.33
CA PHE B 87 21.28 43.54 -5.69
C PHE B 87 21.08 43.96 -7.14
N PRO B 88 21.50 45.18 -7.52
CA PRO B 88 21.12 45.75 -8.80
C PRO B 88 21.57 45.06 -10.09
N THR B 89 22.76 44.47 -10.06
N THR B 89 22.80 44.53 -10.09
CA THR B 89 23.43 43.99 -11.25
CA THR B 89 23.42 43.99 -11.29
C THR B 89 23.18 42.49 -11.37
C THR B 89 23.10 42.50 -11.36
N PRO B 90 22.82 41.95 -12.56
CA PRO B 90 22.64 40.50 -12.71
C PRO B 90 23.92 39.80 -12.28
N PRO B 91 23.87 38.60 -11.67
CA PRO B 91 25.10 37.92 -11.25
C PRO B 91 26.03 37.64 -12.42
N GLU B 92 27.32 37.93 -12.23
CA GLU B 92 28.37 37.51 -13.12
C GLU B 92 28.40 35.96 -13.21
N PRO B 93 28.22 35.35 -14.40
CA PRO B 93 28.21 33.90 -14.53
C PRO B 93 29.52 33.23 -14.12
N ASP B 94 30.63 33.99 -14.14
CA ASP B 94 31.95 33.51 -13.80
C ASP B 94 32.21 33.61 -12.30
N GLY B 95 31.34 34.30 -11.56
CA GLY B 95 31.46 34.39 -10.12
C GLY B 95 31.30 33.02 -9.47
N VAL B 96 31.96 32.85 -8.32
CA VAL B 96 32.02 31.56 -7.63
C VAL B 96 30.63 31.17 -7.12
N LEU B 97 29.84 32.16 -6.65
CA LEU B 97 28.51 31.91 -6.13
C LEU B 97 27.58 31.41 -7.23
N ALA B 98 27.82 31.80 -8.47
CA ALA B 98 26.94 31.42 -9.55
C ALA B 98 27.36 30.09 -10.15
N GLN B 99 28.24 29.35 -9.49
CA GLN B 99 28.67 28.06 -10.03
C GLN B 99 27.96 26.93 -9.27
N ASP B 100 27.62 25.87 -9.99
CA ASP B 100 27.07 24.66 -9.42
C ASP B 100 28.16 23.58 -9.38
N PRO B 101 28.15 22.67 -8.40
CA PRO B 101 28.98 21.46 -8.44
C PRO B 101 28.71 20.65 -9.70
N PRO B 102 29.70 20.00 -10.36
CA PRO B 102 31.12 20.06 -9.98
C PRO B 102 32.04 21.16 -10.48
N ASP B 103 31.51 22.10 -11.25
CA ASP B 103 32.29 23.25 -11.72
C ASP B 103 32.74 24.06 -10.53
N HIS B 104 31.81 24.23 -9.57
CA HIS B 104 32.07 24.93 -8.35
C HIS B 104 33.27 24.33 -7.62
N THR B 105 33.27 22.99 -7.48
CA THR B 105 34.26 22.29 -6.69
C THR B 105 35.65 22.55 -7.29
N ARG B 106 35.76 22.40 -8.62
CA ARG B 106 37.00 22.62 -9.32
C ARG B 106 37.47 24.06 -9.15
N LEU B 107 36.54 25.02 -9.23
CA LEU B 107 36.87 26.42 -9.01
C LEU B 107 37.37 26.64 -7.60
N ARG B 108 36.67 26.12 -6.58
CA ARG B 108 37.08 26.30 -5.20
C ARG B 108 38.45 25.68 -4.88
N ARG B 109 38.87 24.65 -5.61
CA ARG B 109 40.14 24.03 -5.39
C ARG B 109 41.32 24.90 -5.83
N LEU B 110 41.12 25.86 -6.73
CA LEU B 110 42.11 26.90 -6.96
C LEU B 110 42.71 27.41 -5.66
N VAL B 111 41.89 27.68 -4.63
CA VAL B 111 42.34 28.44 -3.48
C VAL B 111 42.12 27.69 -2.18
N GLY B 112 41.26 26.67 -2.21
CA GLY B 112 40.87 25.87 -1.05
C GLY B 112 42.01 25.63 -0.07
N LYS B 113 43.13 25.07 -0.58
CA LYS B 113 44.29 24.73 0.23
C LYS B 113 44.61 25.82 1.29
N ALA B 114 44.64 27.09 0.87
CA ALA B 114 45.03 28.19 1.73
C ALA B 114 44.04 28.57 2.84
N PHE B 115 42.81 28.03 2.84
CA PHE B 115 41.80 28.51 3.77
C PHE B 115 41.32 27.39 4.68
N THR B 116 41.91 26.19 4.56
CA THR B 116 41.65 25.12 5.51
C THR B 116 42.01 25.59 6.92
N ALA B 117 41.40 24.93 7.90
CA ALA B 117 41.51 25.32 9.29
C ALA B 117 42.98 25.30 9.72
N ARG B 118 43.71 24.31 9.20
CA ARG B 118 45.06 24.07 9.63
C ARG B 118 45.97 25.17 9.09
N ARG B 119 45.77 25.58 7.84
CA ARG B 119 46.62 26.63 7.24
C ARG B 119 46.26 27.99 7.86
N VAL B 120 45.00 28.16 8.25
CA VAL B 120 44.59 29.42 8.84
C VAL B 120 45.19 29.51 10.23
N GLU B 121 45.19 28.40 10.97
CA GLU B 121 45.77 28.37 12.29
C GLU B 121 47.25 28.79 12.23
N GLU B 122 47.97 28.41 11.18
CA GLU B 122 49.37 28.82 11.01
C GLU B 122 49.51 30.33 10.88
N MET B 123 48.42 31.06 10.56
CA MET B 123 48.49 32.50 10.37
CA MET B 123 48.48 32.50 10.37
C MET B 123 48.37 33.22 11.71
N ARG B 124 48.01 32.50 12.79
CA ARG B 124 47.64 33.17 14.03
C ARG B 124 48.78 34.01 14.60
N PRO B 125 50.06 33.55 14.63
CA PRO B 125 51.15 34.37 15.15
C PRO B 125 51.27 35.74 14.46
N ARG B 126 51.25 35.71 13.13
CA ARG B 126 51.32 36.91 12.30
C ARG B 126 50.09 37.79 12.53
N VAL B 127 48.92 37.16 12.60
CA VAL B 127 47.69 37.89 12.84
C VAL B 127 47.71 38.54 14.23
N ARG B 128 48.23 37.85 15.26
CA ARG B 128 48.32 38.43 16.59
C ARG B 128 49.24 39.65 16.63
N SER B 129 50.39 39.58 15.96
CA SER B 129 51.35 40.66 16.05
C SER B 129 50.82 41.89 15.31
N LEU B 130 50.06 41.67 14.24
CA LEU B 130 49.39 42.75 13.53
C LEU B 130 48.38 43.44 14.43
N VAL B 131 47.53 42.67 15.10
CA VAL B 131 46.54 43.25 16.00
C VAL B 131 47.23 44.09 17.07
N ASP B 132 48.28 43.53 17.68
CA ASP B 132 48.99 44.14 18.80
C ASP B 132 49.56 45.47 18.34
N SER B 133 50.11 45.46 17.13
CA SER B 133 50.75 46.65 16.58
C SER B 133 49.71 47.74 16.35
N LEU B 134 48.50 47.34 15.92
CA LEU B 134 47.43 48.29 15.61
C LEU B 134 46.92 48.88 16.91
N LEU B 135 46.77 48.06 17.96
CA LEU B 135 46.30 48.54 19.24
C LEU B 135 47.36 49.42 19.89
N ASP B 136 48.64 49.16 19.60
CA ASP B 136 49.74 50.01 20.05
C ASP B 136 49.52 51.41 19.51
N ASP B 137 49.24 51.51 18.22
CA ASP B 137 48.98 52.78 17.57
C ASP B 137 47.79 53.48 18.24
N MET B 138 46.79 52.72 18.64
CA MET B 138 45.58 53.29 19.22
C MET B 138 45.92 53.87 20.58
N VAL B 139 46.74 53.12 21.33
CA VAL B 139 47.13 53.55 22.67
C VAL B 139 47.96 54.83 22.58
N ALA B 140 48.80 54.93 21.54
CA ALA B 140 49.65 56.09 21.33
C ALA B 140 48.77 57.30 21.00
N HIS B 141 47.74 57.10 20.15
CA HIS B 141 46.80 58.18 19.89
C HIS B 141 46.17 58.69 21.19
N GLY B 142 45.84 57.75 22.10
CA GLY B 142 45.20 58.05 23.37
C GLY B 142 43.68 58.00 23.28
N SER B 143 43.06 57.91 24.46
CA SER B 143 41.61 57.76 24.63
C SER B 143 40.91 59.11 24.67
N PRO B 144 39.70 59.27 24.06
CA PRO B 144 39.02 58.22 23.28
C PRO B 144 39.36 58.19 21.80
N ALA B 145 39.13 57.05 21.12
CA ALA B 145 39.43 56.96 19.71
C ALA B 145 38.43 56.08 18.98
N ASP B 146 38.47 56.18 17.63
CA ASP B 146 37.57 55.45 16.78
C ASP B 146 38.15 54.06 16.46
N LEU B 147 37.45 53.01 16.88
CA LEU B 147 37.91 51.64 16.72
C LEU B 147 37.86 51.23 15.25
N VAL B 148 37.05 51.91 14.44
CA VAL B 148 36.96 51.57 13.04
C VAL B 148 38.26 51.97 12.33
N GLU B 149 38.72 53.19 12.55
CA GLU B 149 39.94 53.69 11.95
C GLU B 149 41.17 52.92 12.43
N PHE B 150 41.23 52.55 13.72
CA PHE B 150 42.41 52.00 14.35
C PHE B 150 42.46 50.47 14.30
N LEU B 151 41.33 49.78 14.29
CA LEU B 151 41.32 48.32 14.33
C LEU B 151 40.51 47.74 13.17
N ALA B 152 39.20 48.06 13.10
CA ALA B 152 38.26 47.28 12.32
C ALA B 152 38.59 47.34 10.84
N VAL B 153 38.97 48.52 10.34
CA VAL B 153 39.35 48.62 8.95
C VAL B 153 40.78 48.10 8.73
N PRO B 154 41.83 48.63 9.40
CA PRO B 154 43.20 48.27 9.05
C PRO B 154 43.57 46.80 9.22
N PHE B 155 42.97 46.13 10.21
CA PHE B 155 43.43 44.80 10.57
C PHE B 155 43.05 43.81 9.48
N PRO B 156 41.76 43.71 9.11
CA PRO B 156 41.34 42.81 8.04
C PRO B 156 41.89 43.12 6.66
N VAL B 157 42.06 44.41 6.34
N VAL B 157 42.08 44.41 6.31
CA VAL B 157 42.60 44.84 5.06
CA VAL B 157 42.59 44.72 4.98
C VAL B 157 44.05 44.35 4.95
C VAL B 157 44.07 44.34 4.92
N ALA B 158 44.81 44.57 6.02
CA ALA B 158 46.19 44.11 6.08
C ALA B 158 46.27 42.58 5.99
N VAL B 159 45.36 41.85 6.66
CA VAL B 159 45.45 40.40 6.58
C VAL B 159 45.21 39.96 5.13
N ILE B 160 44.13 40.42 4.50
CA ILE B 160 43.75 39.85 3.22
C ILE B 160 44.74 40.29 2.14
N CYS B 161 45.35 41.48 2.31
CA CYS B 161 46.35 41.94 1.35
C CYS B 161 47.65 41.15 1.44
N GLU B 162 48.10 40.81 2.65
CA GLU B 162 49.21 39.89 2.82
C GLU B 162 48.86 38.54 2.18
N LEU B 163 47.66 38.01 2.48
CA LEU B 163 47.32 36.67 1.99
C LEU B 163 47.31 36.65 0.45
N LEU B 164 46.68 37.65 -0.18
CA LEU B 164 46.47 37.60 -1.63
C LEU B 164 47.71 38.10 -2.35
N GLY B 165 48.36 39.14 -1.83
CA GLY B 165 49.51 39.76 -2.47
C GLY B 165 49.11 41.07 -3.12
N VAL B 166 48.07 41.71 -2.60
CA VAL B 166 47.56 42.95 -3.14
C VAL B 166 48.34 44.09 -2.50
N PRO B 167 48.91 45.04 -3.25
CA PRO B 167 49.60 46.19 -2.66
C PRO B 167 48.69 47.02 -1.75
N LEU B 168 49.13 47.31 -0.53
CA LEU B 168 48.35 48.08 0.44
C LEU B 168 48.12 49.52 -0.03
N GLU B 169 49.01 50.07 -0.86
CA GLU B 169 48.87 51.42 -1.36
C GLU B 169 47.66 51.52 -2.32
N ASP B 170 47.08 50.39 -2.72
CA ASP B 170 45.95 50.38 -3.63
C ASP B 170 44.63 50.31 -2.87
N ARG B 171 44.65 50.51 -1.54
CA ARG B 171 43.44 50.48 -0.74
C ARG B 171 42.48 51.58 -1.20
N ASP B 172 42.98 52.76 -1.60
CA ASP B 172 42.11 53.81 -2.09
C ASP B 172 41.12 53.16 -3.04
N LEU B 173 41.69 52.49 -4.05
CA LEU B 173 40.95 51.99 -5.18
C LEU B 173 40.12 50.78 -4.77
N PHE B 174 40.71 49.80 -4.08
CA PHE B 174 39.95 48.57 -3.95
C PHE B 174 38.92 48.65 -2.81
N ARG B 175 39.06 49.57 -1.84
CA ARG B 175 38.02 49.77 -0.84
C ARG B 175 36.81 50.46 -1.45
N THR B 176 37.04 51.49 -2.28
CA THR B 176 35.99 52.15 -3.04
C THR B 176 35.23 51.12 -3.88
N PHE B 177 35.94 50.29 -4.64
CA PHE B 177 35.30 49.26 -5.47
C PHE B 177 34.50 48.28 -4.62
N SER B 178 35.08 47.87 -3.49
CA SER B 178 34.47 46.86 -2.66
C SER B 178 33.14 47.38 -2.10
N ASP B 179 33.13 48.62 -1.61
CA ASP B 179 31.93 49.20 -1.02
C ASP B 179 30.84 49.30 -2.07
N ALA B 180 31.21 49.70 -3.29
CA ALA B 180 30.26 49.85 -4.39
C ALA B 180 29.61 48.51 -4.79
N MET B 181 30.39 47.43 -4.82
N MET B 181 30.41 47.44 -4.81
CA MET B 181 29.87 46.13 -5.22
CA MET B 181 29.93 46.11 -5.18
C MET B 181 29.02 45.53 -4.11
C MET B 181 28.98 45.57 -4.12
N LEU B 182 29.08 46.09 -2.89
CA LEU B 182 28.21 45.61 -1.81
C LEU B 182 26.97 46.49 -1.66
N SER B 183 26.72 47.39 -2.62
CA SER B 183 25.57 48.26 -2.61
CA SER B 183 25.56 48.25 -2.55
C SER B 183 24.30 47.44 -2.83
N SER B 184 23.23 47.76 -2.08
CA SER B 184 21.91 47.19 -2.29
C SER B 184 21.00 48.21 -2.98
N THR B 185 20.95 49.45 -2.43
CA THR B 185 20.16 50.53 -3.00
C THR B 185 20.99 51.79 -3.30
N ARG B 186 22.21 51.90 -2.79
CA ARG B 186 22.97 53.16 -2.91
C ARG B 186 23.36 53.55 -4.34
N LEU B 187 23.58 52.59 -5.21
CA LEU B 187 24.10 52.89 -6.54
C LEU B 187 23.21 52.21 -7.59
N THR B 188 23.28 52.76 -8.80
CA THR B 188 22.57 52.20 -9.95
C THR B 188 23.30 50.98 -10.49
N ALA B 189 22.57 50.16 -11.23
CA ALA B 189 23.15 49.04 -11.93
C ALA B 189 24.30 49.53 -12.81
N ALA B 190 24.10 50.65 -13.49
CA ALA B 190 25.10 51.20 -14.39
C ALA B 190 26.41 51.58 -13.66
N GLU B 191 26.32 52.12 -12.44
CA GLU B 191 27.55 52.46 -11.68
C GLU B 191 28.31 51.20 -11.22
N ILE B 192 27.57 50.24 -10.66
CA ILE B 192 28.18 49.00 -10.14
C ILE B 192 28.82 48.20 -11.28
N GLN B 193 28.25 48.31 -12.49
N GLN B 193 28.24 48.30 -12.48
CA GLN B 193 28.77 47.54 -13.64
CA GLN B 193 28.78 47.54 -13.65
C GLN B 193 30.13 48.12 -14.09
C GLN B 193 30.13 48.12 -14.08
N ARG B 194 30.29 49.45 -13.99
CA ARG B 194 31.58 50.09 -14.35
C ARG B 194 32.61 49.76 -13.26
N VAL B 195 32.18 49.86 -11.99
CA VAL B 195 33.10 49.45 -10.89
C VAL B 195 33.55 48.00 -11.08
N GLN B 196 32.66 47.14 -11.57
N GLN B 196 32.67 47.14 -11.58
CA GLN B 196 33.01 45.71 -11.77
CA GLN B 196 33.00 45.70 -11.77
C GLN B 196 34.09 45.59 -12.85
C GLN B 196 34.06 45.56 -12.87
N GLN B 197 33.85 46.22 -14.01
CA GLN B 197 34.83 46.15 -15.13
C GLN B 197 36.20 46.64 -14.63
N ASP B 198 36.20 47.75 -13.90
CA ASP B 198 37.49 48.30 -13.38
C ASP B 198 38.17 47.29 -12.45
N PHE B 199 37.41 46.68 -11.54
CA PHE B 199 37.99 45.72 -10.56
C PHE B 199 38.58 44.57 -11.34
N MET B 200 37.85 44.11 -12.35
CA MET B 200 38.33 42.95 -13.15
C MET B 200 39.65 43.32 -13.82
N VAL B 201 39.73 44.50 -14.44
CA VAL B 201 41.00 44.95 -15.08
C VAL B 201 42.13 44.96 -14.04
N TYR B 202 41.88 45.56 -12.87
CA TYR B 202 42.91 45.65 -11.81
C TYR B 202 43.40 44.28 -11.38
N MET B 203 42.48 43.32 -11.20
CA MET B 203 42.88 42.00 -10.67
C MET B 203 43.60 41.21 -11.77
N ASP B 204 43.19 41.38 -13.02
CA ASP B 204 43.89 40.70 -14.14
C ASP B 204 45.31 41.25 -14.13
N GLY B 205 45.45 42.55 -13.89
CA GLY B 205 46.80 43.12 -13.75
C GLY B 205 47.60 42.34 -12.74
N LEU B 206 47.07 42.20 -11.53
CA LEU B 206 47.85 41.53 -10.49
C LEU B 206 48.13 40.09 -10.89
N VAL B 207 47.11 39.37 -11.31
CA VAL B 207 47.33 37.98 -11.67
C VAL B 207 48.37 37.88 -12.78
N ALA B 208 48.30 38.76 -13.80
CA ALA B 208 49.13 38.63 -14.99
C ALA B 208 50.61 38.77 -14.64
N GLN B 209 50.91 39.58 -13.62
CA GLN B 209 52.28 39.88 -13.21
C GLN B 209 53.06 38.66 -12.72
N ARG B 210 52.38 37.57 -12.35
CA ARG B 210 53.03 36.49 -11.62
C ARG B 210 53.21 35.24 -12.48
N ARG B 211 52.71 35.27 -13.73
CA ARG B 211 52.66 34.08 -14.57
C ARG B 211 54.06 33.65 -15.01
N ASP B 212 55.00 34.61 -15.03
CA ASP B 212 56.41 34.33 -15.30
C ASP B 212 57.25 35.15 -14.32
N ALA B 213 56.75 35.28 -13.08
CA ALA B 213 57.47 35.89 -11.96
C ALA B 213 56.86 35.38 -10.65
N PRO B 214 56.76 34.03 -10.45
CA PRO B 214 55.84 33.45 -9.47
C PRO B 214 56.18 33.80 -8.01
N THR B 215 55.14 33.89 -7.19
CA THR B 215 55.23 34.46 -5.86
C THR B 215 54.58 33.49 -4.86
N GLU B 216 54.86 33.74 -3.57
CA GLU B 216 54.44 32.86 -2.50
C GLU B 216 53.16 33.42 -1.87
N ASP B 217 52.11 33.57 -2.68
CA ASP B 217 50.87 34.18 -2.23
C ASP B 217 49.72 33.71 -3.14
N LEU B 218 48.48 34.05 -2.76
CA LEU B 218 47.33 33.42 -3.37
C LEU B 218 47.19 33.82 -4.83
N LEU B 219 47.54 35.06 -5.16
CA LEU B 219 47.49 35.50 -6.56
C LEU B 219 48.51 34.72 -7.37
N GLY B 220 49.58 34.24 -6.73
CA GLY B 220 50.54 33.36 -7.39
C GLY B 220 49.90 32.03 -7.79
N ALA B 221 49.08 31.47 -6.92
CA ALA B 221 48.37 30.25 -7.26
C ALA B 221 47.41 30.48 -8.42
N LEU B 222 46.75 31.65 -8.45
CA LEU B 222 45.79 31.95 -9.48
C LEU B 222 46.51 32.07 -10.82
N ALA B 223 47.66 32.76 -10.79
CA ALA B 223 48.48 32.94 -11.98
C ALA B 223 48.93 31.60 -12.54
N LEU B 224 49.26 30.64 -11.66
CA LEU B 224 49.66 29.30 -12.10
C LEU B 224 48.51 28.61 -12.83
N ALA B 225 47.27 28.92 -12.48
CA ALA B 225 46.13 28.25 -13.08
C ALA B 225 45.74 28.86 -14.44
N THR B 226 46.07 30.15 -14.65
CA THR B 226 45.77 30.77 -15.93
C THR B 226 46.61 30.08 -17.01
N ASP B 227 47.83 29.67 -16.64
CA ASP B 227 48.77 29.02 -17.55
C ASP B 227 48.51 27.51 -17.64
N ASN B 228 48.28 26.83 -16.52
CA ASN B 228 48.25 25.37 -16.49
C ASN B 228 46.84 24.83 -16.69
N ASP B 229 46.00 24.97 -15.67
CA ASP B 229 44.67 24.38 -15.63
C ASP B 229 43.90 24.80 -16.88
N ASP B 230 43.27 23.82 -17.57
CA ASP B 230 42.58 24.07 -18.84
C ASP B 230 41.07 23.94 -18.68
N HIS B 231 40.60 23.46 -17.52
CA HIS B 231 39.17 23.40 -17.26
C HIS B 231 38.64 24.77 -16.79
N LEU B 232 39.54 25.69 -16.40
CA LEU B 232 39.14 26.94 -15.80
C LEU B 232 39.46 28.10 -16.74
N THR B 233 38.50 29.01 -16.93
CA THR B 233 38.71 30.20 -17.75
C THR B 233 39.38 31.28 -16.92
N LYS B 234 39.96 32.26 -17.62
CA LYS B 234 40.64 33.41 -17.04
C LYS B 234 39.65 34.26 -16.26
N GLY B 235 38.46 34.48 -16.82
CA GLY B 235 37.37 35.17 -16.15
C GLY B 235 36.96 34.49 -14.84
N GLU B 236 36.97 33.15 -14.79
CA GLU B 236 36.63 32.42 -13.56
C GLU B 236 37.73 32.69 -12.54
N ILE B 237 38.98 32.55 -12.99
CA ILE B 237 40.12 32.67 -12.10
C ILE B 237 40.17 34.07 -11.51
N VAL B 238 40.09 35.12 -12.34
CA VAL B 238 40.25 36.49 -11.89
C VAL B 238 39.10 36.93 -10.99
N ASN B 239 37.88 36.50 -11.34
CA ASN B 239 36.74 36.78 -10.51
C ASN B 239 36.91 36.22 -9.09
N MET B 240 37.63 35.10 -8.95
CA MET B 240 37.83 34.52 -7.62
CA MET B 240 37.85 34.52 -7.63
C MET B 240 38.72 35.48 -6.83
N GLY B 241 39.66 36.11 -7.52
CA GLY B 241 40.53 37.11 -6.92
C GLY B 241 39.74 38.30 -6.39
N VAL B 242 38.85 38.83 -7.26
CA VAL B 242 37.97 39.93 -6.89
C VAL B 242 37.14 39.58 -5.64
N SER B 243 36.45 38.44 -5.69
CA SER B 243 35.58 37.99 -4.62
C SER B 243 36.29 37.87 -3.27
N LEU B 244 37.47 37.25 -3.28
CA LEU B 244 38.25 37.03 -2.06
C LEU B 244 38.63 38.38 -1.47
N LEU B 245 39.08 39.33 -2.31
CA LEU B 245 39.44 40.65 -1.82
C LEU B 245 38.24 41.39 -1.22
N ILE B 246 37.06 41.30 -1.84
CA ILE B 246 35.87 41.99 -1.36
C ILE B 246 35.40 41.35 -0.06
N ALA B 247 35.05 40.06 -0.10
CA ALA B 247 34.56 39.38 1.10
C ALA B 247 35.61 39.37 2.21
N GLY B 248 36.85 39.18 1.79
CA GLY B 248 37.96 39.01 2.72
C GLY B 248 38.12 40.17 3.69
N HIS B 249 37.70 41.38 3.30
CA HIS B 249 37.76 42.47 4.24
C HIS B 249 36.39 42.97 4.64
N GLU B 250 35.44 43.10 3.70
CA GLU B 250 34.17 43.72 4.02
C GLU B 250 33.44 43.04 5.17
N THR B 251 33.44 41.70 5.22
CA THR B 251 32.72 41.00 6.27
C THR B 251 33.34 41.27 7.63
N SER B 252 34.66 41.07 7.71
CA SER B 252 35.38 41.10 8.96
C SER B 252 35.40 42.52 9.54
N VAL B 253 35.57 43.52 8.67
CA VAL B 253 35.57 44.90 9.09
C VAL B 253 34.28 45.17 9.85
N ASN B 254 33.13 44.87 9.23
CA ASN B 254 31.86 45.18 9.85
C ASN B 254 31.62 44.31 11.08
N GLN B 255 32.06 43.06 11.04
CA GLN B 255 31.77 42.12 12.11
C GLN B 255 32.60 42.45 13.34
N ILE B 256 33.80 43.04 13.16
CA ILE B 256 34.50 43.49 14.34
C ILE B 256 33.63 44.52 15.04
N THR B 257 33.04 45.47 14.28
CA THR B 257 32.30 46.57 14.85
C THR B 257 31.00 46.02 15.45
N ASN B 258 30.40 45.02 14.82
CA ASN B 258 29.13 44.47 15.31
C ASN B 258 29.30 43.75 16.65
N LEU B 259 30.38 42.97 16.79
CA LEU B 259 30.66 42.22 18.00
C LEU B 259 30.99 43.18 19.13
N VAL B 260 31.81 44.19 18.89
CA VAL B 260 32.08 45.15 19.95
C VAL B 260 30.79 45.87 20.36
N HIS B 261 29.93 46.21 19.38
CA HIS B 261 28.65 46.83 19.70
C HIS B 261 27.84 45.98 20.68
N LEU B 262 27.69 44.68 20.37
CA LEU B 262 26.95 43.76 21.23
C LEU B 262 27.60 43.67 22.61
N LEU B 263 28.94 43.61 22.67
CA LEU B 263 29.64 43.44 23.94
C LEU B 263 29.53 44.67 24.82
N LEU B 264 29.54 45.88 24.23
CA LEU B 264 29.60 47.10 25.01
C LEU B 264 28.23 47.71 25.29
N THR B 265 27.18 47.40 24.53
CA THR B 265 25.87 47.95 24.85
C THR B 265 25.20 47.16 25.98
N GLU B 266 25.65 45.92 26.25
CA GLU B 266 25.26 45.23 27.47
C GLU B 266 26.53 44.75 28.17
N ARG B 267 27.18 45.65 28.92
CA ARG B 267 28.60 45.54 29.19
C ARG B 267 28.93 44.31 30.05
N LYS B 268 27.93 43.66 30.66
CA LYS B 268 28.10 42.41 31.38
C LYS B 268 28.78 41.36 30.50
N ARG B 269 28.40 41.39 29.22
CA ARG B 269 28.97 40.53 28.21
C ARG B 269 30.47 40.77 28.07
N TYR B 270 30.86 42.04 27.90
CA TYR B 270 32.27 42.38 27.83
C TYR B 270 32.95 41.88 29.11
N GLU B 271 32.41 42.27 30.25
CA GLU B 271 33.00 41.91 31.53
C GLU B 271 33.26 40.39 31.63
N SER B 272 32.35 39.56 31.13
CA SER B 272 32.51 38.12 31.28
C SER B 272 33.69 37.63 30.44
N LEU B 273 34.01 38.30 29.34
CA LEU B 273 35.18 37.94 28.57
C LEU B 273 36.45 38.44 29.28
N VAL B 274 36.38 39.61 29.92
CA VAL B 274 37.51 40.14 30.65
C VAL B 274 37.89 39.21 31.81
N ALA B 275 36.88 38.71 32.55
CA ALA B 275 37.08 37.72 33.59
C ALA B 275 37.67 36.41 33.06
N ASP B 276 37.39 36.05 31.79
CA ASP B 276 37.76 34.75 31.25
C ASP B 276 38.02 34.84 29.74
N PRO B 277 39.22 35.28 29.32
CA PRO B 277 39.56 35.34 27.90
C PRO B 277 39.48 34.05 27.09
N ALA B 278 39.50 32.90 27.77
CA ALA B 278 39.36 31.59 27.15
C ALA B 278 37.96 31.36 26.60
N LEU B 279 36.98 32.18 27.03
CA LEU B 279 35.60 32.14 26.57
C LEU B 279 35.40 32.79 25.21
N VAL B 280 36.43 33.49 24.68
CA VAL B 280 36.26 34.28 23.48
C VAL B 280 35.83 33.41 22.29
N PRO B 281 36.49 32.28 21.93
CA PRO B 281 36.04 31.48 20.77
C PRO B 281 34.55 31.12 20.81
N ALA B 282 34.05 30.75 21.99
CA ALA B 282 32.65 30.38 22.12
C ALA B 282 31.77 31.62 21.97
N ALA B 283 32.23 32.75 22.48
CA ALA B 283 31.47 33.99 22.39
C ALA B 283 31.47 34.53 20.96
N VAL B 284 32.56 34.30 20.22
CA VAL B 284 32.57 34.66 18.81
C VAL B 284 31.53 33.84 18.05
N GLU B 285 31.38 32.54 18.35
CA GLU B 285 30.44 31.69 17.67
C GLU B 285 29.03 32.19 17.95
N GLU B 286 28.78 32.59 19.20
CA GLU B 286 27.45 32.98 19.61
C GLU B 286 27.06 34.32 19.01
N MET B 287 28.02 35.23 18.90
CA MET B 287 27.72 36.54 18.22
CA MET B 287 27.73 36.53 18.22
C MET B 287 27.59 36.44 16.66
N LEU B 288 28.26 35.41 16.12
CA LEU B 288 28.10 35.15 14.71
C LEU B 288 26.66 34.71 14.43
N ARG B 289 26.10 33.85 15.29
CA ARG B 289 24.70 33.45 15.16
C ARG B 289 23.78 34.65 15.28
N TYR B 290 24.07 35.54 16.24
CA TYR B 290 23.11 36.53 16.69
C TYR B 290 23.10 37.78 15.82
N THR B 291 24.20 38.03 15.10
CA THR B 291 24.38 39.27 14.33
C THR B 291 23.80 39.11 12.92
N PRO B 292 22.86 40.00 12.52
CA PRO B 292 22.42 40.06 11.13
C PRO B 292 23.39 40.79 10.23
N LEU B 293 24.51 40.13 9.97
CA LEU B 293 25.56 40.73 9.18
C LEU B 293 25.03 40.94 7.77
N VAL B 294 24.43 39.89 7.21
CA VAL B 294 23.80 40.00 5.92
C VAL B 294 22.47 40.71 6.14
N SER B 295 22.30 41.89 5.53
CA SER B 295 21.17 42.74 5.88
CA SER B 295 21.17 42.73 5.88
C SER B 295 19.87 42.05 5.47
N ALA B 296 19.80 41.44 4.29
CA ALA B 296 18.57 40.77 3.91
C ALA B 296 18.79 39.71 2.85
N GLY B 297 18.13 38.55 3.01
CA GLY B 297 18.14 37.51 1.99
C GLY B 297 19.54 36.98 1.69
N SER B 298 19.71 36.51 0.44
N SER B 298 19.71 36.50 0.46
CA SER B 298 20.82 35.69 0.02
CA SER B 298 20.88 35.75 0.03
C SER B 298 20.90 35.72 -1.49
C SER B 298 20.91 35.73 -1.49
N PHE B 299 22.01 35.20 -2.04
CA PHE B 299 22.03 34.81 -3.42
C PHE B 299 20.91 33.80 -3.62
N VAL B 300 20.25 33.86 -4.78
CA VAL B 300 19.05 33.10 -5.04
C VAL B 300 19.40 31.71 -5.52
N ARG B 301 18.69 30.71 -4.98
CA ARG B 301 18.72 29.35 -5.47
C ARG B 301 17.43 29.04 -6.25
N VAL B 302 17.58 28.52 -7.47
CA VAL B 302 16.46 28.12 -8.31
C VAL B 302 16.34 26.61 -8.27
N ALA B 303 15.14 26.07 -7.99
CA ALA B 303 14.95 24.64 -7.98
C ALA B 303 15.09 24.07 -9.39
N THR B 304 15.80 22.95 -9.51
CA THR B 304 15.99 22.29 -10.79
C THR B 304 14.98 21.16 -10.89
N GLU B 305 14.47 20.72 -9.73
CA GLU B 305 13.27 19.91 -9.67
C GLU B 305 12.50 20.17 -8.36
N ASP B 306 11.38 19.46 -8.16
CA ASP B 306 10.49 19.73 -7.04
C ASP B 306 11.24 19.38 -5.76
N VAL B 307 11.21 20.27 -4.76
CA VAL B 307 11.77 19.99 -3.46
C VAL B 307 10.77 20.29 -2.35
N GLU B 308 10.59 19.33 -1.42
CA GLU B 308 9.70 19.50 -0.29
CA GLU B 308 9.71 19.48 -0.27
C GLU B 308 10.40 20.29 0.82
N LEU B 309 9.87 21.47 1.13
CA LEU B 309 10.25 22.19 2.34
C LEU B 309 9.18 21.91 3.38
N SER B 310 9.35 22.40 4.61
CA SER B 310 8.43 22.14 5.71
C SER B 310 6.95 22.30 5.31
N THR B 311 6.56 23.44 4.69
CA THR B 311 5.14 23.73 4.44
C THR B 311 4.77 23.73 2.97
N VAL B 312 5.74 23.67 2.06
CA VAL B 312 5.45 23.79 0.65
C VAL B 312 6.45 23.00 -0.18
N THR B 313 5.99 22.55 -1.35
CA THR B 313 6.85 21.94 -2.33
C THR B 313 7.19 22.99 -3.36
N VAL B 314 8.47 23.42 -3.39
CA VAL B 314 8.99 24.32 -4.39
C VAL B 314 9.06 23.58 -5.72
N ARG B 315 8.60 24.26 -6.77
CA ARG B 315 8.57 23.63 -8.10
C ARG B 315 9.83 23.96 -8.88
N ALA B 316 10.22 23.07 -9.79
CA ALA B 316 11.34 23.31 -10.68
C ALA B 316 11.12 24.67 -11.33
N GLY B 317 12.12 25.55 -11.26
CA GLY B 317 11.98 26.83 -11.91
C GLY B 317 11.69 27.95 -10.93
N GLU B 318 11.27 27.61 -9.72
CA GLU B 318 10.93 28.63 -8.75
C GLU B 318 12.17 29.03 -7.95
N PRO B 319 12.43 30.35 -7.83
CA PRO B 319 13.53 30.88 -7.03
C PRO B 319 13.25 30.94 -5.54
N CYS B 320 14.31 30.81 -4.73
CA CYS B 320 14.24 30.84 -3.28
CA CYS B 320 14.24 30.84 -3.28
C CYS B 320 15.38 31.68 -2.74
N VAL B 321 15.11 32.32 -1.59
CA VAL B 321 16.11 33.12 -0.92
C VAL B 321 16.02 32.82 0.57
N VAL B 322 17.17 32.89 1.24
CA VAL B 322 17.29 32.54 2.63
C VAL B 322 17.66 33.78 3.43
N HIS B 323 17.12 33.89 4.65
CA HIS B 323 17.59 34.90 5.58
C HIS B 323 18.37 34.20 6.67
N PHE B 324 19.70 34.31 6.61
CA PHE B 324 20.58 33.55 7.47
C PHE B 324 20.27 33.86 8.93
N ALA B 325 20.13 35.16 9.20
CA ALA B 325 19.91 35.65 10.56
C ALA B 325 18.65 35.06 11.16
N SER B 326 17.61 34.83 10.34
CA SER B 326 16.35 34.28 10.84
C SER B 326 16.51 32.81 11.20
N ALA B 327 17.13 32.03 10.32
CA ALA B 327 17.48 30.64 10.62
C ALA B 327 18.25 30.56 11.92
N ASN B 328 19.14 31.53 12.13
CA ASN B 328 19.95 31.54 13.33
C ASN B 328 19.17 31.93 14.59
N ARG B 329 17.90 32.34 14.43
CA ARG B 329 17.06 32.60 15.58
C ARG B 329 15.98 31.54 15.76
N ASP B 330 16.10 30.42 15.06
CA ASP B 330 15.07 29.39 15.03
C ASP B 330 14.94 28.72 16.39
N GLU B 331 13.76 28.84 17.00
CA GLU B 331 13.55 28.41 18.38
C GLU B 331 13.44 26.89 18.44
N GLU B 332 13.19 26.26 17.29
CA GLU B 332 13.20 24.81 17.20
C GLU B 332 14.61 24.29 17.39
N VAL B 333 15.63 25.11 17.09
CA VAL B 333 17.02 24.67 17.08
C VAL B 333 17.75 25.23 18.28
N PHE B 334 17.53 26.49 18.63
CA PHE B 334 18.26 27.08 19.75
C PHE B 334 17.30 27.37 20.90
N ASP B 335 17.69 26.97 22.12
CA ASP B 335 17.00 27.40 23.33
C ASP B 335 17.19 28.91 23.52
N HIS B 336 16.20 29.59 24.09
CA HIS B 336 16.27 31.03 24.32
C HIS B 336 17.05 31.70 23.18
N ALA B 337 16.57 31.47 21.96
CA ALA B 337 17.24 31.84 20.72
C ALA B 337 17.41 33.34 20.55
N ASP B 338 16.46 34.09 21.14
N ASP B 338 16.48 34.14 21.07
CA ASP B 338 16.44 35.55 21.13
CA ASP B 338 16.62 35.58 20.92
C ASP B 338 17.48 36.16 22.06
C ASP B 338 17.35 36.14 22.16
N GLU B 339 18.14 35.31 22.85
CA GLU B 339 19.09 35.79 23.86
C GLU B 339 20.51 35.34 23.53
N LEU B 340 21.48 36.20 23.87
CA LEU B 340 22.90 35.95 23.66
C LEU B 340 23.50 35.25 24.88
N ASP B 341 23.95 34.00 24.71
CA ASP B 341 24.44 33.16 25.77
C ASP B 341 25.76 32.52 25.33
N PHE B 342 26.84 32.85 26.03
CA PHE B 342 28.18 32.43 25.63
C PHE B 342 28.49 31.01 26.12
N HIS B 343 27.56 30.37 26.85
CA HIS B 343 27.79 29.07 27.43
C HIS B 343 26.84 28.02 26.88
N ARG B 344 26.24 28.25 25.70
CA ARG B 344 25.41 27.27 25.02
C ARG B 344 26.21 26.02 24.70
N GLU B 345 25.60 24.83 24.87
CA GLU B 345 26.33 23.59 24.68
C GLU B 345 26.50 23.33 23.18
N ARG B 346 25.51 23.72 22.38
CA ARG B 346 25.54 23.50 20.94
C ARG B 346 25.14 24.78 20.23
N ASN B 347 25.71 24.97 19.04
CA ASN B 347 25.53 26.19 18.30
C ASN B 347 25.69 25.93 16.82
N PRO B 348 24.75 25.18 16.20
CA PRO B 348 24.85 24.90 14.77
C PRO B 348 24.34 26.03 13.88
N HIS B 349 24.94 27.21 13.99
CA HIS B 349 24.51 28.37 13.25
C HIS B 349 24.92 28.25 11.79
N ILE B 350 24.33 29.09 10.92
CA ILE B 350 24.71 29.15 9.52
C ILE B 350 25.10 30.58 9.17
N ALA B 351 25.83 31.26 10.06
CA ALA B 351 26.29 32.62 9.78
C ALA B 351 27.25 32.62 8.60
N PHE B 352 27.87 31.47 8.35
CA PHE B 352 28.73 31.27 7.21
C PHE B 352 28.06 30.46 6.10
N GLY B 353 26.71 30.34 6.11
CA GLY B 353 26.04 29.60 5.07
C GLY B 353 26.19 28.10 5.30
N HIS B 354 26.01 27.30 4.24
CA HIS B 354 25.82 25.87 4.38
C HIS B 354 25.89 25.25 2.99
N GLY B 355 26.34 23.98 2.91
CA GLY B 355 26.34 23.27 1.65
C GLY B 355 27.48 23.77 0.76
N ALA B 356 27.29 23.69 -0.55
CA ALA B 356 28.39 23.90 -1.47
C ALA B 356 29.06 25.25 -1.25
N HIS B 357 28.27 26.31 -1.02
CA HIS B 357 28.81 27.66 -1.01
C HIS B 357 29.13 28.11 0.40
N HIS B 358 29.15 27.20 1.38
CA HIS B 358 29.69 27.45 2.71
C HIS B 358 30.93 28.34 2.59
N CYS B 359 30.97 29.39 3.40
CA CYS B 359 31.99 30.42 3.31
C CYS B 359 33.38 29.83 3.28
N ILE B 360 34.16 30.18 2.24
CA ILE B 360 35.50 29.65 2.07
C ILE B 360 36.43 30.31 3.11
N GLY B 361 36.10 31.52 3.56
CA GLY B 361 36.94 32.22 4.50
C GLY B 361 36.52 32.05 5.95
N ALA B 362 35.66 31.05 6.25
CA ALA B 362 35.07 30.94 7.57
C ALA B 362 36.13 30.83 8.69
N GLN B 363 37.19 30.04 8.47
CA GLN B 363 38.18 29.85 9.51
CA GLN B 363 38.20 29.83 9.49
C GLN B 363 38.99 31.13 9.67
N LEU B 364 39.27 31.83 8.56
CA LEU B 364 39.99 33.08 8.63
C LEU B 364 39.18 34.12 9.39
N GLY B 365 37.89 34.25 9.06
CA GLY B 365 37.00 35.13 9.80
C GLY B 365 37.02 34.87 11.30
N ARG B 366 36.87 33.62 11.70
CA ARG B 366 36.89 33.27 13.11
C ARG B 366 38.22 33.65 13.76
N LEU B 367 39.36 33.35 13.11
CA LEU B 367 40.67 33.76 13.60
C LEU B 367 40.72 35.28 13.84
N GLU B 368 40.33 36.08 12.82
CA GLU B 368 40.39 37.52 12.93
C GLU B 368 39.55 38.00 14.13
N LEU B 369 38.32 37.52 14.24
CA LEU B 369 37.42 37.97 15.29
C LEU B 369 37.94 37.52 16.66
N GLN B 370 38.46 36.29 16.70
CA GLN B 370 39.05 35.76 17.93
C GLN B 370 40.24 36.58 18.43
N GLU B 371 41.22 36.81 17.57
CA GLU B 371 42.43 37.52 17.95
C GLU B 371 42.12 38.99 18.23
N ALA B 372 41.14 39.58 17.52
CA ALA B 372 40.73 40.96 17.81
C ALA B 372 40.08 41.03 19.18
N LEU B 373 39.08 40.20 19.44
CA LEU B 373 38.33 40.35 20.69
CA LEU B 373 38.33 40.31 20.69
C LEU B 373 39.24 39.98 21.87
N SER B 374 40.05 38.93 21.70
CA SER B 374 40.89 38.42 22.76
C SER B 374 41.93 39.47 23.17
N ALA B 375 42.52 40.15 22.20
CA ALA B 375 43.46 41.23 22.48
C ALA B 375 42.81 42.37 23.26
N LEU B 376 41.56 42.74 22.90
CA LEU B 376 40.85 43.85 23.53
C LEU B 376 40.56 43.54 25.00
N VAL B 377 40.02 42.35 25.26
CA VAL B 377 39.55 42.05 26.60
C VAL B 377 40.73 41.83 27.55
N ARG B 378 41.90 41.48 27.01
CA ARG B 378 43.09 41.29 27.82
C ARG B 378 43.71 42.65 28.14
N ARG B 379 43.73 43.55 27.16
CA ARG B 379 44.48 44.78 27.27
C ARG B 379 43.63 45.99 27.66
N PHE B 380 42.32 45.96 27.39
CA PHE B 380 41.45 47.09 27.71
C PHE B 380 40.27 46.60 28.53
N PRO B 381 40.51 46.12 29.76
CA PRO B 381 39.41 45.71 30.61
C PRO B 381 38.44 46.86 30.89
N THR B 382 38.86 48.13 30.66
CA THR B 382 38.01 49.29 30.91
C THR B 382 37.29 49.81 29.66
N LEU B 383 37.33 49.07 28.54
CA LEU B 383 36.77 49.54 27.28
C LEU B 383 35.29 49.86 27.44
N ASP B 384 34.90 50.99 26.85
CA ASP B 384 33.51 51.39 26.85
C ASP B 384 33.22 52.25 25.62
N LEU B 385 31.95 52.23 25.18
CA LEU B 385 31.48 53.11 24.13
C LEU B 385 31.50 54.55 24.62
N ALA B 386 32.07 55.45 23.81
CA ALA B 386 32.26 56.85 24.18
C ALA B 386 31.61 57.79 23.16
N GLU B 387 30.52 57.33 22.55
CA GLU B 387 29.57 58.15 21.79
C GLU B 387 28.18 57.57 22.06
N PRO B 388 27.10 58.37 22.04
CA PRO B 388 25.78 57.85 22.40
C PRO B 388 25.26 56.82 21.37
N VAL B 389 24.62 55.78 21.88
CA VAL B 389 24.02 54.75 21.06
C VAL B 389 23.14 55.38 19.97
N ALA B 390 22.34 56.36 20.37
CA ALA B 390 21.32 56.97 19.52
C ALA B 390 21.91 57.56 18.22
N GLY B 391 23.18 57.99 18.26
CA GLY B 391 23.78 58.70 17.15
C GLY B 391 24.79 57.84 16.39
N LEU B 392 24.77 56.53 16.64
CA LEU B 392 25.69 55.62 15.96
C LEU B 392 25.38 55.61 14.47
N LYS B 393 26.45 55.63 13.67
CA LYS B 393 26.36 55.72 12.23
C LYS B 393 26.38 54.33 11.58
N TRP B 394 25.21 53.70 11.51
CA TRP B 394 25.08 52.45 10.80
C TRP B 394 25.12 52.66 9.30
N LYS B 395 25.87 51.80 8.61
CA LYS B 395 25.92 51.83 7.16
C LYS B 395 24.53 51.56 6.59
N GLN B 396 24.16 52.29 5.54
CA GLN B 396 22.83 52.15 4.94
C GLN B 396 22.99 51.88 3.44
N GLY B 397 22.08 51.05 2.91
CA GLY B 397 22.06 50.79 1.49
C GLY B 397 23.14 49.81 1.06
N MET B 398 23.58 48.94 1.98
CA MET B 398 24.58 47.93 1.67
CA MET B 398 24.55 47.93 1.63
C MET B 398 24.00 46.55 1.99
N LEU B 399 24.54 45.53 1.31
CA LEU B 399 24.12 44.16 1.50
C LEU B 399 24.50 43.62 2.87
N ILE B 400 25.32 44.37 3.63
CA ILE B 400 25.73 44.01 4.96
C ILE B 400 25.54 45.19 5.90
N ARG B 401 25.50 44.87 7.19
CA ARG B 401 25.31 45.88 8.24
C ARG B 401 26.60 46.06 9.04
N GLY B 402 26.81 47.26 9.58
CA GLY B 402 28.01 47.56 10.35
C GLY B 402 28.16 49.05 10.59
N LEU B 403 29.09 49.43 11.46
CA LEU B 403 29.22 50.83 11.87
C LEU B 403 30.26 51.55 11.01
N GLU B 404 29.98 52.80 10.64
CA GLU B 404 30.96 53.63 9.93
C GLU B 404 31.98 54.16 10.91
N ARG B 405 31.61 54.26 12.19
CA ARG B 405 32.49 54.78 13.22
C ARG B 405 32.10 54.21 14.57
N GLN B 406 33.09 54.06 15.44
CA GLN B 406 32.83 53.49 16.75
C GLN B 406 33.84 54.05 17.76
N ILE B 407 33.50 55.15 18.40
CA ILE B 407 34.42 55.81 19.30
C ILE B 407 34.31 55.13 20.65
N VAL B 408 35.46 54.76 21.23
CA VAL B 408 35.52 54.03 22.48
C VAL B 408 36.51 54.75 23.40
N SER B 409 36.22 54.71 24.70
CA SER B 409 37.18 55.10 25.72
C SER B 409 37.75 53.87 26.41
N TRP B 410 38.83 54.09 27.15
CA TRP B 410 39.41 53.10 28.05
C TRP B 410 40.26 53.83 29.11
N ASP C 15 -44.77 42.72 -25.87
CA ASP C 15 -43.50 43.33 -26.34
C ASP C 15 -42.85 42.39 -27.35
N ALA C 16 -42.79 42.83 -28.61
CA ALA C 16 -42.32 42.06 -29.76
C ALA C 16 -40.79 42.04 -29.78
N VAL C 17 -40.19 41.18 -28.94
CA VAL C 17 -38.75 41.07 -28.82
C VAL C 17 -38.37 39.59 -28.88
N PRO C 18 -37.14 39.25 -29.28
CA PRO C 18 -36.71 37.84 -29.26
C PRO C 18 -36.54 37.32 -27.83
N ALA C 19 -36.73 36.00 -27.71
CA ALA C 19 -36.40 35.26 -26.51
C ALA C 19 -34.88 35.17 -26.39
N TYR C 20 -34.43 35.26 -25.15
CA TYR C 20 -33.05 35.08 -24.75
C TYR C 20 -33.06 34.15 -23.56
N PRO C 21 -32.21 33.10 -23.51
CA PRO C 21 -31.18 32.87 -24.53
C PRO C 21 -31.71 32.53 -25.91
N PHE C 22 -30.83 32.65 -26.92
CA PHE C 22 -31.22 32.55 -28.32
C PHE C 22 -31.16 31.11 -28.83
N SER C 23 -30.37 30.25 -28.16
CA SER C 23 -30.04 28.93 -28.69
C SER C 23 -29.58 28.03 -27.54
N LEU C 24 -29.64 26.72 -27.77
CA LEU C 24 -29.04 25.73 -26.87
C LEU C 24 -27.52 25.87 -26.94
N PRO C 25 -26.80 26.09 -25.84
CA PRO C 25 -25.35 26.17 -25.91
C PRO C 25 -24.72 24.85 -26.33
N HIS C 26 -23.67 24.92 -27.15
CA HIS C 26 -22.89 23.76 -27.54
C HIS C 26 -21.44 23.92 -27.05
N ALA C 27 -21.00 22.99 -26.22
CA ALA C 27 -19.62 22.93 -25.73
C ALA C 27 -19.25 24.26 -25.11
N LEU C 28 -18.13 24.88 -25.55
CA LEU C 28 -17.75 26.21 -25.09
C LEU C 28 -17.82 27.24 -26.22
N ASP C 29 -18.59 26.92 -27.27
CA ASP C 29 -18.89 27.84 -28.35
C ASP C 29 -19.79 29.00 -27.87
N LEU C 30 -19.47 30.23 -28.28
CA LEU C 30 -20.42 31.33 -28.23
C LEU C 30 -21.36 31.26 -29.43
N ASP C 31 -22.64 31.48 -29.18
CA ASP C 31 -23.60 31.75 -30.22
C ASP C 31 -23.05 32.87 -31.11
N PRO C 32 -22.96 32.70 -32.45
CA PRO C 32 -22.48 33.78 -33.32
C PRO C 32 -23.34 35.05 -33.35
N HIS C 33 -24.58 34.97 -32.84
CA HIS C 33 -25.45 36.13 -32.77
C HIS C 33 -24.86 37.25 -31.92
N TYR C 34 -24.00 36.95 -30.93
CA TYR C 34 -23.48 37.99 -30.05
C TYR C 34 -22.52 38.92 -30.80
N ALA C 35 -21.72 38.37 -31.73
CA ALA C 35 -20.88 39.20 -32.60
C ALA C 35 -21.74 40.10 -33.49
N GLU C 36 -22.81 39.58 -34.07
CA GLU C 36 -23.72 40.42 -34.84
C GLU C 36 -24.19 41.57 -33.94
N LEU C 37 -24.65 41.23 -32.73
CA LEU C 37 -25.20 42.21 -31.79
C LEU C 37 -24.13 43.26 -31.47
N ARG C 38 -22.90 42.84 -31.18
CA ARG C 38 -21.90 43.80 -30.74
C ARG C 38 -21.62 44.79 -31.88
N ARG C 39 -21.64 44.30 -33.13
CA ARG C 39 -21.42 45.14 -34.29
C ARG C 39 -22.62 46.07 -34.50
N ASP C 40 -23.85 45.53 -34.62
CA ASP C 40 -24.97 46.28 -35.20
C ASP C 40 -26.04 46.73 -34.21
N GLU C 41 -26.12 46.17 -33.01
CA GLU C 41 -27.26 46.34 -32.12
C GLU C 41 -26.82 45.92 -30.73
N PRO C 42 -25.87 46.68 -30.15
CA PRO C 42 -25.22 46.25 -28.92
C PRO C 42 -26.10 46.22 -27.68
N VAL C 43 -27.15 47.05 -27.67
CA VAL C 43 -28.12 47.01 -26.60
C VAL C 43 -29.48 46.71 -27.23
N SER C 44 -30.09 45.58 -26.87
CA SER C 44 -31.33 45.12 -27.50
C SER C 44 -32.32 44.58 -26.46
N ARG C 45 -33.63 44.81 -26.69
CA ARG C 45 -34.67 44.29 -25.80
C ARG C 45 -34.91 42.82 -26.11
N VAL C 46 -35.05 42.01 -25.05
CA VAL C 46 -35.21 40.56 -25.17
C VAL C 46 -36.16 40.11 -24.09
N ARG C 47 -36.78 38.94 -24.31
CA ARG C 47 -37.63 38.31 -23.32
C ARG C 47 -36.82 37.26 -22.55
N LEU C 48 -36.66 37.45 -21.24
CA LEU C 48 -35.91 36.50 -20.43
C LEU C 48 -36.82 35.30 -20.15
N PRO C 49 -36.26 34.14 -19.76
CA PRO C 49 -37.06 32.93 -19.60
C PRO C 49 -38.01 32.93 -18.41
N TYR C 50 -37.79 33.78 -17.39
CA TYR C 50 -38.67 33.78 -16.21
C TYR C 50 -38.92 35.22 -15.81
N GLY C 51 -39.90 35.45 -14.93
CA GLY C 51 -40.49 36.76 -14.72
C GLY C 51 -41.32 37.21 -15.93
N GLU C 52 -41.59 38.51 -16.00
CA GLU C 52 -42.49 39.11 -16.97
C GLU C 52 -41.90 40.37 -17.59
N GLY C 53 -42.32 40.65 -18.83
CA GLY C 53 -41.87 41.82 -19.56
C GLY C 53 -40.52 41.55 -20.21
N THR C 54 -39.63 42.52 -20.17
CA THR C 54 -38.56 42.56 -21.13
C THR C 54 -37.32 43.15 -20.46
N ALA C 55 -36.13 42.91 -21.02
CA ALA C 55 -34.89 43.39 -20.45
C ALA C 55 -33.94 43.85 -21.55
N TRP C 56 -33.08 44.81 -21.23
CA TRP C 56 -32.05 45.24 -22.16
C TRP C 56 -30.87 44.28 -22.07
N LEU C 57 -30.51 43.63 -23.18
CA LEU C 57 -29.36 42.74 -23.24
C LEU C 57 -28.15 43.55 -23.69
N VAL C 58 -27.10 43.53 -22.87
CA VAL C 58 -25.84 44.23 -23.09
C VAL C 58 -24.73 43.25 -23.48
N THR C 59 -24.06 43.54 -24.61
CA THR C 59 -23.13 42.64 -25.26
C THR C 59 -21.71 43.22 -25.34
N ARG C 60 -21.56 44.53 -25.15
CA ARG C 60 -20.27 45.16 -25.34
C ARG C 60 -19.67 45.49 -23.99
N MET C 61 -18.33 45.55 -23.95
CA MET C 61 -17.59 45.71 -22.72
C MET C 61 -17.89 47.06 -22.09
N SER C 62 -17.95 48.10 -22.90
CA SER C 62 -18.18 49.45 -22.41
C SER C 62 -19.54 49.55 -21.69
N ASP C 63 -20.58 48.99 -22.28
CA ASP C 63 -21.90 49.00 -21.66
C ASP C 63 -21.93 48.04 -20.48
N ALA C 64 -21.24 46.90 -20.58
CA ALA C 64 -21.18 45.98 -19.44
C ALA C 64 -20.64 46.70 -18.20
N ARG C 65 -19.57 47.46 -18.39
CA ARG C 65 -18.94 48.11 -17.25
C ARG C 65 -19.86 49.16 -16.66
N ILE C 66 -20.74 49.77 -17.45
CA ILE C 66 -21.67 50.76 -16.92
C ILE C 66 -22.76 50.05 -16.12
N VAL C 67 -23.31 48.96 -16.66
CA VAL C 67 -24.41 48.25 -16.01
CA VAL C 67 -24.43 48.36 -15.95
C VAL C 67 -23.89 47.64 -14.71
N LEU C 68 -22.71 47.03 -14.79
CA LEU C 68 -22.15 46.35 -13.63
C LEU C 68 -21.54 47.34 -12.63
N GLY C 69 -21.10 48.50 -13.10
CA GLY C 69 -20.29 49.38 -12.27
C GLY C 69 -20.97 50.66 -11.77
N ASP C 70 -22.09 51.07 -12.36
CA ASP C 70 -22.70 52.33 -11.99
C ASP C 70 -23.69 52.11 -10.84
N SER C 71 -23.73 53.05 -9.90
CA SER C 71 -24.59 52.96 -8.74
C SER C 71 -26.03 53.35 -9.08
N ARG C 72 -26.31 53.73 -10.32
CA ARG C 72 -27.69 53.99 -10.74
C ARG C 72 -28.40 52.70 -11.17
N PHE C 73 -27.73 51.56 -11.01
CA PHE C 73 -28.36 50.27 -11.15
C PHE C 73 -28.42 49.59 -9.79
N SER C 74 -29.56 48.94 -9.53
CA SER C 74 -29.85 48.23 -8.29
C SER C 74 -30.13 46.75 -8.62
N THR C 75 -29.53 45.82 -7.87
CA THR C 75 -29.91 44.43 -7.92
C THR C 75 -31.02 44.11 -6.90
N ALA C 76 -31.14 44.92 -5.84
CA ALA C 76 -32.23 44.76 -4.87
C ALA C 76 -33.61 44.96 -5.52
N ALA C 77 -33.68 45.81 -6.55
CA ALA C 77 -34.92 46.10 -7.26
C ALA C 77 -35.35 44.94 -8.15
N ALA C 78 -34.49 43.93 -8.29
CA ALA C 78 -34.76 42.84 -9.21
C ALA C 78 -35.32 41.65 -8.45
N THR C 79 -35.65 41.84 -7.17
CA THR C 79 -36.13 40.73 -6.38
C THR C 79 -37.64 40.57 -6.55
N ASP C 80 -38.31 41.58 -7.10
CA ASP C 80 -39.70 41.47 -7.43
C ASP C 80 -39.91 40.23 -8.31
N PRO C 81 -40.77 39.26 -7.94
CA PRO C 81 -41.01 38.07 -8.77
C PRO C 81 -41.45 38.36 -10.21
N ALA C 82 -42.01 39.55 -10.45
CA ALA C 82 -42.38 39.93 -11.80
C ALA C 82 -41.16 40.35 -12.62
N THR C 83 -40.07 40.72 -11.95
CA THR C 83 -38.88 41.13 -12.70
C THR C 83 -38.34 39.97 -13.54
N PRO C 84 -38.02 40.22 -14.82
CA PRO C 84 -37.30 39.27 -15.66
C PRO C 84 -36.06 38.70 -14.96
N ARG C 85 -35.79 37.43 -15.25
CA ARG C 85 -34.64 36.74 -14.63
C ARG C 85 -34.24 35.54 -15.51
N MET C 86 -33.04 35.02 -15.31
CA MET C 86 -32.53 33.89 -16.05
C MET C 86 -32.88 32.56 -15.40
N PHE C 87 -33.35 32.60 -14.14
CA PHE C 87 -33.57 31.37 -13.38
C PHE C 87 -34.98 31.32 -12.80
N PRO C 88 -35.46 30.10 -12.48
CA PRO C 88 -36.88 29.90 -12.19
C PRO C 88 -37.39 30.60 -10.94
N THR C 89 -36.64 30.58 -9.83
CA THR C 89 -37.20 31.09 -8.59
C THR C 89 -36.89 32.59 -8.43
N PRO C 90 -37.85 33.38 -7.90
CA PRO C 90 -37.57 34.77 -7.52
C PRO C 90 -36.34 34.82 -6.65
N PRO C 91 -35.41 35.78 -6.90
CA PRO C 91 -34.18 35.89 -6.09
C PRO C 91 -34.51 36.07 -4.62
N GLU C 92 -33.76 35.35 -3.77
CA GLU C 92 -33.76 35.51 -2.31
C GLU C 92 -33.40 36.98 -2.00
N PRO C 93 -34.28 37.79 -1.41
CA PRO C 93 -33.91 39.16 -1.01
C PRO C 93 -32.69 39.32 -0.10
N ASP C 94 -32.40 38.29 0.67
CA ASP C 94 -31.30 38.31 1.62
C ASP C 94 -29.99 37.87 0.97
N GLY C 95 -30.01 37.41 -0.30
CA GLY C 95 -28.79 36.99 -0.96
C GLY C 95 -27.88 38.17 -1.30
N VAL C 96 -26.56 37.96 -1.25
CA VAL C 96 -25.59 39.04 -1.38
C VAL C 96 -25.71 39.74 -2.74
N LEU C 97 -25.99 38.98 -3.78
CA LEU C 97 -26.10 39.49 -5.14
C LEU C 97 -27.36 40.35 -5.31
N ALA C 98 -28.37 40.11 -4.46
CA ALA C 98 -29.59 40.92 -4.43
C ALA C 98 -29.48 42.12 -3.50
N GLN C 99 -28.29 42.44 -2.99
CA GLN C 99 -28.15 43.56 -2.08
C GLN C 99 -27.43 44.74 -2.74
N ASP C 100 -27.89 45.93 -2.36
CA ASP C 100 -27.30 47.18 -2.75
C ASP C 100 -26.49 47.73 -1.58
N PRO C 101 -25.48 48.56 -1.85
CA PRO C 101 -24.79 49.29 -0.79
C PRO C 101 -25.81 50.15 -0.08
N PRO C 102 -25.69 50.44 1.23
CA PRO C 102 -24.61 49.94 2.08
C PRO C 102 -24.75 48.58 2.75
N ASP C 103 -25.94 47.96 2.73
CA ASP C 103 -26.09 46.63 3.33
C ASP C 103 -25.14 45.66 2.63
N HIS C 104 -24.94 45.85 1.33
CA HIS C 104 -24.10 44.95 0.57
C HIS C 104 -22.63 45.14 1.01
N THR C 105 -22.24 46.38 1.26
CA THR C 105 -20.91 46.64 1.76
C THR C 105 -20.69 45.92 3.08
N ARG C 106 -21.71 45.96 3.97
CA ARG C 106 -21.57 45.33 5.29
C ARG C 106 -21.47 43.82 5.19
N LEU C 107 -22.15 43.22 4.22
CA LEU C 107 -22.04 41.77 3.99
C LEU C 107 -20.63 41.42 3.50
N ARG C 108 -20.10 42.24 2.60
CA ARG C 108 -18.74 42.01 2.10
C ARG C 108 -17.72 42.14 3.26
N ARG C 109 -17.84 43.19 4.06
CA ARG C 109 -16.86 43.42 5.13
CA ARG C 109 -16.87 43.43 5.13
C ARG C 109 -16.91 42.24 6.10
N LEU C 110 -18.04 41.55 6.18
CA LEU C 110 -18.16 40.47 7.13
C LEU C 110 -17.22 39.30 6.80
N VAL C 111 -16.98 39.01 5.52
CA VAL C 111 -16.16 37.87 5.13
C VAL C 111 -14.90 38.30 4.37
N GLY C 112 -14.85 39.54 3.92
CA GLY C 112 -13.89 40.00 2.92
C GLY C 112 -12.42 39.85 3.32
N LYS C 113 -12.07 39.90 4.61
CA LYS C 113 -10.67 39.80 5.02
C LYS C 113 -10.03 38.50 4.53
N ALA C 114 -10.82 37.42 4.56
CA ALA C 114 -10.38 36.10 4.16
C ALA C 114 -10.20 35.97 2.65
N PHE C 115 -10.66 36.94 1.85
CA PHE C 115 -10.54 36.83 0.40
C PHE C 115 -9.66 37.91 -0.23
N THR C 116 -8.92 38.68 0.58
CA THR C 116 -7.97 39.64 0.03
C THR C 116 -6.88 38.87 -0.72
N ALA C 117 -6.29 39.56 -1.69
CA ALA C 117 -5.17 39.03 -2.45
C ALA C 117 -4.10 38.48 -1.51
N ARG C 118 -3.76 39.23 -0.49
CA ARG C 118 -2.68 38.86 0.41
CA ARG C 118 -2.69 38.88 0.44
C ARG C 118 -3.03 37.56 1.13
N ARG C 119 -4.23 37.49 1.69
CA ARG C 119 -4.67 36.32 2.50
C ARG C 119 -4.80 35.09 1.60
N VAL C 120 -5.23 35.26 0.35
CA VAL C 120 -5.34 34.13 -0.57
C VAL C 120 -3.95 33.61 -0.95
N GLU C 121 -3.04 34.54 -1.25
CA GLU C 121 -1.64 34.20 -1.48
C GLU C 121 -1.09 33.32 -0.34
N GLU C 122 -1.40 33.61 0.93
CA GLU C 122 -0.95 32.76 2.03
C GLU C 122 -1.52 31.33 1.98
N MET C 123 -2.52 31.09 1.13
CA MET C 123 -3.10 29.76 1.07
CA MET C 123 -3.12 29.77 1.04
C MET C 123 -2.34 28.89 0.06
N ARG C 124 -1.39 29.48 -0.67
CA ARG C 124 -0.78 28.79 -1.80
C ARG C 124 -0.11 27.49 -1.35
N PRO C 125 0.72 27.48 -0.29
CA PRO C 125 1.33 26.23 0.13
C PRO C 125 0.31 25.11 0.37
N ARG C 126 -0.71 25.41 1.15
CA ARG C 126 -1.72 24.42 1.51
C ARG C 126 -2.44 23.96 0.24
N VAL C 127 -2.72 24.90 -0.64
CA VAL C 127 -3.48 24.54 -1.83
C VAL C 127 -2.60 23.69 -2.73
N ARG C 128 -1.33 24.05 -2.80
CA ARG C 128 -0.41 23.31 -3.64
C ARG C 128 -0.32 21.87 -3.12
N SER C 129 -0.32 21.71 -1.80
CA SER C 129 -0.21 20.41 -1.16
CA SER C 129 -0.18 20.40 -1.20
C SER C 129 -1.44 19.55 -1.46
N LEU C 130 -2.62 20.21 -1.51
CA LEU C 130 -3.86 19.52 -1.75
CA LEU C 130 -3.87 19.53 -1.75
C LEU C 130 -3.87 18.98 -3.17
N VAL C 131 -3.48 19.81 -4.13
CA VAL C 131 -3.44 19.38 -5.53
C VAL C 131 -2.53 18.17 -5.69
N ASP C 132 -1.33 18.24 -5.08
CA ASP C 132 -0.36 17.16 -5.22
C ASP C 132 -0.93 15.85 -4.68
N SER C 133 -1.56 15.92 -3.50
CA SER C 133 -2.11 14.72 -2.89
C SER C 133 -3.18 14.09 -3.80
N LEU C 134 -4.03 14.93 -4.41
CA LEU C 134 -5.09 14.43 -5.27
C LEU C 134 -4.51 13.81 -6.53
N LEU C 135 -3.47 14.43 -7.09
CA LEU C 135 -2.88 13.94 -8.33
C LEU C 135 -2.10 12.65 -8.06
N ASP C 136 -1.57 12.52 -6.85
CA ASP C 136 -1.01 11.26 -6.35
C ASP C 136 -2.06 10.14 -6.46
N ASP C 137 -3.27 10.43 -5.98
CA ASP C 137 -4.35 9.46 -5.97
C ASP C 137 -4.66 9.07 -7.41
N MET C 138 -4.60 10.04 -8.32
CA MET C 138 -4.95 9.79 -9.72
C MET C 138 -3.90 8.87 -10.33
N VAL C 139 -2.65 9.08 -9.94
CA VAL C 139 -1.54 8.32 -10.47
C VAL C 139 -1.62 6.91 -9.90
N ALA C 140 -1.98 6.76 -8.64
CA ALA C 140 -2.15 5.45 -8.05
C ALA C 140 -3.26 4.68 -8.78
N HIS C 141 -4.37 5.36 -9.11
CA HIS C 141 -5.44 4.74 -9.88
C HIS C 141 -4.91 4.20 -11.21
N GLY C 142 -4.15 5.03 -11.93
CA GLY C 142 -3.56 4.67 -13.22
C GLY C 142 -4.32 5.30 -14.38
N SER C 143 -3.65 5.37 -15.52
CA SER C 143 -4.21 5.90 -16.74
C SER C 143 -5.08 4.83 -17.43
N PRO C 144 -6.23 5.15 -18.08
CA PRO C 144 -6.85 6.47 -18.03
C PRO C 144 -7.75 6.69 -16.81
N ALA C 145 -8.07 7.95 -16.56
CA ALA C 145 -8.83 8.28 -15.37
C ALA C 145 -9.66 9.54 -15.62
N ASP C 146 -10.76 9.65 -14.88
CA ASP C 146 -11.65 10.79 -15.02
C ASP C 146 -11.15 11.95 -14.17
N LEU C 147 -10.77 13.03 -14.83
CA LEU C 147 -10.19 14.18 -14.17
C LEU C 147 -11.20 14.90 -13.28
N VAL C 148 -12.51 14.74 -13.56
CA VAL C 148 -13.55 15.39 -12.77
C VAL C 148 -13.60 14.74 -11.39
N GLU C 149 -13.63 13.41 -11.38
CA GLU C 149 -13.63 12.64 -10.15
C GLU C 149 -12.31 12.84 -9.39
N PHE C 150 -11.16 12.89 -10.08
CA PHE C 150 -9.91 12.88 -9.34
C PHE C 150 -9.40 14.28 -9.00
N LEU C 151 -9.84 15.33 -9.70
CA LEU C 151 -9.26 16.65 -9.48
C LEU C 151 -10.32 17.76 -9.43
N ALA C 152 -11.11 17.90 -10.50
CA ALA C 152 -11.98 19.05 -10.66
C ALA C 152 -12.99 19.16 -9.54
N VAL C 153 -13.61 18.04 -9.12
CA VAL C 153 -14.53 18.11 -8.00
C VAL C 153 -13.78 18.16 -6.67
N PRO C 154 -12.93 17.17 -6.30
CA PRO C 154 -12.43 17.16 -4.93
C PRO C 154 -11.54 18.34 -4.52
N PHE C 155 -10.92 19.02 -5.48
CA PHE C 155 -9.93 20.02 -5.13
C PHE C 155 -10.64 21.27 -4.61
N PRO C 156 -11.51 21.92 -5.43
CA PRO C 156 -12.27 23.08 -4.97
C PRO C 156 -13.16 22.79 -3.75
N VAL C 157 -13.71 21.57 -3.69
CA VAL C 157 -14.55 21.20 -2.56
C VAL C 157 -13.72 21.23 -1.29
N ALA C 158 -12.50 20.69 -1.33
CA ALA C 158 -11.70 20.66 -0.12
C ALA C 158 -11.30 22.08 0.28
N VAL C 159 -11.00 22.92 -0.70
CA VAL C 159 -10.59 24.28 -0.36
C VAL C 159 -11.71 25.02 0.35
N ILE C 160 -12.93 25.07 -0.24
CA ILE C 160 -14.02 25.85 0.33
C ILE C 160 -14.48 25.26 1.68
N CYS C 161 -14.52 23.94 1.81
CA CYS C 161 -14.90 23.31 3.07
C CYS C 161 -13.95 23.70 4.20
N GLU C 162 -12.65 23.78 3.91
CA GLU C 162 -11.67 24.13 4.92
C GLU C 162 -11.74 25.63 5.24
N LEU C 163 -11.96 26.46 4.23
CA LEU C 163 -12.07 27.88 4.47
C LEU C 163 -13.33 28.23 5.27
N LEU C 164 -14.48 27.67 4.89
CA LEU C 164 -15.74 27.98 5.56
C LEU C 164 -15.80 27.28 6.91
N GLY C 165 -15.30 26.03 6.98
CA GLY C 165 -15.50 25.18 8.14
C GLY C 165 -16.75 24.28 8.00
N VAL C 166 -17.05 23.83 6.78
CA VAL C 166 -18.13 22.89 6.46
C VAL C 166 -17.56 21.48 6.48
N PRO C 167 -18.26 20.46 7.04
CA PRO C 167 -17.76 19.09 7.00
C PRO C 167 -17.60 18.54 5.58
N LEU C 168 -16.38 18.09 5.28
CA LEU C 168 -16.08 17.46 4.01
C LEU C 168 -16.98 16.25 3.78
N GLU C 169 -17.45 15.60 4.85
CA GLU C 169 -18.32 14.44 4.70
CA GLU C 169 -18.34 14.44 4.72
C GLU C 169 -19.70 14.85 4.17
N ASP C 170 -20.04 16.15 4.19
CA ASP C 170 -21.32 16.60 3.66
C ASP C 170 -21.27 16.94 2.18
N ARG C 171 -20.22 16.55 1.46
CA ARG C 171 -20.08 16.87 0.01
C ARG C 171 -21.35 16.50 -0.80
N ASP C 172 -21.82 15.25 -0.69
CA ASP C 172 -22.97 14.83 -1.47
C ASP C 172 -24.18 15.67 -1.10
N LEU C 173 -24.34 15.91 0.20
CA LEU C 173 -25.47 16.69 0.66
C LEU C 173 -25.42 18.07 -0.02
N PHE C 174 -24.32 18.83 0.10
CA PHE C 174 -24.44 20.21 -0.35
C PHE C 174 -24.25 20.32 -1.87
N ARG C 175 -23.72 19.44 -2.57
CA ARG C 175 -23.57 19.52 -4.04
C ARG C 175 -24.91 19.19 -4.70
N THR C 176 -25.71 18.25 -4.05
CA THR C 176 -27.06 18.05 -4.55
C THR C 176 -27.82 19.38 -4.45
N PHE C 177 -27.69 20.07 -3.32
CA PHE C 177 -28.40 21.32 -3.15
C PHE C 177 -27.92 22.29 -4.22
N SER C 178 -26.60 22.42 -4.38
CA SER C 178 -26.02 23.44 -5.26
CA SER C 178 -26.04 23.45 -5.25
C SER C 178 -26.42 23.18 -6.71
N ASP C 179 -26.39 21.91 -7.10
CA ASP C 179 -26.86 21.49 -8.42
C ASP C 179 -28.26 22.05 -8.71
N ALA C 180 -29.21 21.80 -7.82
CA ALA C 180 -30.56 22.30 -7.99
C ALA C 180 -30.58 23.83 -8.06
N MET C 181 -29.83 24.53 -7.20
CA MET C 181 -29.92 25.97 -7.17
CA MET C 181 -29.81 25.98 -7.13
C MET C 181 -29.29 26.59 -8.43
N LEU C 182 -28.49 25.83 -9.17
CA LEU C 182 -27.87 26.32 -10.39
C LEU C 182 -28.65 25.85 -11.62
N SER C 183 -29.83 25.27 -11.40
CA SER C 183 -30.65 24.84 -12.52
CA SER C 183 -30.72 24.85 -12.47
C SER C 183 -31.26 26.07 -13.22
N SER C 184 -31.27 26.01 -14.55
CA SER C 184 -31.84 27.08 -15.34
C SER C 184 -33.14 26.58 -15.95
N THR C 185 -33.15 25.36 -16.48
CA THR C 185 -34.36 24.87 -17.13
C THR C 185 -34.74 23.50 -16.61
N ARG C 186 -33.90 22.87 -15.81
CA ARG C 186 -34.20 21.52 -15.34
C ARG C 186 -35.50 21.47 -14.53
N LEU C 187 -35.53 22.26 -13.43
CA LEU C 187 -36.50 22.08 -12.36
C LEU C 187 -37.49 23.26 -12.34
N THR C 188 -38.59 23.09 -11.60
CA THR C 188 -39.52 24.19 -11.39
C THR C 188 -39.07 25.14 -10.27
N ALA C 189 -39.62 26.35 -10.31
CA ALA C 189 -39.51 27.31 -9.22
C ALA C 189 -39.75 26.61 -7.87
N ALA C 190 -40.76 25.72 -7.83
CA ALA C 190 -41.19 25.06 -6.60
C ALA C 190 -40.09 24.22 -5.99
N GLU C 191 -39.52 23.31 -6.80
CA GLU C 191 -38.54 22.35 -6.31
CA GLU C 191 -38.54 22.36 -6.33
C GLU C 191 -37.31 23.11 -5.81
N ILE C 192 -36.97 24.21 -6.48
CA ILE C 192 -35.74 24.93 -6.18
C ILE C 192 -35.94 25.77 -4.92
N GLN C 193 -37.12 26.35 -4.74
CA GLN C 193 -37.43 27.10 -3.53
CA GLN C 193 -37.44 27.09 -3.54
C GLN C 193 -37.23 26.18 -2.33
N ARG C 194 -37.71 24.94 -2.46
CA ARG C 194 -37.65 23.94 -1.40
C ARG C 194 -36.20 23.63 -1.05
N VAL C 195 -35.37 23.42 -2.07
CA VAL C 195 -33.95 23.21 -1.85
C VAL C 195 -33.32 24.46 -1.22
N GLN C 196 -33.75 25.67 -1.59
CA GLN C 196 -33.24 26.87 -0.93
C GLN C 196 -33.56 26.87 0.56
N GLN C 197 -34.77 26.45 0.96
CA GLN C 197 -35.13 26.51 2.36
C GLN C 197 -34.33 25.49 3.15
N ASP C 198 -34.07 24.35 2.50
CA ASP C 198 -33.34 23.27 3.11
C ASP C 198 -31.87 23.65 3.28
N PHE C 199 -31.29 24.29 2.28
CA PHE C 199 -29.92 24.75 2.36
C PHE C 199 -29.80 25.75 3.52
N MET C 200 -30.75 26.67 3.66
CA MET C 200 -30.73 27.69 4.71
CA MET C 200 -30.70 27.68 4.71
C MET C 200 -30.79 27.01 6.07
N VAL C 201 -31.68 26.04 6.21
CA VAL C 201 -31.87 25.37 7.47
C VAL C 201 -30.57 24.66 7.85
N TYR C 202 -29.93 24.01 6.87
CA TYR C 202 -28.71 23.28 7.08
C TYR C 202 -27.57 24.23 7.48
N MET C 203 -27.37 25.30 6.71
CA MET C 203 -26.34 26.28 6.98
C MET C 203 -26.56 26.96 8.34
N ASP C 204 -27.82 27.25 8.68
CA ASP C 204 -28.18 27.79 9.97
CA ASP C 204 -28.20 27.78 9.97
C ASP C 204 -27.74 26.81 11.06
N GLY C 205 -27.83 25.51 10.76
CA GLY C 205 -27.43 24.52 11.72
C GLY C 205 -25.91 24.52 11.90
N LEU C 206 -25.16 24.67 10.80
CA LEU C 206 -23.71 24.69 10.89
C LEU C 206 -23.28 25.90 11.73
N VAL C 207 -23.88 27.07 11.46
CA VAL C 207 -23.48 28.29 12.12
C VAL C 207 -23.79 28.17 13.61
N ALA C 208 -24.89 27.51 13.93
CA ALA C 208 -25.34 27.33 15.30
C ALA C 208 -24.46 26.39 16.10
N GLN C 209 -23.59 25.64 15.44
CA GLN C 209 -22.64 24.74 16.15
C GLN C 209 -21.55 25.56 16.86
N ARG C 210 -21.26 26.76 16.36
CA ARG C 210 -20.26 27.65 17.01
CA ARG C 210 -20.26 27.65 17.01
C ARG C 210 -20.82 28.44 18.23
N ARG C 211 -22.03 28.06 18.61
CA ARG C 211 -22.71 28.74 19.70
C ARG C 211 -21.83 28.78 20.95
N ASP C 212 -21.35 27.63 21.44
CA ASP C 212 -20.50 27.70 22.62
C ASP C 212 -19.10 27.16 22.31
N ALA C 213 -18.75 27.19 21.02
CA ALA C 213 -17.60 26.49 20.47
C ALA C 213 -17.18 27.26 19.21
N PRO C 214 -16.64 28.48 19.38
CA PRO C 214 -16.18 29.29 18.27
C PRO C 214 -15.11 28.53 17.48
N THR C 215 -15.03 28.80 16.18
CA THR C 215 -14.08 28.17 15.28
C THR C 215 -13.40 29.31 14.55
N GLU C 216 -12.20 29.07 14.03
CA GLU C 216 -11.44 30.07 13.28
C GLU C 216 -11.62 29.78 11.78
N ASP C 217 -12.82 30.05 11.28
CA ASP C 217 -13.15 29.86 9.89
C ASP C 217 -14.24 30.88 9.58
N LEU C 218 -14.70 30.93 8.34
CA LEU C 218 -15.70 31.91 7.98
C LEU C 218 -16.99 31.68 8.74
N LEU C 219 -17.41 30.42 8.91
CA LEU C 219 -18.63 30.15 9.64
C LEU C 219 -18.50 30.64 11.07
N GLY C 220 -17.29 30.59 11.63
CA GLY C 220 -17.08 31.13 12.96
C GLY C 220 -17.37 32.62 13.01
N ALA C 221 -16.96 33.34 11.97
CA ALA C 221 -17.20 34.77 11.89
C ALA C 221 -18.68 35.06 11.66
N LEU C 222 -19.35 34.24 10.84
CA LEU C 222 -20.77 34.45 10.58
C LEU C 222 -21.52 34.27 11.90
N ALA C 223 -21.12 33.30 12.70
CA ALA C 223 -21.76 33.10 13.99
C ALA C 223 -21.55 34.28 14.94
N LEU C 224 -20.36 34.89 14.95
CA LEU C 224 -20.15 36.05 15.83
C LEU C 224 -21.04 37.21 15.39
N ALA C 225 -21.23 37.34 14.07
CA ALA C 225 -22.09 38.37 13.55
C ALA C 225 -23.55 38.12 13.90
N THR C 226 -24.03 36.86 13.92
CA THR C 226 -25.43 36.60 14.26
C THR C 226 -25.69 37.01 15.71
N ASP C 227 -24.68 36.95 16.56
CA ASP C 227 -24.81 37.37 17.95
C ASP C 227 -24.70 38.89 18.08
N ASN C 228 -23.65 39.49 17.52
CA ASN C 228 -23.20 40.81 17.96
C ASN C 228 -23.53 41.92 16.96
N ASP C 229 -23.99 41.58 15.75
CA ASP C 229 -24.19 42.57 14.68
C ASP C 229 -25.61 43.13 14.74
N ASP C 230 -25.73 44.46 14.66
CA ASP C 230 -27.00 45.14 14.84
C ASP C 230 -27.61 45.61 13.52
N HIS C 231 -26.93 45.42 12.37
CA HIS C 231 -27.44 45.96 11.11
C HIS C 231 -27.82 44.87 10.12
N LEU C 232 -27.25 43.67 10.28
CA LEU C 232 -27.58 42.56 9.40
C LEU C 232 -28.52 41.59 10.09
N THR C 233 -29.55 41.12 9.37
CA THR C 233 -30.43 40.07 9.88
C THR C 233 -29.66 38.75 9.85
N LYS C 234 -30.10 37.79 10.67
CA LYS C 234 -29.62 36.42 10.63
C LYS C 234 -29.79 35.82 9.23
N GLY C 235 -30.90 36.12 8.56
CA GLY C 235 -31.12 35.63 7.20
C GLY C 235 -30.02 36.07 6.26
N GLU C 236 -29.57 37.34 6.38
CA GLU C 236 -28.57 37.88 5.47
C GLU C 236 -27.24 37.20 5.73
N ILE C 237 -26.94 37.01 7.02
CA ILE C 237 -25.65 36.49 7.45
C ILE C 237 -25.51 35.03 7.03
N VAL C 238 -26.56 34.23 7.26
CA VAL C 238 -26.52 32.80 6.99
C VAL C 238 -26.57 32.56 5.48
N ASN C 239 -27.30 33.39 4.73
CA ASN C 239 -27.30 33.20 3.30
CA ASN C 239 -27.32 33.30 3.28
C ASN C 239 -25.90 33.41 2.71
N MET C 240 -25.02 34.19 3.38
CA MET C 240 -23.65 34.37 2.88
C MET C 240 -22.89 33.05 2.88
N GLY C 241 -23.08 32.27 3.93
CA GLY C 241 -22.55 30.93 4.01
C GLY C 241 -22.97 30.06 2.83
N VAL C 242 -24.27 30.11 2.47
CA VAL C 242 -24.81 29.34 1.35
C VAL C 242 -24.21 29.84 0.03
N SER C 243 -24.24 31.15 -0.20
CA SER C 243 -23.61 31.74 -1.36
C SER C 243 -22.15 31.30 -1.51
N LEU C 244 -21.36 31.42 -0.42
CA LEU C 244 -19.93 31.12 -0.48
C LEU C 244 -19.72 29.64 -0.76
N LEU C 245 -20.60 28.79 -0.24
CA LEU C 245 -20.39 27.37 -0.43
C LEU C 245 -20.77 26.96 -1.86
N ILE C 246 -21.83 27.55 -2.43
CA ILE C 246 -22.21 27.25 -3.81
C ILE C 246 -21.17 27.86 -4.76
N ALA C 247 -21.02 29.19 -4.70
CA ALA C 247 -20.17 29.89 -5.65
C ALA C 247 -18.72 29.48 -5.44
N GLY C 248 -18.38 29.11 -4.21
CA GLY C 248 -17.01 28.81 -3.85
C GLY C 248 -16.48 27.49 -4.42
N HIS C 249 -17.33 26.61 -4.94
CA HIS C 249 -16.83 25.41 -5.58
C HIS C 249 -17.37 25.24 -7.01
N GLU C 250 -18.64 25.57 -7.28
CA GLU C 250 -19.28 25.16 -8.53
C GLU C 250 -18.60 25.84 -9.73
N THR C 251 -18.24 27.11 -9.58
CA THR C 251 -17.51 27.83 -10.62
C THR C 251 -16.14 27.18 -10.89
N SER C 252 -15.34 26.96 -9.84
CA SER C 252 -14.01 26.38 -9.96
C SER C 252 -14.05 24.96 -10.53
N VAL C 253 -15.01 24.17 -10.06
CA VAL C 253 -15.14 22.80 -10.55
C VAL C 253 -15.25 22.81 -12.06
N ASN C 254 -16.11 23.66 -12.59
CA ASN C 254 -16.36 23.69 -14.02
C ASN C 254 -15.19 24.34 -14.76
N GLN C 255 -14.65 25.42 -14.25
CA GLN C 255 -13.58 26.09 -14.97
C GLN C 255 -12.33 25.23 -15.11
N ILE C 256 -12.05 24.34 -14.14
CA ILE C 256 -10.91 23.45 -14.29
C ILE C 256 -11.11 22.57 -15.51
N THR C 257 -12.32 22.01 -15.65
CA THR C 257 -12.63 21.14 -16.78
C THR C 257 -12.60 21.98 -18.05
N ASN C 258 -13.06 23.22 -17.98
CA ASN C 258 -13.16 24.03 -19.18
C ASN C 258 -11.77 24.41 -19.67
N LEU C 259 -10.86 24.79 -18.76
CA LEU C 259 -9.49 25.13 -19.13
C LEU C 259 -8.80 23.90 -19.70
N VAL C 260 -8.90 22.74 -19.05
CA VAL C 260 -8.25 21.55 -19.59
C VAL C 260 -8.82 21.24 -20.97
N HIS C 261 -10.14 21.42 -21.16
CA HIS C 261 -10.78 21.19 -22.45
C HIS C 261 -10.13 22.04 -23.55
N LEU C 262 -9.98 23.35 -23.31
CA LEU C 262 -9.35 24.22 -24.29
C LEU C 262 -7.89 23.81 -24.54
N LEU C 263 -7.15 23.46 -23.49
CA LEU C 263 -5.75 23.12 -23.63
C LEU C 263 -5.53 21.86 -24.46
N LEU C 264 -6.36 20.84 -24.26
CA LEU C 264 -6.16 19.55 -24.90
C LEU C 264 -6.82 19.46 -26.29
N THR C 265 -7.85 20.26 -26.62
CA THR C 265 -8.51 20.07 -27.92
C THR C 265 -7.74 20.78 -29.03
N GLU C 266 -6.96 21.82 -28.70
CA GLU C 266 -5.90 22.30 -29.58
C GLU C 266 -4.57 22.17 -28.84
N ARG C 267 -3.97 20.99 -28.93
CA ARG C 267 -3.00 20.55 -27.94
C ARG C 267 -1.75 21.41 -27.95
N LYS C 268 -1.46 22.18 -29.00
CA LYS C 268 -0.26 23.00 -28.98
C LYS C 268 -0.34 23.99 -27.82
N ARG C 269 -1.55 24.36 -27.39
CA ARG C 269 -1.71 25.27 -26.27
C ARG C 269 -1.19 24.64 -24.98
N TYR C 270 -1.57 23.37 -24.73
CA TYR C 270 -1.05 22.63 -23.58
C TYR C 270 0.48 22.52 -23.69
N GLU C 271 0.96 22.29 -24.92
CA GLU C 271 2.38 22.10 -25.18
C GLU C 271 3.16 23.37 -24.83
N SER C 272 2.65 24.56 -25.19
CA SER C 272 3.38 25.79 -24.88
C SER C 272 3.55 25.98 -23.37
N LEU C 273 2.60 25.47 -22.57
CA LEU C 273 2.65 25.62 -21.11
C LEU C 273 3.58 24.56 -20.50
N VAL C 274 3.54 23.33 -21.05
CA VAL C 274 4.50 22.30 -20.70
C VAL C 274 5.93 22.83 -20.84
N ALA C 275 6.19 23.50 -21.98
CA ALA C 275 7.49 24.06 -22.30
C ALA C 275 7.85 25.23 -21.39
N ASP C 276 6.86 26.03 -20.99
CA ASP C 276 7.11 27.21 -20.16
C ASP C 276 6.05 27.31 -19.05
N PRO C 277 6.21 26.60 -17.93
CA PRO C 277 5.22 26.63 -16.84
C PRO C 277 4.97 27.97 -16.16
N ALA C 278 5.85 28.93 -16.38
CA ALA C 278 5.70 30.30 -15.89
C ALA C 278 4.61 31.06 -16.63
N LEU C 279 4.20 30.58 -17.80
CA LEU C 279 3.15 31.19 -18.61
C LEU C 279 1.73 30.88 -18.08
N VAL C 280 1.61 29.98 -17.12
CA VAL C 280 0.34 29.54 -16.55
C VAL C 280 -0.52 30.70 -16.02
N PRO C 281 -0.04 31.61 -15.16
CA PRO C 281 -0.89 32.72 -14.70
C PRO C 281 -1.56 33.54 -15.81
N ALA C 282 -0.78 33.95 -16.81
CA ALA C 282 -1.30 34.62 -17.99
C ALA C 282 -2.23 33.71 -18.81
N ALA C 283 -1.93 32.42 -18.90
CA ALA C 283 -2.82 31.52 -19.60
C ALA C 283 -4.18 31.45 -18.92
N VAL C 284 -4.18 31.41 -17.58
CA VAL C 284 -5.40 31.37 -16.80
C VAL C 284 -6.25 32.62 -17.08
N GLU C 285 -5.64 33.83 -17.04
CA GLU C 285 -6.37 35.05 -17.37
C GLU C 285 -7.02 34.93 -18.75
N GLU C 286 -6.27 34.42 -19.73
CA GLU C 286 -6.74 34.37 -21.10
C GLU C 286 -7.85 33.33 -21.26
N MET C 287 -7.81 32.24 -20.51
CA MET C 287 -8.88 31.26 -20.62
C MET C 287 -10.11 31.67 -19.81
N LEU C 288 -9.93 32.42 -18.72
CA LEU C 288 -11.04 33.08 -18.06
C LEU C 288 -11.79 33.99 -19.04
N ARG C 289 -11.05 34.81 -19.81
CA ARG C 289 -11.65 35.68 -20.79
C ARG C 289 -12.45 34.85 -21.81
N TYR C 290 -11.82 33.78 -22.31
CA TYR C 290 -12.30 33.09 -23.51
C TYR C 290 -13.44 32.11 -23.25
N THR C 291 -13.60 31.71 -21.99
CA THR C 291 -14.48 30.61 -21.61
C THR C 291 -15.84 31.15 -21.20
N PRO C 292 -16.94 30.79 -21.93
CA PRO C 292 -18.30 31.18 -21.52
C PRO C 292 -18.82 30.33 -20.37
N LEU C 293 -18.26 30.56 -19.19
CA LEU C 293 -18.65 29.78 -18.03
C LEU C 293 -20.13 30.06 -17.72
N VAL C 294 -20.50 31.33 -17.63
CA VAL C 294 -21.89 31.69 -17.35
C VAL C 294 -22.65 31.47 -18.65
N SER C 295 -23.66 30.60 -18.58
CA SER C 295 -24.40 30.15 -19.75
CA SER C 295 -24.33 30.16 -19.80
C SER C 295 -25.00 31.33 -20.54
N ALA C 296 -25.75 32.17 -19.85
CA ALA C 296 -26.47 33.24 -20.52
C ALA C 296 -26.88 34.29 -19.50
N GLY C 297 -26.62 35.55 -19.87
CA GLY C 297 -27.06 36.68 -19.07
C GLY C 297 -26.43 36.71 -17.67
N SER C 298 -27.16 37.35 -16.76
CA SER C 298 -26.60 37.73 -15.48
C SER C 298 -27.76 37.96 -14.53
N PHE C 299 -27.41 38.13 -13.26
CA PHE C 299 -28.35 38.70 -12.32
C PHE C 299 -28.72 40.07 -12.89
N VAL C 300 -30.01 40.37 -12.89
CA VAL C 300 -30.52 41.57 -13.51
C VAL C 300 -30.19 42.79 -12.67
N ARG C 301 -29.86 43.88 -13.34
CA ARG C 301 -29.75 45.19 -12.72
C ARG C 301 -30.90 46.06 -13.24
N VAL C 302 -31.62 46.72 -12.33
CA VAL C 302 -32.68 47.64 -12.67
C VAL C 302 -32.18 49.06 -12.42
N ALA C 303 -32.30 49.93 -13.42
CA ALA C 303 -31.91 51.32 -13.26
C ALA C 303 -32.87 51.97 -12.28
N THR C 304 -32.30 52.76 -11.33
CA THR C 304 -33.09 53.57 -10.43
C THR C 304 -33.08 55.00 -10.93
N GLU C 305 -32.33 55.27 -12.01
CA GLU C 305 -32.36 56.55 -12.71
C GLU C 305 -31.93 56.32 -14.15
N ASP C 306 -32.14 57.30 -15.02
CA ASP C 306 -31.75 57.14 -16.41
C ASP C 306 -30.24 56.99 -16.50
N VAL C 307 -29.78 56.11 -17.39
CA VAL C 307 -28.37 55.81 -17.57
C VAL C 307 -28.10 55.71 -19.07
N GLU C 308 -27.08 56.45 -19.55
N GLU C 308 -27.04 56.38 -19.55
CA GLU C 308 -26.70 56.44 -20.95
CA GLU C 308 -26.69 56.48 -20.95
C GLU C 308 -25.81 55.22 -21.20
C GLU C 308 -25.72 55.36 -21.33
N LEU C 309 -26.10 54.52 -22.30
CA LEU C 309 -25.24 53.45 -22.78
C LEU C 309 -24.89 53.83 -24.22
N SER C 310 -24.11 53.00 -24.91
CA SER C 310 -23.70 53.27 -26.28
C SER C 310 -24.86 53.78 -27.12
N THR C 311 -25.94 52.95 -27.24
CA THR C 311 -26.96 53.17 -28.26
C THR C 311 -28.32 53.56 -27.66
N VAL C 312 -28.43 53.63 -26.34
CA VAL C 312 -29.73 53.84 -25.73
C VAL C 312 -29.56 54.38 -24.33
N THR C 313 -30.54 55.20 -23.92
CA THR C 313 -30.73 55.64 -22.55
C THR C 313 -31.74 54.70 -21.89
N VAL C 314 -31.26 53.95 -20.91
CA VAL C 314 -32.08 53.08 -20.10
C VAL C 314 -32.82 53.93 -19.08
N ARG C 315 -34.12 53.69 -18.92
CA ARG C 315 -34.94 54.53 -18.07
C ARG C 315 -35.00 53.92 -16.68
N ALA C 316 -35.17 54.77 -15.67
CA ALA C 316 -35.40 54.27 -14.33
C ALA C 316 -36.48 53.20 -14.38
N GLY C 317 -36.28 52.08 -13.68
CA GLY C 317 -37.27 51.02 -13.66
C GLY C 317 -37.07 49.92 -14.71
N GLU C 318 -36.23 50.16 -15.75
CA GLU C 318 -36.06 49.20 -16.82
C GLU C 318 -34.92 48.24 -16.47
N PRO C 319 -35.14 46.92 -16.58
CA PRO C 319 -34.10 45.92 -16.30
C PRO C 319 -33.04 45.75 -17.40
N CYS C 320 -31.81 45.43 -16.99
CA CYS C 320 -30.74 45.11 -17.90
C CYS C 320 -30.06 43.84 -17.47
N VAL C 321 -29.51 43.15 -18.45
CA VAL C 321 -28.75 41.94 -18.20
C VAL C 321 -27.51 41.96 -19.10
N VAL C 322 -26.38 41.45 -18.58
CA VAL C 322 -25.10 41.39 -19.27
C VAL C 322 -24.79 39.96 -19.65
N HIS C 323 -24.23 39.75 -20.84
CA HIS C 323 -23.57 38.51 -21.15
C HIS C 323 -22.06 38.68 -21.03
N PHE C 324 -21.49 38.24 -19.91
CA PHE C 324 -20.06 38.41 -19.65
C PHE C 324 -19.19 37.87 -20.79
N ALA C 325 -19.47 36.67 -21.30
CA ALA C 325 -18.64 36.12 -22.35
C ALA C 325 -18.60 37.06 -23.57
N SER C 326 -19.69 37.77 -23.87
CA SER C 326 -19.75 38.61 -25.06
C SER C 326 -18.87 39.84 -24.86
N ALA C 327 -19.00 40.50 -23.72
CA ALA C 327 -18.08 41.56 -23.32
C ALA C 327 -16.62 41.11 -23.44
N ASN C 328 -16.36 39.84 -23.14
CA ASN C 328 -15.01 39.33 -23.17
C ASN C 328 -14.52 39.04 -24.59
N ARG C 329 -15.38 39.12 -25.62
CA ARG C 329 -14.94 38.91 -26.99
CA ARG C 329 -14.97 38.90 -27.00
C ARG C 329 -15.09 40.21 -27.78
N ASP C 330 -15.21 41.36 -27.07
CA ASP C 330 -15.36 42.68 -27.68
C ASP C 330 -14.10 43.10 -28.43
N GLU C 331 -14.21 43.31 -29.75
CA GLU C 331 -13.08 43.62 -30.62
C GLU C 331 -12.57 45.04 -30.40
N GLU C 332 -13.34 45.89 -29.72
CA GLU C 332 -12.88 47.23 -29.40
C GLU C 332 -11.89 47.17 -28.24
N VAL C 333 -11.89 46.09 -27.45
CA VAL C 333 -11.03 46.00 -26.28
C VAL C 333 -9.90 45.00 -26.51
N PHE C 334 -10.17 43.91 -27.23
CA PHE C 334 -9.16 42.87 -27.41
C PHE C 334 -8.85 42.66 -28.89
N ASP C 335 -7.55 42.71 -29.22
CA ASP C 335 -7.05 42.34 -30.52
C ASP C 335 -7.28 40.85 -30.75
N HIS C 336 -7.72 40.47 -31.94
CA HIS C 336 -8.00 39.08 -32.29
C HIS C 336 -8.77 38.41 -31.14
N ALA C 337 -9.93 39.00 -30.80
CA ALA C 337 -10.69 38.61 -29.63
C ALA C 337 -11.18 37.17 -29.73
N ASP C 338 -11.40 36.68 -30.95
CA ASP C 338 -11.96 35.34 -31.09
CA ASP C 338 -11.93 35.34 -31.20
C ASP C 338 -10.82 34.31 -31.07
N GLU C 339 -9.59 34.78 -30.83
CA GLU C 339 -8.45 33.88 -30.71
C GLU C 339 -7.94 33.84 -29.27
N LEU C 340 -7.46 32.65 -28.89
CA LEU C 340 -6.86 32.40 -27.60
C LEU C 340 -5.36 32.64 -27.72
N ASP C 341 -4.88 33.67 -27.03
CA ASP C 341 -3.49 34.12 -27.14
C ASP C 341 -2.92 34.33 -25.73
N PHE C 342 -1.92 33.55 -25.35
CA PHE C 342 -1.43 33.60 -23.98
C PHE C 342 -0.38 34.70 -23.80
N HIS C 343 -0.13 35.50 -24.84
CA HIS C 343 0.94 36.49 -24.79
C HIS C 343 0.41 37.90 -24.95
N ARG C 344 -0.90 38.10 -24.73
CA ARG C 344 -1.51 39.42 -24.73
C ARG C 344 -0.90 40.31 -23.67
N GLU C 345 -0.68 41.58 -23.97
CA GLU C 345 -0.05 42.46 -23.00
C GLU C 345 -1.08 42.82 -21.94
N ARG C 346 -2.32 43.07 -22.38
CA ARG C 346 -3.38 43.49 -21.50
C ARG C 346 -4.58 42.56 -21.62
N ASN C 347 -5.18 42.25 -20.48
CA ASN C 347 -6.35 41.39 -20.49
C ASN C 347 -7.36 41.88 -19.46
N PRO C 348 -8.06 43.02 -19.70
CA PRO C 348 -9.06 43.52 -18.75
C PRO C 348 -10.43 42.85 -18.87
N HIS C 349 -10.48 41.54 -18.65
CA HIS C 349 -11.72 40.81 -18.88
C HIS C 349 -12.63 41.01 -17.68
N ILE C 350 -13.90 40.57 -17.83
CA ILE C 350 -14.86 40.58 -16.73
C ILE C 350 -15.42 39.17 -16.47
N ALA C 351 -14.58 38.14 -16.58
CA ALA C 351 -14.97 36.78 -16.20
C ALA C 351 -15.42 36.69 -14.75
N PHE C 352 -14.97 37.66 -13.93
CA PHE C 352 -15.30 37.73 -12.52
C PHE C 352 -16.29 38.86 -12.25
N GLY C 353 -16.89 39.41 -13.29
CA GLY C 353 -17.74 40.55 -13.09
C GLY C 353 -16.94 41.85 -12.98
N HIS C 354 -17.56 42.82 -12.30
CA HIS C 354 -17.11 44.19 -12.27
C HIS C 354 -17.97 44.96 -11.29
N GLY C 355 -17.43 46.04 -10.73
CA GLY C 355 -18.22 46.88 -9.85
C GLY C 355 -18.45 46.24 -8.49
N ALA C 356 -19.55 46.58 -7.84
CA ALA C 356 -19.70 46.26 -6.44
C ALA C 356 -19.83 44.76 -6.23
N HIS C 357 -20.43 44.05 -7.17
CA HIS C 357 -20.63 42.62 -7.04
C HIS C 357 -19.51 41.81 -7.70
N HIS C 358 -18.40 42.46 -8.06
CA HIS C 358 -17.20 41.78 -8.54
C HIS C 358 -16.92 40.58 -7.62
N CYS C 359 -16.57 39.44 -8.21
CA CYS C 359 -16.46 38.19 -7.48
C CYS C 359 -15.62 38.36 -6.20
N ILE C 360 -16.20 38.03 -5.05
CA ILE C 360 -15.43 38.09 -3.81
C ILE C 360 -14.30 37.04 -3.85
N GLY C 361 -14.53 35.94 -4.55
CA GLY C 361 -13.57 34.86 -4.60
C GLY C 361 -12.57 34.95 -5.77
N ALA C 362 -12.45 36.09 -6.47
CA ALA C 362 -11.68 36.11 -7.70
C ALA C 362 -10.23 35.69 -7.51
N GLN C 363 -9.60 36.13 -6.42
CA GLN C 363 -8.20 35.78 -6.18
C GLN C 363 -8.10 34.30 -5.82
N LEU C 364 -9.08 33.77 -5.08
CA LEU C 364 -9.05 32.37 -4.73
C LEU C 364 -9.26 31.50 -5.97
N GLY C 365 -10.16 31.91 -6.86
CA GLY C 365 -10.38 31.21 -8.12
C GLY C 365 -9.11 31.17 -8.97
N ARG C 366 -8.45 32.32 -9.09
CA ARG C 366 -7.20 32.42 -9.81
C ARG C 366 -6.17 31.49 -9.18
N LEU C 367 -6.06 31.47 -7.84
CA LEU C 367 -5.10 30.62 -7.17
C LEU C 367 -5.34 29.15 -7.51
N GLU C 368 -6.61 28.73 -7.46
CA GLU C 368 -6.94 27.33 -7.67
C GLU C 368 -6.62 26.93 -9.10
N LEU C 369 -6.98 27.78 -10.08
CA LEU C 369 -6.75 27.42 -11.47
C LEU C 369 -5.24 27.40 -11.74
N GLN C 370 -4.49 28.32 -11.13
CA GLN C 370 -3.05 28.42 -11.31
C GLN C 370 -2.37 27.19 -10.75
N GLU C 371 -2.75 26.78 -9.55
CA GLU C 371 -2.12 25.64 -8.95
C GLU C 371 -2.52 24.33 -9.62
N ALA C 372 -3.76 24.22 -10.11
CA ALA C 372 -4.21 22.97 -10.72
C ALA C 372 -3.52 22.79 -12.07
N LEU C 373 -3.52 23.83 -12.89
N LEU C 373 -3.49 23.85 -12.88
CA LEU C 373 -2.89 23.75 -14.20
CA LEU C 373 -2.92 23.76 -14.21
C LEU C 373 -1.38 23.53 -14.04
C LEU C 373 -1.40 23.67 -14.16
N SER C 374 -0.73 24.37 -13.23
CA SER C 374 0.71 24.29 -13.10
CA SER C 374 0.71 24.28 -13.08
C SER C 374 1.09 22.86 -12.72
N ALA C 375 0.43 22.30 -11.71
CA ALA C 375 0.73 20.93 -11.32
C ALA C 375 0.56 19.98 -12.51
N LEU C 376 -0.47 20.18 -13.35
CA LEU C 376 -0.72 19.30 -14.50
C LEU C 376 0.36 19.44 -15.55
N VAL C 377 0.67 20.66 -15.96
CA VAL C 377 1.64 20.81 -17.03
C VAL C 377 3.03 20.35 -16.56
N ARG C 378 3.36 20.42 -15.27
CA ARG C 378 4.72 20.05 -14.85
C ARG C 378 4.86 18.53 -14.66
N ARG C 379 3.79 17.86 -14.23
CA ARG C 379 3.85 16.44 -13.89
C ARG C 379 3.30 15.52 -14.96
N PHE C 380 2.45 16.04 -15.87
CA PHE C 380 1.83 15.24 -16.92
C PHE C 380 2.02 15.90 -18.29
N PRO C 381 3.27 15.99 -18.80
CA PRO C 381 3.46 16.53 -20.14
C PRO C 381 2.83 15.68 -21.24
N THR C 382 2.54 14.39 -20.96
CA THR C 382 1.96 13.48 -21.95
C THR C 382 0.44 13.52 -21.94
N LEU C 383 -0.14 14.44 -21.17
CA LEU C 383 -1.56 14.40 -20.83
C LEU C 383 -2.38 14.59 -22.10
N ASP C 384 -3.43 13.78 -22.24
CA ASP C 384 -4.29 13.90 -23.40
C ASP C 384 -5.71 13.45 -23.07
N LEU C 385 -6.67 13.91 -23.85
CA LEU C 385 -8.04 13.47 -23.72
C LEU C 385 -8.17 12.02 -24.20
N ALA C 386 -8.88 11.20 -23.43
CA ALA C 386 -8.98 9.78 -23.75
C ALA C 386 -10.42 9.32 -23.93
N GLU C 387 -11.30 10.26 -24.35
CA GLU C 387 -12.66 9.94 -24.79
C GLU C 387 -12.97 10.81 -26.01
N PRO C 388 -13.81 10.38 -26.96
CA PRO C 388 -14.04 11.13 -28.19
C PRO C 388 -14.68 12.47 -27.86
N VAL C 389 -14.29 13.51 -28.61
CA VAL C 389 -14.81 14.84 -28.37
C VAL C 389 -16.33 14.82 -28.54
N ALA C 390 -16.81 14.18 -29.61
CA ALA C 390 -18.23 14.10 -29.93
C ALA C 390 -19.06 13.57 -28.75
N GLY C 391 -18.48 12.73 -27.89
CA GLY C 391 -19.24 12.09 -26.84
C GLY C 391 -19.17 12.83 -25.50
N LEU C 392 -18.59 14.03 -25.46
CA LEU C 392 -18.35 14.69 -24.20
C LEU C 392 -19.67 15.06 -23.52
N LYS C 393 -19.74 14.87 -22.20
CA LYS C 393 -20.95 15.08 -21.46
C LYS C 393 -20.96 16.49 -20.90
N TRP C 394 -21.30 17.45 -21.76
CA TRP C 394 -21.50 18.83 -21.35
C TRP C 394 -22.74 18.95 -20.47
N LYS C 395 -22.64 19.67 -19.35
CA LYS C 395 -23.78 19.84 -18.48
C LYS C 395 -24.90 20.57 -19.21
N GLN C 396 -26.12 20.05 -19.11
CA GLN C 396 -27.28 20.70 -19.70
C GLN C 396 -28.13 21.37 -18.63
N GLY C 397 -28.75 22.49 -19.00
CA GLY C 397 -29.82 23.07 -18.21
C GLY C 397 -29.33 23.76 -16.94
N MET C 398 -28.16 24.29 -16.93
CA MET C 398 -27.63 24.97 -15.74
C MET C 398 -27.15 26.39 -16.08
N LEU C 399 -27.04 27.25 -15.10
CA LEU C 399 -26.61 28.61 -15.23
C LEU C 399 -25.13 28.68 -15.60
N ILE C 400 -24.41 27.57 -15.47
CA ILE C 400 -23.01 27.52 -15.88
C ILE C 400 -22.79 26.30 -16.76
N ARG C 401 -21.66 26.38 -17.47
CA ARG C 401 -21.28 25.32 -18.43
C ARG C 401 -20.01 24.59 -17.96
N GLY C 402 -19.93 23.31 -18.28
CA GLY C 402 -18.82 22.45 -17.92
C GLY C 402 -19.12 20.98 -18.20
N LEU C 403 -18.13 20.14 -17.87
CA LEU C 403 -18.18 18.73 -18.21
C LEU C 403 -18.54 17.91 -16.99
N GLU C 404 -19.41 16.92 -17.21
CA GLU C 404 -19.74 15.93 -16.18
C GLU C 404 -18.58 14.97 -16.02
N ARG C 405 -17.80 14.79 -17.09
CA ARG C 405 -16.76 13.78 -17.13
CA ARG C 405 -16.75 13.78 -17.12
C ARG C 405 -15.68 14.23 -18.11
N GLN C 406 -14.42 13.86 -17.81
CA GLN C 406 -13.32 14.19 -18.69
C GLN C 406 -12.23 13.15 -18.52
N ILE C 407 -12.35 12.03 -19.23
CA ILE C 407 -11.41 10.93 -19.12
C ILE C 407 -10.12 11.35 -19.84
N VAL C 408 -9.00 11.38 -19.10
CA VAL C 408 -7.71 11.74 -19.67
C VAL C 408 -6.76 10.57 -19.49
N SER C 409 -5.76 10.53 -20.37
CA SER C 409 -4.67 9.58 -20.29
C SER C 409 -3.34 10.33 -20.13
N TRP C 410 -2.27 9.60 -19.75
CA TRP C 410 -0.94 10.18 -19.63
C TRP C 410 0.16 9.12 -19.66
N ALA D 14 -33.64 -45.16 15.16
CA ALA D 14 -33.42 -46.34 16.03
C ALA D 14 -32.34 -46.01 17.09
N ASP D 15 -31.96 -47.05 17.85
CA ASP D 15 -30.84 -47.00 18.80
C ASP D 15 -31.09 -46.10 20.00
N ALA D 16 -32.15 -46.41 20.75
CA ALA D 16 -32.33 -45.89 22.08
C ALA D 16 -31.38 -46.57 23.05
N VAL D 17 -30.08 -46.38 22.82
CA VAL D 17 -29.08 -46.98 23.65
C VAL D 17 -28.16 -45.87 24.15
N PRO D 18 -27.64 -45.99 25.39
CA PRO D 18 -26.88 -44.89 25.98
C PRO D 18 -25.58 -44.67 25.23
N ALA D 19 -25.13 -43.41 25.24
CA ALA D 19 -23.79 -43.03 24.81
C ALA D 19 -22.75 -43.75 25.65
N TYR D 20 -21.69 -44.22 25.00
CA TYR D 20 -20.57 -44.81 25.72
C TYR D 20 -19.28 -44.26 25.11
N PRO D 21 -18.39 -43.60 25.87
CA PRO D 21 -18.47 -43.49 27.33
C PRO D 21 -19.64 -42.72 27.97
N PHE D 22 -20.01 -43.18 29.18
CA PHE D 22 -21.15 -42.71 29.95
C PHE D 22 -20.92 -41.31 30.52
N SER D 23 -19.72 -41.12 31.07
CA SER D 23 -19.29 -39.86 31.63
C SER D 23 -17.82 -39.62 31.29
N LEU D 24 -17.37 -38.39 31.56
CA LEU D 24 -15.98 -38.02 31.46
C LEU D 24 -15.24 -38.52 32.70
N PRO D 25 -13.98 -38.97 32.56
CA PRO D 25 -13.19 -39.45 33.71
C PRO D 25 -12.89 -38.38 34.76
N HIS D 26 -13.02 -38.73 36.05
CA HIS D 26 -12.53 -37.85 37.11
C HIS D 26 -11.45 -38.58 37.93
N ALA D 27 -10.23 -38.02 37.91
CA ALA D 27 -9.09 -38.58 38.60
C ALA D 27 -8.99 -40.06 38.24
N LEU D 28 -8.90 -40.93 39.25
CA LEU D 28 -8.96 -42.37 39.06
C LEU D 28 -10.24 -42.96 39.65
N ASP D 29 -11.29 -42.13 39.84
CA ASP D 29 -12.64 -42.62 40.12
C ASP D 29 -13.16 -43.44 38.95
N LEU D 30 -13.94 -44.48 39.26
CA LEU D 30 -14.56 -45.26 38.20
C LEU D 30 -16.04 -44.91 38.17
N ASP D 31 -16.61 -44.90 36.96
CA ASP D 31 -17.99 -44.49 36.79
C ASP D 31 -18.87 -45.45 37.58
N PRO D 32 -19.71 -44.96 38.53
CA PRO D 32 -20.58 -45.85 39.31
C PRO D 32 -21.56 -46.74 38.54
N HIS D 33 -21.75 -46.49 37.24
CA HIS D 33 -22.68 -47.27 36.44
C HIS D 33 -22.13 -48.67 36.19
N TYR D 34 -20.80 -48.83 36.22
CA TYR D 34 -20.22 -50.12 35.83
C TYR D 34 -20.65 -51.20 36.83
N ALA D 35 -20.63 -50.88 38.11
CA ALA D 35 -20.95 -51.82 39.16
C ALA D 35 -22.40 -52.27 39.06
N GLU D 36 -23.24 -51.40 38.49
CA GLU D 36 -24.67 -51.66 38.39
C GLU D 36 -24.93 -52.53 37.18
N LEU D 37 -24.15 -52.34 36.13
CA LEU D 37 -24.21 -53.25 35.00
C LEU D 37 -23.70 -54.64 35.43
N ARG D 38 -22.61 -54.69 36.19
CA ARG D 38 -22.03 -55.97 36.57
C ARG D 38 -23.04 -56.79 37.34
N ARG D 39 -23.88 -56.15 38.15
CA ARG D 39 -24.96 -56.83 38.86
C ARG D 39 -26.11 -57.16 37.92
N ASP D 40 -26.60 -56.19 37.14
CA ASP D 40 -27.98 -56.27 36.64
C ASP D 40 -28.08 -56.51 35.12
N GLU D 41 -27.08 -56.04 34.36
CA GLU D 41 -27.07 -56.14 32.90
CA GLU D 41 -27.08 -56.13 32.90
C GLU D 41 -25.61 -56.18 32.44
N PRO D 42 -24.93 -57.34 32.55
CA PRO D 42 -23.48 -57.38 32.32
C PRO D 42 -23.05 -57.07 30.88
N VAL D 43 -23.96 -57.31 29.92
CA VAL D 43 -23.71 -57.07 28.52
C VAL D 43 -24.87 -56.22 28.03
N SER D 44 -24.56 -55.03 27.48
CA SER D 44 -25.54 -54.00 27.14
C SER D 44 -25.11 -53.30 25.86
N ARG D 45 -26.08 -53.07 24.98
CA ARG D 45 -25.82 -52.29 23.75
CA ARG D 45 -25.82 -52.29 23.76
C ARG D 45 -25.60 -50.77 24.04
N VAL D 46 -24.54 -50.27 23.43
CA VAL D 46 -24.15 -48.90 23.62
C VAL D 46 -23.72 -48.33 22.27
N ARG D 47 -23.77 -46.99 22.18
CA ARG D 47 -23.35 -46.29 20.99
C ARG D 47 -21.95 -45.72 21.27
N LEU D 48 -20.98 -46.18 20.47
CA LEU D 48 -19.61 -45.75 20.65
C LEU D 48 -19.43 -44.38 19.99
N PRO D 49 -18.40 -43.60 20.38
CA PRO D 49 -18.22 -42.24 19.89
C PRO D 49 -17.96 -42.13 18.39
N TYR D 50 -17.29 -43.11 17.82
CA TYR D 50 -17.01 -43.06 16.39
C TYR D 50 -17.48 -44.37 15.80
N GLY D 51 -17.38 -44.46 14.48
CA GLY D 51 -18.01 -45.52 13.73
C GLY D 51 -19.52 -45.31 13.77
N GLU D 52 -20.26 -46.33 13.37
CA GLU D 52 -21.71 -46.22 13.34
C GLU D 52 -22.32 -47.56 13.74
N GLY D 53 -23.59 -47.51 14.10
CA GLY D 53 -24.22 -48.65 14.71
C GLY D 53 -23.84 -48.70 16.18
N THR D 54 -23.72 -49.92 16.66
CA THR D 54 -23.91 -50.15 18.08
C THR D 54 -22.98 -51.28 18.47
N ALA D 55 -22.72 -51.43 19.77
CA ALA D 55 -21.80 -52.45 20.24
C ALA D 55 -22.19 -52.99 21.60
N TRP D 56 -21.81 -54.24 21.89
CA TRP D 56 -22.03 -54.81 23.20
C TRP D 56 -20.89 -54.39 24.12
N LEU D 57 -21.23 -53.69 25.21
CA LEU D 57 -20.30 -53.40 26.28
C LEU D 57 -20.34 -54.55 27.27
N VAL D 58 -19.15 -55.09 27.53
CA VAL D 58 -18.91 -56.23 28.41
C VAL D 58 -18.18 -55.73 29.65
N THR D 59 -18.73 -55.97 30.83
CA THR D 59 -18.24 -55.34 32.04
C THR D 59 -17.71 -56.33 33.04
N ARG D 60 -17.92 -57.63 32.78
CA ARG D 60 -17.59 -58.71 33.70
C ARG D 60 -16.39 -59.54 33.23
N MET D 61 -15.68 -60.14 34.19
CA MET D 61 -14.46 -60.86 33.90
C MET D 61 -14.73 -62.06 32.99
N SER D 62 -15.74 -62.89 33.31
CA SER D 62 -16.01 -64.07 32.51
C SER D 62 -16.21 -63.72 31.03
N ASP D 63 -17.07 -62.74 30.74
CA ASP D 63 -17.31 -62.36 29.37
C ASP D 63 -16.07 -61.71 28.75
N ALA D 64 -15.29 -60.98 29.55
CA ALA D 64 -14.14 -60.29 28.97
C ALA D 64 -13.15 -61.32 28.45
N ARG D 65 -13.02 -62.43 29.19
CA ARG D 65 -12.09 -63.48 28.83
C ARG D 65 -12.54 -64.17 27.54
N ILE D 66 -13.84 -64.38 27.38
CA ILE D 66 -14.34 -64.92 26.11
C ILE D 66 -14.07 -63.95 24.96
N VAL D 67 -14.38 -62.66 25.14
CA VAL D 67 -14.29 -61.72 24.03
C VAL D 67 -12.85 -61.57 23.59
N LEU D 68 -11.93 -61.44 24.56
CA LEU D 68 -10.55 -61.27 24.23
C LEU D 68 -9.88 -62.61 23.88
N GLY D 69 -10.50 -63.75 24.19
CA GLY D 69 -9.74 -64.99 24.32
C GLY D 69 -10.00 -66.07 23.26
N ASP D 70 -10.73 -65.75 22.20
CA ASP D 70 -11.45 -66.76 21.44
C ASP D 70 -11.36 -66.41 19.95
N SER D 71 -11.02 -67.39 19.09
CA SER D 71 -10.86 -67.15 17.65
C SER D 71 -12.16 -66.80 16.94
N ARG D 72 -13.30 -66.88 17.64
CA ARG D 72 -14.57 -66.48 17.05
C ARG D 72 -14.70 -64.96 17.09
N PHE D 73 -13.85 -64.26 17.86
CA PHE D 73 -13.84 -62.81 17.91
C PHE D 73 -12.63 -62.31 17.15
N SER D 74 -12.87 -61.44 16.16
CA SER D 74 -11.85 -60.96 15.24
C SER D 74 -11.64 -59.46 15.42
N THR D 75 -10.38 -59.03 15.61
CA THR D 75 -10.02 -57.62 15.59
C THR D 75 -9.78 -57.16 14.15
N ALA D 76 -9.39 -58.05 13.24
CA ALA D 76 -9.16 -57.64 11.86
C ALA D 76 -10.45 -57.15 11.21
N ALA D 77 -11.58 -57.72 11.63
CA ALA D 77 -12.87 -57.38 11.07
C ALA D 77 -13.29 -55.97 11.50
N ALA D 78 -12.61 -55.39 12.48
CA ALA D 78 -13.02 -54.09 13.01
C ALA D 78 -12.28 -52.94 12.34
N THR D 79 -11.55 -53.22 11.25
CA THR D 79 -10.80 -52.19 10.55
C THR D 79 -11.73 -51.40 9.64
N ASP D 80 -12.81 -52.07 9.16
CA ASP D 80 -13.87 -51.43 8.39
C ASP D 80 -14.25 -50.09 9.01
N PRO D 81 -14.15 -48.96 8.26
CA PRO D 81 -14.47 -47.63 8.80
C PRO D 81 -15.85 -47.50 9.46
N ALA D 82 -16.80 -48.33 9.05
CA ALA D 82 -18.14 -48.35 9.61
C ALA D 82 -18.16 -48.89 11.03
N THR D 83 -17.23 -49.80 11.36
CA THR D 83 -17.29 -50.48 12.63
C THR D 83 -17.14 -49.48 13.78
N PRO D 84 -17.99 -49.59 14.83
CA PRO D 84 -17.85 -48.77 16.04
C PRO D 84 -16.45 -48.82 16.66
N ARG D 85 -16.05 -47.74 17.31
CA ARG D 85 -14.67 -47.65 17.86
C ARG D 85 -14.62 -46.54 18.91
N MET D 86 -13.56 -46.54 19.73
CA MET D 86 -13.43 -45.55 20.81
C MET D 86 -12.64 -44.34 20.35
N PHE D 87 -12.04 -44.44 19.17
CA PHE D 87 -11.08 -43.42 18.77
C PHE D 87 -11.39 -42.96 17.36
N PRO D 88 -11.05 -41.68 17.05
CA PRO D 88 -11.46 -41.03 15.80
C PRO D 88 -11.09 -41.76 14.52
N THR D 89 -9.82 -42.18 14.39
CA THR D 89 -9.32 -42.67 13.12
C THR D 89 -9.74 -44.12 12.97
N PRO D 90 -10.16 -44.58 11.77
CA PRO D 90 -10.36 -46.01 11.52
C PRO D 90 -9.04 -46.75 11.77
N PRO D 91 -9.03 -48.00 12.26
CA PRO D 91 -7.77 -48.69 12.58
C PRO D 91 -6.97 -49.01 11.33
N GLU D 92 -5.66 -48.83 11.44
CA GLU D 92 -4.73 -49.23 10.40
C GLU D 92 -4.79 -50.74 10.26
N PRO D 93 -5.07 -51.30 9.05
CA PRO D 93 -4.99 -52.75 8.84
C PRO D 93 -3.66 -53.42 9.19
N ASP D 94 -2.53 -52.69 9.09
CA ASP D 94 -1.22 -53.26 9.33
C ASP D 94 -0.79 -53.18 10.79
N GLY D 95 -1.63 -52.60 11.67
CA GLY D 95 -1.36 -52.54 13.10
C GLY D 95 -1.51 -53.91 13.76
N VAL D 96 -0.67 -54.19 14.76
CA VAL D 96 -0.62 -55.51 15.36
C VAL D 96 -1.98 -55.85 15.97
N LEU D 97 -2.65 -54.84 16.52
CA LEU D 97 -3.90 -55.06 17.24
C LEU D 97 -5.05 -55.35 16.27
N ALA D 98 -4.88 -54.99 14.99
CA ALA D 98 -5.82 -55.27 13.92
C ALA D 98 -5.58 -56.61 13.23
N GLN D 99 -4.72 -57.45 13.81
CA GLN D 99 -4.32 -58.69 13.19
C GLN D 99 -4.95 -59.86 13.95
N ASP D 100 -5.34 -60.92 13.21
CA ASP D 100 -5.83 -62.13 13.84
C ASP D 100 -4.80 -63.25 13.72
N PRO D 101 -4.76 -64.19 14.68
CA PRO D 101 -3.90 -65.36 14.57
C PRO D 101 -4.34 -66.18 13.37
N PRO D 102 -3.44 -66.88 12.66
CA PRO D 102 -2.01 -66.90 13.02
C PRO D 102 -1.04 -65.81 12.56
N ASP D 103 -1.46 -64.90 11.66
CA ASP D 103 -0.63 -63.79 11.19
C ASP D 103 -0.18 -62.89 12.32
N HIS D 104 -1.10 -62.59 13.23
CA HIS D 104 -0.80 -61.89 14.45
C HIS D 104 0.34 -62.58 15.16
N THR D 105 0.21 -63.91 15.27
CA THR D 105 1.16 -64.71 16.03
C THR D 105 2.54 -64.53 15.41
N ARG D 106 2.59 -64.49 14.07
CA ARG D 106 3.85 -64.39 13.36
C ARG D 106 4.42 -62.97 13.46
N LEU D 107 3.53 -61.97 13.39
CA LEU D 107 3.95 -60.59 13.60
C LEU D 107 4.60 -60.41 14.96
N ARG D 108 4.00 -60.99 16.01
CA ARG D 108 4.53 -60.90 17.37
C ARG D 108 5.87 -61.58 17.52
N ARG D 109 6.18 -62.59 16.70
CA ARG D 109 7.43 -63.34 16.80
C ARG D 109 8.61 -62.49 16.33
N LEU D 110 8.34 -61.46 15.53
CA LEU D 110 9.34 -60.49 15.15
C LEU D 110 10.12 -59.93 16.36
N VAL D 111 9.45 -59.66 17.49
CA VAL D 111 10.02 -58.91 18.61
C VAL D 111 9.85 -59.65 19.92
N GLY D 112 9.10 -60.75 19.90
CA GLY D 112 8.58 -61.37 21.12
C GLY D 112 9.68 -61.89 22.04
N LYS D 113 10.80 -62.33 21.45
CA LYS D 113 11.94 -62.84 22.19
C LYS D 113 12.38 -61.86 23.28
N ALA D 114 12.59 -60.58 22.88
CA ALA D 114 13.02 -59.51 23.77
C ALA D 114 12.06 -59.27 24.92
N PHE D 115 10.83 -59.74 24.84
CA PHE D 115 9.86 -59.35 25.85
C PHE D 115 9.53 -60.53 26.75
N THR D 116 10.27 -61.64 26.63
CA THR D 116 10.01 -62.75 27.53
C THR D 116 10.40 -62.32 28.93
N ALA D 117 9.68 -62.87 29.91
CA ALA D 117 9.89 -62.55 31.30
C ALA D 117 11.36 -62.76 31.66
N ARG D 118 12.01 -63.73 31.03
CA ARG D 118 13.44 -64.00 31.31
C ARG D 118 14.31 -62.86 30.77
N ARG D 119 14.05 -62.40 29.55
CA ARG D 119 14.90 -61.38 28.95
C ARG D 119 14.69 -60.03 29.64
N VAL D 120 13.47 -59.81 30.14
CA VAL D 120 13.12 -58.57 30.80
C VAL D 120 13.78 -58.54 32.18
N GLU D 121 13.68 -59.64 32.93
CA GLU D 121 14.31 -59.72 34.24
C GLU D 121 15.81 -59.41 34.13
N GLU D 122 16.45 -59.84 33.05
CA GLU D 122 17.87 -59.56 32.84
C GLU D 122 18.16 -58.06 32.76
N MET D 123 17.14 -57.24 32.48
CA MET D 123 17.30 -55.80 32.30
C MET D 123 17.34 -55.08 33.65
N ARG D 124 16.93 -55.76 34.71
CA ARG D 124 16.71 -55.11 35.98
C ARG D 124 17.95 -54.35 36.43
N PRO D 125 19.18 -54.88 36.31
CA PRO D 125 20.33 -54.10 36.76
C PRO D 125 20.43 -52.74 36.09
N ARG D 126 20.27 -52.72 34.76
CA ARG D 126 20.43 -51.50 33.99
C ARG D 126 19.26 -50.55 34.26
N VAL D 127 18.05 -51.08 34.46
CA VAL D 127 16.89 -50.25 34.73
C VAL D 127 16.98 -49.65 36.12
N ARG D 128 17.46 -50.45 37.06
CA ARG D 128 17.65 -50.01 38.43
C ARG D 128 18.59 -48.82 38.51
N SER D 129 19.68 -48.83 37.73
CA SER D 129 20.63 -47.75 37.84
C SER D 129 20.15 -46.51 37.06
N LEU D 130 19.30 -46.69 36.03
CA LEU D 130 18.55 -45.59 35.43
C LEU D 130 17.75 -44.79 36.47
N VAL D 131 16.93 -45.52 37.23
CA VAL D 131 16.08 -44.93 38.24
C VAL D 131 16.91 -44.18 39.29
N ASP D 132 17.99 -44.80 39.76
CA ASP D 132 18.84 -44.20 40.79
C ASP D 132 19.43 -42.89 40.29
N SER D 133 19.86 -42.90 39.03
CA SER D 133 20.43 -41.75 38.32
C SER D 133 19.44 -40.58 38.28
N LEU D 134 18.18 -40.91 37.93
CA LEU D 134 17.13 -39.91 37.74
C LEU D 134 16.71 -39.38 39.09
N LEU D 135 16.62 -40.28 40.07
CA LEU D 135 16.27 -39.84 41.41
C LEU D 135 17.40 -39.00 41.99
N ASP D 136 18.64 -39.29 41.59
CA ASP D 136 19.78 -38.50 42.02
C ASP D 136 19.59 -37.05 41.56
N ASP D 137 19.05 -36.87 40.35
CA ASP D 137 18.81 -35.56 39.76
C ASP D 137 17.70 -34.82 40.51
N MET D 138 16.64 -35.53 40.82
CA MET D 138 15.55 -34.94 41.58
CA MET D 138 15.55 -34.95 41.59
C MET D 138 16.06 -34.47 42.95
N VAL D 139 16.96 -35.24 43.58
CA VAL D 139 17.47 -34.87 44.90
C VAL D 139 18.33 -33.61 44.75
N ALA D 140 19.16 -33.56 43.70
CA ALA D 140 20.04 -32.42 43.44
C ALA D 140 19.21 -31.16 43.24
N HIS D 141 18.12 -31.27 42.45
CA HIS D 141 17.15 -30.18 42.30
C HIS D 141 16.66 -29.72 43.67
N GLY D 142 16.21 -30.67 44.51
CA GLY D 142 15.73 -30.36 45.86
C GLY D 142 14.20 -30.34 45.91
N SER D 143 13.67 -30.44 47.13
CA SER D 143 12.23 -30.51 47.34
C SER D 143 11.63 -29.11 47.46
N PRO D 144 10.40 -28.83 46.96
CA PRO D 144 9.59 -29.77 46.18
C PRO D 144 9.96 -29.92 44.70
N ALA D 145 9.42 -30.94 44.03
CA ALA D 145 9.74 -31.20 42.62
C ALA D 145 8.63 -31.97 41.90
N ASP D 146 8.57 -31.78 40.56
CA ASP D 146 7.58 -32.42 39.74
C ASP D 146 8.09 -33.81 39.34
N LEU D 147 7.37 -34.85 39.82
CA LEU D 147 7.77 -36.23 39.64
C LEU D 147 7.61 -36.67 38.19
N VAL D 148 6.69 -36.02 37.48
CA VAL D 148 6.47 -36.28 36.06
C VAL D 148 7.73 -35.91 35.30
N GLU D 149 8.29 -34.71 35.52
CA GLU D 149 9.40 -34.29 34.67
C GLU D 149 10.67 -35.04 35.10
N PHE D 150 10.75 -35.48 36.37
CA PHE D 150 11.99 -36.01 36.89
C PHE D 150 12.04 -37.54 36.86
N LEU D 151 10.90 -38.21 36.82
CA LEU D 151 10.88 -39.67 36.79
C LEU D 151 9.89 -40.24 35.77
N ALA D 152 8.61 -39.90 35.91
CA ALA D 152 7.56 -40.61 35.20
C ALA D 152 7.77 -40.58 33.69
N VAL D 153 8.26 -39.48 33.17
CA VAL D 153 8.48 -39.37 31.73
C VAL D 153 9.87 -39.87 31.38
N PRO D 154 10.99 -39.33 31.94
CA PRO D 154 12.32 -39.72 31.47
C PRO D 154 12.69 -41.20 31.62
N PHE D 155 12.07 -41.92 32.56
CA PHE D 155 12.49 -43.27 32.91
C PHE D 155 11.98 -44.27 31.87
N PRO D 156 10.66 -44.37 31.62
CA PRO D 156 10.15 -45.18 30.51
C PRO D 156 10.65 -44.77 29.13
N VAL D 157 10.91 -43.47 28.95
CA VAL D 157 11.38 -42.99 27.66
C VAL D 157 12.81 -43.53 27.44
N ALA D 158 13.69 -43.37 28.43
CA ALA D 158 15.04 -43.91 28.29
C ALA D 158 15.00 -45.43 28.05
N VAL D 159 14.11 -46.14 28.73
CA VAL D 159 14.13 -47.59 28.62
C VAL D 159 13.77 -48.05 27.19
N ILE D 160 12.66 -47.51 26.63
CA ILE D 160 12.18 -47.96 25.33
C ILE D 160 13.13 -47.50 24.22
N CYS D 161 13.70 -46.31 24.39
CA CYS D 161 14.71 -45.82 23.47
C CYS D 161 15.91 -46.78 23.38
N GLU D 162 16.46 -47.21 24.54
CA GLU D 162 17.54 -48.19 24.50
CA GLU D 162 17.51 -48.22 24.60
C GLU D 162 17.03 -49.50 23.91
N LEU D 163 15.87 -49.99 24.35
CA LEU D 163 15.43 -51.29 23.85
C LEU D 163 15.26 -51.24 22.33
N LEU D 164 14.61 -50.19 21.83
CA LEU D 164 14.25 -50.10 20.42
C LEU D 164 15.46 -49.67 19.60
N GLY D 165 16.28 -48.79 20.19
CA GLY D 165 17.36 -48.12 19.46
C GLY D 165 16.89 -46.82 18.81
N VAL D 166 16.03 -46.08 19.52
CA VAL D 166 15.50 -44.82 19.03
C VAL D 166 16.30 -43.71 19.70
N PRO D 167 16.78 -42.67 18.98
CA PRO D 167 17.61 -41.64 19.61
C PRO D 167 16.80 -40.94 20.70
N LEU D 168 17.36 -40.90 21.91
CA LEU D 168 16.73 -40.28 23.06
C LEU D 168 16.51 -38.78 22.82
N GLU D 169 17.23 -38.18 21.86
CA GLU D 169 17.11 -36.77 21.50
CA GLU D 169 17.06 -36.76 21.60
C GLU D 169 15.80 -36.51 20.76
N ASP D 170 15.20 -37.57 20.18
CA ASP D 170 13.95 -37.46 19.43
C ASP D 170 12.72 -37.48 20.35
N ARG D 171 12.93 -37.44 21.66
CA ARG D 171 11.84 -37.58 22.61
C ARG D 171 10.66 -36.64 22.34
N ASP D 172 10.93 -35.33 22.19
CA ASP D 172 9.87 -34.33 22.03
C ASP D 172 9.08 -34.61 20.76
N LEU D 173 9.79 -35.05 19.72
CA LEU D 173 9.22 -35.36 18.42
C LEU D 173 8.27 -36.54 18.51
N PHE D 174 8.65 -37.61 19.23
CA PHE D 174 7.78 -38.79 19.20
C PHE D 174 6.76 -38.76 20.33
N ARG D 175 7.04 -38.08 21.46
CA ARG D 175 6.01 -37.77 22.45
C ARG D 175 4.87 -36.91 21.83
N THR D 176 5.18 -35.97 20.93
CA THR D 176 4.13 -35.22 20.25
C THR D 176 3.27 -36.16 19.40
N PHE D 177 3.90 -37.01 18.61
CA PHE D 177 3.16 -37.93 17.76
C PHE D 177 2.30 -38.85 18.61
N SER D 178 2.86 -39.33 19.72
CA SER D 178 2.20 -40.29 20.58
C SER D 178 0.96 -39.70 21.25
N ASP D 179 1.08 -38.47 21.74
CA ASP D 179 -0.04 -37.78 22.39
C ASP D 179 -1.21 -37.72 21.42
N ALA D 180 -0.94 -37.28 20.21
CA ALA D 180 -1.96 -37.14 19.20
C ALA D 180 -2.62 -38.49 18.91
N MET D 181 -1.82 -39.56 18.79
CA MET D 181 -2.35 -40.84 18.34
CA MET D 181 -2.27 -40.88 18.37
C MET D 181 -3.13 -41.51 19.45
N LEU D 182 -3.02 -41.01 20.68
CA LEU D 182 -3.82 -41.52 21.79
C LEU D 182 -4.99 -40.60 22.17
N SER D 183 -5.36 -39.69 21.28
CA SER D 183 -6.49 -38.80 21.49
CA SER D 183 -6.49 -38.81 21.53
C SER D 183 -7.79 -39.61 21.38
N SER D 184 -8.75 -39.33 22.26
CA SER D 184 -10.08 -39.88 22.11
C SER D 184 -10.99 -38.82 21.49
N THR D 185 -11.06 -37.61 22.09
CA THR D 185 -11.95 -36.56 21.58
C THR D 185 -11.22 -35.27 21.21
N ARG D 186 -9.95 -35.09 21.58
CA ARG D 186 -9.37 -33.75 21.49
C ARG D 186 -8.93 -33.40 20.04
N LEU D 187 -8.66 -34.41 19.22
CA LEU D 187 -8.33 -34.18 17.82
C LEU D 187 -9.33 -34.90 16.93
N THR D 188 -9.47 -34.39 15.70
CA THR D 188 -10.30 -35.00 14.67
C THR D 188 -9.52 -36.10 13.97
N ALA D 189 -10.24 -36.95 13.25
CA ALA D 189 -9.67 -38.04 12.44
C ALA D 189 -8.67 -37.53 11.40
N ALA D 190 -8.97 -36.42 10.73
CA ALA D 190 -8.06 -35.90 9.71
C ALA D 190 -6.69 -35.53 10.30
N GLU D 191 -6.67 -34.98 11.52
CA GLU D 191 -5.42 -34.51 12.12
CA GLU D 191 -5.47 -34.51 12.20
C GLU D 191 -4.61 -35.69 12.63
N ILE D 192 -5.28 -36.69 13.21
CA ILE D 192 -4.61 -37.88 13.67
C ILE D 192 -4.03 -38.65 12.48
N GLN D 193 -4.80 -38.78 11.40
CA GLN D 193 -4.32 -39.43 10.20
C GLN D 193 -2.98 -38.82 9.78
N ARG D 194 -2.88 -37.48 9.79
CA ARG D 194 -1.66 -36.84 9.32
C ARG D 194 -0.49 -37.18 10.24
N VAL D 195 -0.74 -37.26 11.55
CA VAL D 195 0.29 -37.61 12.48
C VAL D 195 0.72 -39.07 12.29
N GLN D 196 -0.21 -39.93 11.88
CA GLN D 196 0.11 -41.36 11.67
C GLN D 196 1.01 -41.50 10.43
N GLN D 197 0.77 -40.72 9.40
CA GLN D 197 1.59 -40.80 8.20
C GLN D 197 2.99 -40.25 8.47
N ASP D 198 3.07 -39.25 9.37
CA ASP D 198 4.34 -38.64 9.74
C ASP D 198 5.15 -39.57 10.64
N PHE D 199 4.48 -40.30 11.53
CA PHE D 199 5.14 -41.27 12.42
C PHE D 199 5.68 -42.44 11.58
N MET D 200 4.87 -42.92 10.63
CA MET D 200 5.28 -43.99 9.74
C MET D 200 6.58 -43.65 9.03
N VAL D 201 6.66 -42.49 8.37
CA VAL D 201 7.82 -42.19 7.56
C VAL D 201 9.05 -41.94 8.44
N TYR D 202 8.81 -41.49 9.68
CA TYR D 202 9.88 -41.30 10.65
C TYR D 202 10.46 -42.67 11.01
N MET D 203 9.59 -43.64 11.36
CA MET D 203 10.00 -45.00 11.69
CA MET D 203 9.99 -45.00 11.68
C MET D 203 10.64 -45.66 10.47
N ASP D 204 9.96 -45.61 9.33
CA ASP D 204 10.53 -46.15 8.11
C ASP D 204 11.96 -45.62 7.92
N GLY D 205 12.15 -44.32 8.22
CA GLY D 205 13.46 -43.69 8.11
C GLY D 205 14.45 -44.22 9.13
N LEU D 206 14.00 -44.49 10.36
CA LEU D 206 14.86 -45.09 11.34
C LEU D 206 15.28 -46.50 10.89
N VAL D 207 14.34 -47.34 10.46
CA VAL D 207 14.71 -48.70 10.09
C VAL D 207 15.57 -48.67 8.84
N ALA D 208 15.43 -47.64 8.00
CA ALA D 208 16.29 -47.49 6.84
C ALA D 208 17.76 -47.26 7.21
N GLN D 209 18.03 -46.64 8.38
N GLN D 209 18.03 -46.66 8.38
CA GLN D 209 19.40 -46.38 8.83
CA GLN D 209 19.39 -46.38 8.81
C GLN D 209 20.17 -47.68 8.93
C GLN D 209 20.19 -47.68 9.03
N ARG D 210 19.49 -48.81 9.17
CA ARG D 210 20.11 -50.10 9.39
C ARG D 210 20.51 -50.83 8.11
N ARG D 211 20.12 -50.30 6.93
CA ARG D 211 20.49 -50.92 5.66
C ARG D 211 22.00 -51.03 5.57
N ASP D 212 22.70 -49.92 5.86
CA ASP D 212 24.15 -49.89 5.77
C ASP D 212 24.75 -50.71 6.91
N ALA D 213 24.22 -50.55 8.14
CA ALA D 213 24.86 -51.05 9.35
C ALA D 213 23.80 -51.54 10.33
N PRO D 214 23.64 -52.87 10.50
CA PRO D 214 22.66 -53.40 11.46
C PRO D 214 23.03 -52.90 12.86
N THR D 215 22.08 -53.05 13.79
CA THR D 215 22.29 -52.67 15.18
C THR D 215 21.76 -53.77 16.09
N GLU D 216 22.23 -53.79 17.33
CA GLU D 216 21.81 -54.82 18.27
C GLU D 216 20.64 -54.27 19.08
N ASP D 217 19.47 -54.13 18.44
CA ASP D 217 18.27 -53.65 19.10
C ASP D 217 17.09 -54.07 18.24
N LEU D 218 15.87 -53.77 18.70
CA LEU D 218 14.66 -54.21 18.00
C LEU D 218 14.54 -53.57 16.63
N LEU D 219 14.88 -52.29 16.50
CA LEU D 219 14.84 -51.69 15.17
C LEU D 219 15.72 -52.48 14.22
N GLY D 220 16.88 -52.98 14.69
CA GLY D 220 17.76 -53.84 13.91
C GLY D 220 17.09 -55.15 13.46
N ALA D 221 16.30 -55.75 14.35
CA ALA D 221 15.52 -56.93 14.00
C ALA D 221 14.46 -56.59 12.96
N LEU D 222 13.85 -55.40 13.07
CA LEU D 222 12.84 -54.99 12.09
C LEU D 222 13.52 -54.69 10.75
N ALA D 223 14.77 -54.23 10.77
CA ALA D 223 15.45 -53.94 9.52
C ALA D 223 15.74 -55.24 8.78
N LEU D 224 16.29 -56.23 9.50
CA LEU D 224 16.65 -57.52 8.90
C LEU D 224 15.38 -58.21 8.41
N ALA D 225 14.25 -57.92 9.08
CA ALA D 225 12.95 -58.44 8.70
C ALA D 225 12.47 -57.90 7.35
N THR D 226 12.81 -56.65 6.99
CA THR D 226 12.35 -56.10 5.72
C THR D 226 13.08 -56.77 4.57
N ASP D 227 14.31 -57.25 4.80
CA ASP D 227 15.01 -58.05 3.80
C ASP D 227 14.61 -59.53 3.91
N ASN D 228 14.85 -60.11 5.10
CA ASN D 228 14.61 -61.52 5.35
CA ASN D 228 14.60 -61.53 5.32
C ASN D 228 13.17 -61.75 5.80
N ASP D 229 12.25 -61.98 4.86
CA ASP D 229 10.85 -62.24 5.17
C ASP D 229 10.13 -62.80 3.94
N ASP D 230 8.92 -63.33 4.15
CA ASP D 230 8.12 -63.84 3.04
C ASP D 230 6.63 -63.57 3.26
N HIS D 231 6.25 -63.20 4.48
CA HIS D 231 4.85 -63.14 4.88
C HIS D 231 4.55 -61.79 5.55
N LEU D 232 5.60 -61.06 5.97
CA LEU D 232 5.43 -59.77 6.64
C LEU D 232 5.67 -58.63 5.65
N THR D 233 4.68 -57.72 5.53
CA THR D 233 4.84 -56.55 4.69
C THR D 233 5.69 -55.53 5.44
N LYS D 234 6.30 -54.62 4.68
CA LYS D 234 7.06 -53.51 5.21
C LYS D 234 6.17 -52.64 6.09
N GLY D 235 4.91 -52.47 5.68
CA GLY D 235 3.92 -51.69 6.42
C GLY D 235 3.64 -52.27 7.80
N GLU D 236 3.67 -53.60 7.93
CA GLU D 236 3.39 -54.30 9.18
C GLU D 236 4.57 -54.16 10.13
N ILE D 237 5.76 -54.30 9.56
CA ILE D 237 7.00 -54.20 10.31
C ILE D 237 7.14 -52.80 10.88
N VAL D 238 7.02 -51.80 10.01
CA VAL D 238 7.24 -50.44 10.44
C VAL D 238 6.19 -50.07 11.49
N ASN D 239 4.96 -50.48 11.26
CA ASN D 239 3.90 -50.21 12.22
C ASN D 239 4.20 -50.77 13.60
N MET D 240 4.92 -51.90 13.66
CA MET D 240 5.31 -52.50 14.93
C MET D 240 6.26 -51.56 15.67
N GLY D 241 7.21 -50.99 14.94
CA GLY D 241 8.08 -49.95 15.49
C GLY D 241 7.32 -48.85 16.22
N VAL D 242 6.29 -48.32 15.54
CA VAL D 242 5.48 -47.21 16.02
C VAL D 242 4.69 -47.65 17.26
N SER D 243 4.03 -48.81 17.16
CA SER D 243 3.23 -49.32 18.27
C SER D 243 4.10 -49.50 19.51
N LEU D 244 5.27 -50.11 19.32
CA LEU D 244 6.18 -50.35 20.43
C LEU D 244 6.59 -49.01 21.04
N LEU D 245 6.88 -48.03 20.19
CA LEU D 245 7.39 -46.76 20.70
C LEU D 245 6.30 -46.02 21.47
N ILE D 246 5.04 -46.10 21.02
CA ILE D 246 3.91 -45.44 21.67
C ILE D 246 3.57 -46.15 22.97
N ALA D 247 3.22 -47.44 22.85
CA ALA D 247 2.83 -48.21 24.02
C ALA D 247 4.01 -48.31 25.00
N GLY D 248 5.23 -48.36 24.47
CA GLY D 248 6.43 -48.58 25.27
C GLY D 248 6.66 -47.51 26.35
N HIS D 249 6.25 -46.27 26.06
CA HIS D 249 6.45 -45.20 27.02
C HIS D 249 5.11 -44.71 27.56
N GLU D 250 4.10 -44.55 26.68
CA GLU D 250 2.89 -43.82 27.07
C GLU D 250 2.17 -44.48 28.25
N THR D 251 2.05 -45.81 28.25
CA THR D 251 1.35 -46.52 29.32
C THR D 251 2.10 -46.39 30.65
N SER D 252 3.42 -46.58 30.63
CA SER D 252 4.24 -46.57 31.84
C SER D 252 4.33 -45.18 32.48
N VAL D 253 4.50 -44.16 31.66
CA VAL D 253 4.51 -42.79 32.13
C VAL D 253 3.27 -42.56 32.97
N ASN D 254 2.09 -42.85 32.43
CA ASN D 254 0.87 -42.49 33.13
C ASN D 254 0.73 -43.33 34.39
N GLN D 255 1.15 -44.60 34.27
CA GLN D 255 0.91 -45.57 35.31
C GLN D 255 1.82 -45.31 36.49
N ILE D 256 3.00 -44.73 36.25
CA ILE D 256 3.84 -44.31 37.38
C ILE D 256 3.11 -43.22 38.18
N THR D 257 2.53 -42.24 37.48
CA THR D 257 1.86 -41.13 38.15
C THR D 257 0.63 -41.70 38.87
N ASN D 258 -0.07 -42.65 38.22
CA ASN D 258 -1.32 -43.16 38.79
C ASN D 258 -1.05 -43.94 40.08
N LEU D 259 0.00 -44.76 40.09
CA LEU D 259 0.35 -45.52 41.28
C LEU D 259 0.74 -44.55 42.39
N VAL D 260 1.60 -43.57 42.11
CA VAL D 260 2.02 -42.64 43.13
C VAL D 260 0.78 -41.91 43.68
N HIS D 261 -0.20 -41.65 42.82
CA HIS D 261 -1.37 -40.92 43.26
C HIS D 261 -2.10 -41.75 44.31
N LEU D 262 -2.32 -43.05 44.05
CA LEU D 262 -3.10 -43.88 44.95
C LEU D 262 -2.35 -44.04 46.28
N LEU D 263 -1.01 -44.02 46.25
CA LEU D 263 -0.22 -44.23 47.45
C LEU D 263 -0.24 -42.99 48.37
N LEU D 264 -0.10 -41.79 47.80
CA LEU D 264 -0.05 -40.57 48.61
C LEU D 264 -1.45 -40.08 48.98
N THR D 265 -2.45 -40.41 48.17
CA THR D 265 -3.85 -40.11 48.47
C THR D 265 -4.29 -40.74 49.79
N GLU D 266 -3.82 -41.95 50.11
CA GLU D 266 -4.11 -42.63 51.36
C GLU D 266 -2.79 -43.13 51.95
N ARG D 267 -2.09 -42.23 52.62
CA ARG D 267 -0.68 -42.40 52.90
C ARG D 267 -0.41 -43.67 53.74
N LYS D 268 -1.45 -44.27 54.32
CA LYS D 268 -1.29 -45.55 54.98
C LYS D 268 -0.73 -46.57 53.99
N ARG D 269 -1.15 -46.45 52.72
CA ARG D 269 -0.68 -47.30 51.65
C ARG D 269 0.83 -47.14 51.42
N TYR D 270 1.27 -45.90 51.19
CA TYR D 270 2.69 -45.61 50.98
C TYR D 270 3.51 -46.10 52.18
N GLU D 271 2.99 -45.96 53.41
CA GLU D 271 3.70 -46.33 54.62
C GLU D 271 3.87 -47.84 54.75
N SER D 272 2.88 -48.61 54.28
CA SER D 272 3.00 -50.06 54.37
C SER D 272 4.15 -50.53 53.47
N LEU D 273 4.41 -49.80 52.39
CA LEU D 273 5.52 -50.12 51.51
C LEU D 273 6.85 -49.63 52.09
N VAL D 274 6.85 -48.49 52.80
CA VAL D 274 8.06 -48.00 53.44
C VAL D 274 8.49 -49.01 54.51
N ALA D 275 7.51 -49.53 55.26
CA ALA D 275 7.83 -50.48 56.31
C ALA D 275 8.31 -51.81 55.74
N ASP D 276 7.85 -52.16 54.52
CA ASP D 276 8.19 -53.44 53.90
C ASP D 276 8.29 -53.31 52.38
N PRO D 277 9.45 -52.88 51.82
CA PRO D 277 9.58 -52.79 50.36
C PRO D 277 9.39 -54.09 49.59
N ALA D 278 9.51 -55.24 50.27
CA ALA D 278 9.29 -56.52 49.64
C ALA D 278 7.84 -56.70 49.18
N LEU D 279 6.92 -55.86 49.68
CA LEU D 279 5.50 -55.91 49.33
C LEU D 279 5.21 -55.18 48.02
N VAL D 280 6.22 -54.57 47.41
CA VAL D 280 6.02 -53.73 46.23
C VAL D 280 5.51 -54.54 45.04
N PRO D 281 6.11 -55.69 44.63
CA PRO D 281 5.52 -56.48 43.53
C PRO D 281 4.02 -56.77 43.61
N ALA D 282 3.56 -57.25 44.77
CA ALA D 282 2.14 -57.51 44.98
C ALA D 282 1.34 -56.20 44.97
N ALA D 283 1.92 -55.13 45.52
CA ALA D 283 1.25 -53.83 45.54
C ALA D 283 1.05 -53.31 44.10
N VAL D 284 2.07 -53.47 43.25
CA VAL D 284 1.99 -53.11 41.85
C VAL D 284 0.85 -53.86 41.18
N GLU D 285 0.81 -55.20 41.33
CA GLU D 285 -0.21 -56.03 40.71
C GLU D 285 -1.59 -55.54 41.15
N GLU D 286 -1.75 -55.24 42.45
CA GLU D 286 -3.03 -54.80 43.00
C GLU D 286 -3.40 -53.46 42.41
N MET D 287 -2.40 -52.56 42.22
CA MET D 287 -2.70 -51.23 41.68
C MET D 287 -2.93 -51.30 40.17
N LEU D 288 -2.34 -52.27 39.46
CA LEU D 288 -2.70 -52.47 38.06
C LEU D 288 -4.17 -52.84 37.93
N ARG D 289 -4.64 -53.64 38.88
CA ARG D 289 -6.03 -54.07 38.89
C ARG D 289 -6.94 -52.87 39.17
N TYR D 290 -6.62 -52.08 40.20
CA TYR D 290 -7.52 -51.08 40.75
C TYR D 290 -7.54 -49.79 39.92
N THR D 291 -6.55 -49.63 39.04
CA THR D 291 -6.34 -48.40 38.28
C THR D 291 -7.02 -48.45 36.90
N PRO D 292 -7.97 -47.51 36.66
CA PRO D 292 -8.58 -47.37 35.33
C PRO D 292 -7.69 -46.65 34.31
N LEU D 293 -6.61 -47.31 33.90
CA LEU D 293 -5.63 -46.72 33.01
C LEU D 293 -6.31 -46.39 31.70
N VAL D 294 -6.86 -47.42 31.04
CA VAL D 294 -7.60 -47.26 29.80
C VAL D 294 -8.94 -46.64 30.20
N SER D 295 -9.25 -45.45 29.66
N SER D 295 -9.20 -45.43 29.67
CA SER D 295 -10.30 -44.61 30.19
CA SER D 295 -10.30 -44.59 30.14
C SER D 295 -11.68 -45.15 29.84
C SER D 295 -11.62 -45.28 29.89
N ALA D 296 -11.82 -45.75 28.65
CA ALA D 296 -13.07 -46.39 28.29
C ALA D 296 -12.88 -47.40 27.18
N GLY D 297 -13.55 -48.53 27.35
CA GLY D 297 -13.59 -49.52 26.28
C GLY D 297 -12.22 -50.09 25.94
N SER D 298 -12.12 -50.51 24.67
CA SER D 298 -11.04 -51.32 24.14
C SER D 298 -11.14 -51.26 22.63
N PHE D 299 -10.08 -51.72 21.95
CA PHE D 299 -10.19 -52.11 20.57
C PHE D 299 -11.34 -53.13 20.48
N VAL D 300 -12.09 -53.05 19.37
CA VAL D 300 -13.34 -53.75 19.22
C VAL D 300 -13.08 -55.13 18.63
N ARG D 301 -13.83 -56.12 19.11
CA ARG D 301 -13.89 -57.47 18.57
C ARG D 301 -15.26 -57.71 17.94
N VAL D 302 -15.23 -58.20 16.70
CA VAL D 302 -16.42 -58.52 15.93
C VAL D 302 -16.53 -60.04 15.93
N ALA D 303 -17.68 -60.58 16.32
CA ALA D 303 -17.86 -62.03 16.28
C ALA D 303 -17.85 -62.45 14.82
N THR D 304 -17.26 -63.62 14.53
CA THR D 304 -17.32 -64.20 13.19
C THR D 304 -18.25 -65.41 13.19
N GLU D 305 -18.67 -65.85 14.39
CA GLU D 305 -19.75 -66.80 14.58
C GLU D 305 -20.43 -66.51 15.91
N ASP D 306 -21.55 -67.15 16.17
CA ASP D 306 -22.29 -66.95 17.40
C ASP D 306 -21.40 -67.34 18.59
N VAL D 307 -21.48 -66.54 19.66
CA VAL D 307 -20.75 -66.76 20.89
C VAL D 307 -21.66 -66.49 22.07
N GLU D 308 -21.78 -67.47 22.96
CA GLU D 308 -22.63 -67.30 24.15
C GLU D 308 -21.86 -66.54 25.23
N LEU D 309 -22.52 -65.60 25.89
CA LEU D 309 -21.90 -64.86 27.01
C LEU D 309 -22.85 -64.99 28.20
N SER D 310 -22.47 -64.42 29.33
CA SER D 310 -23.28 -64.50 30.56
C SER D 310 -24.77 -64.37 30.26
N THR D 311 -25.20 -63.25 29.68
CA THR D 311 -26.63 -62.99 29.53
C THR D 311 -27.03 -62.86 28.09
N VAL D 312 -26.16 -63.16 27.15
CA VAL D 312 -26.56 -62.93 25.74
C VAL D 312 -25.73 -63.72 24.74
N THR D 313 -26.35 -64.09 23.64
CA THR D 313 -25.63 -64.74 22.57
C THR D 313 -25.31 -63.67 21.53
N VAL D 314 -24.03 -63.34 21.39
CA VAL D 314 -23.58 -62.37 20.41
C VAL D 314 -23.63 -63.06 19.05
N ARG D 315 -24.09 -62.36 18.04
CA ARG D 315 -24.23 -62.93 16.71
C ARG D 315 -23.02 -62.57 15.85
N ALA D 316 -22.81 -63.37 14.79
CA ALA D 316 -21.76 -63.08 13.84
C ALA D 316 -21.99 -61.68 13.31
N GLY D 317 -20.94 -60.88 13.22
CA GLY D 317 -21.08 -59.56 12.62
C GLY D 317 -21.20 -58.46 13.67
N GLU D 318 -21.56 -58.82 14.91
CA GLU D 318 -21.87 -57.86 15.94
C GLU D 318 -20.59 -57.48 16.71
N PRO D 319 -20.35 -56.17 16.93
CA PRO D 319 -19.20 -55.71 17.69
C PRO D 319 -19.33 -55.78 19.21
N CYS D 320 -18.20 -56.06 19.88
CA CYS D 320 -18.12 -56.06 21.34
C CYS D 320 -16.99 -55.15 21.83
N VAL D 321 -17.15 -54.58 23.00
CA VAL D 321 -16.09 -53.81 23.61
C VAL D 321 -16.03 -54.17 25.08
N VAL D 322 -14.81 -54.15 25.63
N VAL D 322 -14.83 -54.19 25.67
CA VAL D 322 -14.51 -54.53 27.00
CA VAL D 322 -14.64 -54.58 27.05
C VAL D 322 -14.11 -53.28 27.77
C VAL D 322 -14.06 -53.40 27.81
N HIS D 323 -14.59 -53.15 29.01
CA HIS D 323 -14.01 -52.18 29.90
C HIS D 323 -13.14 -52.96 30.88
N PHE D 324 -11.83 -52.96 30.61
CA PHE D 324 -10.85 -53.72 31.36
C PHE D 324 -11.01 -53.48 32.87
N ALA D 325 -11.06 -52.21 33.25
CA ALA D 325 -11.13 -51.80 34.64
C ALA D 325 -12.38 -52.32 35.34
N SER D 326 -13.49 -52.45 34.60
CA SER D 326 -14.72 -53.00 35.16
C SER D 326 -14.52 -54.48 35.48
N ALA D 327 -13.97 -55.23 34.50
CA ALA D 327 -13.65 -56.62 34.70
C ALA D 327 -12.77 -56.73 35.95
N ASN D 328 -11.85 -55.78 36.13
CA ASN D 328 -10.92 -55.87 37.25
C ASN D 328 -11.56 -55.53 38.60
N ARG D 329 -12.85 -55.14 38.62
CA ARG D 329 -13.56 -54.93 39.87
C ARG D 329 -14.68 -55.95 40.08
N ASP D 330 -14.62 -57.07 39.35
CA ASP D 330 -15.70 -58.04 39.35
C ASP D 330 -15.80 -58.73 40.71
N GLU D 331 -16.95 -58.58 41.37
CA GLU D 331 -17.11 -59.06 42.73
C GLU D 331 -17.14 -60.59 42.75
N GLU D 332 -17.44 -61.23 41.60
CA GLU D 332 -17.40 -62.68 41.51
C GLU D 332 -15.97 -63.20 41.54
N VAL D 333 -14.99 -62.39 41.10
CA VAL D 333 -13.61 -62.86 40.96
C VAL D 333 -12.79 -62.40 42.16
N PHE D 334 -12.98 -61.16 42.63
CA PHE D 334 -12.13 -60.61 43.67
C PHE D 334 -12.96 -60.31 44.90
N ASP D 335 -12.41 -60.64 46.07
CA ASP D 335 -13.03 -60.30 47.34
C ASP D 335 -12.74 -58.85 47.69
N HIS D 336 -13.75 -58.21 48.32
CA HIS D 336 -13.75 -56.79 48.64
C HIS D 336 -13.15 -56.03 47.46
N ALA D 337 -13.83 -56.15 46.31
CA ALA D 337 -13.26 -55.76 45.04
C ALA D 337 -12.94 -54.27 44.95
N ASP D 338 -13.68 -53.44 45.68
CA ASP D 338 -13.55 -51.99 45.49
CA ASP D 338 -13.59 -51.99 45.53
C ASP D 338 -12.54 -51.42 46.50
N GLU D 339 -11.80 -52.30 47.17
CA GLU D 339 -10.73 -51.88 48.08
C GLU D 339 -9.36 -52.31 47.56
N LEU D 340 -8.38 -51.44 47.79
CA LEU D 340 -6.98 -51.76 47.57
C LEU D 340 -6.50 -52.70 48.67
N ASP D 341 -6.08 -53.92 48.32
CA ASP D 341 -5.55 -54.88 49.28
C ASP D 341 -4.24 -55.45 48.76
N PHE D 342 -3.13 -54.95 49.30
CA PHE D 342 -1.82 -55.44 48.94
C PHE D 342 -1.55 -56.87 49.42
N HIS D 343 -2.48 -57.45 50.21
CA HIS D 343 -2.25 -58.77 50.78
C HIS D 343 -3.21 -59.79 50.16
N ARG D 344 -3.89 -59.44 49.06
CA ARG D 344 -4.87 -60.37 48.51
C ARG D 344 -4.10 -61.55 47.93
N GLU D 345 -4.67 -62.74 48.07
CA GLU D 345 -3.93 -63.98 47.80
C GLU D 345 -3.94 -64.26 46.31
N ARG D 346 -5.08 -64.00 45.65
CA ARG D 346 -5.24 -64.23 44.22
C ARG D 346 -5.60 -62.92 43.52
N ASN D 347 -4.84 -62.58 42.47
CA ASN D 347 -5.06 -61.36 41.69
C ASN D 347 -4.98 -61.64 40.19
N PRO D 348 -5.96 -62.37 39.61
CA PRO D 348 -6.02 -62.61 38.15
C PRO D 348 -6.62 -61.52 37.28
N HIS D 349 -6.11 -60.29 37.44
CA HIS D 349 -6.62 -59.12 36.74
C HIS D 349 -6.30 -59.19 35.25
N ILE D 350 -6.96 -58.36 34.45
CA ILE D 350 -6.66 -58.23 33.03
C ILE D 350 -6.25 -56.79 32.71
N ALA D 351 -5.43 -56.16 33.57
CA ALA D 351 -4.82 -54.87 33.29
C ALA D 351 -4.00 -54.89 32.00
N PHE D 352 -3.52 -56.06 31.60
CA PHE D 352 -2.68 -56.20 30.42
C PHE D 352 -3.48 -56.87 29.32
N GLY D 353 -4.78 -56.94 29.52
CA GLY D 353 -5.63 -57.64 28.58
C GLY D 353 -5.54 -59.14 28.80
N HIS D 354 -5.72 -59.89 27.71
CA HIS D 354 -5.96 -61.32 27.77
C HIS D 354 -6.10 -61.82 26.35
N GLY D 355 -5.74 -63.07 26.10
CA GLY D 355 -5.86 -63.65 24.78
C GLY D 355 -4.70 -63.26 23.88
N ALA D 356 -4.92 -63.40 22.57
CA ALA D 356 -3.89 -63.14 21.58
C ALA D 356 -3.24 -61.78 21.80
N HIS D 357 -4.02 -60.70 22.00
CA HIS D 357 -3.45 -59.36 22.07
C HIS D 357 -2.98 -59.00 23.47
N HIS D 358 -2.92 -59.99 24.39
CA HIS D 358 -2.31 -59.81 25.70
C HIS D 358 -1.02 -58.98 25.58
N CYS D 359 -0.85 -58.00 26.47
CA CYS D 359 0.20 -57.00 26.34
C CYS D 359 1.59 -57.60 26.07
N ILE D 360 2.23 -57.25 24.95
CA ILE D 360 3.53 -57.82 24.67
C ILE D 360 4.58 -57.28 25.66
N GLY D 361 4.36 -56.11 26.24
CA GLY D 361 5.31 -55.49 27.16
C GLY D 361 4.92 -55.66 28.63
N ALA D 362 3.98 -56.55 28.93
CA ALA D 362 3.51 -56.71 30.30
C ALA D 362 4.68 -56.87 31.26
N GLN D 363 5.68 -57.67 30.90
CA GLN D 363 6.75 -57.96 31.84
C GLN D 363 7.62 -56.72 32.05
N LEU D 364 7.85 -56.01 30.95
CA LEU D 364 8.62 -54.78 31.00
C LEU D 364 7.91 -53.73 31.85
N GLY D 365 6.59 -53.64 31.73
CA GLY D 365 5.84 -52.63 32.45
C GLY D 365 5.83 -52.92 33.95
N ARG D 366 5.72 -54.20 34.33
CA ARG D 366 5.84 -54.62 35.72
C ARG D 366 7.21 -54.26 36.30
N LEU D 367 8.29 -54.52 35.54
CA LEU D 367 9.64 -54.19 35.95
C LEU D 367 9.77 -52.69 36.22
N GLU D 368 9.36 -51.87 35.25
CA GLU D 368 9.45 -50.41 35.34
C GLU D 368 8.74 -49.96 36.62
N LEU D 369 7.53 -50.45 36.87
CA LEU D 369 6.71 -49.98 37.98
C LEU D 369 7.34 -50.42 39.30
N GLN D 370 7.81 -51.66 39.35
CA GLN D 370 8.44 -52.17 40.57
C GLN D 370 9.70 -51.38 40.89
N GLU D 371 10.53 -51.10 39.87
CA GLU D 371 11.80 -50.46 40.09
C GLU D 371 11.58 -48.99 40.49
N ALA D 372 10.60 -48.33 39.87
CA ALA D 372 10.28 -46.96 40.22
C ALA D 372 9.78 -46.87 41.65
N LEU D 373 8.80 -47.69 42.01
N LEU D 373 8.78 -47.67 42.02
CA LEU D 373 8.10 -47.58 43.29
CA LEU D 373 8.13 -47.57 43.32
C LEU D 373 9.00 -48.03 44.45
C LEU D 373 9.06 -48.00 44.44
N SER D 374 9.74 -49.12 44.21
CA SER D 374 10.62 -49.67 45.22
C SER D 374 11.64 -48.61 45.58
N ALA D 375 12.17 -47.95 44.54
CA ALA D 375 13.21 -46.93 44.73
C ALA D 375 12.67 -45.75 45.56
N LEU D 376 11.41 -45.37 45.30
CA LEU D 376 10.79 -44.25 46.01
C LEU D 376 10.60 -44.57 47.50
N VAL D 377 10.05 -45.74 47.81
CA VAL D 377 9.69 -46.04 49.18
C VAL D 377 10.94 -46.31 50.00
N ARG D 378 12.05 -46.69 49.33
CA ARG D 378 13.29 -46.95 50.05
C ARG D 378 14.02 -45.64 50.37
N ARG D 379 13.88 -44.64 49.48
CA ARG D 379 14.71 -43.44 49.51
C ARG D 379 13.96 -42.21 50.06
N PHE D 380 12.64 -42.17 49.82
CA PHE D 380 11.82 -41.03 50.21
C PHE D 380 10.69 -41.51 51.09
N PRO D 381 10.98 -42.00 52.31
CA PRO D 381 9.91 -42.47 53.18
C PRO D 381 8.97 -41.34 53.59
N THR D 382 9.44 -40.08 53.42
CA THR D 382 8.73 -38.86 53.78
C THR D 382 7.94 -38.29 52.60
N LEU D 383 7.89 -39.00 51.47
CA LEU D 383 7.30 -38.46 50.25
C LEU D 383 5.84 -38.10 50.50
N ASP D 384 5.44 -36.93 50.01
CA ASP D 384 4.03 -36.54 50.05
C ASP D 384 3.65 -35.68 48.84
N LEU D 385 2.36 -35.58 48.58
CA LEU D 385 1.90 -34.69 47.52
C LEU D 385 2.03 -33.24 48.01
N ALA D 386 2.63 -32.35 47.18
CA ALA D 386 2.89 -30.98 47.59
C ALA D 386 2.11 -29.94 46.76
N GLU D 387 1.10 -30.39 46.01
CA GLU D 387 0.11 -29.52 45.43
C GLU D 387 -1.24 -30.06 45.89
N PRO D 388 -2.27 -29.21 46.14
CA PRO D 388 -3.61 -29.69 46.46
C PRO D 388 -4.21 -30.66 45.45
N VAL D 389 -4.98 -31.64 45.97
CA VAL D 389 -5.68 -32.63 45.15
C VAL D 389 -6.70 -31.90 44.27
N ALA D 390 -7.28 -30.83 44.81
CA ALA D 390 -8.33 -30.09 44.12
C ALA D 390 -7.92 -29.80 42.68
N GLY D 391 -6.64 -29.46 42.47
CA GLY D 391 -6.20 -28.90 41.20
C GLY D 391 -5.11 -29.71 40.54
N LEU D 392 -5.15 -31.03 40.69
CA LEU D 392 -4.27 -31.90 39.93
C LEU D 392 -4.70 -31.86 38.47
N LYS D 393 -3.72 -31.84 37.56
CA LYS D 393 -3.99 -31.71 36.14
C LYS D 393 -4.06 -33.09 35.49
N TRP D 394 -5.27 -33.66 35.49
CA TRP D 394 -5.47 -34.95 34.85
C TRP D 394 -5.52 -34.76 33.34
N LYS D 395 -4.83 -35.62 32.58
CA LYS D 395 -4.94 -35.57 31.13
C LYS D 395 -6.41 -35.74 30.75
N GLN D 396 -6.87 -34.99 29.76
CA GLN D 396 -8.27 -35.00 29.35
C GLN D 396 -8.33 -35.30 27.87
N GLY D 397 -9.37 -36.05 27.47
CA GLY D 397 -9.60 -36.32 26.07
C GLY D 397 -8.54 -37.23 25.46
N MET D 398 -7.97 -38.16 26.27
CA MET D 398 -7.10 -39.20 25.74
C MET D 398 -7.69 -40.58 26.08
N LEU D 399 -7.22 -41.59 25.32
CA LEU D 399 -7.59 -43.00 25.48
C LEU D 399 -7.11 -43.59 26.80
N ILE D 400 -6.21 -42.86 27.50
CA ILE D 400 -5.66 -43.29 28.78
C ILE D 400 -5.72 -42.14 29.78
N ARG D 401 -5.61 -42.51 31.06
CA ARG D 401 -5.68 -41.55 32.16
C ARG D 401 -4.32 -41.41 32.85
N GLY D 402 -4.08 -40.23 33.44
CA GLY D 402 -2.79 -39.91 34.06
C GLY D 402 -2.70 -38.43 34.40
N LEU D 403 -1.63 -38.03 35.09
CA LEU D 403 -1.39 -36.65 35.52
C LEU D 403 -0.41 -35.95 34.59
N GLU D 404 -0.65 -34.67 34.26
CA GLU D 404 0.32 -33.88 33.50
C GLU D 404 1.49 -33.48 34.40
N ARG D 405 1.23 -33.41 35.71
CA ARG D 405 2.20 -32.90 36.67
C ARG D 405 1.83 -33.45 38.04
N GLN D 406 2.85 -33.69 38.88
CA GLN D 406 2.63 -34.20 40.23
C GLN D 406 3.77 -33.73 41.13
N ILE D 407 3.61 -32.53 41.70
CA ILE D 407 4.61 -31.94 42.59
C ILE D 407 4.60 -32.71 43.91
N VAL D 408 5.79 -33.12 44.36
CA VAL D 408 5.93 -33.93 45.57
C VAL D 408 7.03 -33.33 46.44
N SER D 409 6.91 -33.56 47.75
CA SER D 409 7.88 -33.09 48.72
C SER D 409 8.45 -34.28 49.50
N TRP D 410 9.60 -34.03 50.14
CA TRP D 410 10.24 -35.00 50.99
C TRP D 410 11.20 -34.26 51.92
N ALA E 16 18.42 -41.16 -28.50
CA ALA E 16 17.23 -40.43 -29.01
C ALA E 16 16.35 -39.96 -27.85
N VAL E 17 16.99 -39.63 -26.71
CA VAL E 17 16.29 -39.41 -25.44
C VAL E 17 15.77 -37.99 -25.42
N PRO E 18 14.43 -37.78 -25.33
CA PRO E 18 13.82 -36.46 -25.50
C PRO E 18 13.96 -35.49 -24.33
N ALA E 19 14.12 -34.21 -24.65
CA ALA E 19 14.23 -33.15 -23.65
C ALA E 19 12.94 -33.09 -22.84
N TYR E 20 13.09 -32.89 -21.53
CA TYR E 20 11.94 -32.54 -20.70
C TYR E 20 12.28 -31.22 -20.01
N PRO E 21 11.38 -30.20 -20.01
CA PRO E 21 10.03 -30.27 -20.60
C PRO E 21 9.96 -30.46 -22.12
N PHE E 22 8.80 -30.94 -22.61
CA PHE E 22 8.63 -31.34 -24.00
C PHE E 22 8.33 -30.15 -24.90
N SER E 23 7.76 -29.10 -24.31
CA SER E 23 7.36 -27.89 -25.01
C SER E 23 7.20 -26.73 -24.02
N LEU E 24 6.93 -25.53 -24.57
CA LEU E 24 6.60 -24.36 -23.79
C LEU E 24 5.14 -24.48 -23.36
N PRO E 25 4.82 -24.27 -22.06
CA PRO E 25 3.42 -24.29 -21.63
C PRO E 25 2.60 -23.17 -22.28
N HIS E 26 1.35 -23.50 -22.65
CA HIS E 26 0.35 -22.55 -23.09
C HIS E 26 -0.79 -22.50 -22.07
N ALA E 27 -0.95 -21.33 -21.44
CA ALA E 27 -1.99 -21.12 -20.44
C ALA E 27 -1.89 -22.21 -19.38
N LEU E 28 -3.01 -22.91 -19.12
CA LEU E 28 -3.04 -24.00 -18.14
C LEU E 28 -3.25 -25.34 -18.84
N ASP E 29 -2.90 -25.44 -20.13
CA ASP E 29 -3.03 -26.68 -20.88
C ASP E 29 -1.85 -27.60 -20.61
N LEU E 30 -2.15 -28.89 -20.49
CA LEU E 30 -1.12 -29.92 -20.43
C LEU E 30 -0.69 -30.27 -21.84
N ASP E 31 0.60 -30.59 -22.01
CA ASP E 31 1.11 -31.12 -23.26
C ASP E 31 0.40 -32.45 -23.55
N PRO E 32 -0.27 -32.60 -24.71
CA PRO E 32 -0.96 -33.85 -25.01
C PRO E 32 -0.09 -35.10 -24.92
N HIS E 33 1.24 -34.93 -24.91
CA HIS E 33 2.14 -36.06 -24.79
C HIS E 33 1.96 -36.79 -23.45
N TYR E 34 1.37 -36.13 -22.45
CA TYR E 34 1.26 -36.73 -21.12
C TYR E 34 0.24 -37.87 -21.15
N ALA E 35 -0.91 -37.63 -21.81
CA ALA E 35 -1.93 -38.65 -22.00
C ALA E 35 -1.37 -39.81 -22.85
N GLU E 36 -0.63 -39.48 -23.91
CA GLU E 36 0.00 -40.49 -24.73
C GLU E 36 0.88 -41.39 -23.85
N LEU E 37 1.67 -40.76 -22.98
CA LEU E 37 2.65 -41.50 -22.19
C LEU E 37 1.98 -42.28 -21.07
N ARG E 38 0.87 -41.77 -20.54
CA ARG E 38 0.16 -42.50 -19.49
C ARG E 38 -0.38 -43.80 -20.09
N ARG E 39 -0.76 -43.77 -21.37
CA ARG E 39 -1.25 -44.95 -22.08
C ARG E 39 -0.11 -45.91 -22.44
N ASP E 40 0.85 -45.38 -23.23
CA ASP E 40 1.74 -46.19 -24.06
C ASP E 40 3.09 -46.41 -23.35
N GLU E 41 3.46 -45.56 -22.37
CA GLU E 41 4.75 -45.70 -21.70
C GLU E 41 4.81 -44.86 -20.42
N PRO E 42 4.12 -45.27 -19.33
CA PRO E 42 3.97 -44.43 -18.13
C PRO E 42 5.27 -43.87 -17.53
N VAL E 43 6.33 -44.69 -17.56
CA VAL E 43 7.65 -44.31 -17.08
C VAL E 43 8.64 -44.33 -18.25
N SER E 44 9.19 -43.15 -18.59
CA SER E 44 9.98 -42.95 -19.78
C SER E 44 11.28 -42.20 -19.46
N ARG E 45 12.34 -42.50 -20.22
CA ARG E 45 13.63 -41.81 -20.14
C ARG E 45 13.50 -40.40 -20.72
N VAL E 46 13.98 -39.38 -19.96
CA VAL E 46 13.99 -37.99 -20.41
C VAL E 46 15.34 -37.35 -20.08
N ARG E 47 15.63 -36.23 -20.77
CA ARG E 47 16.79 -35.39 -20.52
C ARG E 47 16.30 -34.08 -19.90
N LEU E 48 16.75 -33.83 -18.68
CA LEU E 48 16.37 -32.64 -17.93
C LEU E 48 17.28 -31.49 -18.33
N PRO E 49 16.84 -30.23 -18.09
CA PRO E 49 17.60 -29.06 -18.52
C PRO E 49 18.96 -28.87 -17.85
N TYR E 50 19.13 -29.30 -16.59
CA TYR E 50 20.42 -29.20 -15.93
C TYR E 50 20.78 -30.54 -15.30
N GLY E 51 22.07 -30.71 -14.96
CA GLY E 51 22.62 -31.98 -14.52
C GLY E 51 22.98 -32.86 -15.73
N GLU E 52 23.50 -34.06 -15.45
CA GLU E 52 24.13 -34.89 -16.47
C GLU E 52 23.42 -36.24 -16.56
N GLY E 53 23.25 -36.73 -17.79
CA GLY E 53 22.61 -38.01 -18.03
C GLY E 53 21.09 -37.87 -18.11
N THR E 54 20.39 -38.98 -17.82
CA THR E 54 18.97 -39.09 -18.07
C THR E 54 18.28 -39.44 -16.77
N ALA E 55 16.96 -39.20 -16.73
CA ALA E 55 16.14 -39.51 -15.58
C ALA E 55 14.87 -40.23 -16.05
N TRP E 56 14.16 -40.88 -15.11
CA TRP E 56 12.85 -41.45 -15.39
C TRP E 56 11.79 -40.39 -15.16
N LEU E 57 10.78 -40.36 -16.03
CA LEU E 57 9.64 -39.47 -15.90
C LEU E 57 8.42 -40.32 -15.55
N VAL E 58 7.75 -39.96 -14.46
CA VAL E 58 6.60 -40.72 -13.96
C VAL E 58 5.33 -39.90 -14.13
N THR E 59 4.33 -40.51 -14.80
CA THR E 59 3.17 -39.79 -15.29
C THR E 59 1.86 -40.33 -14.70
N ARG E 60 1.89 -41.53 -14.09
CA ARG E 60 0.71 -42.14 -13.48
C ARG E 60 0.75 -42.00 -11.96
N MET E 61 -0.46 -42.07 -11.36
CA MET E 61 -0.66 -41.79 -9.95
C MET E 61 -0.01 -42.87 -9.09
N SER E 62 -0.20 -44.13 -9.52
CA SER E 62 0.33 -45.30 -8.85
C SER E 62 1.84 -45.19 -8.63
N ASP E 63 2.56 -44.95 -9.73
CA ASP E 63 4.01 -44.89 -9.73
C ASP E 63 4.51 -43.67 -8.95
N ALA E 64 3.75 -42.56 -9.03
CA ALA E 64 4.15 -41.32 -8.39
C ALA E 64 4.04 -41.42 -6.87
N ARG E 65 3.01 -42.13 -6.37
CA ARG E 65 2.87 -42.39 -4.95
C ARG E 65 4.03 -43.24 -4.45
N ILE E 66 4.56 -44.14 -5.29
CA ILE E 66 5.73 -44.92 -4.93
C ILE E 66 6.99 -44.03 -4.82
N VAL E 67 7.26 -43.22 -5.84
CA VAL E 67 8.48 -42.42 -5.88
C VAL E 67 8.49 -41.42 -4.72
N LEU E 68 7.34 -40.80 -4.48
CA LEU E 68 7.18 -39.78 -3.46
C LEU E 68 6.99 -40.41 -2.09
N GLY E 69 6.49 -41.66 -2.04
CA GLY E 69 5.92 -42.20 -0.80
C GLY E 69 6.86 -43.11 -0.03
N ASP E 70 7.90 -43.61 -0.71
CA ASP E 70 8.69 -44.75 -0.26
C ASP E 70 10.10 -44.30 0.16
N SER E 71 10.61 -44.85 1.26
CA SER E 71 11.93 -44.47 1.77
C SER E 71 13.08 -45.11 0.97
N ARG E 72 12.75 -45.92 -0.04
CA ARG E 72 13.72 -46.45 -0.98
C ARG E 72 14.15 -45.41 -2.00
N PHE E 73 13.50 -44.24 -1.98
CA PHE E 73 13.89 -43.09 -2.79
C PHE E 73 14.36 -41.96 -1.87
N SER E 74 15.44 -41.28 -2.29
CA SER E 74 16.09 -40.28 -1.47
C SER E 74 16.15 -38.98 -2.25
N THR E 75 15.73 -37.89 -1.59
CA THR E 75 15.93 -36.54 -2.11
C THR E 75 17.33 -36.04 -1.74
N ALA E 76 17.92 -36.52 -0.64
CA ALA E 76 19.24 -36.03 -0.25
C ALA E 76 20.28 -36.41 -1.30
N ALA E 77 20.12 -37.60 -1.91
CA ALA E 77 21.03 -38.09 -2.94
C ALA E 77 21.08 -37.13 -4.14
N ALA E 78 20.02 -36.33 -4.32
CA ALA E 78 19.93 -35.42 -5.45
C ALA E 78 20.70 -34.12 -5.21
N THR E 79 21.44 -33.98 -4.10
CA THR E 79 22.20 -32.75 -3.83
C THR E 79 23.38 -32.68 -4.78
N ASP E 80 23.87 -33.84 -5.23
CA ASP E 80 24.97 -33.93 -6.17
C ASP E 80 24.70 -32.99 -7.36
N PRO E 81 25.63 -32.10 -7.73
CA PRO E 81 25.43 -31.21 -8.88
C PRO E 81 25.21 -31.90 -10.24
N ALA E 82 25.62 -33.16 -10.33
CA ALA E 82 25.55 -33.92 -11.58
C ALA E 82 24.20 -34.59 -11.76
N THR E 83 23.42 -34.69 -10.68
CA THR E 83 22.10 -35.30 -10.76
C THR E 83 21.20 -34.37 -11.56
N PRO E 84 20.43 -34.91 -12.54
CA PRO E 84 19.40 -34.17 -13.25
C PRO E 84 18.47 -33.39 -12.30
N ARG E 85 18.06 -32.19 -12.73
CA ARG E 85 17.10 -31.39 -11.99
C ARG E 85 16.42 -30.45 -12.97
N MET E 86 15.28 -29.87 -12.58
CA MET E 86 14.49 -29.01 -13.44
C MET E 86 15.01 -27.58 -13.39
N PHE E 87 15.86 -27.26 -12.40
CA PHE E 87 16.24 -25.87 -12.17
C PHE E 87 17.77 -25.66 -12.20
N PRO E 88 18.23 -24.42 -12.50
CA PRO E 88 19.64 -24.17 -12.77
C PRO E 88 20.64 -24.42 -11.65
N THR E 89 20.33 -23.99 -10.42
N THR E 89 20.31 -23.97 -10.42
CA THR E 89 21.30 -24.04 -9.33
CA THR E 89 21.24 -24.07 -9.30
C THR E 89 21.21 -25.41 -8.64
C THR E 89 21.21 -25.49 -8.76
N PRO E 90 22.36 -26.07 -8.34
CA PRO E 90 22.33 -27.37 -7.66
C PRO E 90 21.57 -27.31 -6.33
N PRO E 91 20.79 -28.35 -5.96
CA PRO E 91 19.96 -28.29 -4.75
C PRO E 91 20.75 -27.93 -3.49
N GLU E 92 20.21 -26.97 -2.74
CA GLU E 92 20.82 -26.53 -1.51
C GLU E 92 20.67 -27.66 -0.48
N PRO E 93 21.79 -28.24 0.01
CA PRO E 93 21.72 -29.38 0.93
C PRO E 93 21.04 -29.15 2.28
N ASP E 94 21.00 -27.91 2.78
CA ASP E 94 20.27 -27.59 4.00
C ASP E 94 18.77 -27.35 3.72
N GLY E 95 18.36 -27.51 2.45
CA GLY E 95 16.96 -27.31 2.08
C GLY E 95 16.10 -28.47 2.56
N VAL E 96 14.85 -28.15 2.92
CA VAL E 96 13.94 -29.14 3.47
C VAL E 96 13.62 -30.23 2.43
N LEU E 97 13.56 -29.85 1.15
CA LEU E 97 13.25 -30.83 0.12
C LEU E 97 14.38 -31.86 -0.02
N ALA E 98 15.61 -31.47 0.35
CA ALA E 98 16.79 -32.29 0.17
C ALA E 98 17.10 -33.08 1.43
N GLN E 99 16.16 -33.18 2.37
CA GLN E 99 16.36 -34.03 3.53
C GLN E 99 15.55 -35.31 3.39
N ASP E 100 16.15 -36.44 3.79
CA ASP E 100 15.42 -37.69 3.99
C ASP E 100 15.06 -37.87 5.47
N PRO E 101 13.90 -38.49 5.77
CA PRO E 101 13.60 -38.94 7.13
C PRO E 101 14.74 -39.77 7.68
N PRO E 102 15.09 -39.69 8.99
CA PRO E 102 14.42 -38.82 9.96
C PRO E 102 14.91 -37.39 10.15
N ASP E 103 15.97 -36.98 9.45
CA ASP E 103 16.45 -35.60 9.50
C ASP E 103 15.36 -34.66 9.01
N HIS E 104 14.73 -35.04 7.89
CA HIS E 104 13.57 -34.34 7.37
C HIS E 104 12.57 -34.08 8.50
N THR E 105 12.30 -35.13 9.27
CA THR E 105 11.26 -35.08 10.28
C THR E 105 11.64 -34.11 11.39
N ARG E 106 12.93 -34.13 11.76
CA ARG E 106 13.43 -33.27 12.82
C ARG E 106 13.33 -31.82 12.36
N LEU E 107 13.52 -31.59 11.05
CA LEU E 107 13.53 -30.25 10.49
C LEU E 107 12.11 -29.72 10.35
N ARG E 108 11.20 -30.59 9.92
CA ARG E 108 9.79 -30.25 9.84
C ARG E 108 9.23 -29.77 11.16
N ARG E 109 9.69 -30.34 12.28
CA ARG E 109 9.17 -30.00 13.60
C ARG E 109 9.50 -28.57 13.99
N LEU E 110 10.52 -27.97 13.38
CA LEU E 110 10.84 -26.58 13.62
C LEU E 110 9.60 -25.69 13.52
N VAL E 111 8.78 -25.93 12.51
CA VAL E 111 7.64 -25.08 12.19
C VAL E 111 6.38 -25.92 12.08
N GLY E 112 6.39 -27.11 12.70
CA GLY E 112 5.35 -28.09 12.51
C GLY E 112 4.03 -27.60 13.08
N LYS E 113 4.06 -27.20 14.36
CA LYS E 113 2.88 -26.77 15.10
C LYS E 113 2.07 -25.70 14.35
N ALA E 114 2.75 -24.74 13.71
CA ALA E 114 2.11 -23.55 13.19
C ALA E 114 1.22 -23.83 11.96
N PHE E 115 1.36 -25.02 11.35
CA PHE E 115 0.71 -25.30 10.08
C PHE E 115 -0.26 -26.48 10.15
N THR E 116 -0.58 -26.98 11.35
CA THR E 116 -1.60 -27.99 11.52
C THR E 116 -2.95 -27.42 11.10
N ALA E 117 -3.93 -28.29 10.86
CA ALA E 117 -5.24 -27.85 10.41
C ALA E 117 -5.88 -26.97 11.46
N ARG E 118 -5.66 -27.31 12.74
CA ARG E 118 -6.27 -26.55 13.85
C ARG E 118 -5.60 -25.17 13.97
N ARG E 119 -4.28 -25.10 13.84
CA ARG E 119 -3.67 -23.79 13.99
C ARG E 119 -4.06 -22.91 12.82
N VAL E 120 -4.25 -23.53 11.63
CA VAL E 120 -4.64 -22.77 10.45
C VAL E 120 -6.08 -22.28 10.60
N GLU E 121 -6.94 -23.08 11.24
CA GLU E 121 -8.34 -22.68 11.35
C GLU E 121 -8.41 -21.42 12.23
N GLU E 122 -7.57 -21.31 13.24
CA GLU E 122 -7.53 -20.12 14.07
C GLU E 122 -7.17 -18.85 13.28
N MET E 123 -6.55 -18.99 12.10
N MET E 123 -6.52 -18.98 12.11
CA MET E 123 -6.13 -17.84 11.31
CA MET E 123 -6.15 -17.83 11.30
C MET E 123 -7.28 -17.31 10.46
C MET E 123 -7.38 -17.21 10.66
N ARG E 124 -8.42 -18.03 10.42
CA ARG E 124 -9.52 -17.69 9.52
C ARG E 124 -10.07 -16.28 9.76
N PRO E 125 -10.37 -15.83 11.01
CA PRO E 125 -10.84 -14.47 11.23
C PRO E 125 -9.96 -13.42 10.56
N ARG E 126 -8.64 -13.51 10.80
CA ARG E 126 -7.65 -12.57 10.31
C ARG E 126 -7.56 -12.62 8.78
N VAL E 127 -7.38 -13.80 8.22
CA VAL E 127 -7.39 -13.99 6.77
C VAL E 127 -8.65 -13.40 6.14
N ARG E 128 -9.79 -13.52 6.82
CA ARG E 128 -11.04 -13.03 6.26
C ARG E 128 -11.06 -11.49 6.25
N SER E 129 -10.61 -10.89 7.36
CA SER E 129 -10.32 -9.46 7.39
C SER E 129 -9.54 -9.01 6.16
N LEU E 130 -8.33 -9.57 5.96
N LEU E 130 -8.35 -9.60 5.94
CA LEU E 130 -7.46 -9.19 4.86
CA LEU E 130 -7.46 -9.16 4.88
C LEU E 130 -8.27 -9.17 3.56
C LEU E 130 -8.15 -9.23 3.51
N VAL E 131 -8.92 -10.29 3.27
CA VAL E 131 -9.58 -10.48 1.98
C VAL E 131 -10.60 -9.35 1.81
N ASP E 132 -11.43 -9.11 2.83
CA ASP E 132 -12.46 -8.08 2.76
C ASP E 132 -11.81 -6.70 2.57
N SER E 133 -10.72 -6.45 3.30
CA SER E 133 -10.04 -5.17 3.26
C SER E 133 -9.46 -4.91 1.85
N LEU E 134 -8.89 -5.95 1.23
CA LEU E 134 -8.34 -5.86 -0.11
C LEU E 134 -9.47 -5.74 -1.16
N LEU E 135 -10.59 -6.42 -0.95
CA LEU E 135 -11.66 -6.34 -1.92
C LEU E 135 -12.30 -4.95 -1.82
N ASP E 136 -12.30 -4.32 -0.63
CA ASP E 136 -12.80 -2.96 -0.45
C ASP E 136 -11.97 -1.99 -1.31
N ASP E 137 -10.63 -2.10 -1.23
CA ASP E 137 -9.74 -1.32 -2.07
C ASP E 137 -10.14 -1.41 -3.54
N MET E 138 -10.37 -2.64 -4.01
CA MET E 138 -10.68 -2.89 -5.40
C MET E 138 -12.01 -2.25 -5.77
N VAL E 139 -12.99 -2.22 -4.85
CA VAL E 139 -14.28 -1.61 -5.14
C VAL E 139 -14.10 -0.09 -5.22
N ALA E 140 -13.22 0.48 -4.37
CA ALA E 140 -12.90 1.91 -4.38
C ALA E 140 -12.28 2.33 -5.70
N HIS E 141 -11.39 1.50 -6.24
CA HIS E 141 -10.78 1.73 -7.55
C HIS E 141 -11.87 1.77 -8.60
N GLY E 142 -12.73 0.74 -8.59
CA GLY E 142 -13.86 0.60 -9.50
C GLY E 142 -13.54 -0.33 -10.68
N SER E 143 -14.61 -0.88 -11.26
CA SER E 143 -14.56 -1.83 -12.35
C SER E 143 -14.30 -1.11 -13.68
N PRO E 144 -13.40 -1.58 -14.59
CA PRO E 144 -12.59 -2.79 -14.38
C PRO E 144 -11.29 -2.57 -13.62
N ALA E 145 -10.74 -3.66 -13.05
CA ALA E 145 -9.52 -3.60 -12.25
C ALA E 145 -8.71 -4.87 -12.40
N ASP E 146 -7.41 -4.76 -12.13
CA ASP E 146 -6.50 -5.90 -12.12
C ASP E 146 -6.60 -6.66 -10.78
N LEU E 147 -6.97 -7.95 -10.89
CA LEU E 147 -7.21 -8.79 -9.72
C LEU E 147 -5.89 -9.22 -9.10
N VAL E 148 -4.86 -9.30 -9.94
CA VAL E 148 -3.52 -9.59 -9.44
C VAL E 148 -3.04 -8.46 -8.53
N GLU E 149 -3.27 -7.20 -8.91
CA GLU E 149 -2.74 -6.09 -8.13
C GLU E 149 -3.52 -5.97 -6.83
N PHE E 150 -4.86 -6.09 -6.88
CA PHE E 150 -5.73 -5.82 -5.75
C PHE E 150 -5.94 -7.03 -4.84
N LEU E 151 -5.75 -8.27 -5.32
CA LEU E 151 -6.10 -9.45 -4.53
C LEU E 151 -4.99 -10.48 -4.56
N ALA E 152 -4.65 -11.00 -5.74
CA ALA E 152 -3.84 -12.21 -5.84
C ALA E 152 -2.47 -12.00 -5.22
N VAL E 153 -1.81 -10.87 -5.49
CA VAL E 153 -0.49 -10.62 -4.93
C VAL E 153 -0.61 -10.22 -3.47
N PRO E 154 -1.35 -9.16 -3.07
CA PRO E 154 -1.25 -8.67 -1.68
C PRO E 154 -1.83 -9.58 -0.59
N PHE E 155 -2.76 -10.46 -0.95
CA PHE E 155 -3.43 -11.27 0.06
C PHE E 155 -2.47 -12.31 0.66
N PRO E 156 -1.92 -13.28 -0.12
CA PRO E 156 -1.00 -14.28 0.44
C PRO E 156 0.30 -13.70 0.99
N VAL E 157 0.77 -12.61 0.36
CA VAL E 157 2.00 -11.96 0.80
C VAL E 157 1.79 -11.45 2.21
N ALA E 158 0.63 -10.80 2.45
CA ALA E 158 0.34 -10.28 3.76
C ALA E 158 0.15 -11.42 4.76
N VAL E 159 -0.50 -12.51 4.35
CA VAL E 159 -0.70 -13.63 5.26
C VAL E 159 0.62 -14.23 5.69
N ILE E 160 1.52 -14.55 4.74
CA ILE E 160 2.79 -15.16 5.11
C ILE E 160 3.70 -14.19 5.88
N CYS E 161 3.70 -12.91 5.53
CA CYS E 161 4.51 -11.94 6.27
C CYS E 161 4.06 -11.85 7.73
N GLU E 162 2.75 -11.81 7.96
CA GLU E 162 2.21 -11.72 9.31
C GLU E 162 2.56 -12.98 10.11
N LEU E 163 2.50 -14.16 9.48
CA LEU E 163 2.74 -15.43 10.14
C LEU E 163 4.20 -15.61 10.53
N LEU E 164 5.13 -15.28 9.61
CA LEU E 164 6.55 -15.37 9.89
C LEU E 164 6.95 -14.22 10.81
N GLY E 165 6.45 -13.01 10.54
CA GLY E 165 6.90 -11.78 11.18
C GLY E 165 7.93 -11.03 10.33
N VAL E 166 7.73 -11.07 9.01
CA VAL E 166 8.59 -10.43 8.04
C VAL E 166 8.01 -9.06 7.72
N PRO E 167 8.79 -7.95 7.77
CA PRO E 167 8.23 -6.63 7.50
C PRO E 167 7.68 -6.58 6.07
N LEU E 168 6.54 -5.90 5.90
CA LEU E 168 5.84 -5.88 4.63
C LEU E 168 6.51 -4.86 3.69
N GLU E 169 7.22 -3.88 4.25
CA GLU E 169 7.96 -2.87 3.49
C GLU E 169 9.16 -3.49 2.77
N ASP E 170 9.57 -4.69 3.22
CA ASP E 170 10.67 -5.43 2.62
C ASP E 170 10.20 -6.27 1.43
N ARG E 171 8.90 -6.18 1.05
CA ARG E 171 8.36 -6.78 -0.16
C ARG E 171 9.21 -6.52 -1.41
N ASP E 172 9.63 -5.27 -1.64
CA ASP E 172 10.53 -4.97 -2.76
C ASP E 172 11.58 -6.07 -2.95
N LEU E 173 12.36 -6.33 -1.89
CA LEU E 173 13.47 -7.28 -1.90
C LEU E 173 12.94 -8.70 -2.07
N PHE E 174 12.06 -9.17 -1.19
CA PHE E 174 11.84 -10.61 -1.14
C PHE E 174 10.89 -11.06 -2.26
N ARG E 175 10.04 -10.20 -2.83
CA ARG E 175 9.31 -10.58 -4.03
CA ARG E 175 9.31 -10.55 -4.05
C ARG E 175 10.31 -10.80 -5.18
N THR E 176 11.28 -9.89 -5.33
CA THR E 176 12.33 -10.03 -6.33
C THR E 176 13.14 -11.30 -6.12
N PHE E 177 13.53 -11.60 -4.87
CA PHE E 177 14.29 -12.79 -4.58
C PHE E 177 13.50 -14.05 -4.92
N SER E 178 12.22 -14.07 -4.53
CA SER E 178 11.40 -15.27 -4.68
C SER E 178 11.17 -15.58 -6.15
N ASP E 179 10.72 -14.59 -6.93
CA ASP E 179 10.59 -14.73 -8.37
C ASP E 179 11.87 -15.29 -8.99
N ALA E 180 13.02 -14.78 -8.56
CA ALA E 180 14.30 -15.24 -9.10
C ALA E 180 14.56 -16.72 -8.78
N MET E 181 14.31 -17.09 -7.52
CA MET E 181 14.61 -18.44 -7.07
CA MET E 181 14.56 -18.44 -7.03
C MET E 181 13.65 -19.47 -7.69
N LEU E 182 12.59 -19.04 -8.38
CA LEU E 182 11.67 -19.93 -9.07
CA LEU E 182 11.68 -19.96 -9.07
C LEU E 182 11.90 -19.93 -10.58
N SER E 183 13.05 -19.41 -11.03
CA SER E 183 13.37 -19.42 -12.44
C SER E 183 13.64 -20.84 -12.90
N SER E 184 13.10 -21.19 -14.08
CA SER E 184 13.52 -22.40 -14.77
C SER E 184 14.60 -22.03 -15.77
N THR E 185 14.28 -21.10 -16.68
CA THR E 185 15.19 -20.75 -17.77
C THR E 185 15.50 -19.26 -17.79
N ARG E 186 14.84 -18.46 -16.96
CA ARG E 186 14.87 -17.02 -17.16
C ARG E 186 16.21 -16.42 -16.76
N LEU E 187 16.89 -17.05 -15.79
CA LEU E 187 18.12 -16.52 -15.21
C LEU E 187 19.17 -17.62 -15.19
N THR E 188 20.46 -17.24 -15.19
CA THR E 188 21.55 -18.19 -15.14
C THR E 188 21.72 -18.65 -13.70
N ALA E 189 22.48 -19.74 -13.50
CA ALA E 189 22.73 -20.25 -12.16
C ALA E 189 23.51 -19.23 -11.32
N ALA E 190 24.44 -18.48 -11.92
CA ALA E 190 25.20 -17.49 -11.14
C ALA E 190 24.26 -16.40 -10.63
N GLU E 191 23.29 -15.97 -11.46
CA GLU E 191 22.31 -14.96 -11.08
C GLU E 191 21.46 -15.48 -9.92
N ILE E 192 21.11 -16.77 -9.91
CA ILE E 192 20.25 -17.31 -8.87
C ILE E 192 21.03 -17.50 -7.57
N GLN E 193 22.27 -17.98 -7.64
CA GLN E 193 23.08 -18.18 -6.44
C GLN E 193 23.33 -16.86 -5.70
N ARG E 194 23.56 -15.77 -6.43
CA ARG E 194 23.75 -14.49 -5.79
C ARG E 194 22.48 -14.07 -5.02
N VAL E 195 21.31 -14.39 -5.59
CA VAL E 195 20.04 -14.14 -4.91
C VAL E 195 19.93 -15.04 -3.68
N GLN E 196 20.22 -16.35 -3.82
CA GLN E 196 20.21 -17.26 -2.67
C GLN E 196 20.97 -16.61 -1.52
N GLN E 197 22.20 -16.13 -1.80
CA GLN E 197 23.06 -15.68 -0.72
C GLN E 197 22.46 -14.43 -0.09
N ASP E 198 21.88 -13.53 -0.89
CA ASP E 198 21.33 -12.30 -0.34
C ASP E 198 20.09 -12.62 0.48
N PHE E 199 19.37 -13.69 0.10
CA PHE E 199 18.18 -14.10 0.84
C PHE E 199 18.59 -14.69 2.18
N MET E 200 19.55 -15.62 2.14
CA MET E 200 20.17 -16.16 3.35
C MET E 200 20.55 -15.02 4.26
N VAL E 201 21.30 -14.04 3.77
CA VAL E 201 21.75 -12.93 4.62
C VAL E 201 20.55 -12.15 5.19
N TYR E 202 19.54 -11.91 4.35
CA TYR E 202 18.36 -11.18 4.78
C TYR E 202 17.67 -11.89 5.95
N MET E 203 17.42 -13.19 5.78
CA MET E 203 16.61 -14.00 6.67
C MET E 203 17.39 -14.29 7.95
N ASP E 204 18.70 -14.53 7.84
CA ASP E 204 19.55 -14.66 9.01
C ASP E 204 19.36 -13.43 9.90
N GLY E 205 19.30 -12.25 9.30
CA GLY E 205 19.13 -11.00 10.04
C GLY E 205 17.83 -10.97 10.83
N LEU E 206 16.74 -11.39 10.17
CA LEU E 206 15.44 -11.53 10.78
C LEU E 206 15.50 -12.51 11.96
N VAL E 207 16.05 -13.72 11.76
CA VAL E 207 16.05 -14.69 12.85
C VAL E 207 16.91 -14.18 13.99
N ALA E 208 18.09 -13.59 13.69
CA ALA E 208 19.09 -13.32 14.72
C ALA E 208 18.63 -12.26 15.71
N GLN E 209 17.73 -11.37 15.27
CA GLN E 209 17.24 -10.30 16.13
C GLN E 209 16.07 -10.74 17.03
N ARG E 210 15.93 -12.05 17.29
CA ARG E 210 14.84 -12.56 18.09
C ARG E 210 15.35 -13.61 19.09
N ARG E 211 16.62 -13.51 19.47
CA ARG E 211 17.22 -14.44 20.43
C ARG E 211 17.20 -13.82 21.83
N ASP E 212 17.25 -12.49 21.90
CA ASP E 212 17.20 -11.72 23.15
C ASP E 212 15.90 -10.91 23.22
N ALA E 213 14.93 -11.25 22.36
CA ALA E 213 13.60 -10.65 22.37
C ALA E 213 12.63 -11.52 21.56
N PRO E 214 12.48 -12.82 21.92
CA PRO E 214 11.86 -13.81 21.01
C PRO E 214 10.37 -13.57 20.80
N THR E 215 10.02 -13.04 19.63
CA THR E 215 8.67 -12.61 19.32
C THR E 215 7.78 -13.84 19.14
N GLU E 216 6.45 -13.64 19.23
CA GLU E 216 5.50 -14.73 19.11
C GLU E 216 4.96 -14.76 17.68
N ASP E 217 5.88 -15.12 16.79
CA ASP E 217 5.60 -15.45 15.40
C ASP E 217 6.52 -16.62 15.06
N LEU E 218 6.53 -17.05 13.79
CA LEU E 218 7.24 -18.27 13.45
C LEU E 218 8.77 -18.05 13.47
N LEU E 219 9.24 -16.88 13.04
CA LEU E 219 10.67 -16.65 13.06
C LEU E 219 11.18 -16.68 14.50
N GLY E 220 10.38 -16.17 15.45
CA GLY E 220 10.67 -16.33 16.87
C GLY E 220 10.95 -17.79 17.23
N ALA E 221 10.19 -18.72 16.63
CA ALA E 221 10.39 -20.15 16.83
C ALA E 221 11.75 -20.60 16.25
N LEU E 222 12.10 -20.03 15.09
CA LEU E 222 13.39 -20.31 14.45
C LEU E 222 14.55 -19.74 15.27
N ALA E 223 14.38 -18.54 15.83
CA ALA E 223 15.41 -17.94 16.66
C ALA E 223 15.68 -18.77 17.93
N LEU E 224 14.61 -19.30 18.55
CA LEU E 224 14.72 -20.15 19.73
C LEU E 224 15.44 -21.44 19.38
N ALA E 225 15.24 -21.92 18.15
CA ALA E 225 15.84 -23.17 17.70
C ALA E 225 17.33 -23.01 17.46
N THR E 226 17.77 -21.80 17.10
CA THR E 226 19.18 -21.55 16.84
C THR E 226 19.98 -21.73 18.14
N ASP E 227 19.42 -21.27 19.26
CA ASP E 227 20.03 -21.43 20.57
C ASP E 227 19.99 -22.89 21.01
N ASN E 228 18.77 -23.40 21.27
CA ASN E 228 18.55 -24.61 22.07
C ASN E 228 18.95 -25.87 21.31
N ASP E 229 18.47 -26.00 20.06
CA ASP E 229 18.65 -27.21 19.29
C ASP E 229 20.14 -27.44 19.05
N ASP E 230 20.52 -28.71 19.07
CA ASP E 230 21.83 -29.15 18.59
C ASP E 230 21.65 -29.72 17.19
N HIS E 231 20.67 -30.62 17.01
CA HIS E 231 20.56 -31.34 15.77
C HIS E 231 20.52 -30.39 14.58
N LEU E 232 19.75 -29.30 14.70
CA LEU E 232 19.58 -28.41 13.56
C LEU E 232 20.73 -27.40 13.52
N THR E 233 21.31 -27.21 12.32
CA THR E 233 22.33 -26.20 12.08
C THR E 233 21.64 -24.87 11.79
N LYS E 234 22.41 -23.77 11.96
CA LYS E 234 21.95 -22.42 11.65
C LYS E 234 21.46 -22.36 10.21
N GLY E 235 22.13 -23.12 9.32
CA GLY E 235 21.84 -23.13 7.90
C GLY E 235 20.47 -23.73 7.58
N GLU E 236 20.20 -24.91 8.17
CA GLU E 236 18.91 -25.59 8.04
C GLU E 236 17.79 -24.66 8.49
N ILE E 237 17.95 -24.04 9.65
CA ILE E 237 16.92 -23.22 10.25
C ILE E 237 16.62 -22.01 9.37
N VAL E 238 17.66 -21.30 8.94
CA VAL E 238 17.46 -20.07 8.20
C VAL E 238 16.83 -20.41 6.86
N ASN E 239 17.28 -21.52 6.28
CA ASN E 239 16.77 -21.95 4.99
C ASN E 239 15.27 -22.31 5.05
N MET E 240 14.80 -22.83 6.18
CA MET E 240 13.37 -23.09 6.34
CA MET E 240 13.37 -23.09 6.36
C MET E 240 12.61 -21.78 6.21
N GLY E 241 13.13 -20.73 6.86
CA GLY E 241 12.53 -19.41 6.81
C GLY E 241 12.43 -18.90 5.37
N VAL E 242 13.47 -19.14 4.57
CA VAL E 242 13.50 -18.69 3.20
C VAL E 242 12.44 -19.46 2.43
N SER E 243 12.43 -20.79 2.62
CA SER E 243 11.57 -21.70 1.87
C SER E 243 10.09 -21.39 2.09
N LEU E 244 9.72 -21.18 3.36
CA LEU E 244 8.35 -20.85 3.73
C LEU E 244 7.95 -19.49 3.19
N LEU E 245 8.89 -18.51 3.19
CA LEU E 245 8.57 -17.21 2.64
C LEU E 245 8.34 -17.32 1.14
N ILE E 246 9.17 -18.11 0.43
CA ILE E 246 9.03 -18.27 -1.01
C ILE E 246 7.75 -19.02 -1.35
N ALA E 247 7.62 -20.24 -0.83
CA ALA E 247 6.44 -21.05 -1.13
C ALA E 247 5.17 -20.37 -0.60
N GLY E 248 5.28 -19.76 0.59
CA GLY E 248 4.13 -19.22 1.32
C GLY E 248 3.30 -18.21 0.52
N HIS E 249 3.93 -17.61 -0.50
CA HIS E 249 3.22 -16.66 -1.33
C HIS E 249 3.23 -17.04 -2.81
N GLU E 250 4.34 -17.56 -3.34
CA GLU E 250 4.43 -17.80 -4.77
C GLU E 250 3.32 -18.74 -5.24
N THR E 251 3.07 -19.82 -4.51
CA THR E 251 2.09 -20.80 -4.94
C THR E 251 0.68 -20.22 -4.92
N SER E 252 0.26 -19.68 -3.75
CA SER E 252 -1.05 -19.09 -3.57
C SER E 252 -1.30 -17.90 -4.51
N VAL E 253 -0.30 -17.03 -4.75
CA VAL E 253 -0.47 -15.89 -5.63
C VAL E 253 -0.89 -16.37 -7.02
N ASN E 254 -0.18 -17.35 -7.55
CA ASN E 254 -0.44 -17.84 -8.89
C ASN E 254 -1.74 -18.64 -8.93
N GLN E 255 -2.03 -19.33 -7.83
CA GLN E 255 -3.13 -20.28 -7.81
C GLN E 255 -4.48 -19.57 -7.71
N ILE E 256 -4.54 -18.41 -7.03
CA ILE E 256 -5.70 -17.56 -7.05
C ILE E 256 -6.03 -17.19 -8.50
N THR E 257 -5.03 -16.72 -9.26
CA THR E 257 -5.25 -16.31 -10.63
C THR E 257 -5.68 -17.50 -11.48
N ASN E 258 -5.12 -18.68 -11.20
CA ASN E 258 -5.43 -19.86 -12.00
C ASN E 258 -6.86 -20.33 -11.75
N LEU E 259 -7.30 -20.33 -10.49
CA LEU E 259 -8.65 -20.76 -10.15
C LEU E 259 -9.64 -19.82 -10.81
N VAL E 260 -9.36 -18.52 -10.80
CA VAL E 260 -10.31 -17.56 -11.33
C VAL E 260 -10.37 -17.71 -12.86
N HIS E 261 -9.22 -17.98 -13.49
CA HIS E 261 -9.18 -18.23 -14.91
C HIS E 261 -10.07 -19.42 -15.29
N LEU E 262 -10.01 -20.49 -14.51
CA LEU E 262 -10.85 -21.65 -14.75
C LEU E 262 -12.33 -21.27 -14.60
N LEU E 263 -12.65 -20.55 -13.53
CA LEU E 263 -14.03 -20.19 -13.23
C LEU E 263 -14.62 -19.21 -14.25
N LEU E 264 -13.83 -18.26 -14.75
CA LEU E 264 -14.39 -17.18 -15.53
C LEU E 264 -14.44 -17.53 -17.02
N THR E 265 -13.50 -18.35 -17.53
CA THR E 265 -13.45 -18.58 -18.98
C THR E 265 -14.46 -19.64 -19.42
N GLU E 266 -15.08 -20.31 -18.45
CA GLU E 266 -16.24 -21.21 -18.70
C GLU E 266 -17.17 -20.77 -17.56
N ARG E 267 -17.77 -19.57 -17.65
CA ARG E 267 -18.50 -18.95 -16.51
C ARG E 267 -19.57 -19.85 -15.88
N LYS E 268 -20.00 -20.92 -16.54
CA LYS E 268 -20.95 -21.83 -15.89
C LYS E 268 -20.41 -22.24 -14.51
N ARG E 269 -19.10 -22.41 -14.41
CA ARG E 269 -18.47 -22.86 -13.14
C ARG E 269 -18.64 -21.78 -12.05
N TYR E 270 -18.37 -20.53 -12.41
CA TYR E 270 -18.52 -19.42 -11.45
C TYR E 270 -19.99 -19.32 -11.06
N GLU E 271 -20.87 -19.50 -12.05
CA GLU E 271 -22.32 -19.39 -11.80
C GLU E 271 -22.72 -20.46 -10.76
N SER E 272 -22.10 -21.64 -10.85
CA SER E 272 -22.42 -22.74 -9.91
C SER E 272 -22.10 -22.34 -8.48
N LEU E 273 -21.00 -21.63 -8.26
CA LEU E 273 -20.58 -21.31 -6.87
C LEU E 273 -21.35 -20.10 -6.34
N VAL E 274 -21.77 -19.20 -7.23
CA VAL E 274 -22.55 -18.00 -6.80
C VAL E 274 -23.91 -18.50 -6.30
N ALA E 275 -24.50 -19.46 -7.00
CA ALA E 275 -25.77 -20.06 -6.60
C ALA E 275 -25.63 -20.72 -5.23
N ASP E 276 -24.47 -21.38 -5.02
CA ASP E 276 -24.23 -22.25 -3.88
C ASP E 276 -22.81 -22.06 -3.35
N PRO E 277 -22.57 -21.00 -2.54
CA PRO E 277 -21.25 -20.75 -1.98
C PRO E 277 -20.56 -21.91 -1.25
N ALA E 278 -21.36 -22.79 -0.63
CA ALA E 278 -20.82 -23.82 0.25
C ALA E 278 -20.13 -24.93 -0.55
N LEU E 279 -20.26 -24.88 -1.89
CA LEU E 279 -19.53 -25.76 -2.79
C LEU E 279 -18.07 -25.32 -3.01
N VAL E 280 -17.68 -24.13 -2.52
CA VAL E 280 -16.35 -23.58 -2.78
C VAL E 280 -15.24 -24.56 -2.38
N PRO E 281 -15.23 -25.11 -1.14
CA PRO E 281 -14.19 -26.05 -0.70
C PRO E 281 -13.93 -27.18 -1.68
N ALA E 282 -15.01 -27.77 -2.19
CA ALA E 282 -14.92 -28.91 -3.09
C ALA E 282 -14.44 -28.47 -4.48
N ALA E 283 -14.79 -27.24 -4.87
CA ALA E 283 -14.37 -26.68 -6.14
C ALA E 283 -12.87 -26.38 -6.11
N VAL E 284 -12.37 -25.99 -4.93
CA VAL E 284 -10.95 -25.71 -4.77
C VAL E 284 -10.16 -27.03 -4.89
N GLU E 285 -10.62 -28.09 -4.22
CA GLU E 285 -10.01 -29.41 -4.38
C GLU E 285 -9.95 -29.79 -5.85
N GLU E 286 -11.06 -29.61 -6.57
CA GLU E 286 -11.13 -30.04 -7.96
C GLU E 286 -10.25 -29.17 -8.86
N MET E 287 -10.13 -27.87 -8.57
CA MET E 287 -9.28 -27.05 -9.40
C MET E 287 -7.80 -27.23 -9.05
N LEU E 288 -7.48 -27.61 -7.81
CA LEU E 288 -6.11 -27.99 -7.46
C LEU E 288 -5.66 -29.22 -8.26
N ARG E 289 -6.57 -30.19 -8.44
CA ARG E 289 -6.31 -31.38 -9.24
C ARG E 289 -6.01 -30.99 -10.70
N TYR E 290 -6.87 -30.09 -11.22
CA TYR E 290 -6.96 -29.81 -12.64
C TYR E 290 -5.83 -28.88 -13.09
N THR E 291 -5.33 -28.02 -12.19
CA THR E 291 -4.45 -26.91 -12.56
C THR E 291 -2.98 -27.36 -12.51
N PRO E 292 -2.21 -27.29 -13.62
CA PRO E 292 -0.78 -27.55 -13.56
C PRO E 292 0.00 -26.36 -13.00
N LEU E 293 -0.15 -26.11 -11.69
CA LEU E 293 0.58 -25.05 -11.04
C LEU E 293 2.07 -25.28 -11.27
N VAL E 294 2.50 -26.53 -11.02
CA VAL E 294 3.90 -26.91 -11.18
C VAL E 294 4.07 -27.19 -12.65
N SER E 295 5.01 -26.45 -13.27
CA SER E 295 5.04 -26.29 -14.70
C SER E 295 5.39 -27.62 -15.38
N ALA E 296 6.54 -28.16 -14.98
CA ALA E 296 7.04 -29.46 -15.40
C ALA E 296 7.82 -30.12 -14.26
N GLY E 297 7.62 -31.43 -14.09
CA GLY E 297 8.52 -32.21 -13.26
C GLY E 297 8.39 -31.90 -11.78
N SER E 298 9.48 -32.14 -11.05
CA SER E 298 9.51 -32.13 -9.60
C SER E 298 10.97 -32.17 -9.19
N PHE E 299 11.19 -32.00 -7.88
CA PHE E 299 12.47 -32.32 -7.26
C PHE E 299 12.69 -33.82 -7.42
N VAL E 300 13.96 -34.17 -7.65
CA VAL E 300 14.33 -35.51 -8.06
C VAL E 300 14.43 -36.43 -6.86
N ARG E 301 13.91 -37.65 -7.05
CA ARG E 301 14.14 -38.76 -6.14
C ARG E 301 15.09 -39.75 -6.80
N VAL E 302 16.17 -40.10 -6.10
CA VAL E 302 17.09 -41.12 -6.57
C VAL E 302 16.74 -42.40 -5.82
N ALA E 303 16.60 -43.52 -6.52
CA ALA E 303 16.45 -44.82 -5.87
C ALA E 303 17.72 -45.17 -5.07
N THR E 304 17.56 -45.57 -3.81
CA THR E 304 18.65 -46.03 -2.96
C THR E 304 18.84 -47.54 -3.13
N GLU E 305 17.83 -48.20 -3.72
CA GLU E 305 17.95 -49.57 -4.19
C GLU E 305 16.97 -49.77 -5.35
N ASP E 306 16.90 -51.00 -5.86
CA ASP E 306 16.02 -51.38 -6.96
C ASP E 306 14.55 -51.28 -6.53
N VAL E 307 13.74 -50.70 -7.41
CA VAL E 307 12.33 -50.42 -7.14
C VAL E 307 11.53 -50.74 -8.40
N GLU E 308 10.41 -51.44 -8.20
CA GLU E 308 9.57 -51.87 -9.31
C GLU E 308 8.32 -51.01 -9.38
N LEU E 309 8.22 -50.27 -10.49
CA LEU E 309 7.03 -49.51 -10.87
C LEU E 309 6.24 -50.30 -11.92
N SER E 310 5.08 -49.75 -12.32
CA SER E 310 4.08 -50.43 -13.13
C SER E 310 4.69 -51.15 -14.34
N THR E 311 5.64 -50.51 -15.03
CA THR E 311 6.13 -51.00 -16.32
C THR E 311 7.67 -51.01 -16.38
N VAL E 312 8.35 -50.60 -15.30
CA VAL E 312 9.79 -50.45 -15.35
C VAL E 312 10.36 -50.72 -13.95
N THR E 313 11.62 -51.17 -13.91
CA THR E 313 12.35 -51.32 -12.66
C THR E 313 13.47 -50.29 -12.60
N VAL E 314 13.41 -49.42 -11.58
CA VAL E 314 14.39 -48.36 -11.39
C VAL E 314 15.59 -48.97 -10.65
N ARG E 315 16.79 -48.72 -11.15
CA ARG E 315 17.98 -49.26 -10.53
C ARG E 315 18.50 -48.27 -9.50
N ALA E 316 19.16 -48.81 -8.46
CA ALA E 316 19.90 -48.02 -7.48
C ALA E 316 20.59 -46.87 -8.22
N GLY E 317 20.35 -45.63 -7.77
CA GLY E 317 21.08 -44.49 -8.30
C GLY E 317 20.49 -43.88 -9.57
N GLU E 318 19.41 -44.47 -10.10
CA GLU E 318 18.66 -43.85 -11.19
C GLU E 318 17.77 -42.73 -10.63
N PRO E 319 17.81 -41.51 -11.21
CA PRO E 319 16.95 -40.42 -10.75
C PRO E 319 15.57 -40.40 -11.40
N CYS E 320 14.54 -40.13 -10.60
CA CYS E 320 13.18 -40.07 -11.11
C CYS E 320 12.59 -38.68 -10.86
N VAL E 321 11.68 -38.31 -11.78
CA VAL E 321 10.90 -37.09 -11.67
CA VAL E 321 10.90 -37.09 -11.67
C VAL E 321 9.42 -37.41 -11.87
N VAL E 322 8.57 -36.75 -11.06
CA VAL E 322 7.12 -36.93 -11.14
C VAL E 322 6.55 -35.66 -11.74
N HIS E 323 5.62 -35.80 -12.69
CA HIS E 323 4.78 -34.67 -13.08
C HIS E 323 3.48 -34.77 -12.30
N PHE E 324 3.31 -33.89 -11.31
CA PHE E 324 2.15 -33.95 -10.43
C PHE E 324 0.85 -33.83 -11.22
N ALA E 325 0.84 -32.96 -12.25
CA ALA E 325 -0.40 -32.62 -12.93
C ALA E 325 -0.86 -33.74 -13.87
N SER E 326 0.09 -34.54 -14.37
CA SER E 326 -0.24 -35.74 -15.14
C SER E 326 -0.87 -36.81 -14.25
N ALA E 327 -0.28 -37.10 -13.09
CA ALA E 327 -0.81 -38.07 -12.14
C ALA E 327 -2.25 -37.72 -11.78
N ASN E 328 -2.49 -36.42 -11.65
CA ASN E 328 -3.78 -35.87 -11.32
C ASN E 328 -4.77 -35.99 -12.48
N ARG E 329 -4.32 -36.42 -13.67
CA ARG E 329 -5.24 -36.66 -14.80
C ARG E 329 -5.39 -38.17 -15.09
N ASP E 330 -4.86 -39.02 -14.21
CA ASP E 330 -4.81 -40.46 -14.46
C ASP E 330 -6.24 -41.00 -14.52
N GLU E 331 -6.58 -41.63 -15.65
CA GLU E 331 -7.93 -42.07 -15.93
C GLU E 331 -8.33 -43.32 -15.13
N GLU E 332 -7.34 -43.99 -14.53
CA GLU E 332 -7.65 -45.10 -13.64
C GLU E 332 -8.32 -44.57 -12.38
N VAL E 333 -7.75 -43.47 -11.87
CA VAL E 333 -8.06 -42.95 -10.56
C VAL E 333 -9.29 -42.03 -10.66
N PHE E 334 -9.32 -41.15 -11.67
CA PHE E 334 -10.40 -40.16 -11.76
C PHE E 334 -11.25 -40.47 -12.99
N ASP E 335 -12.57 -40.59 -12.80
CA ASP E 335 -13.46 -40.70 -13.95
C ASP E 335 -13.46 -39.37 -14.72
N HIS E 336 -13.59 -39.45 -16.04
CA HIS E 336 -13.58 -38.29 -16.93
C HIS E 336 -12.58 -37.24 -16.43
N ALA E 337 -11.30 -37.64 -16.43
CA ALA E 337 -10.23 -36.89 -15.75
C ALA E 337 -9.97 -35.53 -16.40
N ASP E 338 -10.33 -35.38 -17.69
CA ASP E 338 -10.04 -34.15 -18.43
C ASP E 338 -11.16 -33.13 -18.29
N GLU E 339 -12.02 -33.29 -17.28
CA GLU E 339 -13.16 -32.41 -17.11
C GLU E 339 -13.25 -31.97 -15.67
N LEU E 340 -13.58 -30.69 -15.52
CA LEU E 340 -13.63 -30.04 -14.23
C LEU E 340 -15.02 -30.26 -13.64
N ASP E 341 -15.09 -31.12 -12.60
CA ASP E 341 -16.34 -31.54 -12.01
C ASP E 341 -16.32 -31.25 -10.50
N PHE E 342 -17.16 -30.32 -10.05
CA PHE E 342 -17.16 -29.90 -8.66
C PHE E 342 -18.00 -30.85 -7.79
N HIS E 343 -18.47 -31.97 -8.34
CA HIS E 343 -19.27 -32.91 -7.58
C HIS E 343 -18.66 -34.31 -7.65
N ARG E 344 -17.34 -34.38 -7.83
CA ARG E 344 -16.64 -35.65 -7.71
C ARG E 344 -16.96 -36.23 -6.34
N GLU E 345 -17.23 -37.55 -6.28
CA GLU E 345 -17.43 -38.26 -5.03
C GLU E 345 -16.10 -38.38 -4.30
N ARG E 346 -15.05 -38.78 -5.03
CA ARG E 346 -13.71 -38.94 -4.49
C ARG E 346 -12.72 -38.12 -5.31
N ASN E 347 -11.61 -37.68 -4.68
CA ASN E 347 -10.60 -36.85 -5.33
C ASN E 347 -9.26 -36.96 -4.57
N PRO E 348 -8.53 -38.09 -4.67
CA PRO E 348 -7.21 -38.22 -4.02
C PRO E 348 -6.10 -37.63 -4.88
N HIS E 349 -6.21 -36.35 -5.18
CA HIS E 349 -5.21 -35.68 -6.00
C HIS E 349 -3.93 -35.51 -5.18
N ILE E 350 -2.82 -35.29 -5.88
CA ILE E 350 -1.56 -34.99 -5.22
C ILE E 350 -1.04 -33.65 -5.71
N ALA E 351 -1.93 -32.64 -5.76
CA ALA E 351 -1.54 -31.27 -6.04
C ALA E 351 -0.56 -30.74 -5.00
N PHE E 352 -0.64 -31.28 -3.77
CA PHE E 352 0.25 -30.90 -2.66
C PHE E 352 1.34 -31.96 -2.43
N GLY E 353 1.58 -32.81 -3.43
CA GLY E 353 2.59 -33.84 -3.31
C GLY E 353 2.07 -35.01 -2.49
N HIS E 354 3.00 -35.79 -1.94
CA HIS E 354 2.68 -37.05 -1.28
C HIS E 354 3.90 -37.54 -0.51
N GLY E 355 3.66 -38.34 0.52
CA GLY E 355 4.75 -38.90 1.30
C GLY E 355 5.36 -37.87 2.24
N ALA E 356 6.66 -38.03 2.51
CA ALA E 356 7.37 -37.20 3.47
C ALA E 356 7.27 -35.71 3.14
N HIS E 357 7.40 -35.33 1.86
CA HIS E 357 7.51 -33.92 1.50
C HIS E 357 6.14 -33.35 1.12
N HIS E 358 5.05 -34.07 1.40
CA HIS E 358 3.72 -33.51 1.27
C HIS E 358 3.71 -32.05 1.73
N CYS E 359 3.13 -31.16 0.93
CA CYS E 359 3.14 -29.74 1.26
C CYS E 359 2.83 -29.47 2.75
N ILE E 360 3.76 -28.83 3.44
CA ILE E 360 3.57 -28.42 4.82
C ILE E 360 2.55 -27.28 4.95
N GLY E 361 2.37 -26.48 3.90
CA GLY E 361 1.40 -25.41 3.96
C GLY E 361 0.06 -25.78 3.33
N ALA E 362 -0.29 -27.06 3.24
CA ALA E 362 -1.45 -27.44 2.44
C ALA E 362 -2.72 -26.83 3.04
N GLN E 363 -2.83 -26.86 4.37
CA GLN E 363 -3.98 -26.34 5.09
C GLN E 363 -4.10 -24.83 4.86
N LEU E 364 -2.99 -24.10 5.02
CA LEU E 364 -2.99 -22.67 4.80
C LEU E 364 -3.40 -22.36 3.36
N GLY E 365 -2.88 -23.13 2.39
CA GLY E 365 -3.18 -22.88 1.00
C GLY E 365 -4.68 -23.01 0.73
N ARG E 366 -5.28 -24.08 1.27
CA ARG E 366 -6.71 -24.31 1.18
C ARG E 366 -7.46 -23.12 1.80
N LEU E 367 -7.08 -22.71 3.02
CA LEU E 367 -7.76 -21.63 3.72
C LEU E 367 -7.81 -20.39 2.85
N GLU E 368 -6.66 -20.03 2.29
CA GLU E 368 -6.52 -18.83 1.47
C GLU E 368 -7.40 -18.93 0.22
N LEU E 369 -7.29 -20.04 -0.50
CA LEU E 369 -8.05 -20.18 -1.74
C LEU E 369 -9.55 -20.22 -1.47
N GLN E 370 -9.96 -20.84 -0.36
CA GLN E 370 -11.37 -20.95 0.01
C GLN E 370 -11.94 -19.60 0.43
N GLU E 371 -11.20 -18.85 1.26
CA GLU E 371 -11.62 -17.54 1.70
C GLU E 371 -11.67 -16.58 0.52
N ALA E 372 -10.74 -16.67 -0.43
CA ALA E 372 -10.73 -15.74 -1.56
C ALA E 372 -11.92 -15.99 -2.49
N LEU E 373 -12.14 -17.24 -2.88
CA LEU E 373 -13.21 -17.51 -3.82
C LEU E 373 -14.55 -17.19 -3.15
N SER E 374 -14.71 -17.62 -1.90
CA SER E 374 -15.96 -17.45 -1.18
C SER E 374 -16.31 -15.97 -1.18
N ALA E 375 -15.30 -15.13 -0.89
CA ALA E 375 -15.48 -13.68 -0.84
C ALA E 375 -15.95 -13.16 -2.20
N LEU E 376 -15.28 -13.61 -3.27
CA LEU E 376 -15.62 -13.21 -4.63
C LEU E 376 -17.04 -13.66 -4.97
N VAL E 377 -17.30 -14.94 -4.77
CA VAL E 377 -18.52 -15.57 -5.21
C VAL E 377 -19.73 -14.94 -4.53
N ARG E 378 -19.55 -14.51 -3.27
CA ARG E 378 -20.58 -13.87 -2.46
C ARG E 378 -20.73 -12.42 -2.85
N ARG E 379 -19.59 -11.71 -2.98
CA ARG E 379 -19.60 -10.26 -3.10
C ARG E 379 -19.70 -9.78 -4.55
N PHE E 380 -19.27 -10.61 -5.51
CA PHE E 380 -19.18 -10.20 -6.91
C PHE E 380 -19.88 -11.24 -7.79
N PRO E 381 -21.22 -11.40 -7.69
CA PRO E 381 -21.91 -12.39 -8.50
C PRO E 381 -21.75 -12.15 -10.01
N THR E 382 -21.38 -10.91 -10.38
CA THR E 382 -21.34 -10.47 -11.76
C THR E 382 -19.90 -10.38 -12.27
N LEU E 383 -18.94 -10.88 -11.47
CA LEU E 383 -17.53 -10.81 -11.82
C LEU E 383 -17.30 -11.47 -13.18
N ASP E 384 -16.49 -10.88 -14.05
CA ASP E 384 -16.19 -11.48 -15.34
C ASP E 384 -14.86 -10.97 -15.87
N LEU E 385 -14.26 -11.74 -16.79
CA LEU E 385 -13.01 -11.38 -17.43
C LEU E 385 -13.26 -10.18 -18.32
N ALA E 386 -12.41 -9.14 -18.18
CA ALA E 386 -12.61 -7.87 -18.83
C ALA E 386 -11.46 -7.54 -19.77
N GLU E 387 -10.60 -8.53 -20.05
CA GLU E 387 -9.62 -8.47 -21.12
C GLU E 387 -9.76 -9.73 -21.99
N PRO E 388 -9.22 -9.74 -23.24
CA PRO E 388 -9.36 -10.90 -24.11
C PRO E 388 -8.51 -12.10 -23.69
N VAL E 389 -9.06 -13.31 -23.91
CA VAL E 389 -8.45 -14.55 -23.48
C VAL E 389 -7.08 -14.71 -24.13
N ALA E 390 -7.01 -14.47 -25.44
CA ALA E 390 -5.78 -14.65 -26.20
C ALA E 390 -4.78 -13.55 -25.88
N GLY E 391 -5.18 -12.58 -25.05
CA GLY E 391 -4.33 -11.46 -24.67
C GLY E 391 -3.48 -11.78 -23.44
N LEU E 392 -3.93 -12.74 -22.63
CA LEU E 392 -3.49 -12.87 -21.25
C LEU E 392 -1.96 -13.03 -21.14
N LYS E 393 -1.38 -12.37 -20.12
CA LYS E 393 0.06 -12.43 -19.88
C LYS E 393 0.38 -13.58 -18.92
N TRP E 394 0.62 -14.77 -19.49
CA TRP E 394 1.06 -15.94 -18.72
C TRP E 394 2.55 -15.81 -18.41
N LYS E 395 2.91 -16.01 -17.14
CA LYS E 395 4.30 -16.07 -16.70
C LYS E 395 5.08 -17.14 -17.46
N GLN E 396 6.31 -16.79 -17.82
CA GLN E 396 7.16 -17.61 -18.65
C GLN E 396 8.52 -17.78 -17.98
N GLY E 397 9.04 -19.00 -18.07
CA GLY E 397 10.37 -19.32 -17.62
C GLY E 397 10.45 -19.36 -16.10
N MET E 398 9.39 -19.90 -15.47
CA MET E 398 9.40 -20.16 -14.04
C MET E 398 8.97 -21.60 -13.80
N LEU E 399 9.18 -22.05 -12.56
CA LEU E 399 8.87 -23.44 -12.25
C LEU E 399 7.38 -23.63 -12.01
N ILE E 400 6.67 -22.51 -11.82
CA ILE E 400 5.22 -22.49 -11.71
C ILE E 400 4.57 -21.64 -12.80
N ARG E 401 3.24 -21.74 -12.89
CA ARG E 401 2.48 -21.02 -13.89
C ARG E 401 1.44 -20.12 -13.23
N GLY E 402 1.15 -19.01 -13.91
CA GLY E 402 0.14 -18.08 -13.45
C GLY E 402 0.17 -16.80 -14.28
N LEU E 403 -0.76 -15.91 -13.92
CA LEU E 403 -1.03 -14.71 -14.70
C LEU E 403 -0.32 -13.51 -14.08
N GLU E 404 0.37 -12.74 -14.95
CA GLU E 404 1.00 -11.48 -14.59
C GLU E 404 -0.06 -10.44 -14.30
N ARG E 405 -1.17 -10.48 -15.03
CA ARG E 405 -2.31 -9.66 -14.69
C ARG E 405 -3.61 -10.31 -15.17
N GLN E 406 -4.72 -9.81 -14.65
CA GLN E 406 -6.02 -10.41 -14.84
C GLN E 406 -7.07 -9.36 -14.56
N ILE E 407 -7.38 -8.58 -15.60
CA ILE E 407 -8.35 -7.49 -15.52
C ILE E 407 -9.76 -8.08 -15.53
N VAL E 408 -10.50 -7.79 -14.45
CA VAL E 408 -11.85 -8.32 -14.28
C VAL E 408 -12.82 -7.16 -14.20
N SER E 409 -14.10 -7.46 -14.47
CA SER E 409 -15.17 -6.49 -14.39
C SER E 409 -16.23 -7.02 -13.43
N TRP E 410 -17.08 -6.13 -12.94
CA TRP E 410 -18.22 -6.56 -12.16
C TRP E 410 -19.30 -5.48 -12.20
N ALA F 14 69.37 43.84 -40.25
CA ALA F 14 68.29 44.51 -41.01
C ALA F 14 67.10 43.55 -41.19
N ASP F 15 66.20 43.52 -40.19
CA ASP F 15 65.08 42.61 -40.22
C ASP F 15 64.35 42.79 -41.55
N ALA F 16 64.42 41.71 -42.36
CA ALA F 16 63.76 41.55 -43.64
C ALA F 16 62.29 41.43 -43.26
N VAL F 17 61.60 42.58 -43.28
CA VAL F 17 60.18 42.66 -43.03
C VAL F 17 59.74 43.91 -43.78
N PRO F 18 58.48 43.98 -44.25
CA PRO F 18 57.98 45.19 -44.92
C PRO F 18 57.84 46.42 -44.01
N ALA F 19 57.86 47.61 -44.62
CA ALA F 19 57.50 48.80 -43.86
C ALA F 19 55.99 48.80 -43.63
N TYR F 20 55.60 49.29 -42.46
CA TYR F 20 54.23 49.63 -42.13
C TYR F 20 54.15 51.14 -41.78
N PRO F 21 53.21 51.94 -42.35
CA PRO F 21 52.15 51.46 -43.23
C PRO F 21 52.55 51.06 -44.66
N PHE F 22 51.63 50.38 -45.36
CA PHE F 22 51.95 49.70 -46.60
C PHE F 22 51.91 50.65 -47.78
N SER F 23 50.91 51.53 -47.75
CA SER F 23 50.76 52.61 -48.71
C SER F 23 50.21 53.81 -47.96
N LEU F 24 50.02 54.94 -48.65
CA LEU F 24 49.41 56.10 -48.01
C LEU F 24 47.95 56.15 -48.45
N PRO F 25 47.02 56.48 -47.52
CA PRO F 25 45.59 56.28 -47.77
C PRO F 25 45.00 57.14 -48.89
N HIS F 26 44.02 56.59 -49.61
CA HIS F 26 43.32 57.27 -50.69
C HIS F 26 41.89 57.53 -50.22
N ALA F 27 41.55 58.81 -50.00
CA ALA F 27 40.22 59.17 -49.51
C ALA F 27 39.84 58.31 -48.31
N LEU F 28 38.77 57.49 -48.45
CA LEU F 28 38.36 56.57 -47.41
C LEU F 28 38.46 55.14 -47.91
N ASP F 29 39.32 54.90 -48.94
CA ASP F 29 39.59 53.55 -49.41
C ASP F 29 40.46 52.80 -48.40
N LEU F 30 40.10 51.54 -48.12
CA LEU F 30 40.93 50.62 -47.38
C LEU F 30 41.94 49.99 -48.33
N ASP F 31 43.20 49.89 -47.89
CA ASP F 31 44.25 49.27 -48.68
C ASP F 31 43.95 47.77 -48.84
N PRO F 32 43.70 47.26 -50.07
CA PRO F 32 43.28 45.87 -50.27
C PRO F 32 44.14 44.82 -49.58
N HIS F 33 45.36 45.20 -49.16
CA HIS F 33 46.32 44.28 -48.60
C HIS F 33 45.90 43.74 -47.22
N TYR F 34 45.08 44.49 -46.47
CA TYR F 34 44.62 44.04 -45.17
C TYR F 34 43.78 42.77 -45.32
N ALA F 35 42.93 42.75 -46.37
CA ALA F 35 42.04 41.62 -46.67
C ALA F 35 42.84 40.34 -46.88
N GLU F 36 44.01 40.49 -47.50
CA GLU F 36 44.90 39.38 -47.78
C GLU F 36 45.49 38.84 -46.48
N LEU F 37 46.03 39.74 -45.66
CA LEU F 37 46.60 39.36 -44.38
C LEU F 37 45.56 38.64 -43.52
N ARG F 38 44.32 39.13 -43.55
CA ARG F 38 43.27 38.62 -42.69
C ARG F 38 43.15 37.10 -42.86
N ARG F 39 43.31 36.60 -44.09
CA ARG F 39 43.10 35.18 -44.32
C ARG F 39 44.42 34.43 -44.60
N ASP F 40 45.46 35.08 -45.12
CA ASP F 40 46.70 34.39 -45.48
C ASP F 40 47.77 34.48 -44.38
N GLU F 41 47.88 35.64 -43.71
CA GLU F 41 48.96 35.92 -42.77
C GLU F 41 48.44 36.91 -41.73
N PRO F 42 47.57 36.47 -40.79
CA PRO F 42 46.85 37.38 -39.89
C PRO F 42 47.66 38.14 -38.86
N VAL F 43 48.78 37.54 -38.41
CA VAL F 43 49.77 38.24 -37.62
C VAL F 43 51.10 38.21 -38.38
N SER F 44 51.70 39.38 -38.59
CA SER F 44 52.86 39.49 -39.44
C SER F 44 53.82 40.53 -38.87
N ARG F 45 55.12 40.31 -39.08
CA ARG F 45 56.12 41.21 -38.55
C ARG F 45 56.41 42.33 -39.56
N VAL F 46 56.41 43.56 -39.04
CA VAL F 46 56.57 44.77 -39.83
C VAL F 46 57.50 45.72 -39.11
N ARG F 47 57.94 46.74 -39.86
CA ARG F 47 58.71 47.84 -39.33
C ARG F 47 57.88 49.11 -39.43
N LEU F 48 57.67 49.73 -38.27
CA LEU F 48 56.88 50.95 -38.11
C LEU F 48 57.73 52.16 -38.49
N PRO F 49 57.12 53.34 -38.72
CA PRO F 49 57.86 54.51 -39.21
C PRO F 49 58.92 55.05 -38.25
N TYR F 50 58.72 54.94 -36.94
CA TYR F 50 59.68 55.45 -35.99
C TYR F 50 59.90 54.42 -34.88
N GLY F 51 60.99 54.58 -34.15
CA GLY F 51 61.46 53.58 -33.22
C GLY F 51 62.43 52.65 -33.93
N GLU F 52 62.79 51.57 -33.25
CA GLU F 52 63.76 50.63 -33.77
C GLU F 52 63.17 49.24 -33.68
N GLY F 53 63.71 48.35 -34.50
CA GLY F 53 63.24 46.98 -34.53
C GLY F 53 61.89 46.91 -35.20
N THR F 54 61.09 45.98 -34.71
CA THR F 54 60.00 45.43 -35.49
C THR F 54 58.80 45.24 -34.57
N ALA F 55 57.61 45.03 -35.16
CA ALA F 55 56.39 44.85 -34.40
C ALA F 55 55.47 43.88 -35.13
N TRP F 56 54.62 43.18 -34.38
CA TRP F 56 53.62 42.30 -35.00
C TRP F 56 52.40 43.12 -35.39
N LEU F 57 51.99 43.05 -36.65
CA LEU F 57 50.75 43.67 -37.09
C LEU F 57 49.59 42.66 -36.97
N VAL F 58 48.53 43.08 -36.32
CA VAL F 58 47.36 42.26 -36.08
C VAL F 58 46.19 42.81 -36.89
N THR F 59 45.61 41.96 -37.75
CA THR F 59 44.63 42.42 -38.72
C THR F 59 43.24 41.84 -38.45
N ARG F 60 43.17 40.77 -37.65
CA ARG F 60 41.90 40.10 -37.38
C ARG F 60 41.31 40.59 -36.06
N MET F 61 40.00 40.42 -35.92
CA MET F 61 39.26 40.93 -34.78
C MET F 61 39.63 40.12 -33.54
N SER F 62 39.70 38.79 -33.66
CA SER F 62 39.97 37.91 -32.54
C SER F 62 41.29 38.30 -31.88
N ASP F 63 42.33 38.48 -32.70
CA ASP F 63 43.65 38.90 -32.23
C ASP F 63 43.62 40.34 -31.70
N ALA F 64 42.91 41.23 -32.38
CA ALA F 64 42.82 42.60 -31.93
C ALA F 64 42.36 42.63 -30.46
N ARG F 65 41.25 41.94 -30.17
CA ARG F 65 40.63 41.97 -28.85
C ARG F 65 41.54 41.40 -27.77
N ILE F 66 42.50 40.55 -28.15
CA ILE F 66 43.47 40.01 -27.22
C ILE F 66 44.53 41.08 -26.92
N VAL F 67 45.10 41.69 -27.96
CA VAL F 67 46.13 42.70 -27.81
C VAL F 67 45.61 43.91 -27.02
N LEU F 68 44.38 44.34 -27.31
CA LEU F 68 43.85 45.51 -26.65
C LEU F 68 43.20 45.13 -25.31
N GLY F 69 42.81 43.85 -25.17
CA GLY F 69 41.93 43.44 -24.08
C GLY F 69 42.63 42.60 -23.02
N ASP F 70 43.93 42.32 -23.16
CA ASP F 70 44.59 41.39 -22.27
C ASP F 70 45.64 42.14 -21.46
N SER F 71 45.67 41.88 -20.14
CA SER F 71 46.56 42.57 -19.22
C SER F 71 48.02 42.11 -19.32
N ARG F 72 48.29 41.05 -20.09
CA ARG F 72 49.67 40.69 -20.39
C ARG F 72 50.32 41.66 -21.38
N PHE F 73 49.54 42.59 -21.95
CA PHE F 73 50.07 43.64 -22.80
C PHE F 73 50.15 44.94 -22.00
N SER F 74 51.19 45.75 -22.22
CA SER F 74 51.44 47.00 -21.55
C SER F 74 51.63 48.12 -22.57
N THR F 75 50.97 49.28 -22.38
CA THR F 75 51.28 50.46 -23.16
C THR F 75 52.42 51.22 -22.49
N ALA F 76 52.57 51.07 -21.18
CA ALA F 76 53.59 51.80 -20.45
C ALA F 76 55.00 51.38 -20.89
N ALA F 77 55.15 50.09 -21.23
CA ALA F 77 56.40 49.55 -21.74
C ALA F 77 56.79 50.20 -23.07
N ALA F 78 55.85 50.86 -23.75
CA ALA F 78 56.07 51.32 -25.10
C ALA F 78 56.65 52.73 -25.14
N THR F 79 56.95 53.30 -23.97
CA THR F 79 57.36 54.70 -23.84
C THR F 79 58.86 54.85 -24.09
N ASP F 80 59.61 53.77 -23.85
CA ASP F 80 60.99 53.64 -24.30
C ASP F 80 61.09 54.20 -25.72
N PRO F 81 62.02 55.16 -25.98
CA PRO F 81 62.12 55.80 -27.31
C PRO F 81 62.51 54.86 -28.46
N ALA F 82 63.16 53.73 -28.11
CA ALA F 82 63.55 52.69 -29.06
C ALA F 82 62.37 51.83 -29.49
N THR F 83 61.23 51.95 -28.81
CA THR F 83 60.09 51.11 -29.12
C THR F 83 59.47 51.58 -30.45
N PRO F 84 59.09 50.65 -31.35
CA PRO F 84 58.35 51.03 -32.55
C PRO F 84 57.15 51.89 -32.22
N ARG F 85 56.76 52.75 -33.16
CA ARG F 85 55.59 53.58 -33.00
C ARG F 85 55.19 54.18 -34.35
N MET F 86 53.91 54.54 -34.43
CA MET F 86 53.32 55.11 -35.63
C MET F 86 53.64 56.60 -35.79
N PHE F 87 54.14 57.26 -34.75
CA PHE F 87 54.26 58.71 -34.72
C PHE F 87 55.64 59.15 -34.27
N PRO F 88 56.08 60.37 -34.68
CA PRO F 88 57.50 60.74 -34.61
C PRO F 88 58.05 60.95 -33.21
N THR F 89 57.25 61.48 -32.29
CA THR F 89 57.76 61.81 -30.97
C THR F 89 57.61 60.62 -30.04
N PRO F 90 58.62 60.25 -29.23
CA PRO F 90 58.46 59.19 -28.25
C PRO F 90 57.25 59.52 -27.37
N PRO F 91 56.46 58.49 -26.98
CA PRO F 91 55.23 58.70 -26.22
C PRO F 91 55.47 59.37 -24.87
N GLU F 92 54.60 60.32 -24.52
CA GLU F 92 54.66 60.96 -23.22
C GLU F 92 54.23 59.95 -22.15
N PRO F 93 55.13 59.55 -21.22
CA PRO F 93 54.78 58.57 -20.18
C PRO F 93 53.65 58.95 -19.22
N ASP F 94 53.37 60.25 -19.12
CA ASP F 94 52.28 60.77 -18.30
C ASP F 94 50.92 60.63 -19.01
N GLY F 95 50.92 60.48 -20.33
CA GLY F 95 49.68 60.33 -21.08
C GLY F 95 48.88 59.11 -20.65
N VAL F 96 47.55 59.20 -20.69
CA VAL F 96 46.65 58.14 -20.26
C VAL F 96 46.83 56.86 -21.09
N LEU F 97 47.07 57.02 -22.39
CA LEU F 97 47.14 55.89 -23.30
C LEU F 97 48.43 55.12 -23.04
N ALA F 98 49.41 55.81 -22.44
CA ALA F 98 50.65 55.16 -22.04
C ALA F 98 50.62 54.66 -20.60
N GLN F 99 49.45 54.67 -19.95
CA GLN F 99 49.36 54.17 -18.58
C GLN F 99 48.80 52.75 -18.54
N ASP F 100 49.30 51.98 -17.57
CA ASP F 100 48.75 50.68 -17.20
C ASP F 100 47.98 50.79 -15.89
N PRO F 101 47.02 49.85 -15.64
CA PRO F 101 46.39 49.69 -14.33
C PRO F 101 47.49 49.43 -13.31
N PRO F 102 47.38 49.92 -12.05
CA PRO F 102 46.21 50.68 -11.60
C PRO F 102 46.17 52.21 -11.77
N ASP F 103 47.29 52.84 -12.19
CA ASP F 103 47.28 54.29 -12.34
C ASP F 103 46.35 54.68 -13.48
N HIS F 104 46.34 53.90 -14.55
CA HIS F 104 45.37 54.15 -15.61
C HIS F 104 43.94 54.24 -15.05
N THR F 105 43.60 53.30 -14.18
CA THR F 105 42.26 53.20 -13.65
C THR F 105 41.94 54.44 -12.81
N ARG F 106 42.94 54.94 -12.09
CA ARG F 106 42.75 56.13 -11.28
C ARG F 106 42.53 57.36 -12.17
N LEU F 107 43.30 57.51 -13.24
CA LEU F 107 43.14 58.62 -14.17
C LEU F 107 41.74 58.63 -14.77
N ARG F 108 41.31 57.46 -15.24
CA ARG F 108 39.97 57.23 -15.76
C ARG F 108 38.89 57.68 -14.79
N ARG F 109 38.95 57.20 -13.54
CA ARG F 109 37.96 57.52 -12.52
CA ARG F 109 37.97 57.52 -12.53
C ARG F 109 37.91 59.04 -12.31
N LEU F 110 38.99 59.79 -12.64
CA LEU F 110 39.01 61.25 -12.46
C LEU F 110 37.89 61.93 -13.24
N VAL F 111 37.68 61.51 -14.49
CA VAL F 111 36.80 62.21 -15.43
C VAL F 111 35.65 61.31 -15.91
N GLY F 112 35.72 60.01 -15.64
CA GLY F 112 34.77 59.06 -16.16
C GLY F 112 33.32 59.44 -15.87
N LYS F 113 33.03 60.02 -14.71
CA LYS F 113 31.65 60.27 -14.34
C LYS F 113 30.96 61.15 -15.36
N ALA F 114 31.72 62.06 -15.99
CA ALA F 114 31.19 63.00 -16.97
C ALA F 114 30.88 62.38 -18.33
N PHE F 115 31.26 61.11 -18.55
CA PHE F 115 31.10 60.48 -19.85
C PHE F 115 30.26 59.21 -19.79
N THR F 116 29.58 58.95 -18.66
CA THR F 116 28.71 57.80 -18.57
C THR F 116 27.60 57.95 -19.60
N ALA F 117 27.04 56.84 -20.07
CA ALA F 117 25.86 56.85 -20.92
C ALA F 117 24.82 57.83 -20.42
N ARG F 118 24.65 57.94 -19.09
CA ARG F 118 23.54 58.68 -18.52
C ARG F 118 23.83 60.19 -18.57
N ARG F 119 25.08 60.60 -18.30
CA ARG F 119 25.47 62.00 -18.37
C ARG F 119 25.44 62.52 -19.80
N VAL F 120 25.91 61.69 -20.74
CA VAL F 120 25.94 62.10 -22.12
C VAL F 120 24.51 62.29 -22.63
N GLU F 121 23.63 61.36 -22.23
CA GLU F 121 22.25 61.41 -22.66
C GLU F 121 21.59 62.71 -22.20
N GLU F 122 21.93 63.19 -21.00
CA GLU F 122 21.42 64.46 -20.48
C GLU F 122 21.89 65.67 -21.29
N MET F 123 22.92 65.51 -22.13
CA MET F 123 23.50 66.62 -22.88
C MET F 123 22.74 66.89 -24.18
N ARG F 124 21.93 65.92 -24.65
CA ARG F 124 21.40 65.90 -26.00
C ARG F 124 20.62 67.18 -26.31
N PRO F 125 19.68 67.64 -25.44
CA PRO F 125 18.97 68.89 -25.69
C PRO F 125 19.85 70.11 -25.98
N ARG F 126 20.95 70.28 -25.23
CA ARG F 126 21.89 71.37 -25.49
C ARG F 126 22.58 71.13 -26.84
N VAL F 127 22.81 69.86 -27.18
CA VAL F 127 23.50 69.52 -28.42
C VAL F 127 22.55 69.72 -29.61
N ARG F 128 21.31 69.22 -29.55
CA ARG F 128 20.31 69.50 -30.58
C ARG F 128 20.32 71.00 -30.88
N SER F 129 20.12 71.78 -29.82
CA SER F 129 19.96 73.22 -29.90
C SER F 129 21.21 73.90 -30.46
N LEU F 130 22.39 73.33 -30.21
CA LEU F 130 23.65 73.89 -30.66
C LEU F 130 23.84 73.60 -32.15
N VAL F 131 23.44 72.41 -32.59
CA VAL F 131 23.52 72.03 -34.00
C VAL F 131 22.57 72.93 -34.80
N ASP F 132 21.37 73.16 -34.26
CA ASP F 132 20.33 73.93 -34.95
C ASP F 132 20.79 75.37 -35.18
N SER F 133 21.43 75.97 -34.16
CA SER F 133 22.02 77.30 -34.25
C SER F 133 23.11 77.38 -35.31
N LEU F 134 24.04 76.41 -35.33
CA LEU F 134 25.18 76.39 -36.23
C LEU F 134 24.72 76.17 -37.67
N LEU F 135 23.62 75.42 -37.84
CA LEU F 135 23.06 75.19 -39.16
C LEU F 135 22.36 76.46 -39.67
N ASP F 136 21.72 77.23 -38.77
CA ASP F 136 21.14 78.51 -39.14
C ASP F 136 22.18 79.40 -39.80
N ASP F 137 23.38 79.44 -39.20
CA ASP F 137 24.48 80.22 -39.75
C ASP F 137 24.71 79.80 -41.21
N MET F 138 24.58 78.49 -41.47
CA MET F 138 24.80 77.91 -42.79
C MET F 138 23.71 78.32 -43.79
N VAL F 139 22.44 78.45 -43.36
CA VAL F 139 21.36 78.87 -44.26
C VAL F 139 21.61 80.32 -44.64
N ALA F 140 21.99 81.13 -43.64
CA ALA F 140 22.30 82.53 -43.82
C ALA F 140 23.36 82.73 -44.91
N HIS F 141 24.31 81.79 -45.04
CA HIS F 141 25.44 81.94 -45.96
C HIS F 141 25.01 81.69 -47.42
N GLY F 142 24.25 80.62 -47.66
CA GLY F 142 23.68 80.39 -48.99
C GLY F 142 23.97 78.98 -49.51
N SER F 143 23.56 78.74 -50.77
CA SER F 143 23.20 77.43 -51.27
C SER F 143 24.39 76.48 -51.40
N PRO F 144 25.52 76.85 -52.06
CA PRO F 144 26.78 76.12 -51.84
C PRO F 144 27.50 76.61 -50.58
N ALA F 145 27.56 75.77 -49.54
CA ALA F 145 28.23 76.12 -48.28
C ALA F 145 29.12 74.97 -47.78
N ASP F 146 30.30 75.35 -47.26
CA ASP F 146 31.32 74.42 -46.79
C ASP F 146 30.98 73.90 -45.38
N LEU F 147 30.74 72.58 -45.31
CA LEU F 147 30.21 71.95 -44.11
C LEU F 147 31.28 71.84 -43.02
N VAL F 148 32.56 71.91 -43.41
CA VAL F 148 33.66 71.93 -42.46
C VAL F 148 33.65 73.23 -41.65
N GLU F 149 33.57 74.38 -42.32
CA GLU F 149 33.58 75.67 -41.65
C GLU F 149 32.37 75.83 -40.73
N PHE F 150 31.18 75.34 -41.14
CA PHE F 150 29.92 75.68 -40.48
C PHE F 150 29.44 74.61 -39.49
N LEU F 151 29.91 73.36 -39.63
CA LEU F 151 29.45 72.27 -38.78
C LEU F 151 30.62 71.42 -38.25
N ALA F 152 31.37 70.77 -39.14
CA ALA F 152 32.40 69.81 -38.75
C ALA F 152 33.33 70.35 -37.66
N VAL F 153 33.85 71.57 -37.84
CA VAL F 153 34.81 72.16 -36.91
C VAL F 153 34.05 72.84 -35.75
N PRO F 154 33.07 73.72 -36.00
CA PRO F 154 32.39 74.43 -34.89
C PRO F 154 31.65 73.59 -33.86
N PHE F 155 31.08 72.46 -34.27
CA PHE F 155 30.21 71.70 -33.38
C PHE F 155 31.02 70.91 -32.34
N PRO F 156 32.02 70.10 -32.71
CA PRO F 156 32.86 69.42 -31.72
C PRO F 156 33.65 70.36 -30.82
N VAL F 157 34.15 71.46 -31.42
CA VAL F 157 34.96 72.42 -30.71
C VAL F 157 34.15 73.03 -29.55
N ALA F 158 32.91 73.41 -29.83
CA ALA F 158 32.09 74.07 -28.81
C ALA F 158 31.71 73.07 -27.71
N VAL F 159 31.43 71.83 -28.07
CA VAL F 159 31.04 70.82 -27.07
C VAL F 159 32.23 70.54 -26.12
N ILE F 160 33.42 70.33 -26.66
CA ILE F 160 34.55 69.98 -25.80
C ILE F 160 34.97 71.21 -25.00
N CYS F 161 34.91 72.41 -25.60
CA CYS F 161 35.27 73.60 -24.84
C CYS F 161 34.32 73.80 -23.66
N GLU F 162 33.02 73.49 -23.82
CA GLU F 162 32.06 73.69 -22.75
C GLU F 162 32.18 72.59 -21.70
N LEU F 163 32.47 71.37 -22.12
CA LEU F 163 32.62 70.27 -21.18
C LEU F 163 33.86 70.46 -20.30
N LEU F 164 34.99 70.82 -20.93
CA LEU F 164 36.26 70.97 -20.23
C LEU F 164 36.35 72.31 -19.48
N GLY F 165 35.80 73.38 -20.06
CA GLY F 165 36.04 74.74 -19.58
C GLY F 165 37.27 75.38 -20.23
N VAL F 166 37.43 75.14 -21.52
CA VAL F 166 38.48 75.77 -22.29
C VAL F 166 37.86 76.99 -22.94
N PRO F 167 38.57 78.12 -23.02
CA PRO F 167 38.08 79.30 -23.74
C PRO F 167 37.84 79.03 -25.23
N LEU F 168 36.68 79.45 -25.72
CA LEU F 168 36.37 79.36 -27.14
C LEU F 168 37.27 80.31 -27.96
N GLU F 169 37.66 81.46 -27.40
CA GLU F 169 38.61 82.35 -28.06
C GLU F 169 39.89 81.60 -28.49
N ASP F 170 40.23 80.49 -27.81
CA ASP F 170 41.54 79.86 -27.95
C ASP F 170 41.54 78.73 -28.98
N ARG F 171 40.51 78.66 -29.83
CA ARG F 171 40.37 77.52 -30.73
C ARG F 171 41.54 77.44 -31.73
N ASP F 172 41.88 78.56 -32.35
CA ASP F 172 43.01 78.63 -33.26
C ASP F 172 44.28 78.14 -32.56
N LEU F 173 44.48 78.56 -31.32
CA LEU F 173 45.70 78.24 -30.59
C LEU F 173 45.77 76.74 -30.34
N PHE F 174 44.71 76.14 -29.78
CA PHE F 174 44.79 74.73 -29.45
C PHE F 174 44.62 73.82 -30.67
N ARG F 175 44.07 74.31 -31.79
CA ARG F 175 43.93 73.45 -32.97
C ARG F 175 45.27 73.34 -33.69
N THR F 176 46.07 74.41 -33.66
CA THR F 176 47.42 74.41 -34.19
C THR F 176 48.28 73.38 -33.45
N PHE F 177 48.18 73.40 -32.11
CA PHE F 177 48.84 72.43 -31.26
C PHE F 177 48.33 71.03 -31.57
N SER F 178 47.00 70.88 -31.65
CA SER F 178 46.36 69.59 -31.87
C SER F 178 46.86 68.98 -33.16
N ASP F 179 46.69 69.74 -34.25
CA ASP F 179 47.10 69.29 -35.58
C ASP F 179 48.56 68.83 -35.58
N ALA F 180 49.42 69.59 -34.91
CA ALA F 180 50.83 69.24 -34.86
C ALA F 180 51.00 67.85 -34.23
N MET F 181 50.26 67.62 -33.14
CA MET F 181 50.50 66.44 -32.33
C MET F 181 49.83 65.22 -32.94
N LEU F 182 48.91 65.43 -33.89
CA LEU F 182 48.28 64.33 -34.59
C LEU F 182 48.98 64.06 -35.93
N SER F 183 50.21 64.56 -36.12
CA SER F 183 50.89 64.38 -37.39
C SER F 183 51.64 63.05 -37.40
N SER F 184 51.68 62.42 -38.59
CA SER F 184 52.36 61.15 -38.79
CA SER F 184 52.34 61.14 -38.83
C SER F 184 53.74 61.40 -39.39
N THR F 185 53.80 62.20 -40.46
CA THR F 185 55.03 62.45 -41.20
C THR F 185 55.33 63.94 -41.30
N ARG F 186 54.30 64.80 -41.23
CA ARG F 186 54.41 66.22 -41.59
C ARG F 186 55.48 66.96 -40.77
N LEU F 187 55.79 66.49 -39.56
CA LEU F 187 56.70 67.23 -38.69
C LEU F 187 57.70 66.24 -38.09
N THR F 188 58.80 66.77 -37.54
CA THR F 188 59.81 65.94 -36.89
C THR F 188 59.61 65.94 -35.38
N ALA F 189 60.26 64.98 -34.72
CA ALA F 189 60.16 64.77 -33.28
C ALA F 189 60.48 66.06 -32.51
N ALA F 190 61.51 66.79 -32.92
CA ALA F 190 61.91 68.00 -32.22
C ALA F 190 60.81 69.07 -32.29
N GLU F 191 60.19 69.22 -33.47
CA GLU F 191 59.14 70.23 -33.67
C GLU F 191 57.91 69.89 -32.84
N ILE F 192 57.46 68.64 -32.92
CA ILE F 192 56.30 68.17 -32.19
C ILE F 192 56.64 68.22 -30.71
N GLN F 193 57.90 67.94 -30.39
CA GLN F 193 58.39 67.89 -29.03
C GLN F 193 58.12 69.24 -28.36
N ARG F 194 58.52 70.32 -29.06
CA ARG F 194 58.32 71.70 -28.65
C ARG F 194 56.82 72.00 -28.50
N VAL F 195 55.98 71.54 -29.43
CA VAL F 195 54.55 71.76 -29.32
C VAL F 195 53.94 71.04 -28.11
N GLN F 196 54.30 69.80 -27.88
CA GLN F 196 53.85 69.13 -26.66
C GLN F 196 54.21 69.94 -25.42
N GLN F 197 55.46 70.41 -25.28
CA GLN F 197 55.82 71.16 -24.08
C GLN F 197 54.96 72.42 -23.95
N ASP F 198 54.71 73.10 -25.07
CA ASP F 198 53.89 74.29 -25.10
C ASP F 198 52.42 74.00 -24.80
N PHE F 199 51.87 72.88 -25.31
CA PHE F 199 50.49 72.54 -25.00
C PHE F 199 50.36 72.27 -23.49
N MET F 200 51.36 71.59 -22.91
CA MET F 200 51.35 71.23 -21.50
C MET F 200 51.36 72.49 -20.64
N VAL F 201 52.25 73.44 -20.96
CA VAL F 201 52.39 74.67 -20.21
C VAL F 201 51.10 75.49 -20.27
N TYR F 202 50.40 75.42 -21.42
CA TYR F 202 49.13 76.12 -21.62
C TYR F 202 48.04 75.49 -20.78
N MET F 203 47.89 74.18 -20.88
CA MET F 203 46.89 73.45 -20.12
C MET F 203 47.17 73.59 -18.61
N ASP F 204 48.44 73.55 -18.20
CA ASP F 204 48.79 73.77 -16.81
C ASP F 204 48.25 75.14 -16.38
N GLY F 205 48.48 76.15 -17.24
CA GLY F 205 47.95 77.49 -17.02
C GLY F 205 46.43 77.50 -16.85
N LEU F 206 45.69 76.74 -17.68
CA LEU F 206 44.23 76.74 -17.58
C LEU F 206 43.85 76.13 -16.23
N VAL F 207 44.46 74.99 -15.84
CA VAL F 207 44.05 74.34 -14.61
C VAL F 207 44.48 75.20 -13.42
N ALA F 208 45.62 75.91 -13.53
CA ALA F 208 46.12 76.77 -12.45
C ALA F 208 45.15 77.91 -12.10
N GLN F 209 44.26 78.25 -13.04
CA GLN F 209 43.33 79.34 -12.82
C GLN F 209 42.17 78.93 -11.91
N ARG F 210 42.02 77.64 -11.65
CA ARG F 210 41.02 77.20 -10.70
C ARG F 210 41.51 77.31 -9.26
N ARG F 211 42.76 77.76 -9.05
CA ARG F 211 43.44 77.62 -7.78
C ARG F 211 42.60 78.19 -6.64
N ASP F 212 42.07 79.40 -6.83
CA ASP F 212 41.24 80.05 -5.83
C ASP F 212 39.91 80.44 -6.46
N ALA F 213 39.54 79.73 -7.52
CA ALA F 213 38.43 80.12 -8.38
C ALA F 213 37.87 78.87 -9.06
N PRO F 214 37.28 77.95 -8.26
CA PRO F 214 36.82 76.65 -8.73
C PRO F 214 35.72 76.75 -9.79
N THR F 215 35.68 75.80 -10.72
CA THR F 215 34.67 75.79 -11.78
C THR F 215 33.99 74.43 -11.79
N GLU F 216 32.84 74.35 -12.46
CA GLU F 216 32.02 73.14 -12.54
C GLU F 216 32.21 72.50 -13.93
N ASP F 217 33.41 72.02 -14.20
CA ASP F 217 33.77 71.50 -15.51
C ASP F 217 34.92 70.54 -15.28
N LEU F 218 35.34 69.85 -16.34
CA LEU F 218 36.33 68.81 -16.19
C LEU F 218 37.66 69.39 -15.69
N LEU F 219 38.06 70.58 -16.21
CA LEU F 219 39.30 71.22 -15.77
C LEU F 219 39.22 71.54 -14.27
N GLY F 220 38.01 71.87 -13.78
CA GLY F 220 37.79 72.13 -12.36
C GLY F 220 38.02 70.89 -11.51
N ALA F 221 37.62 69.71 -12.01
CA ALA F 221 37.87 68.45 -11.33
C ALA F 221 39.35 68.07 -11.38
N LEU F 222 40.04 68.39 -12.47
CA LEU F 222 41.49 68.18 -12.54
C LEU F 222 42.23 69.08 -11.55
N ALA F 223 41.78 70.32 -11.40
CA ALA F 223 42.39 71.24 -10.45
C ALA F 223 42.28 70.69 -9.02
N LEU F 224 41.11 70.14 -8.66
CA LEU F 224 40.91 69.59 -7.31
C LEU F 224 41.82 68.38 -7.09
N ALA F 225 41.99 67.56 -8.12
CA ALA F 225 42.89 66.42 -8.02
C ALA F 225 44.35 66.85 -7.85
N THR F 226 44.81 67.92 -8.54
CA THR F 226 46.18 68.35 -8.37
C THR F 226 46.43 68.82 -6.92
N ASP F 227 45.38 69.31 -6.21
CA ASP F 227 45.52 69.63 -4.78
C ASP F 227 45.56 68.39 -3.90
N ASN F 228 44.60 67.46 -4.13
CA ASN F 228 44.15 66.46 -3.17
C ASN F 228 44.73 65.07 -3.46
N ASP F 229 44.89 64.70 -4.74
CA ASP F 229 45.30 63.35 -5.11
C ASP F 229 46.71 63.06 -4.59
N ASP F 230 46.88 61.87 -4.00
CA ASP F 230 48.18 61.47 -3.48
C ASP F 230 48.78 60.31 -4.28
N HIS F 231 48.11 59.87 -5.34
CA HIS F 231 48.60 58.73 -6.12
C HIS F 231 49.10 59.23 -7.48
N LEU F 232 48.39 60.20 -8.06
CA LEU F 232 48.73 60.74 -9.36
C LEU F 232 49.59 62.00 -9.22
N THR F 233 50.52 62.17 -10.16
CA THR F 233 51.32 63.38 -10.25
C THR F 233 50.52 64.46 -11.00
N LYS F 234 50.95 65.71 -10.78
CA LYS F 234 50.37 66.86 -11.44
C LYS F 234 50.46 66.70 -12.96
N GLY F 235 51.61 66.25 -13.45
CA GLY F 235 51.81 66.02 -14.87
C GLY F 235 50.84 65.01 -15.47
N GLU F 236 50.56 63.91 -14.76
CA GLU F 236 49.59 62.92 -15.21
C GLU F 236 48.21 63.58 -15.28
N ILE F 237 47.84 64.36 -14.25
CA ILE F 237 46.50 64.93 -14.21
C ILE F 237 46.33 65.99 -15.30
N VAL F 238 47.38 66.80 -15.51
CA VAL F 238 47.29 67.91 -16.45
C VAL F 238 47.23 67.33 -17.86
N ASN F 239 48.00 66.27 -18.11
CA ASN F 239 48.07 65.68 -19.44
C ASN F 239 46.72 65.07 -19.84
N MET F 240 45.91 64.69 -18.85
CA MET F 240 44.54 64.27 -19.08
C MET F 240 43.76 65.39 -19.77
N GLY F 241 44.00 66.63 -19.32
CA GLY F 241 43.37 67.80 -19.92
C GLY F 241 43.73 67.95 -21.39
N VAL F 242 45.01 67.67 -21.72
CA VAL F 242 45.51 67.79 -23.08
C VAL F 242 44.91 66.68 -23.94
N SER F 243 45.00 65.43 -23.46
CA SER F 243 44.42 64.26 -24.13
C SER F 243 42.94 64.47 -24.48
N LEU F 244 42.13 64.89 -23.48
CA LEU F 244 40.71 65.15 -23.68
C LEU F 244 40.47 66.27 -24.69
N LEU F 245 41.32 67.31 -24.68
CA LEU F 245 41.13 68.43 -25.59
C LEU F 245 41.38 67.96 -27.02
N ILE F 246 42.50 67.28 -27.27
CA ILE F 246 42.86 66.81 -28.62
C ILE F 246 41.85 65.78 -29.11
N ALA F 247 41.67 64.70 -28.35
CA ALA F 247 40.86 63.57 -28.77
C ALA F 247 39.39 63.96 -28.79
N GLY F 248 39.03 64.96 -27.96
CA GLY F 248 37.65 65.38 -27.78
C GLY F 248 37.06 66.13 -28.99
N HIS F 249 37.93 66.65 -29.87
CA HIS F 249 37.42 67.42 -30.98
C HIS F 249 37.91 66.83 -32.31
N GLU F 250 39.17 66.39 -32.39
CA GLU F 250 39.80 66.10 -33.68
C GLU F 250 39.17 64.87 -34.32
N THR F 251 38.88 63.83 -33.50
CA THR F 251 38.23 62.62 -33.99
C THR F 251 36.82 62.95 -34.48
N SER F 252 36.02 63.68 -33.71
CA SER F 252 34.65 64.03 -34.06
C SER F 252 34.55 64.88 -35.34
N VAL F 253 35.42 65.89 -35.47
CA VAL F 253 35.46 66.77 -36.62
C VAL F 253 35.52 65.91 -37.89
N ASN F 254 36.51 65.00 -37.93
CA ASN F 254 36.82 64.25 -39.13
C ASN F 254 35.69 63.25 -39.40
N GLN F 255 35.18 62.69 -38.31
CA GLN F 255 34.19 61.64 -38.39
C GLN F 255 32.89 62.19 -38.97
N ILE F 256 32.56 63.44 -38.63
CA ILE F 256 31.44 64.12 -39.25
C ILE F 256 31.64 64.14 -40.76
N THR F 257 32.82 64.58 -41.23
CA THR F 257 33.06 64.74 -42.66
C THR F 257 33.12 63.37 -43.35
N ASN F 258 33.44 62.33 -42.59
CA ASN F 258 33.50 60.98 -43.14
C ASN F 258 32.09 60.42 -43.33
N LEU F 259 31.24 60.50 -42.28
CA LEU F 259 29.87 60.03 -42.37
C LEU F 259 29.17 60.73 -43.53
N VAL F 260 29.37 62.05 -43.65
CA VAL F 260 28.70 62.83 -44.68
C VAL F 260 29.22 62.42 -46.06
N HIS F 261 30.53 62.18 -46.20
CA HIS F 261 31.09 61.80 -47.49
C HIS F 261 30.53 60.45 -47.94
N LEU F 262 30.44 59.48 -47.03
CA LEU F 262 29.92 58.16 -47.36
C LEU F 262 28.45 58.27 -47.76
N LEU F 263 27.65 59.03 -46.99
CA LEU F 263 26.21 59.16 -47.19
C LEU F 263 25.86 59.83 -48.53
N LEU F 264 26.79 60.61 -49.08
CA LEU F 264 26.54 61.36 -50.30
C LEU F 264 27.21 60.68 -51.51
N THR F 265 28.35 59.99 -51.35
CA THR F 265 29.02 59.35 -52.47
C THR F 265 28.04 58.44 -53.22
N GLU F 266 27.51 57.41 -52.52
CA GLU F 266 26.31 56.72 -52.97
C GLU F 266 25.11 57.28 -52.21
N ARG F 267 24.35 58.13 -52.90
CA ARG F 267 23.45 59.09 -52.26
C ARG F 267 22.13 58.40 -51.86
N LYS F 268 21.97 57.13 -52.26
CA LYS F 268 20.86 56.31 -51.80
C LYS F 268 20.84 56.30 -50.27
N ARG F 269 22.03 56.13 -49.68
CA ARG F 269 22.22 55.95 -48.26
C ARG F 269 21.59 57.08 -47.46
N TYR F 270 21.84 58.32 -47.90
CA TYR F 270 21.24 59.50 -47.30
C TYR F 270 19.72 59.38 -47.34
N GLU F 271 19.19 58.91 -48.49
CA GLU F 271 17.76 58.79 -48.74
C GLU F 271 17.14 57.74 -47.83
N SER F 272 17.92 56.71 -47.45
CA SER F 272 17.49 55.71 -46.48
C SER F 272 17.09 56.37 -45.17
N LEU F 273 17.90 57.36 -44.74
CA LEU F 273 17.76 57.98 -43.43
C LEU F 273 16.64 59.02 -43.44
N VAL F 274 16.40 59.65 -44.60
CA VAL F 274 15.28 60.58 -44.76
C VAL F 274 13.96 59.82 -44.61
N ALA F 275 13.93 58.58 -45.12
CA ALA F 275 12.73 57.73 -45.07
C ALA F 275 12.51 57.14 -43.67
N ASP F 276 13.60 56.88 -42.91
CA ASP F 276 13.52 56.49 -41.50
C ASP F 276 14.44 57.35 -40.64
N PRO F 277 13.95 58.49 -40.07
CA PRO F 277 14.70 59.20 -39.04
C PRO F 277 15.30 58.26 -37.97
N ALA F 278 14.45 57.33 -37.49
CA ALA F 278 14.78 56.47 -36.36
C ALA F 278 16.00 55.60 -36.64
N LEU F 279 16.42 55.50 -37.91
CA LEU F 279 17.47 54.58 -38.33
C LEU F 279 18.87 55.13 -38.04
N VAL F 280 18.98 56.42 -37.70
CA VAL F 280 20.25 57.15 -37.70
C VAL F 280 21.25 56.50 -36.74
N PRO F 281 20.87 56.16 -35.47
CA PRO F 281 21.76 55.41 -34.56
C PRO F 281 22.41 54.12 -35.07
N ALA F 282 21.65 53.26 -35.75
CA ALA F 282 22.20 52.05 -36.36
C ALA F 282 23.19 52.42 -37.45
N ALA F 283 22.88 53.50 -38.16
CA ALA F 283 23.69 53.98 -39.28
C ALA F 283 25.00 54.59 -38.77
N VAL F 284 24.98 55.22 -37.59
CA VAL F 284 26.19 55.79 -37.02
C VAL F 284 27.13 54.65 -36.61
N GLU F 285 26.58 53.63 -35.95
CA GLU F 285 27.32 52.43 -35.60
C GLU F 285 27.97 51.82 -36.84
N GLU F 286 27.24 51.81 -37.96
CA GLU F 286 27.66 51.12 -39.17
C GLU F 286 28.77 51.89 -39.89
N MET F 287 28.67 53.22 -39.90
CA MET F 287 29.66 54.03 -40.59
C MET F 287 30.90 54.16 -39.72
N LEU F 288 30.74 53.99 -38.40
CA LEU F 288 31.86 53.94 -37.46
C LEU F 288 32.72 52.71 -37.74
N ARG F 289 32.05 51.58 -38.05
CA ARG F 289 32.72 50.33 -38.39
C ARG F 289 33.50 50.47 -39.70
N TYR F 290 32.85 51.09 -40.69
CA TYR F 290 33.28 51.03 -42.08
C TYR F 290 34.34 52.10 -42.37
N THR F 291 34.33 53.22 -41.62
CA THR F 291 35.22 54.34 -41.89
C THR F 291 36.60 54.06 -41.28
N PRO F 292 37.70 54.03 -42.07
CA PRO F 292 39.05 53.88 -41.53
C PRO F 292 39.55 55.21 -41.00
N LEU F 293 39.03 55.59 -39.82
CA LEU F 293 39.32 56.89 -39.24
C LEU F 293 40.79 56.98 -38.88
N VAL F 294 41.25 55.98 -38.14
CA VAL F 294 42.67 55.86 -37.85
C VAL F 294 43.35 55.37 -39.12
N SER F 295 44.42 56.04 -39.52
CA SER F 295 44.98 55.85 -40.84
C SER F 295 45.72 54.51 -40.89
N ALA F 296 46.53 54.26 -39.85
CA ALA F 296 47.45 53.14 -39.80
C ALA F 296 47.78 52.82 -38.35
N GLY F 297 47.48 51.59 -37.90
CA GLY F 297 48.08 51.09 -36.68
C GLY F 297 47.47 51.69 -35.41
N SER F 298 48.22 51.60 -34.32
CA SER F 298 47.72 51.91 -32.98
C SER F 298 48.89 52.29 -32.09
N PHE F 299 48.56 52.85 -30.93
CA PHE F 299 49.53 52.86 -29.86
C PHE F 299 49.95 51.43 -29.61
N VAL F 300 51.26 51.25 -29.33
CA VAL F 300 51.88 49.94 -29.28
C VAL F 300 51.61 49.30 -27.92
N ARG F 301 51.32 48.00 -27.97
CA ARG F 301 51.23 47.17 -26.79
C ARG F 301 52.43 46.22 -26.78
N VAL F 302 53.19 46.23 -25.68
CA VAL F 302 54.33 45.36 -25.53
C VAL F 302 53.88 44.22 -24.62
N ALA F 303 54.10 42.99 -25.04
CA ALA F 303 53.85 41.84 -24.18
C ALA F 303 54.81 41.87 -22.99
N THR F 304 54.29 41.60 -21.79
CA THR F 304 55.09 41.52 -20.57
C THR F 304 55.22 40.06 -20.17
N GLU F 305 54.38 39.21 -20.78
CA GLU F 305 54.40 37.77 -20.66
C GLU F 305 54.07 37.19 -22.03
N ASP F 306 54.36 35.92 -22.27
CA ASP F 306 54.03 35.29 -23.55
C ASP F 306 52.51 35.28 -23.76
N VAL F 307 52.04 35.46 -25.01
CA VAL F 307 50.62 35.57 -25.30
C VAL F 307 50.29 34.88 -26.63
N GLU F 308 49.34 33.94 -26.64
CA GLU F 308 49.02 33.17 -27.83
C GLU F 308 48.06 33.98 -28.71
N LEU F 309 48.46 34.23 -29.96
CA LEU F 309 47.56 34.83 -30.93
C LEU F 309 47.19 33.74 -31.94
N SER F 310 46.34 34.06 -32.92
CA SER F 310 45.85 33.12 -33.91
C SER F 310 46.99 32.26 -34.44
N THR F 311 48.09 32.87 -34.92
CA THR F 311 49.12 32.12 -35.67
C THR F 311 50.50 32.16 -35.00
N VAL F 312 50.61 32.74 -33.79
CA VAL F 312 51.93 32.98 -33.23
C VAL F 312 51.81 33.21 -31.74
N THR F 313 52.85 32.77 -31.00
CA THR F 313 53.00 33.13 -29.61
C THR F 313 53.93 34.34 -29.54
N VAL F 314 53.41 35.46 -29.02
CA VAL F 314 54.17 36.67 -28.85
C VAL F 314 54.97 36.53 -27.57
N ARG F 315 56.28 36.75 -27.67
CA ARG F 315 57.17 36.65 -26.53
C ARG F 315 57.09 37.91 -25.68
N ALA F 316 57.31 37.72 -24.38
CA ALA F 316 57.60 38.83 -23.51
C ALA F 316 58.67 39.70 -24.17
N GLY F 317 58.41 41.00 -24.28
CA GLY F 317 59.34 41.96 -24.84
C GLY F 317 58.91 42.46 -26.22
N GLU F 318 57.95 41.78 -26.85
CA GLU F 318 57.68 41.97 -28.26
C GLU F 318 56.52 42.95 -28.43
N PRO F 319 56.72 44.01 -29.25
CA PRO F 319 55.67 44.98 -29.57
C PRO F 319 54.63 44.53 -30.59
N CYS F 320 53.38 44.97 -30.39
CA CYS F 320 52.30 44.66 -31.31
C CYS F 320 51.52 45.91 -31.63
N VAL F 321 50.98 45.95 -32.84
CA VAL F 321 50.13 47.04 -33.29
C VAL F 321 48.86 46.45 -33.91
N VAL F 322 47.71 47.06 -33.62
CA VAL F 322 46.43 46.66 -34.19
C VAL F 322 46.04 47.68 -35.26
N HIS F 323 45.39 47.21 -36.33
CA HIS F 323 44.76 48.10 -37.28
C HIS F 323 43.24 47.99 -37.13
N PHE F 324 42.61 49.04 -36.61
CA PHE F 324 41.22 48.97 -36.24
C PHE F 324 40.29 48.83 -37.46
N ALA F 325 40.59 49.57 -38.53
CA ALA F 325 39.82 49.45 -39.75
C ALA F 325 39.78 47.99 -40.23
N SER F 326 40.90 47.28 -40.06
CA SER F 326 41.02 45.92 -40.57
C SER F 326 40.13 44.96 -39.77
N ALA F 327 40.15 45.08 -38.44
CA ALA F 327 39.35 44.20 -37.61
C ALA F 327 37.87 44.47 -37.85
N ASN F 328 37.53 45.72 -38.19
CA ASN F 328 36.16 46.11 -38.46
C ASN F 328 35.68 45.61 -39.83
N ARG F 329 36.55 44.91 -40.58
CA ARG F 329 36.15 44.28 -41.83
C ARG F 329 36.27 42.75 -41.78
N ASP F 330 36.44 42.16 -40.58
CA ASP F 330 36.75 40.74 -40.45
C ASP F 330 35.55 39.92 -40.91
N GLU F 331 35.78 39.04 -41.90
CA GLU F 331 34.72 38.25 -42.54
C GLU F 331 34.14 37.25 -41.54
N GLU F 332 34.96 36.86 -40.55
CA GLU F 332 34.61 35.86 -39.55
C GLU F 332 33.70 36.46 -38.47
N VAL F 333 33.45 37.77 -38.56
CA VAL F 333 32.72 38.50 -37.53
C VAL F 333 31.51 39.18 -38.16
N PHE F 334 31.69 39.81 -39.33
CA PHE F 334 30.60 40.48 -40.04
C PHE F 334 30.33 39.76 -41.36
N ASP F 335 29.04 39.61 -41.70
CA ASP F 335 28.63 39.08 -43.00
C ASP F 335 28.64 40.21 -44.04
N HIS F 336 29.10 39.89 -45.25
CA HIS F 336 29.31 40.84 -46.34
C HIS F 336 29.96 42.10 -45.79
N ALA F 337 31.13 41.92 -45.14
CA ALA F 337 31.75 42.97 -44.32
C ALA F 337 32.17 44.21 -45.13
N ASP F 338 32.45 44.05 -46.43
N ASP F 338 32.39 43.99 -46.44
CA ASP F 338 32.96 45.18 -47.20
CA ASP F 338 32.89 44.99 -47.38
C ASP F 338 31.80 45.99 -47.81
C ASP F 338 31.81 46.02 -47.75
N GLU F 339 30.58 45.83 -47.27
CA GLU F 339 29.42 46.62 -47.67
C GLU F 339 28.83 47.39 -46.49
N LEU F 340 28.33 48.61 -46.77
CA LEU F 340 27.66 49.43 -45.78
C LEU F 340 26.20 49.05 -45.67
N ASP F 341 25.77 48.68 -44.45
CA ASP F 341 24.48 48.06 -44.21
C ASP F 341 23.94 48.50 -42.84
N PHE F 342 22.79 49.18 -42.87
CA PHE F 342 22.19 49.78 -41.68
C PHE F 342 21.20 48.83 -41.00
N HIS F 343 21.18 47.57 -41.44
CA HIS F 343 20.28 46.58 -40.86
C HIS F 343 21.07 45.31 -40.56
N ARG F 344 22.22 45.47 -39.88
CA ARG F 344 22.89 44.33 -39.24
C ARG F 344 22.34 44.19 -37.83
N GLU F 345 22.22 42.94 -37.35
CA GLU F 345 21.63 42.71 -36.05
C GLU F 345 22.72 42.90 -35.00
N ARG F 346 23.87 42.23 -35.22
CA ARG F 346 25.09 42.42 -34.44
C ARG F 346 25.97 43.46 -35.12
N ASN F 347 26.63 44.31 -34.31
CA ASN F 347 27.68 45.19 -34.81
C ASN F 347 28.70 45.46 -33.71
N PRO F 348 29.54 44.45 -33.37
CA PRO F 348 30.58 44.62 -32.34
C PRO F 348 31.90 45.15 -32.88
N HIS F 349 31.86 46.32 -33.51
CA HIS F 349 33.04 47.00 -34.05
C HIS F 349 33.92 47.49 -32.91
N ILE F 350 35.18 47.78 -33.23
CA ILE F 350 36.11 48.37 -32.28
C ILE F 350 36.62 49.71 -32.81
N ALA F 351 35.72 50.50 -33.40
CA ALA F 351 36.07 51.83 -33.89
C ALA F 351 36.49 52.73 -32.73
N PHE F 352 36.07 52.35 -31.51
CA PHE F 352 36.42 53.05 -30.27
C PHE F 352 37.45 52.25 -29.47
N GLY F 353 38.11 51.29 -30.09
CA GLY F 353 39.05 50.45 -29.36
C GLY F 353 38.33 49.31 -28.62
N HIS F 354 39.00 48.80 -27.59
CA HIS F 354 38.54 47.66 -26.79
C HIS F 354 39.45 47.56 -25.55
N GLY F 355 38.95 46.96 -24.48
CA GLY F 355 39.76 46.75 -23.28
C GLY F 355 39.92 48.02 -22.46
N ALA F 356 41.03 48.11 -21.74
CA ALA F 356 41.23 49.17 -20.77
C ALA F 356 41.20 50.55 -21.42
N HIS F 357 41.81 50.70 -22.61
CA HIS F 357 41.93 52.03 -23.20
C HIS F 357 40.78 52.32 -24.15
N HIS F 358 39.69 51.56 -24.06
CA HIS F 358 38.49 51.84 -24.83
C HIS F 358 38.07 53.29 -24.66
N CYS F 359 37.84 53.97 -25.79
CA CYS F 359 37.52 55.39 -25.85
C CYS F 359 36.64 55.85 -24.69
N ILE F 360 37.09 56.87 -23.96
CA ILE F 360 36.34 57.33 -22.79
C ILE F 360 35.14 58.17 -23.24
N GLY F 361 35.26 58.77 -24.44
CA GLY F 361 34.21 59.64 -24.96
C GLY F 361 33.26 58.93 -25.91
N ALA F 362 33.27 57.59 -25.93
CA ALA F 362 32.62 56.82 -26.97
C ALA F 362 31.15 57.22 -27.08
N GLN F 363 30.48 57.32 -25.92
CA GLN F 363 29.10 57.78 -25.86
C GLN F 363 28.95 59.19 -26.43
N LEU F 364 29.86 60.11 -26.05
CA LEU F 364 29.76 61.49 -26.49
C LEU F 364 30.04 61.61 -27.99
N GLY F 365 31.01 60.86 -28.51
CA GLY F 365 31.24 60.80 -29.95
C GLY F 365 30.01 60.25 -30.71
N ARG F 366 29.29 59.32 -30.08
CA ARG F 366 28.07 58.76 -30.65
C ARG F 366 26.94 59.80 -30.59
N LEU F 367 26.88 60.58 -29.51
CA LEU F 367 25.86 61.60 -29.37
C LEU F 367 26.06 62.68 -30.44
N GLU F 368 27.32 63.02 -30.73
CA GLU F 368 27.68 64.13 -31.62
C GLU F 368 27.30 63.74 -33.06
N LEU F 369 27.60 62.49 -33.45
CA LEU F 369 27.39 62.04 -34.82
C LEU F 369 25.90 61.78 -35.10
N GLN F 370 25.15 61.36 -34.07
CA GLN F 370 23.70 61.14 -34.19
C GLN F 370 22.95 62.45 -34.42
N GLU F 371 23.29 63.48 -33.65
CA GLU F 371 22.56 64.74 -33.65
C GLU F 371 22.89 65.53 -34.91
N ALA F 372 24.16 65.52 -35.34
CA ALA F 372 24.57 66.15 -36.58
C ALA F 372 23.85 65.51 -37.77
N LEU F 373 23.74 64.18 -37.78
CA LEU F 373 23.10 63.49 -38.89
C LEU F 373 21.58 63.68 -38.82
N SER F 374 21.03 63.76 -37.61
CA SER F 374 19.59 63.83 -37.41
C SER F 374 19.05 65.22 -37.77
N ALA F 375 19.89 66.25 -37.56
CA ALA F 375 19.55 67.63 -37.92
C ALA F 375 19.76 67.91 -39.41
N LEU F 376 20.64 67.16 -40.08
CA LEU F 376 20.82 67.28 -41.52
C LEU F 376 19.66 66.59 -42.23
N VAL F 377 19.22 65.45 -41.68
CA VAL F 377 18.22 64.62 -42.32
C VAL F 377 16.90 65.39 -42.43
N ARG F 378 16.37 65.88 -41.29
CA ARG F 378 15.04 66.47 -41.27
C ARG F 378 15.08 67.90 -41.82
N ARG F 379 16.24 68.57 -41.73
CA ARG F 379 16.35 69.96 -42.18
C ARG F 379 16.76 70.03 -43.66
N PHE F 380 17.61 69.11 -44.14
CA PHE F 380 18.06 69.17 -45.52
C PHE F 380 17.97 67.79 -46.17
N PRO F 381 16.76 67.30 -46.52
CA PRO F 381 16.62 66.07 -47.31
C PRO F 381 17.30 66.15 -48.68
N THR F 382 17.57 67.37 -49.14
CA THR F 382 18.06 67.62 -50.49
C THR F 382 19.56 67.92 -50.49
N LEU F 383 20.30 67.29 -49.56
CA LEU F 383 21.71 67.55 -49.35
C LEU F 383 22.54 66.73 -50.35
N ASP F 384 23.56 67.36 -50.96
CA ASP F 384 24.43 66.68 -51.91
C ASP F 384 25.74 67.45 -52.03
N LEU F 385 26.81 66.73 -52.43
CA LEU F 385 28.11 67.34 -52.68
C LEU F 385 27.98 68.32 -53.83
N ALA F 386 28.57 69.52 -53.66
CA ALA F 386 28.65 70.53 -54.69
C ALA F 386 30.10 70.84 -55.03
N GLU F 387 31.00 69.84 -54.88
CA GLU F 387 32.34 69.89 -55.44
C GLU F 387 32.69 68.50 -55.94
N PRO F 388 33.52 68.36 -57.01
CA PRO F 388 33.75 67.06 -57.63
C PRO F 388 34.63 66.24 -56.69
N VAL F 389 34.42 64.91 -56.72
CA VAL F 389 34.92 63.99 -55.70
C VAL F 389 36.44 63.86 -55.84
N ALA F 390 36.93 63.85 -57.09
CA ALA F 390 38.36 63.77 -57.38
C ALA F 390 39.11 64.97 -56.80
N GLY F 391 38.40 66.09 -56.61
CA GLY F 391 39.00 67.32 -56.11
C GLY F 391 38.95 67.49 -54.59
N LEU F 392 38.54 66.45 -53.85
CA LEU F 392 38.36 66.57 -52.40
C LEU F 392 39.73 66.61 -51.71
N LYS F 393 39.88 67.54 -50.76
CA LYS F 393 41.14 67.74 -50.05
C LYS F 393 41.21 66.89 -48.78
N TRP F 394 41.44 65.58 -48.96
CA TRP F 394 41.63 64.67 -47.83
C TRP F 394 42.90 65.06 -47.09
N LYS F 395 42.80 65.16 -45.77
CA LYS F 395 43.92 65.48 -44.92
C LYS F 395 45.01 64.44 -45.13
N GLN F 396 46.26 64.90 -45.17
CA GLN F 396 47.41 64.04 -45.41
C GLN F 396 48.41 64.20 -44.28
N GLY F 397 49.13 63.11 -43.98
CA GLY F 397 50.25 63.16 -43.06
C GLY F 397 49.81 63.17 -41.60
N MET F 398 48.57 62.73 -41.33
CA MET F 398 48.07 62.71 -39.98
C MET F 398 47.56 61.33 -39.59
N LEU F 399 47.55 61.04 -38.29
CA LEU F 399 47.19 59.74 -37.78
C LEU F 399 45.72 59.46 -38.02
N ILE F 400 44.98 60.47 -38.48
CA ILE F 400 43.58 60.26 -38.83
C ILE F 400 43.30 60.77 -40.24
N ARG F 401 42.14 60.34 -40.75
CA ARG F 401 41.67 60.70 -42.07
C ARG F 401 40.37 61.49 -41.92
N GLY F 402 40.24 62.50 -42.76
CA GLY F 402 39.13 63.43 -42.73
C GLY F 402 39.31 64.51 -43.79
N LEU F 403 38.30 65.37 -43.94
CA LEU F 403 38.26 66.36 -45.00
C LEU F 403 38.55 67.75 -44.43
N GLU F 404 39.43 68.49 -45.13
CA GLU F 404 39.74 69.88 -44.83
C GLU F 404 38.56 70.77 -45.21
N ARG F 405 37.87 70.38 -46.30
CA ARG F 405 36.76 71.17 -46.82
C ARG F 405 35.77 70.24 -47.49
N GLN F 406 34.48 70.50 -47.25
CA GLN F 406 33.38 69.72 -47.82
C GLN F 406 32.23 70.68 -48.17
N ILE F 407 32.21 71.14 -49.44
CA ILE F 407 31.20 72.08 -49.93
C ILE F 407 29.93 71.31 -50.27
N VAL F 408 28.79 71.84 -49.79
CA VAL F 408 27.50 71.15 -49.85
C VAL F 408 26.42 72.14 -50.30
N SER F 409 25.48 71.66 -51.12
CA SER F 409 24.30 72.44 -51.44
C SER F 409 23.07 71.76 -50.86
N TRP F 410 21.94 72.49 -50.87
CA TRP F 410 20.65 71.94 -50.47
C TRP F 410 19.52 72.67 -51.18
CHA HEM G . -52.06 -49.17 18.46
CHB HEM G . -49.98 -51.55 14.81
CHC HEM G . -47.63 -54.34 18.02
CHD HEM G . -50.40 -52.53 21.51
C1A HEM G . -51.65 -49.57 17.22
C2A HEM G . -52.02 -48.91 16.03
C3A HEM G . -51.44 -49.57 15.01
C4A HEM G . -50.72 -50.64 15.54
CMA HEM G . -51.57 -49.21 13.55
CAA HEM G . -52.88 -47.68 15.91
CBA HEM G . -54.37 -48.00 15.88
CGA HEM G . -55.16 -46.72 15.75
O1A HEM G . -54.69 -45.64 16.13
O2A HEM G . -56.30 -46.74 15.24
C1B HEM G . -49.15 -52.49 15.42
C2B HEM G . -48.31 -53.34 14.65
C3B HEM G . -47.64 -54.13 15.53
C4B HEM G . -48.11 -53.74 16.87
CMB HEM G . -48.21 -53.33 13.16
CAB HEM G . -46.66 -55.20 15.26
CBB HEM G . -45.56 -55.03 14.56
C1C HEM G . -48.17 -54.08 19.26
C2C HEM G . -47.73 -54.64 20.47
C3C HEM G . -48.53 -54.11 21.47
C4C HEM G . -49.45 -53.24 20.85
CMC HEM G . -46.59 -55.62 20.56
CAC HEM G . -48.52 -54.36 22.92
CBC HEM G . -47.42 -54.63 23.60
C1D HEM G . -51.06 -51.46 20.92
C2D HEM G . -51.94 -50.60 21.70
C3D HEM G . -52.40 -49.68 20.86
C4D HEM G . -51.80 -49.96 19.56
CMD HEM G . -52.28 -50.76 23.16
CAD HEM G . -53.35 -48.56 21.20
CBD HEM G . -52.52 -47.36 21.62
CGD HEM G . -53.39 -46.26 22.16
O1D HEM G . -54.61 -46.26 21.95
O2D HEM G . -52.90 -45.34 22.84
NA HEM G . -50.85 -50.62 16.90
NB HEM G . -48.99 -52.75 16.71
NC HEM G . -49.20 -53.24 19.52
ND HEM G . -51.00 -51.04 19.66
FE HEM G . -50.01 -51.78 18.27
C1 TES H . -56.83 -54.21 14.95
C2 TES H . -57.59 -53.03 14.34
C3 TES H . -56.68 -51.99 13.79
O3 TES H . -57.06 -51.14 12.99
C4 TES H . -55.31 -51.99 14.29
C5 TES H . -54.98 -52.62 15.42
C6 TES H . -53.92 -52.08 16.33
C7 TES H . -54.50 -51.72 17.68
C8 TES H . -55.31 -52.86 18.30
C9 TES H . -56.35 -53.42 17.30
C10 TES H . -55.72 -53.83 15.94
C11 TES H . -57.20 -54.53 17.96
C12 TES H . -57.87 -54.08 19.25
C13 TES H . -56.86 -53.49 20.24
C14 TES H . -56.06 -52.39 19.53
C15 TES H . -55.28 -51.72 20.66
C16 TES H . -56.28 -51.77 21.85
C17 TES H . -57.46 -52.63 21.36
O17 TES H . -58.08 -53.33 22.43
C18 TES H . -55.99 -54.58 20.85
C19 TES H . -54.73 -55.00 16.09
C FMT I . -73.57 -50.38 1.37
O1 FMT I . -73.43 -49.53 0.50
O2 FMT I . -73.96 -50.12 2.67
C FMT J . -61.14 -55.22 20.39
O1 FMT J . -60.62 -54.36 21.07
O2 FMT J . -61.51 -55.02 19.09
C FMT K . -50.54 -42.92 -5.57
O1 FMT K . -50.17 -44.08 -5.70
O2 FMT K . -50.31 -42.17 -4.46
C FMT L . -48.83 -32.11 2.45
O1 FMT L . -47.79 -32.73 2.49
O2 FMT L . -49.38 -31.50 3.51
C FMT M . -63.58 -40.90 31.87
O1 FMT M . -63.40 -40.05 32.72
O2 FMT M . -63.10 -40.85 30.60
C FMT N . -36.62 -48.28 6.44
O1 FMT N . -36.38 -49.11 5.59
O2 FMT N . -35.69 -47.61 7.23
NA NA O . -64.17 -47.61 15.65
CHA HEM P . 30.35 32.87 1.32
CHB HEM P . 29.59 34.94 5.60
CHC HEM P . 34.33 36.02 5.86
CHD HEM P . 34.78 34.79 1.22
C1A HEM P . 29.78 33.31 2.48
C2A HEM P . 28.45 33.05 2.82
C3A HEM P . 28.22 33.62 4.02
C4A HEM P . 29.41 34.25 4.43
CMA HEM P . 26.91 33.58 4.75
CAA HEM P . 27.45 32.25 2.01
CBA HEM P . 26.73 33.08 0.95
CGA HEM P . 25.72 32.21 0.26
O1A HEM P . 25.86 30.98 0.22
O2A HEM P . 24.73 32.71 -0.28
C1B HEM P . 30.85 35.38 6.02
C2B HEM P . 31.04 35.96 7.29
C3B HEM P . 32.37 36.28 7.40
C4B HEM P . 32.98 35.86 6.12
CMB HEM P . 29.96 36.17 8.31
CAB HEM P . 33.10 36.91 8.50
CBB HEM P . 33.02 36.51 9.76
C1C HEM P . 34.88 35.77 4.61
C2C HEM P . 36.22 35.90 4.29
C3C HEM P . 36.35 35.55 2.95
C4C HEM P . 35.06 35.20 2.50
CMC HEM P . 37.28 36.35 5.27
CAC HEM P . 37.53 35.50 2.07
CBC HEM P . 38.78 35.43 2.50
C1D HEM P . 33.58 34.16 0.92
C2D HEM P . 33.37 33.56 -0.39
C3D HEM P . 32.15 33.03 -0.37
C4D HEM P . 31.61 33.30 0.96
CMD HEM P . 34.34 33.56 -1.55
CAD HEM P . 31.47 32.29 -1.49
CBD HEM P . 31.83 30.81 -1.39
CGD HEM P . 31.30 30.03 -2.56
O1D HEM P . 30.46 30.53 -3.32
O2D HEM P . 31.70 28.88 -2.77
NA HEM P . 30.36 34.04 3.47
NB HEM P . 32.01 35.33 5.37
NC HEM P . 34.19 35.36 3.53
ND HEM P . 32.51 33.98 1.69
FE HEM P . 32.28 34.56 3.44
C1 TES Q . 26.87 39.82 0.59
C2 TES Q . 25.60 39.07 0.17
C3 TES Q . 25.30 37.91 1.05
O3 TES Q . 24.19 37.42 1.12
C4 TES Q . 26.42 37.39 1.82
C5 TES Q . 27.68 37.63 1.48
C6 TES Q . 28.77 36.62 1.65
C7 TES Q . 29.38 36.24 0.31
C8 TES Q . 29.79 37.45 -0.52
C9 TES Q . 28.66 38.49 -0.62
C10 TES Q . 28.10 38.92 0.78
C11 TES Q . 29.09 39.68 -1.49
C12 TES Q . 29.56 39.26 -2.88
C13 TES Q . 30.65 38.20 -2.82
C14 TES Q . 30.15 37.04 -1.93
C15 TES Q . 31.19 35.94 -2.16
C16 TES Q . 31.50 36.08 -3.66
C17 TES Q . 30.88 37.41 -4.12
O17 TES Q . 31.67 38.06 -5.10
C18 TES Q . 31.97 38.79 -2.34
C19 TES Q . 29.16 39.63 1.64
C FMT R . 30.00 26.77 10.31
O1 FMT R . 30.22 26.10 11.29
O2 FMT R . 30.92 27.05 9.38
C FMT S . 12.17 45.89 -1.68
O1 FMT S . 12.16 45.84 -0.45
O2 FMT S . 11.82 44.85 -2.54
C FMT T . 49.56 28.00 15.14
O1 FMT T . 48.62 28.61 15.65
O2 FMT T . 49.53 26.68 14.74
C FMT U . 28.27 22.88 15.27
O1 FMT U . 28.01 23.03 16.46
O2 FMT U . 29.42 23.31 14.69
C FMT V . 51.09 33.35 7.19
O1 FMT V . 51.37 32.19 6.92
O2 FMT V . 51.43 33.96 8.36
C FMT W . 43.20 51.09 5.88
O1 FMT W . 44.13 50.35 6.16
O2 FMT W . 42.48 51.00 4.71
C FMT X . 33.89 50.88 7.89
O1 FMT X . 33.47 50.05 8.68
O2 FMT X . 34.38 50.59 6.65
C FMT Y . 31.00 54.11 -10.04
O1 FMT Y . 30.26 54.76 -9.31
O2 FMT Y . 30.77 53.81 -11.38
C FMT Z . 28.84 54.45 -14.73
O1 FMT Z . 28.17 55.04 -13.89
O2 FMT Z . 28.39 54.13 -15.98
C FMT AA . 26.61 36.06 28.37
O1 FMT AA . 25.89 36.92 27.93
O2 FMT AA . 26.38 34.72 28.24
C FMT BA . 11.53 31.22 16.74
O1 FMT BA . 10.87 32.22 16.96
O2 FMT BA . 11.22 30.28 15.76
C FMT CA . 19.51 21.70 12.42
O1 FMT CA . 20.10 22.16 13.39
O2 FMT CA . 18.32 22.19 11.85
C FMT DA . 45.80 50.91 28.33
O1 FMT DA . 46.69 50.33 27.73
O2 FMT DA . 44.70 50.29 28.81
NA NA EA . 21.02 36.21 -6.62
CHA HEM FA . -19.76 36.76 -8.04
CHB HEM FA . -17.34 34.35 -11.46
CHC HEM FA . -15.12 31.75 -8.00
CHD HEM FA . -18.07 33.67 -4.75
C1A HEM FA . -19.25 36.35 -9.24
C2A HEM FA . -19.54 36.96 -10.46
C3A HEM FA . -18.88 36.30 -11.42
C4A HEM FA . -18.16 35.26 -10.82
CMA HEM FA . -18.92 36.64 -12.89
CAA HEM FA . -20.43 38.16 -10.66
CBA HEM FA . -21.91 37.85 -10.82
CGA HEM FA . -22.66 39.13 -11.09
O1A HEM FA . -22.22 40.22 -10.68
O2A HEM FA . -23.74 39.13 -11.70
C1B HEM FA . -16.51 33.46 -10.77
C2B HEM FA . -15.60 32.60 -11.44
C3B HEM FA . -14.97 31.87 -10.49
C4B HEM FA . -15.54 32.29 -9.21
CMB HEM FA . -15.37 32.54 -12.92
CAB HEM FA . -13.95 30.82 -10.67
CBB HEM FA . -12.71 31.08 -11.07
C1C HEM FA . -15.68 32.10 -6.80
C2C HEM FA . -15.18 31.77 -5.55
C3C HEM FA . -16.03 32.33 -4.62
C4C HEM FA . -17.04 33.00 -5.33
CMC HEM FA . -13.93 30.95 -5.34
CAC HEM FA . -16.02 32.32 -3.14
CBC HEM FA . -15.38 31.44 -2.41
C1D HEM FA . -18.75 34.65 -5.42
C2D HEM FA . -19.71 35.50 -4.73
C3D HEM FA . -20.19 36.36 -5.63
C4D HEM FA . -19.50 36.04 -6.88
CMD HEM FA . -20.10 35.40 -3.28
CAD HEM FA . -21.21 37.44 -5.38
CBD HEM FA . -20.49 38.72 -4.99
CGD HEM FA . -21.46 39.81 -4.62
O1D HEM FA . -22.66 39.71 -4.91
O2D HEM FA . -21.05 40.83 -4.03
NA HEM FA . -18.39 35.30 -9.47
NB HEM FA . -16.44 33.25 -9.46
NC HEM FA . -16.81 32.85 -6.66
ND HEM FA . -18.66 35.01 -6.71
FE HEM FA . -17.58 34.24 -8.01
C1 TES GA . -24.82 32.07 -11.72
C2 TES GA . -24.69 32.58 -13.15
C3 TES GA . -24.17 33.98 -13.17
O3 TES GA . -24.70 34.87 -13.81
C4 TES GA . -23.00 34.20 -12.34
C5 TES GA . -22.76 33.48 -11.25
C6 TES GA . -21.64 33.85 -10.31
C7 TES GA . -22.18 34.20 -8.94
C8 TES GA . -23.10 33.12 -8.37
C9 TES GA . -24.17 32.67 -9.38
C10 TES GA . -23.61 32.31 -10.79
C11 TES GA . -25.07 31.59 -8.77
C12 TES GA . -25.76 32.05 -7.50
C13 TES GA . -24.75 32.59 -6.48
C14 TES GA . -23.85 33.62 -7.16
C15 TES GA . -23.07 34.24 -5.98
C16 TES GA . -24.15 34.30 -4.87
C17 TES GA . -25.35 33.50 -5.39
O17 TES GA . -26.06 32.84 -4.36
C18 TES GA . -23.98 31.45 -5.81
C19 TES GA . -22.72 31.04 -10.74
C FMT HA . -24.22 29.88 -26.35
O1 FMT HA . -23.68 30.98 -26.29
O2 FMT HA . -25.46 29.62 -26.86
C FMT IA . -40.08 44.38 -17.19
O1 FMT IA . -40.07 44.62 -16.00
O2 FMT IA . -39.51 45.18 -18.14
C FMT JA . -33.94 46.52 -29.75
O1 FMT JA . -32.76 46.79 -29.86
O2 FMT JA . -34.57 46.29 -28.56
C FMT KA . -19.47 41.56 13.03
O1 FMT KA . -19.27 40.69 13.86
O2 FMT KA . -20.71 42.02 12.71
C FMT LA . -13.13 43.78 4.24
O1 FMT LA . -13.19 43.39 5.39
O2 FMT LA . -12.02 43.71 3.42
C FMT MA . -8.44 44.52 2.96
O1 FMT MA . -7.44 44.55 2.25
O2 FMT MA . -9.77 44.41 2.52
C FMT NA . -6.73 43.26 -1.68
O1 FMT NA . -7.15 43.94 -0.77
O2 FMT NA . -7.37 42.16 -2.22
C FMT OA . -19.44 52.20 -27.20
O1 FMT OA . -19.35 50.99 -27.08
O2 FMT OA . -19.77 53.08 -26.20
C FMT PA . -19.07 17.97 -11.67
O1 FMT PA . -18.54 18.22 -12.75
O2 FMT PA . -19.42 16.71 -11.25
C FMT QA . -10.16 41.15 -11.90
O1 FMT QA . -11.10 40.50 -11.52
O2 FMT QA . -9.84 41.26 -13.21
C FMT RA . -6.51 41.08 -15.30
O1 FMT RA . -6.31 40.21 -16.14
O2 FMT RA . -6.13 41.02 -13.98
C FMT SA . -34.26 43.20 -30.19
O1 FMT SA . -35.23 43.95 -30.12
O2 FMT SA . -33.62 42.78 -31.34
NA NA TA . -31.90 38.43 -11.55
CHA HEM UA . -1.54 -54.32 24.50
CHB HEM UA . -1.87 -52.48 28.94
CHC HEM UA . 2.90 -51.52 28.85
CHD HEM UA . 2.98 -52.66 24.20
C1A HEM UA . -2.00 -53.93 25.73
C2A HEM UA . -3.31 -54.16 26.16
C3A HEM UA . -3.42 -53.65 27.40
C4A HEM UA . -2.17 -53.10 27.74
CMA HEM UA . -4.66 -53.67 28.26
CAA HEM UA . -4.40 -54.87 25.41
CBA HEM UA . -5.21 -53.95 24.48
CGA HEM UA . -6.25 -54.80 23.80
O1A HEM UA . -6.17 -56.04 23.82
O2A HEM UA . -7.21 -54.27 23.21
C1B HEM UA . -0.58 -52.08 29.27
C2B HEM UA . -0.26 -51.53 30.53
C3B HEM UA . 1.07 -51.26 30.54
C4B HEM UA . 1.56 -51.65 29.21
CMB HEM UA . -1.24 -51.31 31.66
CAB HEM UA . 1.89 -50.65 31.59
CBB HEM UA . 2.02 -51.17 32.82
C1C HEM UA . 3.35 -51.76 27.58
C2C HEM UA . 4.66 -51.66 27.16
C3C HEM UA . 4.69 -52.00 25.82
C4C HEM UA . 3.36 -52.29 25.45
CMC HEM UA . 5.80 -51.26 28.07
CAC HEM UA . 5.81 -52.05 24.87
CBC HEM UA . 7.04 -52.38 25.22
C1D HEM UA . 1.73 -53.21 23.95
C2D HEM UA . 1.39 -53.71 22.62
C3D HEM UA . 0.14 -54.18 22.71
C4D HEM UA . -0.28 -53.94 24.08
CMD HEM UA . 2.27 -53.72 21.40
CAD HEM UA . -0.66 -54.82 21.61
CBD HEM UA . -0.38 -56.32 21.65
CGD HEM UA . -0.95 -57.01 20.45
O1D HEM UA . -1.83 -56.48 19.77
O2D HEM UA . -0.53 -58.15 20.15
NA HEM UA . -1.31 -53.29 26.71
NB HEM UA . 0.52 -52.14 28.52
NC HEM UA . 2.57 -52.14 26.53
ND HEM UA . 0.70 -53.36 24.78
FE HEM UA . 0.62 -52.86 26.56
C1 TES VA . -5.03 -47.45 24.22
C2 TES VA . -6.31 -48.21 23.90
C3 TES VA . -6.52 -49.35 24.84
O3 TES VA . -7.63 -49.82 25.06
C4 TES VA . -5.32 -49.88 25.46
C5 TES VA . -4.09 -49.61 25.01
C6 TES VA . -2.99 -50.61 25.08
C7 TES VA . -2.51 -50.98 23.69
C8 TES VA . -2.18 -49.76 22.84
C9 TES VA . -3.31 -48.72 22.84
C10 TES VA . -3.77 -48.32 24.28
C11 TES VA . -2.98 -47.52 21.95
C12 TES VA . -2.63 -47.92 20.52
C13 TES VA . -1.54 -48.98 20.47
C14 TES VA . -1.94 -50.15 21.39
C15 TES VA . -0.92 -51.23 21.05
C16 TES VA . -0.81 -51.11 19.52
C17 TES VA . -1.43 -49.76 19.14
O17 TES VA . -0.70 -49.10 18.12
C18 TES VA . -0.18 -48.38 20.83
C19 TES VA . -2.65 -47.59 25.05
C FMT WA . -20.50 -40.14 14.34
O1 FMT WA . -19.59 -40.15 15.15
O2 FMT WA . -20.68 -41.11 13.41
C FMT XA . -3.11 -64.99 40.11
O1 FMT XA . -2.53 -64.20 40.82
O2 FMT XA . -2.64 -65.42 38.92
C FMT YA . 13.86 -49.96 56.66
O1 FMT YA . 14.60 -50.89 56.91
O2 FMT YA . 14.30 -48.71 56.41
C FMT ZA . -0.96 -60.55 33.43
O1 FMT ZA . -1.37 -61.41 34.19
O2 FMT ZA . -0.58 -60.77 32.14
C FMT AB . 9.63 -61.21 36.54
O1 FMT AB . 10.57 -61.79 37.08
O2 FMT AB . 8.70 -60.44 37.21
C FMT BB . -10.14 -50.14 30.55
O1 FMT BB . -10.24 -49.74 31.71
O2 FMT BB . -11.16 -50.21 29.59
C FMT CB . -3.38 -30.24 16.33
O1 FMT CB . -2.78 -31.29 16.31
O2 FMT CB . -4.01 -29.72 17.42
NA NA DB . -11.49 -50.50 17.59
CHA HEM EB . 5.90 -28.81 -0.82
CHB HEM EB . 2.28 -27.56 -3.74
CHC HEM EB . 1.14 -23.94 -0.69
CHD HEM EB . 5.42 -24.59 1.46
C1A HEM EB . 4.98 -28.79 -1.83
C2A HEM EB . 4.90 -29.78 -2.81
C3A HEM EB . 3.88 -29.44 -3.64
C4A HEM EB . 3.34 -28.23 -3.17
CMA HEM EB . 3.44 -30.21 -4.85
CAA HEM EB . 5.76 -31.01 -2.92
CBA HEM EB . 7.04 -30.76 -3.74
CGA HEM EB . 7.78 -32.07 -3.88
O1A HEM EB . 7.61 -32.98 -3.05
O2A HEM EB . 8.56 -32.27 -4.82
C1B HEM EB . 1.66 -26.49 -3.11
C2B HEM EB . 0.47 -25.92 -3.61
C3B HEM EB . 0.12 -24.91 -2.80
C4B HEM EB . 1.15 -24.85 -1.74
CMB HEM EB . -0.26 -26.38 -4.84
CAB HEM EB . -1.08 -24.08 -2.99
CBB HEM EB . -1.06 -22.76 -2.87
C1C HEM EB . 2.22 -23.77 0.16
C2C HEM EB . 2.32 -22.83 1.19
C3C HEM EB . 3.54 -23.03 1.80
C4C HEM EB . 4.18 -24.10 1.14
CMC HEM EB . 1.26 -21.81 1.52
CAC HEM EB . 4.16 -22.30 2.92
CBC HEM EB . 3.49 -21.98 4.01
C1D HEM EB . 5.86 -25.82 1.00
C2D HEM EB . 7.08 -26.42 1.52
C3D HEM EB . 7.21 -27.60 0.89
C4D HEM EB . 6.07 -27.70 -0.01
CMD HEM EB . 8.01 -25.84 2.55
CAD HEM EB . 8.31 -28.61 1.07
CBD HEM EB . 7.87 -29.58 2.17
CGD HEM EB . 8.94 -30.60 2.48
O1D HEM EB . 9.91 -30.78 1.71
O2D HEM EB . 8.86 -31.28 3.52
NA HEM EB . 4.03 -27.85 -2.06
NB HEM EB . 2.03 -25.83 -2.00
NC HEM EB . 3.35 -24.52 0.15
ND HEM EB . 5.29 -26.62 0.10
FE HEM EB . 3.73 -26.30 -0.87
C1 TES FB . 8.73 -25.47 -7.25
C2 TES FB . 8.10 -26.37 -8.30
C3 TES FB . 7.81 -27.71 -7.74
O3 TES FB . 8.17 -28.76 -8.28
C4 TES FB . 7.09 -27.70 -6.49
C5 TES FB . 7.21 -26.70 -5.62
C6 TES FB . 6.60 -26.78 -4.25
C7 TES FB . 7.68 -26.71 -3.18
C8 TES FB . 8.59 -25.50 -3.35
C9 TES FB . 9.13 -25.37 -4.78
C10 TES FB . 8.03 -25.43 -5.88
C11 TES FB . 10.05 -24.15 -4.91
C12 TES FB . 11.22 -24.19 -3.92
C13 TES FB . 10.74 -24.39 -2.49
C14 TES FB . 9.80 -25.60 -2.43
C15 TES FB . 9.59 -25.82 -0.93
C16 TES FB . 11.01 -25.55 -0.36
C17 TES FB . 11.81 -24.89 -1.50
O17 TES FB . 12.73 -23.92 -1.02
C18 TES FB . 10.12 -23.10 -1.93
C19 TES FB . 7.08 -24.22 -5.81
C FMT GB . 2.94 -29.17 -19.63
O1 FMT GB . 3.94 -29.43 -18.97
O2 FMT GB . 2.92 -28.39 -20.75
C FMT HB . 16.57 -22.15 -9.08
O1 FMT HB . 17.54 -22.82 -9.41
O2 FMT HB . 15.48 -21.88 -9.89
C FMT IB . -11.49 -19.63 13.89
O1 FMT IB . -11.90 -20.15 12.87
O2 FMT IB . -11.81 -20.01 15.18
NA NA JB . 16.13 -31.94 -7.84
CHA HEM KB . 40.73 56.37 -27.04
CHB HEM KB . 38.29 56.55 -31.19
CHC HEM KB . 35.95 60.53 -29.61
CHD HEM KB . 38.91 60.67 -25.84
C1A HEM KB . 40.22 56.08 -28.27
C2A HEM KB . 40.58 54.93 -28.99
C3A HEM KB . 39.89 54.97 -30.16
C4A HEM KB . 39.12 56.15 -30.17
CMA HEM KB . 39.97 53.94 -31.24
CAA HEM KB . 41.50 53.84 -28.55
CBA HEM KB . 42.97 54.02 -28.92
CGA HEM KB . 43.74 52.82 -28.41
O1A HEM KB . 43.20 52.01 -27.64
O2A HEM KB . 44.91 52.63 -28.75
C1B HEM KB . 37.43 57.66 -31.07
C2B HEM KB . 36.51 58.00 -32.08
C3B HEM KB . 35.84 59.10 -31.68
C4B HEM KB . 36.39 59.44 -30.35
CMB HEM KB . 36.30 57.25 -33.37
CAB HEM KB . 34.78 59.83 -32.41
CBB HEM KB . 33.52 59.47 -32.37
C1C HEM KB . 36.50 60.85 -28.39
C2C HEM KB . 35.92 61.70 -27.45
C3C HEM KB . 36.77 61.74 -26.37
C4C HEM KB . 37.86 60.89 -26.67
CMC HEM KB . 34.61 62.42 -27.61
CAC HEM KB . 36.62 62.48 -25.10
CBC HEM KB . 36.55 63.80 -25.04
C1D HEM KB . 39.63 59.49 -25.89
C2D HEM KB . 40.61 59.16 -24.86
C3D HEM KB . 41.11 57.97 -25.19
C4D HEM KB . 40.44 57.57 -26.44
CMD HEM KB . 40.97 60.01 -23.68
CAD HEM KB . 42.16 57.18 -24.45
CBD HEM KB . 41.48 56.32 -23.39
CGD HEM KB . 42.51 55.61 -22.56
O1D HEM KB . 43.69 55.57 -22.93
O2D HEM KB . 42.17 55.06 -21.50
NA HEM KB . 39.32 56.82 -29.00
NB HEM KB . 37.33 58.52 -30.06
NC HEM KB . 37.67 60.34 -27.90
ND HEM KB . 39.57 58.52 -26.81
FE HEM KB . 38.48 58.47 -28.31
C1 TES LB . 45.56 58.61 -32.78
C2 TES LB . 45.40 57.45 -33.77
C3 TES LB . 44.90 56.23 -33.07
O3 TES LB . 45.44 55.14 -33.19
C4 TES LB . 43.75 56.46 -32.23
C5 TES LB . 43.52 57.63 -31.64
C6 TES LB . 42.42 57.78 -30.63
C7 TES LB . 42.98 58.16 -29.27
C8 TES LB . 43.89 59.38 -29.35
C9 TES LB . 44.95 59.26 -30.44
C10 TES LB . 44.37 58.87 -31.84
C11 TES LB . 45.85 60.49 -30.47
C12 TES LB . 46.54 60.76 -29.13
C13 TES LB . 45.52 60.83 -28.00
C14 TES LB . 44.63 59.57 -28.04
C15 TES LB . 43.85 59.65 -26.72
C16 TES LB . 44.90 60.20 -25.73
C17 TES LB . 46.11 60.64 -26.59
O17 TES LB . 46.76 61.78 -26.03
C18 TES LB . 44.73 62.14 -28.05
C19 TES LB . 43.48 59.98 -32.43
C FMT MB . 54.31 42.57 -47.56
O1 FMT MB . 54.18 43.68 -48.07
O2 FMT MB . 53.56 42.13 -46.52
C FMT NB . 32.05 49.97 -28.38
O1 FMT NB . 31.14 49.18 -28.44
O2 FMT NB . 31.86 51.28 -28.11
C FMT OB . 59.49 42.44 -32.20
O1 FMT OB . 60.41 42.04 -31.51
O2 FMT OB . 58.43 41.69 -32.67
C FMT PB . 32.64 55.88 -14.08
O1 FMT PB . 31.53 55.92 -13.55
O2 FMT PB . 33.82 56.03 -13.42
C FMT QB . 25.02 55.67 -16.06
O1 FMT QB . 25.65 56.11 -15.11
O2 FMT QB . 25.52 55.40 -17.32
NA NA RB . 53.23 53.75 -29.39
#